data_8GL8
#
_entry.id   8GL8
#
_cell.length_a   1.00
_cell.length_b   1.00
_cell.length_c   1.00
_cell.angle_alpha   90.00
_cell.angle_beta   90.00
_cell.angle_gamma   90.00
#
_symmetry.space_group_name_H-M   'P 1'
#
loop_
_entity.id
_entity.type
_entity.pdbx_description
1 polymer 'Protein involved in gliding motility SprA'
2 polymer 'Peptidyl-prolyl cis-trans isomerase'
3 polymer 'Type IX secretion system protein PorV domain-containing protein'
4 polymer RemZ
5 polymer 'Periplasmic chaperone for outer membrane proteins Skp'
6 polymer SprE
7 non-polymer 'Lauryl Maltose Neopentyl Glycol'
8 non-polymer alpha-D-mannopyranose
9 water water
#
loop_
_entity_poly.entity_id
_entity_poly.type
_entity_poly.pdbx_seq_one_letter_code
_entity_poly.pdbx_strand_id
1 'polypeptide(L)'
;MRKICIFLLVLFCGNVLRSQVKPAVQDTTKTQFSVGKMELENPPSILSAYKYDPITDRYIYTTSVDGFSIDYPLVLTPKE
YEDLLLKESRRDYFRKKMDAIDGKKTGAEAAKKDLLPRYYINSSLFESIFGSNTIDVKPTGSVEMDLGVRYTKQDNPAFS
PRNRSSLTFDFDQRISMSLMGKIGTRLEVNANYDTQSTFAFQNLFKLAYTPSEDDIIQKVEVGNVSMPLNSTLIRGAQSL
FGVKTQLQFGRTTITGVFSEQKSQTKSVVAENGGTVQNFDLYALDYDNDRHFFLSQYFRNKYDVSLKNYPFIDSRVQITR
LEVWVTNKQNRVTTTGGGNNLRNIIALQDLGEAQVSGVPDNEVVVISSTAGFFNNPIDSPTSNTNNKYDPATIGQAGSFL
NSNIREIVTAKSGFNNTNVSEATDYSVLENARKLTTNEYTFNPQLGYISLQQRLANDEILAVAFEYTVGGKVYQVGEFGS
DGVDATVVTGNNSSNQAIITQSLVLKMLKSNLTNVKNPVWNLMMKNVYQIPQAYQIKQDDFRLNILYTDPSPINYITPVQ
GSSFPPNPAPDSKVEQTPLLNVFNLDRLNYNNDPQAGGDGFFDYIPGVTVDVQNGRVIFTTKEPFGELIFNKLQTGAGES
YNDPTTYNANQQKYVFRNMYRNTQAGALQDSDKNKFLLRGKYKSSGSNGIPIGAFNVPQGSVVVTAAGRVLVEGIDYSVD
YQLGRVQILDPSLQASNTPIEVSLENNSIFGQQTRRFMGFNIEHKISDKFVIGGTYLKMTERPFTQKSTYGQESVNNTIF
GFNGNYSTEVPFLTRLANKLPNIDTDVPSNLSIRGEVAFLRPDAPKASDFQGEATIYVDDFEGSQSTIDMRSAYAWSLAS
TPFITSINDNTFNANSNTLEYGFKRAKLSWYTIDPVFYSSKPSGISNDDLSLNTTRRIYSRELYPNTDIAQGQIQVVNTL
DLTYYPGERGPYNNNPSFGASNPSANFGGIMRALNSTNFEQGNVEYIQFWVLDPYVGNGESPATNAGKIYFNLGEISEDV
LKDGRKQYENGLGPDQVMVNPQPLWGDVPASQSLIYAFDTNPDNRKNQDVGLDGLPSSREGSIYTNYAGEADPAGDDYTY
YLNADGGVLERYKNYNGTEGNSAVSINDPNRGSTTLPDVEDINRDNTMSTINAYYEYSIDVKPGMQVGENYITDIREVTN
VDLPNGGTTNARWIQFKIPVSQPQNTIGNITDFRSIRFMRMFMTGFNSQMTVRFGALDLVRGEWRRYTGTLDANDQNPDD
DGVEFDVAAVNIQENGTKCPVNYVMPPGVQREQLYNNNTVINQNEQALAVRIGGAGLQYQDSRAVFKNVSVDMRQYKKLK
MFLHAESLPNQPTLEDDEMVGFIRFGNDFTQNFYQVEIPLKVTKTGGSCSISPDLVWMDDNSIDLALDLLTRMKIKAMSI
DINSSKRDVNGIYYPDNDPDLEGGDGDGKLTLGIKGNPNFGLVRNLMVGVKSRADHKDIKGEVWFNELRLADLENKGGMA
AILNVDTNMADFATVSATGRKSTIGFGSLEQGANERDREDVQQYNIVTNLNLGKLLPKKWGINLPFNYAIGEEVITPEYD
PFNQDIKLDQLIRETTDQAEKDNIRTRAIDYTKRKSINFIGVRKDRAPEQKPHVYDIENFTFSQSYNQVERHDYEVADYE
DEQSNSAVNYAYTFQPKEVVPFKSTKFMKKSEYWKLLSDFNFNYLPSNISFNTNILRQSNRQQFREVEVEGIGLDPLYRR
NFAFNYQYGFGFNLTKSLKLNYSATSNNIVRNFLNDDNSPKEDFNIWDDYLDIGTPNQHAQQLVLNYDIPINKIPIFGFV
KASYSYTADYMWQRSSTAFSEYEDPNGTVYDLGNTIQNSNSNTLTTTLNMNTLYKYLGLTPGAKKTAKPKTAAPPKPGEK
IVNTAKPVVSSSPFYDGLIGVLTSIKNVQINYTKNSGTVLPGYTPSVGFLGTSKPSLGFVFGSQDDVRYEAAKRGWLTTY
QDFNQSFTQVSNKLLKVTANIDLLPDLKVDLSMDRSYSENTSEQYSVDPSTNEYKPLSPYTYGMFSISTVMIKTAFSPSD
ETQSAAFDDFRSNRLIIANRLAEGHYGSGVAIPRYGDANNPIPAETDPNYAVYTANQGYPIGYTKSNQAVLLPAFLAAYT
GSDASSSSTNIFRSFPIPNWSIKYNGLMRYKYFKDKFKRFSLQHNYRASYTINQFRSNFDYNSSPKVQDVNTNFYNEIIM
SNVNLVEQFSPLIRMDFELKSSLRVLSEIKKDRALSMSFDNNLLTEVKGMEYIIGLGYRFKDVIFSSRLADNPTGIIKSD
INIKADFSLRNNETLVRYLDYDNNQLAAGQNIWSLKLTADYSFSKNLTAIFYYDHSFSKAVISTSFPLTNIRSGFTLRYN
FGN
;
A
2 'polypeptide(L)'
;MKQLLTALLSLTLFISCSKDKDEVKDYTAENEKEIVDYLAQNNLTAQRTNSGLYYIITKEGSSESEGENPGEEENTGEGE
NTEENENDGHPTLNSNITVIYKGYFTNGKVFDESTEGVSYSLRTLIPGWKEGIPLLKSGGEIQLFVPAHLGYGSNGNKTV
PGGAVLIFEITLVSVN
;
B
3 'polypeptide(L)'
;MKKISLLLICLLITTFAKAQDIERPITTGVPFLLVAADARAAGLGDQGVATSSDVFSQQWNPAKYAFAEDAQGLSISYTP
YLTDLANDISLGQVTYYNKINDRSAFAGSFRYFGFGGIELRQTGDPNEPTREVNPNEFALDGSYSLKLSETFSMAVAARY
IRSNLKVATEEIDASAAGSFAVDVAGFYQSEEIAYSDFNGRWRAGFNIQNLGPKISYDHDDLSANFLPANLRVGGGFDFI
FDDYNKLGVSLELTKLLVPTPPGPGTPYDANGDGDFTDPGDISQSQADEANYKKYKDIGWVSGIFKSFGDAPGGFSEELK
EITYSAAAEYMYQDAFAMRLGYYHESPMKGAKQFFSLGAGFKYSMIKVDVSYLFSASKVKNPLENTLRFSLTFNFGDKYE
TY
;
F
4 'polypeptide(L)'
;MDVQAWGGGGAGGGASGAVLDGRAAAGGGGGAYARSNITVAAGATLNASVAGTTTNALVSGAAVNGAAGGSSTILGFETS
ILALGGGGGGANNAGGTPAGGAGGSAASSVGNVSKLDGAAGGNGVTGAIGLLTVSGAGGTAGGGGGAGGAGVASVALGNG
PGNAGTAPGGGGSGAMQSLLGGAQIGGSGAAGRVIITYTCPTYSITGISAANVCNSVGTTSVVTLTSSGGGLPIGPYVVT
YNRSNPSGTGLTAIMNVTTPGTGTFTAAGLNVIGTSNITVTNLTSAACSSNISTNNVASLTVFAATVGGTLAGTATVCSG
ATSGTLTLSGQTGSIIKWESSVSPFTVWTTIPNTTNTYTSGALTETSQFRAVIQNGNCAVVNSSIATITVNPLPQGSLSA
NGPFCVTGSGQLTFTATAGTGPYTIVYKENGGADRTAANISSGVAFPTFTTPVTTTTVYTLVSVTGANTCSRSSGFTNNT
ATITVNSRIATPGFGTVTQPDCVTSTGSVVLTGLPAGSWTITQSGTASQTYNSSGTTYTISNLAVGNYTFTVQDAANCPS
LATSTLTLIAPVVNIWNGTSWSKGSPPISTDVVRFSGNYSTTGNLSGCSLIVDSGFTVTVNSNHTLTISNAVTNNGGQLI
FENNSSLLQTNNVTNVGNITYKRITPPVRRYDLTYWSSPITRTPPFTLYDLSPGTLADKYYSYDPVAGWVISFNGTQQMV
PGRGYVVRAPQTNDLNTGANYLGAFVGVPNNGPISVSLGTAEAFQLLGNPYPSAIYADQFIANNSANLYGTLYFWTHNSL
PSSSTPGGAQYNYDNNDYAVYNLSGSIIVGGMTGQGATTPGNQSAPLGYIAAGQGFFVVSKTAGNAVFTNSMRVAANNTQ
FYKTNKSAIERHRVWINLTNTQGAFKQLLIGYIEGATNFWDHNYDAITADANPHLDFYSINEGQNLVIQGRSLPFNESDV
VPLGYRSAIAGEFSISLDHADGDLTNHAVYLEDKLTNTLHNLQTSNYTFNTAIGTFSDRFVIRYTTATLGTDDFENQTNS
FYVSVKDKTIKLNSTEDVMREVSIFDISGKLLYNNKKVENTEFQVSNFQSGNQVLIVKVTLDNGNIITKKIVFN
;
D
5 'polypeptide(L)'
;MRKQFLFIFLALIVANTSQAQGKTTRIGYIDMEYILENVSDYKEAKSQLELKAQKWKQEIEAKKLNINSLKEGLKTEKAL
LTKELIEERETEIKFQENEMLDYQQKQFGADGNLMRQKAALAKPIQDQVFTAVQDIAEAKNYDFIFDKSSDLTMLFSNKR
FDISDQVIRILNRTDKREQLNKKQLKEQEAKENRENEIDENPAMADRQKALDERRAAREKLIEDRRLEQEAKKKEYDDRR
KAMQAERDAKKNGTVSETAKTTEAAKTTEAVKTDATAKPASTTETTTTPAETAASKAEERQKLYEQRKKELEERRKKILE
EREAAKKAKEAETQKTNTTNN
;
G,C,E
6 'polypeptide(L)'
;MKKNTLKYSFFLIFFLFLIACSTKNNTFVNRNSHALSTKYNILYNGGLGLEKGLQAIKANDQDNFWKMLPIEKMQFDENF
SEGEKTKNPDFEKAETKATKAIQKHSMNIGGRERNYQIDEAYLMLGKARYYDQRFIPALEAFNYILYKYPNSSNIYTAKI
WREKTNMRLGNDAIVVKNINQLLKKTDLNKQTFSDANALLAEAFLNLEERDSAVAKLRIAEQFSRINEDRARYKFILGQM
YQEVGNKDSATYYYDGVIHMNRKADRKYMMHAYAKKAQMYDYEKGNDTIFLKTYNKLVADRENRPYYDVLFYEMGVFYDK
KKDKENALKFYNKSLGRKSKDPYLMASAYRNIGNMYFKNTDYTMAAKYYDSTLTKLNPKTREFAFIEKNRKNLDNVIKYE
GIAKRNDSIIKVYGMPDSERKIYFESYIAELKKKDEAKRILEEKEKEKLANVERNNSASSAPTAVNPNSLGKPANMDTDG
IRPPSGNDAVSTFYFYNPTTVAYGKLQFKKMWGNRTIGGNWRLSAIKAANDAAMLNDSINEAEANKLKDTVVIEKYTTAF
YEKQLPKTQIAIDSIGKERNFAYYQLGLIYKEKFKEYTLASDKLEQLLRNNPEEKLILPSMYNLYKIYQITDPAKAEKIK
SDITNNYPGSRYAQILNNTNTDDIPSPEKEYQKWYKLFQEEKFDVVLDNIDNLINQYSGDEIVSKFELLKANTLGKVNGL
EAYKKGLENVADNYPNSDEGKNAREILEKQVPTLERLNFTTEDNKNWKILYLISNNDTKTLKQIEEAIRVFLLVENFERL
TTSFDKYNRTQSFVAIHGLKSEAYAQDVAGVFRDDKKYKIAQPAIIISTENYKVVQIKKNLEAYLTPKNP
;
I
#
loop_
_chem_comp.id
_chem_comp.type
_chem_comp.name
_chem_comp.formula
LMN non-polymer 'Lauryl Maltose Neopentyl Glycol' 'C47 H88 O22'
MAN D-saccharide, alpha linking alpha-D-mannopyranose 'C6 H12 O6'
#
# COMPACT_ATOMS: atom_id res chain seq x y z
N LYS A 30 -2.22 -61.48 59.68
CA LYS A 30 -2.65 -62.51 58.76
C LYS A 30 -4.17 -62.75 58.87
N THR A 31 -4.81 -63.03 57.73
CA THR A 31 -6.25 -63.23 57.69
C THR A 31 -6.67 -64.55 57.07
N GLN A 32 -5.74 -65.36 56.57
CA GLN A 32 -6.03 -66.69 56.02
C GLN A 32 -7.03 -66.60 54.85
N PHE A 33 -6.57 -65.95 53.78
CA PHE A 33 -7.40 -65.83 52.60
C PHE A 33 -7.63 -67.18 51.93
N SER A 34 -8.81 -67.33 51.33
CA SER A 34 -9.14 -68.50 50.52
C SER A 34 -8.89 -68.13 49.06
N VAL A 35 -7.74 -68.54 48.55
CA VAL A 35 -7.27 -68.11 47.24
C VAL A 35 -8.06 -68.82 46.15
N GLY A 36 -8.45 -68.07 45.12
CA GLY A 36 -9.10 -68.63 43.95
C GLY A 36 -8.10 -69.20 42.98
N LYS A 37 -8.22 -68.88 41.70
CA LYS A 37 -7.27 -69.36 40.70
C LYS A 37 -7.35 -68.50 39.45
N MET A 38 -6.27 -68.50 38.69
CA MET A 38 -6.24 -67.92 37.35
C MET A 38 -5.55 -68.92 36.42
N GLU A 39 -6.09 -69.05 35.21
CA GLU A 39 -5.62 -70.06 34.27
C GLU A 39 -5.46 -69.45 32.89
N LEU A 40 -4.56 -70.04 32.11
CA LEU A 40 -4.36 -69.62 30.74
C LEU A 40 -5.50 -70.11 29.85
N GLU A 41 -5.74 -69.37 28.78
CA GLU A 41 -6.74 -69.78 27.79
C GLU A 41 -6.09 -70.71 26.76
N ASN A 42 -6.94 -71.39 26.00
CA ASN A 42 -6.45 -72.32 25.00
C ASN A 42 -5.69 -71.58 23.90
N PRO A 43 -4.65 -72.19 23.35
CA PRO A 43 -3.91 -71.56 22.25
C PRO A 43 -4.79 -71.43 21.02
N PRO A 44 -4.49 -70.48 20.12
CA PRO A 44 -5.35 -70.28 18.95
C PRO A 44 -5.45 -71.49 18.04
N SER A 45 -4.49 -72.42 18.10
CA SER A 45 -4.58 -73.64 17.31
C SER A 45 -5.71 -74.55 17.74
N ILE A 46 -6.28 -74.34 18.92
CA ILE A 46 -7.38 -75.15 19.44
C ILE A 46 -8.65 -74.34 19.22
N LEU A 47 -9.44 -74.73 18.22
CA LEU A 47 -10.70 -74.06 17.95
C LEU A 47 -11.78 -74.54 18.91
N SER A 48 -12.73 -73.66 19.18
CA SER A 48 -13.86 -73.99 20.07
C SER A 48 -15.05 -73.18 19.59
N ALA A 49 -16.08 -73.85 19.07
CA ALA A 49 -17.12 -73.13 18.36
C ALA A 49 -18.45 -73.88 18.42
N TYR A 50 -19.51 -73.15 18.09
CA TYR A 50 -20.85 -73.67 17.95
C TYR A 50 -21.16 -73.90 16.48
N LYS A 51 -21.71 -75.06 16.16
CA LYS A 51 -22.12 -75.38 14.80
C LYS A 51 -23.60 -75.75 14.80
N TYR A 52 -24.32 -75.22 13.81
CA TYR A 52 -25.75 -75.50 13.67
C TYR A 52 -25.94 -76.70 12.77
N ASP A 53 -26.56 -77.75 13.32
CA ASP A 53 -26.91 -78.91 12.52
C ASP A 53 -28.39 -78.84 12.18
N PRO A 54 -28.75 -78.57 10.92
CA PRO A 54 -30.17 -78.48 10.55
C PRO A 54 -30.85 -79.83 10.37
N ILE A 55 -30.09 -80.92 10.29
CA ILE A 55 -30.71 -82.24 10.15
C ILE A 55 -31.55 -82.56 11.37
N THR A 56 -31.01 -82.30 12.56
CA THR A 56 -31.74 -82.46 13.81
C THR A 56 -32.14 -81.13 14.42
N ASP A 57 -31.78 -80.01 13.81
CA ASP A 57 -32.08 -78.68 14.32
C ASP A 57 -31.51 -78.50 15.73
N ARG A 58 -30.19 -78.60 15.83
CA ARG A 58 -29.50 -78.47 17.10
C ARG A 58 -28.29 -77.58 16.94
N TYR A 59 -27.76 -77.12 18.07
CA TYR A 59 -26.51 -76.37 18.10
C TYR A 59 -25.52 -77.15 18.95
N ILE A 60 -24.39 -77.54 18.35
CA ILE A 60 -23.40 -78.37 19.00
C ILE A 60 -22.16 -77.53 19.27
N TYR A 61 -21.77 -77.46 20.53
CA TYR A 61 -20.53 -76.82 20.95
C TYR A 61 -19.43 -77.87 20.97
N THR A 62 -18.37 -77.62 20.22
CA THR A 62 -17.24 -78.54 20.12
C THR A 62 -15.94 -77.77 20.28
N THR A 63 -15.04 -78.33 21.09
CA THR A 63 -13.68 -77.84 21.23
C THR A 63 -12.75 -78.87 20.59
N SER A 64 -12.20 -78.53 19.43
CA SER A 64 -11.38 -79.44 18.66
C SER A 64 -10.10 -78.76 18.23
N VAL A 65 -9.02 -79.54 18.13
CA VAL A 65 -7.74 -79.01 17.68
C VAL A 65 -7.61 -79.10 16.15
N ASP A 66 -7.85 -80.28 15.58
CA ASP A 66 -7.88 -80.46 14.14
C ASP A 66 -9.00 -81.41 13.75
N GLY A 67 -10.17 -81.24 14.37
CA GLY A 67 -11.28 -82.13 14.17
C GLY A 67 -11.45 -83.17 15.27
N PHE A 68 -10.50 -83.27 16.19
CA PHE A 68 -10.57 -84.21 17.29
C PHE A 68 -11.20 -83.52 18.50
N SER A 69 -12.37 -84.01 18.92
CA SER A 69 -13.11 -83.39 20.01
C SER A 69 -12.33 -83.54 21.32
N ILE A 70 -11.88 -82.41 21.87
CA ILE A 70 -11.06 -82.45 23.07
C ILE A 70 -11.89 -82.83 24.30
N ASP A 71 -13.09 -82.25 24.45
CA ASP A 71 -14.06 -82.62 25.47
C ASP A 71 -15.32 -83.18 24.83
N TYR A 72 -16.32 -83.41 25.67
CA TYR A 72 -17.59 -83.92 25.20
C TYR A 72 -18.33 -82.84 24.43
N PRO A 73 -18.90 -83.15 23.26
CA PRO A 73 -19.72 -82.15 22.57
C PRO A 73 -20.96 -81.81 23.40
N LEU A 74 -21.40 -80.56 23.30
CA LEU A 74 -22.56 -80.09 24.03
C LEU A 74 -23.64 -79.71 23.01
N VAL A 75 -24.62 -80.58 22.82
CA VAL A 75 -25.69 -80.35 21.86
C VAL A 75 -26.90 -79.81 22.60
N LEU A 76 -27.41 -78.67 22.12
CA LEU A 76 -28.55 -78.02 22.74
C LEU A 76 -29.61 -77.69 21.69
N THR A 77 -30.85 -77.60 22.16
CA THR A 77 -31.98 -77.20 21.34
C THR A 77 -31.94 -75.70 21.08
N PRO A 78 -32.66 -75.23 20.07
CA PRO A 78 -33.01 -73.80 20.03
C PRO A 78 -33.80 -73.46 21.28
N LYS A 79 -33.59 -72.24 21.77
CA LYS A 79 -34.05 -71.69 23.05
C LYS A 79 -33.19 -72.26 24.18
N GLU A 80 -32.36 -73.27 23.92
CA GLU A 80 -31.31 -73.66 24.85
C GLU A 80 -29.97 -73.04 24.49
N TYR A 81 -29.64 -73.03 23.19
CA TYR A 81 -28.50 -72.24 22.73
C TYR A 81 -28.81 -70.75 22.81
N GLU A 82 -30.06 -70.38 22.57
CA GLU A 82 -30.43 -68.97 22.56
C GLU A 82 -30.26 -68.32 23.93
N ASP A 83 -30.65 -69.01 24.99
CA ASP A 83 -30.53 -68.42 26.33
C ASP A 83 -29.07 -68.18 26.70
N LEU A 84 -28.21 -69.17 26.45
CA LEU A 84 -26.79 -69.00 26.77
C LEU A 84 -26.16 -67.92 25.89
N LEU A 85 -26.52 -67.89 24.61
CA LEU A 85 -26.00 -66.86 23.72
C LEU A 85 -26.41 -65.47 24.17
N LEU A 86 -27.68 -65.31 24.57
CA LEU A 86 -28.15 -64.01 25.04
C LEU A 86 -27.46 -63.62 26.34
N LYS A 87 -27.27 -64.57 27.25
CA LYS A 87 -26.58 -64.28 28.50
C LYS A 87 -25.15 -63.81 28.26
N GLU A 88 -24.42 -64.55 27.42
CA GLU A 88 -23.03 -64.17 27.15
C GLU A 88 -22.95 -62.88 26.35
N SER A 89 -23.92 -62.61 25.47
CA SER A 89 -23.91 -61.36 24.73
C SER A 89 -24.20 -60.17 25.64
N ARG A 90 -25.12 -60.33 26.58
CA ARG A 90 -25.37 -59.27 27.56
C ARG A 90 -24.13 -59.00 28.40
N ARG A 91 -23.49 -60.08 28.87
CA ARG A 91 -22.29 -59.91 29.68
C ARG A 91 -21.18 -59.23 28.88
N ASP A 92 -21.00 -59.62 27.62
CA ASP A 92 -19.96 -59.03 26.78
C ASP A 92 -20.27 -57.56 26.48
N TYR A 93 -21.54 -57.23 26.25
CA TYR A 93 -21.91 -55.84 26.00
C TYR A 93 -21.61 -54.98 27.22
N PHE A 94 -22.00 -55.43 28.41
CA PHE A 94 -21.70 -54.68 29.62
C PHE A 94 -20.19 -54.54 29.82
N ARG A 95 -19.45 -55.63 29.62
CA ARG A 95 -18.01 -55.60 29.83
C ARG A 95 -17.33 -54.64 28.87
N LYS A 96 -17.74 -54.66 27.60
CA LYS A 96 -17.16 -53.74 26.61
C LYS A 96 -17.50 -52.30 26.94
N LYS A 97 -18.72 -52.04 27.41
CA LYS A 97 -19.09 -50.68 27.75
C LYS A 97 -18.23 -50.14 28.90
N MET A 98 -18.08 -50.93 29.97
CA MET A 98 -17.27 -50.43 31.08
C MET A 98 -15.78 -50.43 30.76
N ASP A 99 -15.33 -51.29 29.85
CA ASP A 99 -13.95 -51.21 29.39
C ASP A 99 -13.70 -49.93 28.62
N ALA A 100 -14.67 -49.52 27.78
CA ALA A 100 -14.56 -48.24 27.10
C ALA A 100 -14.60 -47.08 28.08
N ILE A 101 -15.45 -47.17 29.10
CA ILE A 101 -15.51 -46.12 30.11
C ILE A 101 -14.19 -46.00 30.84
N ASP A 102 -13.60 -47.12 31.22
CA ASP A 102 -12.34 -47.09 31.98
C ASP A 102 -11.21 -46.54 31.12
N GLY A 103 -11.03 -47.07 29.92
CA GLY A 103 -10.09 -46.54 28.95
C GLY A 103 -8.76 -47.25 28.88
N LYS A 104 -8.33 -47.89 29.96
CA LYS A 104 -7.03 -48.55 30.00
C LYS A 104 -7.19 -50.05 29.73
N LYS A 105 -7.55 -50.37 28.48
CA LYS A 105 -7.69 -51.77 28.09
C LYS A 105 -7.18 -52.06 26.68
N THR A 106 -6.45 -51.13 26.06
CA THR A 106 -5.85 -51.34 24.74
C THR A 106 -6.92 -51.70 23.70
N GLY A 107 -7.77 -50.71 23.42
CA GLY A 107 -8.87 -50.89 22.49
C GLY A 107 -10.11 -50.12 22.90
N ALA A 108 -10.08 -49.54 24.10
CA ALA A 108 -11.22 -48.76 24.58
C ALA A 108 -11.36 -47.43 23.85
N GLU A 109 -10.28 -46.92 23.27
CA GLU A 109 -10.35 -45.63 22.57
C GLU A 109 -11.28 -45.72 21.36
N ALA A 110 -11.23 -46.83 20.63
CA ALA A 110 -12.14 -47.02 19.49
C ALA A 110 -13.58 -47.09 19.95
N ALA A 111 -13.85 -47.78 21.06
CA ALA A 111 -15.20 -47.94 21.57
C ALA A 111 -15.73 -46.69 22.26
N LYS A 112 -14.86 -45.74 22.62
CA LYS A 112 -15.32 -44.52 23.27
C LYS A 112 -16.20 -43.68 22.36
N LYS A 113 -16.10 -43.85 21.04
CA LYS A 113 -16.95 -43.09 20.12
C LYS A 113 -18.43 -43.44 20.30
N ASP A 114 -18.73 -44.73 20.47
CA ASP A 114 -20.10 -45.19 20.63
C ASP A 114 -20.60 -45.07 22.06
N LEU A 115 -19.87 -44.34 22.91
CA LEU A 115 -20.25 -44.11 24.29
C LEU A 115 -21.03 -42.82 24.42
N LEU A 116 -21.85 -42.75 25.47
CA LEU A 116 -22.47 -41.49 25.83
C LEU A 116 -21.42 -40.54 26.38
N PRO A 117 -21.29 -39.32 25.85
CA PRO A 117 -20.23 -38.42 26.32
C PRO A 117 -20.32 -38.09 27.80
N ARG A 118 -21.42 -38.44 28.46
CA ARG A 118 -21.55 -38.26 29.89
C ARG A 118 -20.53 -39.07 30.69
N TYR A 119 -20.04 -40.18 30.13
CA TYR A 119 -19.25 -41.14 30.87
C TYR A 119 -17.74 -40.94 30.73
N TYR A 120 -17.30 -40.02 29.88
CA TYR A 120 -15.87 -39.83 29.69
C TYR A 120 -15.61 -38.39 29.29
N ILE A 121 -14.37 -37.96 29.52
CA ILE A 121 -13.88 -36.68 29.02
C ILE A 121 -12.61 -36.94 28.22
N ASN A 122 -12.56 -36.46 26.99
CA ASN A 122 -11.37 -36.59 26.15
C ASN A 122 -10.74 -35.22 25.95
N SER A 123 -9.42 -35.17 25.97
CA SER A 123 -8.67 -33.92 25.90
C SER A 123 -8.38 -33.45 24.49
N SER A 124 -8.69 -34.26 23.47
CA SER A 124 -8.43 -33.86 22.09
C SER A 124 -9.28 -32.65 21.69
N LEU A 125 -10.46 -32.49 22.29
CA LEU A 125 -11.33 -31.36 22.02
C LEU A 125 -11.31 -30.33 23.13
N PHE A 126 -10.35 -30.45 24.06
CA PHE A 126 -10.10 -29.44 25.08
C PHE A 126 -8.82 -28.69 24.73
N GLU A 127 -8.86 -27.37 24.86
CA GLU A 127 -7.70 -26.53 24.57
C GLU A 127 -7.51 -25.50 25.68
N SER A 128 -6.26 -25.09 25.85
CA SER A 128 -5.91 -24.09 26.86
C SER A 128 -6.24 -22.69 26.33
N ILE A 129 -5.82 -21.66 27.06
CA ILE A 129 -6.07 -20.29 26.63
C ILE A 129 -5.44 -20.04 25.27
N PHE A 130 -4.24 -20.56 25.07
CA PHE A 130 -3.64 -20.71 23.75
C PHE A 130 -3.58 -22.18 23.40
N GLY A 131 -3.54 -22.47 22.09
CA GLY A 131 -3.70 -23.83 21.63
C GLY A 131 -2.64 -24.78 22.14
N SER A 132 -1.45 -24.27 22.44
CA SER A 132 -0.37 -25.08 22.97
C SER A 132 0.41 -24.24 23.97
N ASN A 133 1.50 -24.80 24.49
CA ASN A 133 2.39 -24.10 25.41
C ASN A 133 3.67 -23.64 24.73
N THR A 134 3.79 -23.80 23.42
CA THR A 134 5.00 -23.45 22.71
C THR A 134 5.09 -21.94 22.48
N ILE A 135 6.30 -21.41 22.61
CA ILE A 135 6.59 -20.00 22.37
C ILE A 135 7.53 -19.93 21.17
N ASP A 136 7.13 -19.16 20.15
CA ASP A 136 7.85 -19.12 18.89
C ASP A 136 8.12 -17.70 18.40
N VAL A 137 7.79 -16.68 19.18
CA VAL A 137 8.03 -15.30 18.76
C VAL A 137 9.54 -15.06 18.77
N LYS A 138 10.10 -14.80 17.60
CA LYS A 138 11.54 -14.69 17.48
C LYS A 138 11.95 -13.38 16.83
N PRO A 139 13.09 -12.82 17.21
CA PRO A 139 13.57 -11.57 16.63
C PRO A 139 14.52 -11.79 15.46
N THR A 140 14.54 -10.80 14.57
CA THR A 140 15.40 -10.82 13.39
C THR A 140 15.77 -9.39 13.05
N GLY A 141 17.05 -9.16 12.78
CA GLY A 141 17.51 -7.82 12.46
C GLY A 141 18.75 -7.43 13.22
N SER A 142 18.90 -6.14 13.52
CA SER A 142 20.11 -5.67 14.18
C SER A 142 19.79 -4.51 15.10
N VAL A 143 20.69 -4.27 16.06
CA VAL A 143 20.61 -3.13 16.95
C VAL A 143 22.01 -2.53 17.10
N GLU A 144 22.11 -1.21 17.01
CA GLU A 144 23.40 -0.51 17.03
C GLU A 144 23.42 0.55 18.13
N MET A 145 24.55 0.62 18.83
CA MET A 145 24.83 1.65 19.82
C MET A 145 26.02 2.47 19.33
N ASP A 146 25.88 3.79 19.37
CA ASP A 146 26.99 4.73 19.14
C ASP A 146 27.21 5.48 20.44
N LEU A 147 28.38 5.29 21.06
CA LEU A 147 28.75 5.99 22.28
C LEU A 147 30.12 6.64 22.06
N GLY A 148 30.17 7.96 22.15
CA GLY A 148 31.44 8.62 21.93
C GLY A 148 31.40 10.08 22.31
N VAL A 149 32.41 10.80 21.83
CA VAL A 149 32.57 12.22 22.09
C VAL A 149 32.57 12.97 20.77
N ARG A 150 31.89 14.10 20.77
CA ARG A 150 31.89 15.06 19.68
C ARG A 150 32.61 16.32 20.15
N TYR A 151 33.59 16.77 19.37
CA TYR A 151 34.35 17.97 19.67
C TYR A 151 34.29 18.89 18.47
N THR A 152 33.96 20.15 18.71
CA THR A 152 33.88 21.14 17.64
C THR A 152 34.59 22.41 18.08
N LYS A 153 35.31 23.02 17.15
CA LYS A 153 35.98 24.29 17.42
C LYS A 153 35.95 25.13 16.15
N GLN A 154 35.21 26.23 16.17
CA GLN A 154 35.15 27.17 15.06
C GLN A 154 35.78 28.47 15.53
N ASP A 155 36.79 28.95 14.78
CA ASP A 155 37.56 30.12 15.20
C ASP A 155 36.90 31.40 14.71
N ASN A 156 35.70 31.65 15.24
CA ASN A 156 34.99 32.90 15.00
C ASN A 156 35.36 33.87 16.12
N PRO A 157 36.04 34.98 15.83
CA PRO A 157 36.44 35.89 16.90
C PRO A 157 35.27 36.61 17.54
N ALA A 158 34.18 36.84 16.80
CA ALA A 158 33.01 37.50 17.37
C ALA A 158 32.33 36.65 18.43
N PHE A 159 32.59 35.35 18.47
CA PHE A 159 32.00 34.49 19.47
C PHE A 159 32.63 34.74 20.84
N SER A 160 31.86 34.46 21.88
CA SER A 160 32.35 34.62 23.23
C SER A 160 33.50 33.65 23.52
N PRO A 161 34.45 34.03 24.36
CA PRO A 161 35.47 33.06 24.79
C PRO A 161 34.88 31.83 25.46
N ARG A 162 33.72 31.96 26.09
CA ARG A 162 33.04 30.80 26.65
C ARG A 162 32.53 29.84 25.59
N ASN A 163 32.39 30.31 24.34
CA ASN A 163 32.04 29.47 23.21
C ASN A 163 33.27 29.07 22.40
N ARG A 164 34.42 28.93 23.05
CA ARG A 164 35.65 28.59 22.35
C ARG A 164 35.55 27.25 21.65
N SER A 165 35.01 26.25 22.33
CA SER A 165 34.82 24.93 21.74
C SER A 165 33.66 24.25 22.43
N SER A 166 33.09 23.26 21.75
CA SER A 166 31.97 22.49 22.27
C SER A 166 32.37 21.02 22.34
N LEU A 167 32.34 20.46 23.54
CA LEU A 167 32.61 19.04 23.76
C LEU A 167 31.35 18.41 24.33
N THR A 168 30.70 17.56 23.53
CA THR A 168 29.46 16.91 23.93
C THR A 168 29.62 15.40 23.85
N PHE A 169 28.74 14.70 24.54
CA PHE A 169 28.67 13.25 24.42
C PHE A 169 27.71 12.91 23.30
N ASP A 170 28.11 11.99 22.43
CA ASP A 170 27.32 11.57 21.28
C ASP A 170 26.78 10.16 21.54
N PHE A 171 25.47 10.03 21.57
CA PHE A 171 24.80 8.75 21.72
C PHE A 171 23.80 8.58 20.59
N ASP A 172 23.84 7.43 19.94
CA ASP A 172 22.96 7.16 18.82
C ASP A 172 22.47 5.72 18.86
N GLN A 173 21.23 5.53 18.40
CA GLN A 173 20.60 4.22 18.32
C GLN A 173 20.11 3.97 16.91
N ARG A 174 20.27 2.75 16.42
CA ARG A 174 19.95 2.40 15.04
C ARG A 174 19.17 1.07 15.00
N ILE A 175 18.09 1.00 15.78
CA ILE A 175 17.30 -0.23 15.84
C ILE A 175 16.73 -0.57 14.47
N SER A 176 16.96 -1.81 14.05
CA SER A 176 16.50 -2.36 12.78
C SER A 176 15.94 -3.76 13.06
N MET A 177 14.98 -3.83 13.97
CA MET A 177 14.47 -5.08 14.50
C MET A 177 13.12 -5.46 13.90
N SER A 178 12.82 -6.76 13.97
CA SER A 178 11.50 -7.27 13.64
C SER A 178 11.24 -8.50 14.50
N LEU A 179 9.96 -8.72 14.82
CA LEU A 179 9.53 -9.83 15.65
C LEU A 179 8.47 -10.62 14.90
N MET A 180 8.70 -11.91 14.72
CA MET A 180 7.70 -12.74 14.05
C MET A 180 7.55 -14.05 14.81
N GLY A 181 6.31 -14.46 15.06
CA GLY A 181 6.14 -15.76 15.64
C GLY A 181 4.73 -15.99 16.17
N LYS A 182 4.62 -17.06 16.96
CA LYS A 182 3.35 -17.50 17.51
C LYS A 182 3.51 -17.84 18.98
N ILE A 183 2.44 -17.64 19.73
CA ILE A 183 2.32 -18.09 21.11
C ILE A 183 1.15 -19.06 21.16
N GLY A 184 1.44 -20.32 21.41
CA GLY A 184 0.41 -21.34 21.57
C GLY A 184 -0.52 -21.50 20.41
N THR A 185 0.00 -21.42 19.18
CA THR A 185 -0.68 -21.63 17.89
C THR A 185 -2.01 -20.89 17.81
N ARG A 186 -2.22 -19.90 18.68
CA ARG A 186 -3.45 -19.12 18.67
C ARG A 186 -3.12 -17.63 18.63
N LEU A 187 -2.00 -17.25 19.24
CA LEU A 187 -1.54 -15.87 19.23
C LEU A 187 -0.49 -15.71 18.13
N GLU A 188 -0.66 -14.70 17.29
CA GLU A 188 0.25 -14.41 16.20
C GLU A 188 0.84 -13.02 16.42
N VAL A 189 2.16 -12.91 16.32
CA VAL A 189 2.88 -11.67 16.58
C VAL A 189 3.66 -11.29 15.34
N ASN A 190 3.42 -10.08 14.84
CA ASN A 190 4.15 -9.53 13.71
C ASN A 190 4.48 -8.07 13.99
N ALA A 191 5.74 -7.78 14.27
CA ALA A 191 6.16 -6.43 14.63
C ALA A 191 7.41 -6.07 13.84
N ASN A 192 7.62 -4.77 13.65
CA ASN A 192 8.77 -4.26 12.92
C ASN A 192 9.07 -2.86 13.43
N TYR A 193 10.31 -2.63 13.88
CA TYR A 193 10.73 -1.36 14.44
C TYR A 193 12.02 -0.92 13.77
N ASP A 194 11.99 0.25 13.14
CA ASP A 194 13.15 0.82 12.48
C ASP A 194 13.25 2.29 12.87
N THR A 195 14.35 2.66 13.55
CA THR A 195 14.57 4.06 13.88
C THR A 195 14.87 4.89 12.65
N GLN A 196 15.47 4.29 11.64
CA GLN A 196 15.80 4.98 10.40
C GLN A 196 14.63 5.03 9.42
N SER A 197 13.50 4.43 9.79
CA SER A 197 12.32 4.47 8.93
C SER A 197 11.78 5.89 8.82
N THR A 198 10.73 6.03 8.01
CA THR A 198 10.12 7.34 7.79
C THR A 198 9.24 7.69 8.99
N PHE A 199 8.37 8.68 8.83
CA PHE A 199 7.71 9.38 9.93
C PHE A 199 6.96 8.56 10.99
N ALA A 200 5.82 7.93 10.70
CA ALA A 200 5.00 7.43 11.79
C ALA A 200 4.37 6.06 11.59
N PHE A 201 4.29 5.50 10.38
CA PHE A 201 3.48 4.32 10.15
C PHE A 201 4.26 3.08 9.78
N GLN A 202 5.55 3.20 9.46
CA GLN A 202 6.30 2.02 9.03
C GLN A 202 6.60 1.07 10.17
N ASN A 203 6.68 1.57 11.40
CA ASN A 203 6.91 0.72 12.57
C ASN A 203 5.58 0.05 12.92
N LEU A 204 5.47 -1.24 12.60
CA LEU A 204 4.23 -1.97 12.76
C LEU A 204 4.28 -2.86 13.99
N PHE A 205 3.08 -3.20 14.48
CA PHE A 205 2.95 -4.13 15.60
C PHE A 205 1.55 -4.71 15.57
N LYS A 206 1.44 -6.02 15.38
CA LYS A 206 0.15 -6.70 15.29
C LYS A 206 0.16 -7.91 16.21
N LEU A 207 -0.79 -7.94 17.14
CA LEU A 207 -1.10 -9.11 17.96
C LEU A 207 -2.47 -9.62 17.53
N ALA A 208 -2.52 -10.87 17.09
CA ALA A 208 -3.77 -11.46 16.57
C ALA A 208 -4.07 -12.73 17.36
N TYR A 209 -5.14 -12.69 18.15
CA TYR A 209 -5.62 -13.83 18.90
C TYR A 209 -6.82 -14.42 18.16
N THR A 210 -6.66 -15.65 17.66
CA THR A 210 -7.70 -16.32 16.88
C THR A 210 -8.10 -17.62 17.56
N PRO A 211 -9.19 -17.62 18.34
CA PRO A 211 -9.61 -18.85 19.03
C PRO A 211 -10.23 -19.87 18.09
N SER A 212 -10.74 -20.95 18.66
CA SER A 212 -11.40 -21.98 17.86
C SER A 212 -12.71 -21.45 17.26
N GLU A 213 -13.21 -22.18 16.28
CA GLU A 213 -14.42 -21.77 15.57
C GLU A 213 -15.66 -21.82 16.45
N ASP A 214 -15.61 -22.51 17.58
CA ASP A 214 -16.77 -22.68 18.44
C ASP A 214 -16.88 -21.60 19.51
N ASP A 215 -15.91 -20.69 19.60
CA ASP A 215 -15.92 -19.66 20.63
C ASP A 215 -16.73 -18.46 20.18
N ILE A 216 -17.36 -17.78 21.16
CA ILE A 216 -18.08 -16.55 20.85
C ILE A 216 -17.11 -15.49 20.35
N ILE A 217 -15.98 -15.33 21.03
CA ILE A 217 -14.92 -14.42 20.59
C ILE A 217 -14.17 -15.11 19.46
N GLN A 218 -14.27 -14.57 18.25
CA GLN A 218 -13.64 -15.17 17.08
C GLN A 218 -12.31 -14.54 16.73
N LYS A 219 -12.05 -13.30 17.14
CA LYS A 219 -10.83 -12.61 16.78
C LYS A 219 -10.59 -11.38 17.67
N VAL A 220 -9.38 -11.27 18.21
CA VAL A 220 -8.95 -10.07 18.93
C VAL A 220 -7.68 -9.57 18.27
N GLU A 221 -7.61 -8.27 18.01
CA GLU A 221 -6.44 -7.69 17.37
C GLU A 221 -6.00 -6.46 18.14
N VAL A 222 -4.70 -6.38 18.42
CA VAL A 222 -4.09 -5.28 19.15
C VAL A 222 -2.98 -4.69 18.30
N GLY A 223 -2.96 -3.37 18.18
CA GLY A 223 -1.94 -2.69 17.40
C GLY A 223 -2.48 -2.18 16.08
N ASN A 224 -1.71 -2.39 15.01
CA ASN A 224 -2.09 -1.94 13.68
C ASN A 224 -3.23 -2.81 13.17
N VAL A 225 -4.44 -2.26 13.19
CA VAL A 225 -5.64 -2.97 12.79
C VAL A 225 -6.30 -2.22 11.63
N SER A 226 -7.33 -2.84 11.07
CA SER A 226 -8.12 -2.24 10.00
C SER A 226 -9.60 -2.53 10.26
N MET A 227 -10.45 -1.68 9.70
CA MET A 227 -11.89 -1.88 9.74
C MET A 227 -12.42 -1.81 8.32
N PRO A 228 -12.26 -2.89 7.54
CA PRO A 228 -12.79 -2.88 6.18
C PRO A 228 -14.30 -3.08 6.19
N LEU A 229 -14.99 -2.26 5.40
CA LEU A 229 -16.44 -2.32 5.29
C LEU A 229 -16.83 -2.50 3.84
N ASN A 230 -17.78 -3.39 3.59
CA ASN A 230 -18.33 -3.60 2.26
C ASN A 230 -19.48 -2.63 1.98
N SER A 231 -19.20 -1.35 2.15
CA SER A 231 -20.21 -0.31 2.05
C SER A 231 -19.69 0.84 1.20
N THR A 232 -20.59 1.47 0.46
CA THR A 232 -20.24 2.64 -0.35
C THR A 232 -20.49 3.94 0.40
N LEU A 233 -21.60 4.02 1.14
CA LEU A 233 -21.92 5.24 1.87
C LEU A 233 -21.07 5.40 3.13
N ILE A 234 -20.74 4.31 3.79
CA ILE A 234 -19.98 4.33 5.05
C ILE A 234 -18.65 3.66 4.77
N ARG A 235 -17.60 4.47 4.62
CA ARG A 235 -16.26 3.95 4.36
C ARG A 235 -15.57 3.56 5.66
N GLY A 236 -14.80 2.48 5.61
CA GLY A 236 -13.99 2.06 6.73
C GLY A 236 -12.63 2.73 6.71
N ALA A 237 -11.74 2.21 7.54
CA ALA A 237 -10.38 2.73 7.63
C ALA A 237 -9.39 1.58 7.68
N GLN A 238 -8.28 1.73 6.96
CA GLN A 238 -7.24 0.71 6.90
C GLN A 238 -6.08 0.97 7.86
N SER A 239 -5.73 2.23 8.08
CA SER A 239 -4.57 2.59 8.90
C SER A 239 -5.07 2.99 10.28
N LEU A 240 -5.24 1.99 11.15
CA LEU A 240 -5.69 2.21 12.51
C LEU A 240 -4.72 1.55 13.49
N PHE A 241 -4.59 2.14 14.66
CA PHE A 241 -3.85 1.54 15.76
C PHE A 241 -4.74 1.50 16.99
N GLY A 242 -5.08 0.29 17.43
CA GLY A 242 -5.95 0.15 18.57
C GLY A 242 -6.38 -1.28 18.84
N VAL A 243 -7.63 -1.45 19.25
CA VAL A 243 -8.18 -2.76 19.60
C VAL A 243 -9.36 -3.05 18.69
N LYS A 244 -9.33 -4.22 18.06
CA LYS A 244 -10.40 -4.71 17.21
C LYS A 244 -10.82 -6.09 17.70
N THR A 245 -12.12 -6.26 17.93
CA THR A 245 -12.66 -7.50 18.49
C THR A 245 -13.81 -7.99 17.62
N GLN A 246 -13.86 -9.30 17.38
CA GLN A 246 -14.91 -9.93 16.61
C GLN A 246 -15.65 -10.94 17.48
N LEU A 247 -16.97 -10.82 17.52
CA LEU A 247 -17.82 -11.74 18.27
C LEU A 247 -18.82 -12.37 17.32
N GLN A 248 -19.11 -13.65 17.54
CA GLN A 248 -20.07 -14.40 16.72
C GLN A 248 -21.10 -15.04 17.63
N PHE A 249 -22.38 -14.76 17.37
CA PHE A 249 -23.50 -15.43 18.01
C PHE A 249 -24.29 -16.09 16.89
N GLY A 250 -23.84 -17.28 16.49
CA GLY A 250 -24.56 -18.12 15.56
C GLY A 250 -24.44 -17.61 14.15
N ARG A 251 -25.28 -16.63 13.82
CA ARG A 251 -25.23 -15.98 12.52
C ARG A 251 -25.16 -14.47 12.64
N THR A 252 -25.08 -13.93 13.85
CA THR A 252 -24.89 -12.51 14.06
C THR A 252 -23.43 -12.25 14.39
N THR A 253 -22.76 -11.47 13.55
CA THR A 253 -21.37 -11.12 13.74
C THR A 253 -21.26 -9.65 14.13
N ILE A 254 -20.55 -9.37 15.22
CA ILE A 254 -20.37 -8.03 15.72
C ILE A 254 -18.87 -7.74 15.79
N THR A 255 -18.42 -6.77 15.00
CA THR A 255 -17.02 -6.37 14.98
C THR A 255 -16.92 -4.96 15.55
N GLY A 256 -16.22 -4.83 16.69
CA GLY A 256 -16.02 -3.55 17.34
C GLY A 256 -14.58 -3.11 17.19
N VAL A 257 -14.38 -1.81 17.04
CA VAL A 257 -13.04 -1.24 16.92
C VAL A 257 -12.97 0.04 17.75
N PHE A 258 -11.84 0.24 18.41
CA PHE A 258 -11.50 1.50 19.05
C PHE A 258 -10.02 1.75 18.78
N SER A 259 -9.71 2.81 18.04
CA SER A 259 -8.35 2.99 17.58
C SER A 259 -8.09 4.45 17.30
N GLU A 260 -6.85 4.76 16.93
CA GLU A 260 -6.45 6.04 16.38
C GLU A 260 -6.14 5.86 14.91
N GLN A 261 -6.71 6.73 14.08
CA GLN A 261 -6.48 6.68 12.64
C GLN A 261 -5.19 7.41 12.29
N LYS A 262 -4.30 6.74 11.57
CA LYS A 262 -3.00 7.29 11.23
C LYS A 262 -2.95 7.86 9.82
N SER A 263 -4.05 7.84 9.09
CA SER A 263 -4.08 8.30 7.71
C SER A 263 -5.17 9.34 7.53
N GLN A 264 -5.13 10.00 6.37
CA GLN A 264 -6.12 10.99 5.99
C GLN A 264 -6.74 10.59 4.66
N THR A 265 -8.06 10.77 4.54
CA THR A 265 -8.74 10.49 3.28
C THR A 265 -8.42 11.58 2.27
N LYS A 266 -8.00 11.18 1.07
CA LYS A 266 -7.63 12.10 0.01
C LYS A 266 -8.30 11.67 -1.28
N SER A 267 -8.83 12.65 -2.02
CA SER A 267 -9.58 12.41 -3.24
C SER A 267 -8.96 13.17 -4.40
N VAL A 268 -8.90 12.53 -5.56
CA VAL A 268 -8.43 13.16 -6.79
C VAL A 268 -9.43 12.87 -7.89
N VAL A 269 -9.42 13.73 -8.91
CA VAL A 269 -10.27 13.59 -10.08
C VAL A 269 -9.38 13.50 -11.31
N ALA A 270 -9.62 12.50 -12.15
CA ALA A 270 -8.81 12.27 -13.33
C ALA A 270 -9.70 12.15 -14.56
N GLU A 271 -9.29 12.79 -15.64
CA GLU A 271 -9.97 12.66 -16.93
C GLU A 271 -8.95 12.25 -17.97
N ASN A 272 -9.28 11.22 -18.76
CA ASN A 272 -8.41 10.73 -19.82
C ASN A 272 -7.01 10.41 -19.30
N GLY A 273 -6.96 9.72 -18.16
CA GLY A 273 -5.69 9.44 -17.54
C GLY A 273 -5.30 10.44 -16.46
N GLY A 274 -4.53 11.44 -16.85
CA GLY A 274 -3.96 12.40 -15.91
C GLY A 274 -4.90 13.04 -14.91
N THR A 275 -4.34 13.40 -13.75
CA THR A 275 -5.12 14.05 -12.70
C THR A 275 -5.46 15.48 -13.09
N VAL A 276 -6.64 15.93 -12.65
CA VAL A 276 -7.13 17.28 -12.94
C VAL A 276 -6.81 18.18 -11.77
N GLN A 277 -6.23 19.34 -12.05
CA GLN A 277 -5.97 20.36 -11.06
C GLN A 277 -6.75 21.61 -11.43
N ASN A 278 -7.59 22.07 -10.50
CA ASN A 278 -8.37 23.29 -10.69
C ASN A 278 -7.61 24.49 -10.13
N PHE A 279 -7.76 25.63 -10.80
CA PHE A 279 -7.12 26.86 -10.36
C PHE A 279 -8.09 28.01 -10.42
N ASP A 280 -7.92 28.94 -9.47
CA ASP A 280 -8.72 30.15 -9.34
C ASP A 280 -7.79 31.32 -9.05
N LEU A 281 -7.66 32.22 -10.01
CA LEU A 281 -6.88 33.43 -9.83
C LEU A 281 -7.78 34.64 -9.97
N TYR A 282 -7.37 35.75 -9.38
CA TYR A 282 -8.07 37.01 -9.58
C TYR A 282 -7.20 37.95 -10.40
N ALA A 283 -7.83 38.98 -10.95
CA ALA A 283 -7.11 39.90 -11.85
C ALA A 283 -5.91 40.52 -11.15
N LEU A 284 -6.03 40.81 -9.85
CA LEU A 284 -4.93 41.37 -9.09
C LEU A 284 -3.78 40.39 -8.89
N ASP A 285 -3.97 39.11 -9.21
CA ASP A 285 -2.99 38.06 -8.91
C ASP A 285 -2.06 37.77 -10.08
N TYR A 286 -1.67 38.79 -10.85
CA TYR A 286 -0.76 38.59 -11.96
C TYR A 286 0.64 38.24 -11.45
N ASP A 287 1.44 37.66 -12.34
CA ASP A 287 2.83 37.31 -12.05
C ASP A 287 3.66 38.58 -12.00
N ASN A 288 4.00 39.03 -10.80
CA ASN A 288 4.59 40.35 -10.59
C ASN A 288 6.11 40.28 -10.54
N ASP A 289 6.74 41.36 -11.01
CA ASP A 289 8.19 41.57 -10.91
C ASP A 289 8.98 40.47 -11.59
N ARG A 290 8.43 39.88 -12.65
CA ARG A 290 9.06 38.75 -13.30
C ARG A 290 9.11 38.94 -14.81
N HIS A 291 8.17 39.71 -15.34
CA HIS A 291 8.03 39.92 -16.77
C HIS A 291 8.15 41.40 -17.09
N PHE A 292 9.04 41.73 -18.03
CA PHE A 292 9.36 43.12 -18.33
C PHE A 292 9.41 43.33 -19.83
N PHE A 293 8.74 44.37 -20.31
CA PHE A 293 8.96 44.80 -21.68
C PHE A 293 10.38 45.34 -21.84
N LEU A 294 10.99 45.07 -22.99
CA LEU A 294 12.36 45.50 -23.22
C LEU A 294 12.45 47.01 -23.42
N SER A 295 11.37 47.63 -23.90
CA SER A 295 11.39 49.06 -24.17
C SER A 295 9.95 49.55 -24.22
N GLN A 296 9.79 50.87 -24.11
CA GLN A 296 8.47 51.46 -24.26
C GLN A 296 7.92 51.26 -25.67
N TYR A 297 8.81 51.12 -26.65
CA TYR A 297 8.40 50.84 -28.02
C TYR A 297 7.66 49.51 -28.10
N PHE A 298 8.23 48.46 -27.51
CA PHE A 298 7.57 47.15 -27.52
C PHE A 298 6.29 47.18 -26.70
N ARG A 299 6.31 47.88 -25.57
CA ARG A 299 5.11 47.97 -24.73
C ARG A 299 3.97 48.63 -25.47
N ASN A 300 4.25 49.71 -26.21
CA ASN A 300 3.21 50.40 -26.97
C ASN A 300 2.88 49.71 -28.28
N LYS A 301 3.73 48.80 -28.76
CA LYS A 301 3.42 48.00 -29.93
C LYS A 301 2.64 46.73 -29.61
N TYR A 302 2.64 46.31 -28.34
CA TYR A 302 2.07 45.03 -27.96
C TYR A 302 0.61 44.88 -28.40
N ASP A 303 -0.23 45.85 -28.06
CA ASP A 303 -1.66 45.71 -28.30
C ASP A 303 -1.97 45.67 -29.80
N VAL A 304 -1.39 46.59 -30.57
CA VAL A 304 -1.70 46.66 -31.99
C VAL A 304 -1.12 45.45 -32.72
N SER A 305 0.07 45.00 -32.33
CA SER A 305 0.69 43.86 -33.01
C SER A 305 -0.08 42.56 -32.82
N LEU A 306 -0.93 42.47 -31.80
CA LEU A 306 -1.66 41.25 -31.49
C LEU A 306 -3.15 41.36 -31.83
N LYS A 307 -3.53 42.34 -32.64
CA LYS A 307 -4.95 42.50 -32.98
C LYS A 307 -5.49 41.28 -33.73
N ASN A 308 -4.70 40.71 -34.62
CA ASN A 308 -5.12 39.59 -35.45
C ASN A 308 -4.31 38.34 -35.13
N TYR A 309 -4.13 38.05 -33.84
CA TYR A 309 -3.39 36.87 -33.44
C TYR A 309 -4.12 35.61 -33.93
N PRO A 310 -3.37 34.53 -34.24
CA PRO A 310 -1.94 34.29 -34.03
C PRO A 310 -1.01 35.07 -34.96
N PHE A 311 -1.51 35.78 -35.96
CA PHE A 311 -0.65 36.63 -36.77
C PHE A 311 -0.16 37.81 -35.93
N ILE A 312 1.12 38.13 -36.05
CA ILE A 312 1.73 39.24 -35.32
C ILE A 312 2.08 40.32 -36.34
N ASP A 313 1.49 41.50 -36.17
CA ASP A 313 1.73 42.62 -37.09
C ASP A 313 3.00 43.36 -36.67
N SER A 314 4.12 42.66 -36.81
CA SER A 314 5.42 43.17 -36.43
C SER A 314 6.48 42.26 -37.02
N ARG A 315 7.61 42.86 -37.41
CA ARG A 315 8.73 42.12 -37.97
C ARG A 315 9.94 42.10 -37.04
N VAL A 316 9.72 42.37 -35.75
CA VAL A 316 10.82 42.40 -34.80
C VAL A 316 11.29 40.98 -34.51
N GLN A 317 12.59 40.76 -34.59
CA GLN A 317 13.21 39.48 -34.25
C GLN A 317 14.36 39.77 -33.29
N ILE A 318 14.13 39.59 -31.99
CA ILE A 318 15.18 39.78 -31.00
C ILE A 318 16.23 38.68 -31.19
N THR A 319 17.43 39.08 -31.57
CA THR A 319 18.51 38.13 -31.84
C THR A 319 19.47 37.98 -30.68
N ARG A 320 19.77 39.05 -29.95
CA ARG A 320 20.74 39.00 -28.88
C ARG A 320 20.22 39.73 -27.66
N LEU A 321 20.51 39.21 -26.48
CA LEU A 321 20.04 39.80 -25.24
C LEU A 321 21.01 39.50 -24.12
N GLU A 322 21.41 40.54 -23.38
CA GLU A 322 22.24 40.42 -22.20
C GLU A 322 21.54 41.09 -21.04
N VAL A 323 21.42 40.39 -19.93
CA VAL A 323 20.65 40.83 -18.77
C VAL A 323 21.57 40.90 -17.57
N TRP A 324 21.56 42.03 -16.88
CA TRP A 324 22.38 42.28 -15.71
C TRP A 324 21.49 42.62 -14.53
N VAL A 325 21.82 42.08 -13.36
CA VAL A 325 21.07 42.30 -12.14
C VAL A 325 22.05 42.70 -11.04
N THR A 326 21.50 43.24 -9.96
CA THR A 326 22.30 43.53 -8.77
C THR A 326 22.95 42.24 -8.26
N ASN A 327 24.24 42.31 -7.97
CA ASN A 327 25.01 41.16 -7.53
C ASN A 327 25.07 41.16 -6.01
N LYS A 328 24.31 40.25 -5.39
CA LYS A 328 24.39 40.01 -3.96
C LYS A 328 25.04 38.69 -3.61
N GLN A 329 25.07 37.73 -4.55
CA GLN A 329 25.74 36.46 -4.30
C GLN A 329 27.23 36.65 -4.09
N ASN A 330 27.87 37.41 -5.00
CA ASN A 330 29.30 37.70 -4.93
C ASN A 330 30.12 36.41 -4.89
N ARG A 331 29.89 35.54 -5.88
CA ARG A 331 30.56 34.26 -5.99
C ARG A 331 31.22 34.16 -7.35
N VAL A 332 32.50 33.79 -7.36
CA VAL A 332 33.28 33.69 -8.59
C VAL A 332 33.49 32.22 -8.91
N THR A 333 32.96 31.78 -10.05
CA THR A 333 33.12 30.41 -10.50
C THR A 333 33.35 30.40 -12.01
N THR A 334 34.06 29.37 -12.48
CA THR A 334 34.32 29.19 -13.90
C THR A 334 33.26 28.38 -14.62
N THR A 335 32.29 27.82 -13.88
CA THR A 335 31.30 26.92 -14.46
C THR A 335 29.97 27.58 -14.76
N GLY A 336 29.56 28.57 -13.98
CA GLY A 336 28.26 29.19 -14.18
C GLY A 336 28.24 30.24 -15.26
N GLY A 337 28.64 29.86 -16.48
CA GLY A 337 28.66 30.80 -17.58
C GLY A 337 29.84 31.75 -17.59
N GLY A 338 30.82 31.55 -16.72
CA GLY A 338 31.99 32.40 -16.66
C GLY A 338 31.84 33.53 -15.66
N ASN A 339 32.97 34.16 -15.37
CA ASN A 339 33.03 35.30 -14.45
C ASN A 339 33.00 36.57 -15.29
N ASN A 340 31.79 37.08 -15.53
CA ASN A 340 31.58 38.30 -16.30
C ASN A 340 30.96 39.34 -15.36
N LEU A 341 31.81 40.06 -14.65
CA LEU A 341 31.40 41.13 -13.76
C LEU A 341 31.82 42.46 -14.36
N ARG A 342 30.86 43.35 -14.54
CA ARG A 342 31.12 44.67 -15.11
C ARG A 342 30.43 45.74 -14.28
N ASN A 343 31.02 46.93 -14.29
CA ASN A 343 30.31 48.10 -13.79
C ASN A 343 29.24 48.51 -14.80
N ILE A 344 28.05 48.81 -14.29
CA ILE A 344 26.88 49.07 -15.12
C ILE A 344 26.28 50.40 -14.73
N ILE A 345 25.94 51.21 -15.73
CA ILE A 345 25.06 52.36 -15.56
C ILE A 345 23.87 52.16 -16.48
N ALA A 346 22.68 52.11 -15.91
CA ALA A 346 21.45 51.85 -16.65
C ALA A 346 20.63 53.13 -16.71
N LEU A 347 20.27 53.56 -17.92
CA LEU A 347 19.50 54.76 -18.14
C LEU A 347 18.05 54.39 -18.41
N GLN A 348 17.13 55.12 -17.78
CA GLN A 348 15.71 54.87 -17.99
C GLN A 348 15.30 55.19 -19.43
N ASP A 349 15.85 56.26 -20.01
CA ASP A 349 15.41 56.77 -21.31
C ASP A 349 16.30 56.32 -22.46
N LEU A 350 17.18 55.34 -22.24
CA LEU A 350 18.07 54.90 -23.30
C LEU A 350 17.29 54.21 -24.41
N GLY A 351 17.53 54.66 -25.64
CA GLY A 351 16.96 54.03 -26.82
C GLY A 351 15.53 54.40 -27.14
N GLU A 352 14.92 55.32 -26.39
CA GLU A 352 13.50 55.61 -26.56
C GLU A 352 13.28 56.74 -27.56
N ALA A 353 12.36 56.52 -28.48
CA ALA A 353 11.83 57.57 -29.34
C ALA A 353 10.44 57.94 -28.87
N GLN A 354 9.79 58.84 -29.60
CA GLN A 354 8.44 59.24 -29.25
C GLN A 354 7.43 58.18 -29.71
N VAL A 355 6.19 58.32 -29.25
CA VAL A 355 5.12 57.42 -29.63
C VAL A 355 3.94 58.28 -30.10
N SER A 356 3.21 57.78 -31.10
CA SER A 356 2.20 58.60 -31.77
C SER A 356 1.09 59.01 -30.82
N GLY A 357 0.49 58.05 -30.12
CA GLY A 357 -0.63 58.32 -29.24
C GLY A 357 -0.28 58.46 -27.77
N VAL A 358 1.00 58.54 -27.43
CA VAL A 358 1.46 58.58 -26.05
C VAL A 358 2.25 59.86 -25.85
N PRO A 359 1.90 60.70 -24.88
CA PRO A 359 2.71 61.89 -24.60
C PRO A 359 4.10 61.52 -24.11
N ASP A 360 5.04 62.44 -24.36
CA ASP A 360 6.45 62.17 -24.06
C ASP A 360 6.69 62.00 -22.56
N ASN A 361 5.85 62.61 -21.72
CA ASN A 361 6.10 62.61 -20.28
C ASN A 361 6.00 61.23 -19.67
N GLU A 362 5.28 60.29 -20.30
CA GLU A 362 5.22 58.92 -19.82
C GLU A 362 5.91 57.93 -20.75
N VAL A 363 6.71 58.42 -21.68
CA VAL A 363 7.62 57.58 -22.44
C VAL A 363 9.04 57.69 -21.90
N VAL A 364 9.46 58.89 -21.50
CA VAL A 364 10.78 59.14 -20.95
C VAL A 364 10.62 59.96 -19.67
N VAL A 365 11.60 59.84 -18.76
CA VAL A 365 11.58 60.61 -17.53
C VAL A 365 12.33 61.92 -17.61
N ILE A 366 13.04 62.18 -18.71
CA ILE A 366 13.87 63.37 -18.80
C ILE A 366 13.00 64.62 -18.61
N SER A 367 13.51 65.56 -17.81
CA SER A 367 12.72 66.73 -17.44
C SER A 367 12.32 67.55 -18.66
N SER A 368 13.26 67.76 -19.58
CA SER A 368 13.00 68.46 -20.83
C SER A 368 13.44 67.61 -21.99
N THR A 369 12.57 67.45 -22.99
CA THR A 369 12.87 66.69 -24.19
C THR A 369 13.29 67.60 -25.35
N ALA A 370 13.56 68.88 -25.07
CA ALA A 370 13.96 69.82 -26.11
C ALA A 370 15.35 69.45 -26.63
N GLY A 371 15.41 69.01 -27.88
CA GLY A 371 16.66 68.57 -28.46
C GLY A 371 17.08 67.18 -28.07
N PHE A 372 16.26 66.46 -27.30
CA PHE A 372 16.63 65.13 -26.85
C PHE A 372 16.58 64.11 -27.98
N PHE A 373 15.51 64.12 -28.77
CA PHE A 373 15.30 63.14 -29.82
C PHE A 373 15.95 63.58 -31.12
N ASN A 374 16.38 62.59 -31.92
CA ASN A 374 16.99 62.89 -33.21
C ASN A 374 16.51 61.95 -34.31
N ASN A 375 15.41 61.25 -34.11
CA ASN A 375 14.81 60.36 -35.09
C ASN A 375 13.33 60.65 -35.20
N PRO A 376 12.68 60.24 -36.29
CA PRO A 376 11.23 60.42 -36.41
C PRO A 376 10.48 59.80 -35.24
N ILE A 377 9.20 60.18 -35.12
CA ILE A 377 8.44 59.89 -33.91
C ILE A 377 8.39 58.39 -33.64
N ASP A 378 7.79 57.62 -34.56
CA ASP A 378 7.50 56.21 -34.31
C ASP A 378 8.66 55.30 -34.65
N SER A 379 9.89 55.79 -34.60
CA SER A 379 11.05 54.97 -34.93
C SER A 379 11.19 53.83 -33.92
N PRO A 380 11.61 52.65 -34.36
CA PRO A 380 11.83 51.56 -33.41
C PRO A 380 12.97 51.87 -32.45
N THR A 381 12.89 51.27 -31.26
CA THR A 381 13.85 51.59 -30.21
C THR A 381 15.27 51.28 -30.66
N SER A 382 16.18 52.22 -30.42
CA SER A 382 17.54 52.13 -30.92
C SER A 382 18.43 53.09 -30.15
N ASN A 383 19.71 52.75 -30.04
CA ASN A 383 20.67 53.59 -29.35
C ASN A 383 20.68 55.01 -29.92
N THR A 384 20.48 55.14 -31.22
CA THR A 384 20.59 56.42 -31.91
C THR A 384 19.32 57.26 -31.81
N ASN A 385 18.31 56.81 -31.07
CA ASN A 385 17.03 57.51 -31.06
C ASN A 385 17.13 58.87 -30.39
N ASN A 386 17.91 58.99 -29.32
CA ASN A 386 18.00 60.22 -28.56
C ASN A 386 19.46 60.51 -28.21
N LYS A 387 19.67 61.57 -27.45
CA LYS A 387 21.00 62.07 -27.13
C LYS A 387 21.70 61.28 -26.03
N TYR A 388 21.12 60.17 -25.58
CA TYR A 388 21.79 59.27 -24.64
C TYR A 388 22.58 58.18 -25.35
N ASP A 389 22.69 58.26 -26.67
CA ASP A 389 23.41 57.29 -27.48
C ASP A 389 24.82 57.08 -26.92
N PRO A 390 25.15 55.87 -26.45
CA PRO A 390 26.51 55.63 -25.97
C PRO A 390 27.57 55.75 -27.05
N ALA A 391 27.20 55.58 -28.33
CA ALA A 391 28.17 55.72 -29.41
C ALA A 391 28.57 57.16 -29.65
N THR A 392 27.75 58.12 -29.23
CA THR A 392 28.03 59.54 -29.44
C THR A 392 28.33 60.27 -28.14
N ILE A 393 28.83 59.56 -27.13
CA ILE A 393 29.06 60.16 -25.82
C ILE A 393 30.04 61.33 -25.95
N GLY A 394 29.55 62.53 -25.65
CA GLY A 394 30.39 63.72 -25.63
C GLY A 394 31.01 64.12 -26.94
N GLN A 395 30.28 63.97 -28.05
CA GLN A 395 30.85 64.35 -29.34
C GLN A 395 30.68 65.84 -29.63
N ALA A 396 29.45 66.28 -29.90
CA ALA A 396 29.21 67.69 -30.14
C ALA A 396 27.99 68.20 -29.40
N GLY A 397 26.93 67.39 -29.35
CA GLY A 397 25.67 67.80 -28.78
C GLY A 397 25.04 66.70 -27.94
N SER A 398 25.88 65.76 -27.52
CA SER A 398 25.43 64.67 -26.67
C SER A 398 25.02 65.19 -25.30
N PHE A 399 24.16 64.42 -24.64
CA PHE A 399 23.75 64.73 -23.28
C PHE A 399 24.65 64.07 -22.23
N LEU A 400 25.70 63.37 -22.67
CA LEU A 400 26.58 62.64 -21.76
C LEU A 400 28.03 62.99 -22.04
N ASN A 401 28.84 63.02 -20.97
CA ASN A 401 30.28 63.17 -21.07
C ASN A 401 30.95 61.82 -20.85
N SER A 402 32.28 61.81 -20.96
CA SER A 402 33.04 60.60 -20.64
C SER A 402 32.94 60.24 -19.17
N ASN A 403 32.59 61.20 -18.30
CA ASN A 403 32.40 60.91 -16.89
C ASN A 403 31.29 59.91 -16.64
N ILE A 404 30.40 59.72 -17.62
CA ILE A 404 29.36 58.70 -17.50
C ILE A 404 29.94 57.30 -17.43
N ARG A 405 31.19 57.12 -17.86
CA ARG A 405 31.81 55.80 -17.87
C ARG A 405 32.32 55.39 -16.50
N GLU A 406 32.46 56.31 -15.56
CA GLU A 406 33.03 56.02 -14.24
C GLU A 406 31.94 56.09 -13.18
N ILE A 407 32.01 55.17 -12.22
CA ILE A 407 31.02 55.12 -11.15
C ILE A 407 31.16 56.32 -10.24
N VAL A 408 32.39 56.78 -10.01
CA VAL A 408 32.62 57.89 -9.09
C VAL A 408 32.06 59.19 -9.66
N THR A 409 32.23 59.40 -10.97
CA THR A 409 31.79 60.63 -11.62
C THR A 409 30.55 60.41 -12.48
N ALA A 410 29.72 59.42 -12.12
CA ALA A 410 28.56 59.08 -12.94
C ALA A 410 27.56 60.23 -13.03
N LYS A 411 27.29 60.89 -11.90
CA LYS A 411 26.31 61.97 -11.90
C LYS A 411 26.78 63.14 -12.75
N SER A 412 28.07 63.49 -12.67
CA SER A 412 28.62 64.56 -13.48
C SER A 412 28.69 64.20 -14.96
N GLY A 413 28.46 62.95 -15.32
CA GLY A 413 28.46 62.51 -16.70
C GLY A 413 27.26 62.94 -17.51
N PHE A 414 26.30 63.66 -16.90
CA PHE A 414 25.14 64.18 -17.60
C PHE A 414 25.34 65.66 -17.89
N ASN A 415 24.98 66.07 -19.10
CA ASN A 415 25.05 67.47 -19.49
C ASN A 415 23.82 68.26 -19.09
N ASN A 416 22.75 67.60 -18.63
CA ASN A 416 21.55 68.27 -18.19
C ASN A 416 21.58 68.49 -16.68
N THR A 417 20.59 69.23 -16.19
CA THR A 417 20.57 69.67 -14.80
C THR A 417 19.79 68.72 -13.90
N ASN A 418 18.52 68.50 -14.20
CA ASN A 418 17.64 67.75 -13.29
C ASN A 418 17.74 66.24 -13.58
N VAL A 419 18.85 65.67 -13.12
CA VAL A 419 19.11 64.24 -13.24
C VAL A 419 19.30 63.67 -11.84
N SER A 420 18.58 62.60 -11.53
CA SER A 420 18.59 62.01 -10.20
C SER A 420 19.26 60.64 -10.22
N GLU A 421 19.91 60.30 -9.11
CA GLU A 421 20.73 59.09 -9.02
C GLU A 421 19.91 57.81 -9.11
N ALA A 422 18.59 57.88 -8.94
CA ALA A 422 17.75 56.69 -9.03
C ALA A 422 16.58 56.82 -9.99
N THR A 423 16.31 58.00 -10.53
CA THR A 423 15.23 58.19 -11.49
C THR A 423 15.72 58.07 -12.93
N ASP A 424 16.68 58.93 -13.31
CA ASP A 424 17.19 58.92 -14.68
C ASP A 424 18.16 57.77 -14.91
N TYR A 425 18.85 57.31 -13.87
CA TYR A 425 19.84 56.26 -14.04
C TYR A 425 20.02 55.51 -12.73
N SER A 426 20.65 54.34 -12.84
CA SER A 426 21.07 53.56 -11.69
C SER A 426 22.46 53.00 -11.98
N VAL A 427 23.20 52.70 -10.92
CA VAL A 427 24.58 52.25 -11.05
C VAL A 427 24.78 50.99 -10.23
N LEU A 428 25.55 50.05 -10.78
CA LEU A 428 26.02 48.87 -10.08
C LEU A 428 27.51 48.70 -10.33
N GLU A 429 28.23 48.20 -9.33
CA GLU A 429 29.68 48.10 -9.44
C GLU A 429 30.16 46.73 -9.89
N ASN A 430 29.47 45.65 -9.52
CA ASN A 430 29.89 44.31 -9.90
C ASN A 430 28.69 43.51 -10.40
N ALA A 431 27.90 44.13 -11.27
CA ALA A 431 26.67 43.50 -11.75
C ALA A 431 26.98 42.16 -12.43
N ARG A 432 26.15 41.17 -12.15
CA ARG A 432 26.33 39.83 -12.70
C ARG A 432 25.42 39.66 -13.90
N LYS A 433 25.97 39.11 -14.98
CA LYS A 433 25.18 38.79 -16.16
C LYS A 433 24.42 37.49 -15.92
N LEU A 434 23.11 37.54 -16.15
CA LEU A 434 22.28 36.35 -16.02
C LEU A 434 22.62 35.35 -17.13
N THR A 435 22.59 34.07 -16.79
CA THR A 435 22.78 33.04 -17.80
C THR A 435 21.47 32.76 -18.52
N THR A 436 21.57 32.08 -19.67
CA THR A 436 20.40 31.84 -20.49
C THR A 436 19.38 30.95 -19.82
N ASN A 437 19.77 30.19 -18.80
CA ASN A 437 18.82 29.36 -18.05
C ASN A 437 18.09 30.15 -16.97
N GLU A 438 18.50 31.39 -16.69
CA GLU A 438 17.88 32.20 -15.67
C GLU A 438 16.77 33.11 -16.20
N TYR A 439 16.52 33.09 -17.51
CA TYR A 439 15.46 33.90 -18.09
C TYR A 439 15.12 33.36 -19.46
N THR A 440 13.92 33.68 -19.91
CA THR A 440 13.49 33.49 -21.29
C THR A 440 13.04 34.83 -21.84
N PHE A 441 12.85 34.89 -23.16
CA PHE A 441 12.31 36.10 -23.75
C PHE A 441 11.51 35.75 -24.99
N ASN A 442 10.54 36.61 -25.30
CA ASN A 442 9.76 36.48 -26.52
C ASN A 442 10.50 37.24 -27.62
N PRO A 443 11.03 36.55 -28.64
CA PRO A 443 11.81 37.25 -29.66
C PRO A 443 10.97 38.10 -30.60
N GLN A 444 9.66 37.91 -30.63
CA GLN A 444 8.78 38.70 -31.49
C GLN A 444 8.13 39.88 -30.77
N LEU A 445 7.72 39.69 -29.52
CA LEU A 445 7.00 40.72 -28.79
C LEU A 445 7.89 41.55 -27.88
N GLY A 446 9.17 41.23 -27.79
CA GLY A 446 10.12 42.06 -27.07
C GLY A 446 9.92 42.20 -25.57
N TYR A 447 9.68 41.08 -24.88
CA TYR A 447 9.64 41.10 -23.43
C TYR A 447 10.39 39.90 -22.89
N ILE A 448 10.77 39.99 -21.61
CA ILE A 448 11.57 38.97 -20.95
C ILE A 448 10.84 38.48 -19.72
N SER A 449 11.10 37.22 -19.36
CA SER A 449 10.54 36.58 -18.18
C SER A 449 11.68 35.98 -17.38
N LEU A 450 11.84 36.44 -16.14
CA LEU A 450 12.92 35.96 -15.28
C LEU A 450 12.50 34.68 -14.56
N GLN A 451 13.48 33.82 -14.30
CA GLN A 451 13.21 32.64 -13.49
C GLN A 451 12.90 33.04 -12.05
N GLN A 452 13.64 33.99 -11.50
CA GLN A 452 13.42 34.49 -10.15
C GLN A 452 12.89 35.91 -10.23
N ARG A 453 11.81 36.19 -9.50
CA ARG A 453 11.20 37.50 -9.51
C ARG A 453 12.01 38.48 -8.64
N LEU A 454 11.96 39.75 -9.02
CA LEU A 454 12.65 40.82 -8.30
C LEU A 454 11.64 41.57 -7.43
N ALA A 455 11.29 40.96 -6.31
CA ALA A 455 10.33 41.54 -5.37
C ALA A 455 10.97 42.53 -4.42
N ASN A 456 12.25 42.86 -4.61
CA ASN A 456 13.00 43.70 -3.70
C ASN A 456 13.62 44.84 -4.49
N ASP A 457 14.61 45.49 -3.90
CA ASP A 457 15.28 46.66 -4.47
C ASP A 457 16.29 46.31 -5.58
N GLU A 458 16.25 45.12 -6.18
CA GLU A 458 17.24 44.79 -7.19
C GLU A 458 17.07 45.66 -8.43
N ILE A 459 18.17 45.82 -9.16
CA ILE A 459 18.21 46.63 -10.38
C ILE A 459 18.30 45.69 -11.58
N LEU A 460 17.46 45.93 -12.58
CA LEU A 460 17.47 45.15 -13.82
C LEU A 460 17.92 46.05 -14.96
N ALA A 461 18.93 45.60 -15.71
CA ALA A 461 19.43 46.34 -16.85
C ALA A 461 19.63 45.37 -18.02
N VAL A 462 19.42 45.86 -19.24
CA VAL A 462 19.51 45.02 -20.41
C VAL A 462 20.28 45.72 -21.52
N ALA A 463 20.85 44.91 -22.40
CA ALA A 463 21.26 45.31 -23.73
C ALA A 463 20.69 44.30 -24.70
N PHE A 464 20.14 44.77 -25.81
CA PHE A 464 19.58 43.82 -26.75
C PHE A 464 19.75 44.31 -28.18
N GLU A 465 19.77 43.36 -29.09
CA GLU A 465 19.92 43.59 -30.51
C GLU A 465 18.84 42.79 -31.24
N TYR A 466 18.10 43.46 -32.11
CA TYR A 466 17.03 42.81 -32.85
C TYR A 466 17.07 43.26 -34.30
N THR A 467 16.33 42.54 -35.14
CA THR A 467 16.29 42.80 -36.56
C THR A 467 14.86 43.04 -37.00
N VAL A 468 14.68 44.02 -37.88
CA VAL A 468 13.45 44.24 -38.61
C VAL A 468 13.80 44.09 -40.08
N GLY A 469 13.49 42.93 -40.66
CA GLY A 469 13.88 42.66 -42.03
C GLY A 469 15.39 42.72 -42.16
N GLY A 470 15.86 43.59 -43.05
CA GLY A 470 17.28 43.80 -43.25
C GLY A 470 17.91 44.87 -42.39
N LYS A 471 17.19 45.40 -41.41
CA LYS A 471 17.71 46.45 -40.53
C LYS A 471 18.01 45.86 -39.15
N VAL A 472 19.10 46.32 -38.55
CA VAL A 472 19.54 45.84 -37.25
C VAL A 472 19.54 47.01 -36.26
N TYR A 473 18.98 46.79 -35.08
CA TYR A 473 18.92 47.81 -34.04
C TYR A 473 19.51 47.27 -32.75
N GLN A 474 20.22 48.14 -32.03
CA GLN A 474 20.79 47.84 -30.73
C GLN A 474 20.38 48.93 -29.75
N VAL A 475 20.19 48.55 -28.49
CA VAL A 475 19.64 49.47 -27.51
C VAL A 475 20.62 49.68 -26.36
N GLY A 476 21.44 48.69 -26.08
CA GLY A 476 22.42 48.84 -25.02
C GLY A 476 23.85 48.67 -25.47
N GLU A 477 24.72 48.29 -24.55
CA GLU A 477 26.11 47.97 -24.84
C GLU A 477 26.36 46.52 -24.45
N PHE A 478 26.77 45.71 -25.40
CA PHE A 478 27.18 44.35 -25.09
C PHE A 478 28.63 44.34 -24.62
N GLY A 479 29.03 43.24 -24.01
CA GLY A 479 30.42 43.08 -23.60
C GLY A 479 31.39 43.02 -24.76
N SER A 480 30.91 42.71 -25.96
CA SER A 480 31.76 42.62 -27.13
C SER A 480 31.92 43.96 -27.86
N ASP A 481 30.95 44.87 -27.73
CA ASP A 481 31.04 46.16 -28.38
C ASP A 481 31.12 47.33 -27.40
N GLY A 482 31.03 47.07 -26.09
CA GLY A 482 31.13 48.13 -25.12
C GLY A 482 32.59 48.46 -24.80
N VAL A 483 32.75 49.51 -23.98
CA VAL A 483 34.09 49.91 -23.57
C VAL A 483 34.72 48.81 -22.71
N ASP A 484 36.05 48.80 -22.68
CA ASP A 484 36.77 47.84 -21.88
C ASP A 484 36.51 48.08 -20.39
N ALA A 485 36.57 46.99 -19.61
CA ALA A 485 36.32 47.10 -18.19
C ALA A 485 37.36 47.96 -17.49
N THR A 486 38.63 47.80 -17.84
CA THR A 486 39.71 48.50 -17.15
C THR A 486 40.77 48.94 -18.15
N VAL A 487 41.24 50.16 -17.99
CA VAL A 487 42.36 50.72 -18.74
C VAL A 487 43.41 51.17 -17.75
N VAL A 488 44.65 50.73 -17.95
CA VAL A 488 45.74 51.01 -17.02
C VAL A 488 46.78 51.86 -17.72
N THR A 489 47.19 52.95 -17.06
CA THR A 489 48.24 53.83 -17.57
C THR A 489 49.40 53.81 -16.60
N GLY A 490 50.60 53.53 -17.10
CA GLY A 490 51.79 53.46 -16.28
C GLY A 490 52.38 52.05 -16.26
N ASN A 491 53.47 51.93 -15.52
CA ASN A 491 54.24 50.68 -15.48
C ASN A 491 54.32 50.05 -14.10
N ASN A 492 54.28 50.83 -13.02
CA ASN A 492 54.36 50.30 -11.68
C ASN A 492 53.29 50.94 -10.80
N SER A 493 53.01 50.29 -9.67
CA SER A 493 51.85 50.66 -8.85
C SER A 493 51.96 52.05 -8.25
N SER A 494 53.16 52.64 -8.21
CA SER A 494 53.30 53.98 -7.64
C SER A 494 52.79 55.07 -8.58
N ASN A 495 52.92 54.86 -9.89
CA ASN A 495 52.48 55.85 -10.87
C ASN A 495 51.31 55.37 -11.74
N GLN A 496 50.83 54.15 -11.54
CA GLN A 496 49.77 53.63 -12.39
C GLN A 496 48.43 54.28 -12.05
N ALA A 497 47.63 54.51 -13.08
CA ALA A 497 46.27 55.00 -12.95
C ALA A 497 45.33 53.96 -13.55
N ILE A 498 44.30 53.60 -12.80
CA ILE A 498 43.32 52.59 -13.19
C ILE A 498 42.02 53.29 -13.52
N ILE A 499 41.48 53.04 -14.69
CA ILE A 499 40.19 53.58 -15.11
C ILE A 499 39.26 52.39 -15.31
N THR A 500 38.27 52.28 -14.44
CA THR A 500 37.24 51.25 -14.55
C THR A 500 36.03 51.88 -15.24
N GLN A 501 35.65 51.31 -16.38
CA GLN A 501 34.63 51.91 -17.23
C GLN A 501 33.36 51.08 -17.19
N SER A 502 32.22 51.76 -17.19
CA SER A 502 30.93 51.12 -17.06
C SER A 502 30.28 50.89 -18.42
N LEU A 503 29.51 49.83 -18.51
CA LEU A 503 28.64 49.61 -19.66
C LEU A 503 27.38 50.46 -19.51
N VAL A 504 26.89 51.00 -20.62
CA VAL A 504 25.66 51.77 -20.64
C VAL A 504 24.55 50.84 -21.10
N LEU A 505 23.53 50.68 -20.25
CA LEU A 505 22.45 49.73 -20.49
C LEU A 505 21.11 50.43 -20.34
N LYS A 506 20.05 49.72 -20.71
CA LYS A 506 18.68 50.19 -20.55
C LYS A 506 18.12 49.67 -19.24
N MET A 507 17.63 50.57 -18.41
CA MET A 507 17.04 50.21 -17.13
C MET A 507 15.63 49.66 -17.34
N LEU A 508 15.36 48.48 -16.77
CA LEU A 508 14.03 47.91 -16.74
C LEU A 508 13.39 47.94 -15.37
N LYS A 509 14.18 47.80 -14.30
CA LYS A 509 13.71 47.96 -12.93
C LYS A 509 14.73 48.77 -12.16
N SER A 510 14.25 49.78 -11.44
CA SER A 510 15.14 50.70 -10.74
C SER A 510 15.38 50.25 -9.30
N ASN A 511 16.35 50.90 -8.67
CA ASN A 511 16.66 50.63 -7.28
C ASN A 511 15.50 50.98 -6.37
N LEU A 512 14.86 52.13 -6.60
CA LEU A 512 13.74 52.60 -5.81
C LEU A 512 12.47 52.56 -6.67
N THR A 513 11.39 52.04 -6.10
CA THR A 513 10.14 51.89 -6.83
C THR A 513 9.43 53.23 -6.94
N ASN A 514 9.12 53.64 -8.16
CA ASN A 514 8.35 54.84 -8.43
C ASN A 514 7.34 54.48 -9.51
N VAL A 515 6.08 54.26 -9.11
CA VAL A 515 5.05 53.86 -10.06
C VAL A 515 4.68 54.95 -11.04
N LYS A 516 5.10 56.20 -10.79
CA LYS A 516 4.83 57.29 -11.70
C LYS A 516 5.82 57.40 -12.85
N ASN A 517 6.95 56.70 -12.77
CA ASN A 517 7.92 56.75 -13.84
C ASN A 517 7.58 55.74 -14.94
N PRO A 518 7.93 56.05 -16.19
CA PRO A 518 7.67 55.09 -17.28
C PRO A 518 8.34 53.75 -17.10
N VAL A 519 9.45 53.66 -16.36
CA VAL A 519 10.11 52.38 -16.16
C VAL A 519 9.20 51.41 -15.41
N TRP A 520 8.29 51.92 -14.58
CA TRP A 520 7.33 51.07 -13.90
C TRP A 520 6.39 50.39 -14.88
N ASN A 521 6.04 51.07 -15.98
CA ASN A 521 5.16 50.49 -16.98
C ASN A 521 5.84 49.38 -17.77
N LEU A 522 7.16 49.28 -17.72
CA LEU A 522 7.85 48.19 -18.41
C LEU A 522 7.55 46.84 -17.78
N MET A 523 7.24 46.82 -16.48
CA MET A 523 6.87 45.58 -15.82
C MET A 523 5.49 45.14 -16.29
N MET A 524 5.41 43.92 -16.82
CA MET A 524 4.17 43.41 -17.36
C MET A 524 3.23 42.97 -16.25
N LYS A 525 1.94 43.28 -16.42
CA LYS A 525 0.91 42.90 -15.45
C LYS A 525 -0.22 42.11 -16.11
N ASN A 526 0.03 41.54 -17.28
CA ASN A 526 -0.95 40.74 -18.01
C ASN A 526 -0.55 39.27 -18.08
N VAL A 527 0.41 38.85 -17.27
CA VAL A 527 0.89 37.47 -17.25
C VAL A 527 0.47 36.84 -15.93
N TYR A 528 -0.17 35.68 -16.01
CA TYR A 528 -0.68 34.97 -14.85
C TYR A 528 -0.06 33.59 -14.79
N GLN A 529 0.55 33.26 -13.67
CA GLN A 529 1.14 31.94 -13.47
C GLN A 529 0.06 30.99 -12.99
N ILE A 530 -0.22 29.96 -13.79
CA ILE A 530 -1.15 28.91 -13.39
C ILE A 530 -0.50 28.13 -12.26
N PRO A 531 -1.15 28.03 -11.10
CA PRO A 531 -0.49 27.40 -9.94
C PRO A 531 -0.13 25.95 -10.20
N GLN A 532 1.09 25.59 -9.82
CA GLN A 532 1.64 24.24 -9.89
C GLN A 532 1.78 23.73 -11.33
N ALA A 533 1.48 24.54 -12.32
CA ALA A 533 1.47 24.10 -13.71
C ALA A 533 2.83 24.33 -14.35
N TYR A 534 3.36 23.27 -14.97
CA TYR A 534 4.69 23.34 -15.60
C TYR A 534 4.62 23.08 -17.10
N GLN A 535 4.05 21.96 -17.53
CA GLN A 535 4.12 21.60 -18.95
C GLN A 535 2.73 21.47 -19.55
N ILE A 536 1.88 22.48 -19.33
CA ILE A 536 0.51 22.43 -19.83
C ILE A 536 0.51 22.25 -21.34
N LYS A 537 -0.50 21.54 -21.82
CA LYS A 537 -0.68 21.29 -23.25
C LYS A 537 -2.14 21.55 -23.62
N GLN A 538 -2.36 21.79 -24.91
CA GLN A 538 -3.73 21.92 -25.40
C GLN A 538 -4.47 20.61 -25.24
N ASP A 539 -5.80 20.71 -25.15
CA ASP A 539 -6.73 19.60 -24.87
C ASP A 539 -6.62 19.19 -23.40
N ASP A 540 -5.69 19.79 -22.67
CA ASP A 540 -5.54 19.53 -21.24
C ASP A 540 -5.49 20.84 -20.47
N PHE A 541 -6.10 21.89 -20.99
CA PHE A 541 -6.10 23.19 -20.34
C PHE A 541 -7.40 23.92 -20.67
N ARG A 542 -8.16 24.27 -19.64
CA ARG A 542 -9.38 25.05 -19.77
C ARG A 542 -9.25 26.30 -18.92
N LEU A 543 -9.64 27.44 -19.49
CA LEU A 543 -9.62 28.72 -18.81
C LEU A 543 -10.85 29.52 -19.18
N ASN A 544 -11.48 30.12 -18.18
CA ASN A 544 -12.63 30.98 -18.38
C ASN A 544 -12.48 32.21 -17.48
N ILE A 545 -13.12 33.29 -17.87
CA ILE A 545 -13.17 34.52 -17.09
C ILE A 545 -14.60 34.73 -16.64
N LEU A 546 -14.78 34.93 -15.33
CA LEU A 546 -16.09 35.14 -14.75
C LEU A 546 -16.09 36.40 -13.91
N TYR A 547 -17.28 36.94 -13.68
CA TYR A 547 -17.48 38.06 -12.77
C TYR A 547 -18.22 37.54 -11.55
N THR A 548 -17.61 37.69 -10.38
CA THR A 548 -18.15 37.16 -9.13
C THR A 548 -18.61 38.33 -8.27
N ASP A 549 -19.89 38.66 -8.36
CA ASP A 549 -20.47 39.77 -7.59
C ASP A 549 -21.91 39.42 -7.21
N PRO A 550 -22.09 38.48 -6.27
CA PRO A 550 -21.09 37.64 -5.62
C PRO A 550 -20.87 36.30 -6.33
N SER A 551 -21.85 35.84 -7.11
CA SER A 551 -21.84 34.56 -7.81
C SER A 551 -21.04 34.67 -9.12
N PRO A 552 -20.44 33.57 -9.58
CA PRO A 552 -19.68 33.61 -10.84
C PRO A 552 -20.61 33.66 -12.05
N ILE A 553 -20.50 34.72 -12.81
CA ILE A 553 -21.29 34.92 -14.02
C ILE A 553 -20.33 35.28 -15.15
N ASN A 554 -20.52 34.65 -16.31
CA ASN A 554 -19.60 34.80 -17.43
C ASN A 554 -20.04 35.88 -18.42
N TYR A 555 -20.77 36.88 -17.94
CA TYR A 555 -21.04 38.08 -18.74
C TYR A 555 -21.12 39.27 -17.80
N ILE A 556 -21.14 40.45 -18.38
CA ILE A 556 -21.09 41.71 -17.64
C ILE A 556 -22.37 42.48 -17.95
N THR A 557 -23.03 42.99 -16.90
CA THR A 557 -24.26 43.75 -17.03
C THR A 557 -24.03 45.22 -16.73
N PRO A 558 -24.71 46.13 -17.42
CA PRO A 558 -24.52 47.56 -17.16
C PRO A 558 -25.11 47.98 -15.82
N VAL A 559 -24.56 49.07 -15.30
CA VAL A 559 -25.08 49.64 -14.05
C VAL A 559 -26.52 50.08 -14.25
N GLN A 560 -27.33 49.91 -13.22
CA GLN A 560 -28.74 50.28 -13.29
C GLN A 560 -28.90 51.75 -13.66
N GLY A 561 -29.80 52.02 -14.59
CA GLY A 561 -29.97 53.36 -15.11
C GLY A 561 -28.99 53.75 -16.20
N SER A 562 -28.31 52.78 -16.80
CA SER A 562 -27.34 53.06 -17.85
C SER A 562 -27.29 51.86 -18.79
N SER A 563 -26.52 52.00 -19.86
CA SER A 563 -26.39 50.93 -20.84
C SER A 563 -24.99 50.95 -21.44
N PHE A 564 -24.63 49.85 -22.07
CA PHE A 564 -23.35 49.74 -22.75
C PHE A 564 -23.37 50.57 -24.03
N PRO A 565 -22.20 50.91 -24.58
CA PRO A 565 -22.16 51.73 -25.79
C PRO A 565 -22.97 51.13 -26.92
N PRO A 566 -23.75 51.93 -27.63
CA PRO A 566 -24.61 51.39 -28.67
C PRO A 566 -23.89 51.15 -29.98
N ASN A 567 -24.36 50.15 -30.72
CA ASN A 567 -23.82 49.79 -32.03
C ASN A 567 -22.31 49.61 -32.02
N PRO A 568 -21.78 48.70 -31.21
CA PRO A 568 -20.34 48.50 -31.17
C PRO A 568 -19.85 47.65 -32.33
N ALA A 569 -18.55 47.71 -32.56
CA ALA A 569 -17.93 46.82 -33.53
C ALA A 569 -18.00 45.39 -33.02
N PRO A 570 -18.04 44.40 -33.92
CA PRO A 570 -18.16 43.00 -33.48
C PRO A 570 -17.04 42.56 -32.56
N ASP A 571 -15.87 43.20 -32.64
CA ASP A 571 -14.74 42.87 -31.77
C ASP A 571 -14.77 43.65 -30.46
N SER A 572 -15.79 44.46 -30.21
CA SER A 572 -15.88 45.28 -29.00
C SER A 572 -17.21 45.09 -28.28
N LYS A 573 -17.93 44.01 -28.55
CA LYS A 573 -19.22 43.77 -27.91
C LYS A 573 -19.04 43.46 -26.44
N VAL A 574 -19.93 44.02 -25.62
CA VAL A 574 -19.96 43.77 -24.18
C VAL A 574 -21.29 43.18 -23.74
N GLU A 575 -22.40 43.70 -24.26
CA GLU A 575 -23.73 43.24 -23.87
C GLU A 575 -23.94 41.79 -24.29
N GLN A 576 -24.30 40.94 -23.32
CA GLN A 576 -24.57 39.52 -23.56
C GLN A 576 -23.40 38.82 -24.23
N THR A 577 -22.19 39.18 -23.82
CA THR A 577 -20.98 38.64 -24.41
C THR A 577 -20.19 37.86 -23.37
N PRO A 578 -19.77 36.64 -23.67
CA PRO A 578 -18.90 35.92 -22.73
C PRO A 578 -17.61 36.68 -22.48
N LEU A 579 -17.14 36.61 -21.23
CA LEU A 579 -15.99 37.41 -20.83
C LEU A 579 -14.71 37.00 -21.53
N LEU A 580 -14.65 35.78 -22.08
CA LEU A 580 -13.49 35.42 -22.90
C LEU A 580 -13.40 36.29 -24.14
N ASN A 581 -14.55 36.57 -24.77
CA ASN A 581 -14.56 37.45 -25.93
C ASN A 581 -14.34 38.91 -25.53
N VAL A 582 -14.83 39.31 -24.35
CA VAL A 582 -14.66 40.69 -23.90
C VAL A 582 -13.19 41.03 -23.72
N PHE A 583 -12.41 40.09 -23.19
CA PHE A 583 -11.00 40.31 -22.93
C PHE A 583 -10.10 39.76 -24.03
N ASN A 584 -10.64 39.57 -25.23
CA ASN A 584 -9.86 39.23 -26.43
C ASN A 584 -9.05 37.95 -26.23
N LEU A 585 -9.71 36.92 -25.68
CA LEU A 585 -9.08 35.63 -25.47
C LEU A 585 -9.77 34.51 -26.23
N ASP A 586 -10.84 34.79 -26.96
CA ASP A 586 -11.57 33.75 -27.70
C ASP A 586 -12.02 34.36 -29.04
N ARG A 587 -11.18 34.20 -30.06
CA ARG A 587 -11.55 34.57 -31.42
C ARG A 587 -11.26 33.46 -32.42
N LEU A 588 -10.63 32.37 -32.01
CA LEU A 588 -10.27 31.26 -32.87
C LEU A 588 -11.04 30.00 -32.49
N ASN A 589 -11.06 29.05 -33.41
CA ASN A 589 -11.66 27.75 -33.15
C ASN A 589 -10.61 26.80 -32.58
N TYR A 590 -10.91 25.51 -32.57
CA TYR A 590 -9.98 24.53 -32.01
C TYR A 590 -8.66 24.54 -32.77
N ASN A 591 -8.71 24.67 -34.10
CA ASN A 591 -7.51 24.66 -34.93
C ASN A 591 -6.86 26.03 -35.03
N ASN A 592 -7.19 26.94 -34.11
CA ASN A 592 -6.63 28.29 -34.07
C ASN A 592 -6.93 29.08 -35.34
N ASP A 593 -8.03 28.75 -36.01
CA ASP A 593 -8.50 29.54 -37.14
C ASP A 593 -9.57 30.52 -36.68
N PRO A 594 -9.58 31.72 -37.23
CA PRO A 594 -10.57 32.72 -36.80
C PRO A 594 -11.99 32.22 -36.99
N GLN A 595 -12.85 32.55 -36.02
CA GLN A 595 -14.27 32.23 -36.06
C GLN A 595 -15.04 33.47 -35.65
N ALA A 596 -16.29 33.55 -36.12
CA ALA A 596 -17.09 34.77 -35.98
C ALA A 596 -17.10 35.30 -34.55
N GLY A 597 -17.61 34.49 -33.63
CA GLY A 597 -17.67 34.91 -32.24
C GLY A 597 -16.87 34.01 -31.31
N GLY A 598 -15.86 33.34 -31.87
CA GLY A 598 -15.10 32.36 -31.12
C GLY A 598 -15.84 31.05 -30.99
N ASP A 599 -15.14 30.06 -30.43
CA ASP A 599 -15.72 28.76 -30.19
C ASP A 599 -16.11 28.54 -28.73
N GLY A 600 -15.99 29.57 -27.89
CA GLY A 600 -16.28 29.44 -26.48
C GLY A 600 -15.15 28.93 -25.63
N PHE A 601 -13.95 28.77 -26.19
CA PHE A 601 -12.81 28.20 -25.48
C PHE A 601 -11.61 29.13 -25.57
N PHE A 602 -10.75 29.04 -24.57
CA PHE A 602 -9.56 29.88 -24.51
C PHE A 602 -8.66 29.62 -25.72
N ASP A 603 -8.19 30.69 -26.36
CA ASP A 603 -7.30 30.57 -27.51
C ASP A 603 -5.90 30.18 -27.02
N TYR A 604 -5.45 29.00 -27.41
CA TYR A 604 -4.20 28.43 -26.93
C TYR A 604 -3.16 28.59 -28.04
N ILE A 605 -2.35 29.64 -27.93
CA ILE A 605 -1.26 29.89 -28.88
C ILE A 605 0.05 29.86 -28.13
N PRO A 606 0.89 28.83 -28.32
CA PRO A 606 2.06 28.64 -27.45
C PRO A 606 3.05 29.78 -27.43
N GLY A 607 2.92 30.78 -28.30
CA GLY A 607 3.85 31.89 -28.27
C GLY A 607 3.21 33.22 -27.96
N VAL A 608 1.89 33.25 -27.85
CA VAL A 608 1.17 34.51 -27.70
C VAL A 608 0.38 34.52 -26.39
N THR A 609 -0.55 33.58 -26.24
CA THR A 609 -1.45 33.57 -25.09
C THR A 609 -1.00 32.65 -23.97
N VAL A 610 -0.14 31.68 -24.25
CA VAL A 610 0.29 30.71 -23.24
C VAL A 610 1.79 30.51 -23.33
N ASP A 611 2.45 30.50 -22.17
CA ASP A 611 3.84 30.11 -22.06
C ASP A 611 3.85 28.65 -21.63
N VAL A 612 4.12 27.75 -22.58
CA VAL A 612 3.88 26.33 -22.37
C VAL A 612 4.84 25.76 -21.34
N GLN A 613 6.13 26.10 -21.46
CA GLN A 613 7.14 25.47 -20.62
C GLN A 613 6.99 25.85 -19.15
N ASN A 614 6.37 26.99 -18.85
CA ASN A 614 6.26 27.47 -17.48
C ASN A 614 4.82 27.56 -16.99
N GLY A 615 3.85 27.14 -17.79
CA GLY A 615 2.45 27.16 -17.36
C GLY A 615 1.92 28.54 -17.07
N ARG A 616 2.15 29.48 -17.98
CA ARG A 616 1.73 30.86 -17.81
C ARG A 616 0.76 31.26 -18.92
N VAL A 617 -0.20 32.11 -18.57
CA VAL A 617 -1.19 32.61 -19.50
C VAL A 617 -0.98 34.11 -19.66
N ILE A 618 -0.89 34.57 -20.90
CA ILE A 618 -0.63 35.97 -21.21
C ILE A 618 -1.81 36.52 -22.00
N PHE A 619 -2.39 37.61 -21.51
CA PHE A 619 -3.46 38.27 -22.23
C PHE A 619 -2.90 38.96 -23.48
N THR A 620 -3.77 39.13 -24.48
CA THR A 620 -3.37 39.74 -25.74
C THR A 620 -3.24 41.25 -25.65
N THR A 621 -3.63 41.85 -24.54
CA THR A 621 -3.42 43.27 -24.28
C THR A 621 -2.60 43.43 -23.01
N LYS A 622 -1.85 44.52 -22.93
CA LYS A 622 -0.97 44.71 -21.78
C LYS A 622 -1.76 45.01 -20.51
N GLU A 623 -2.92 45.65 -20.62
CA GLU A 623 -3.80 45.91 -19.48
C GLU A 623 -5.21 45.46 -19.84
N PRO A 624 -5.49 44.16 -19.79
CA PRO A 624 -6.83 43.68 -20.17
C PRO A 624 -7.94 44.22 -19.29
N PHE A 625 -7.74 44.25 -17.99
CA PHE A 625 -8.75 44.70 -17.04
C PHE A 625 -8.68 46.20 -16.80
N GLY A 626 -7.83 46.90 -17.54
CA GLY A 626 -7.73 48.34 -17.47
C GLY A 626 -8.22 49.03 -18.73
N GLU A 627 -7.28 49.39 -19.60
CA GLU A 627 -7.62 50.19 -20.78
C GLU A 627 -8.50 49.43 -21.76
N LEU A 628 -8.37 48.10 -21.85
CA LEU A 628 -9.17 47.36 -22.83
C LEU A 628 -10.65 47.42 -22.51
N ILE A 629 -11.03 47.09 -21.27
CA ILE A 629 -12.43 47.14 -20.89
C ILE A 629 -12.90 48.59 -20.81
N PHE A 630 -12.00 49.52 -20.52
CA PHE A 630 -12.34 50.94 -20.58
C PHE A 630 -12.75 51.35 -21.99
N ASN A 631 -11.98 50.91 -22.99
CA ASN A 631 -12.28 51.25 -24.37
C ASN A 631 -13.56 50.56 -24.84
N LYS A 632 -13.79 49.32 -24.40
CA LYS A 632 -15.04 48.65 -24.76
C LYS A 632 -16.25 49.30 -24.12
N LEU A 633 -16.07 50.03 -23.02
CA LEU A 633 -17.15 50.72 -22.33
C LEU A 633 -17.20 52.21 -22.64
N GLN A 634 -16.30 52.71 -23.49
CA GLN A 634 -16.26 54.14 -23.78
C GLN A 634 -17.45 54.54 -24.63
N THR A 635 -18.07 55.68 -24.28
CA THR A 635 -19.19 56.21 -25.02
C THR A 635 -18.90 57.55 -25.69
N GLY A 636 -17.81 58.22 -25.33
CA GLY A 636 -17.48 59.49 -25.93
C GLY A 636 -16.03 59.86 -25.69
N ALA A 637 -15.58 60.87 -26.44
CA ALA A 637 -14.20 61.32 -26.34
C ALA A 637 -13.90 62.04 -25.03
N GLY A 638 -14.93 62.45 -24.28
CA GLY A 638 -14.71 63.09 -23.00
C GLY A 638 -14.16 62.15 -21.94
N GLU A 639 -14.30 60.84 -22.14
CA GLU A 639 -13.75 59.87 -21.20
C GLU A 639 -12.30 59.59 -21.53
N SER A 640 -11.43 59.73 -20.52
CA SER A 640 -10.01 59.48 -20.67
C SER A 640 -9.59 58.42 -19.67
N TYR A 641 -8.84 57.43 -20.14
CA TYR A 641 -8.44 56.32 -19.27
C TYR A 641 -7.54 56.79 -18.13
N ASN A 642 -6.70 57.79 -18.39
CA ASN A 642 -5.79 58.29 -17.36
C ASN A 642 -6.42 59.31 -16.44
N ASP A 643 -7.70 59.65 -16.64
CA ASP A 643 -8.43 60.59 -15.80
C ASP A 643 -9.66 59.88 -15.23
N PRO A 644 -9.55 59.26 -14.06
CA PRO A 644 -10.69 58.51 -13.51
C PRO A 644 -11.90 59.37 -13.16
N THR A 645 -11.76 60.68 -13.10
CA THR A 645 -12.90 61.56 -12.82
C THR A 645 -13.86 61.70 -13.99
N THR A 646 -13.51 61.19 -15.17
CA THR A 646 -14.34 61.32 -16.35
C THR A 646 -15.05 60.03 -16.72
N TYR A 647 -15.00 59.00 -15.88
CA TYR A 647 -15.59 57.70 -16.21
C TYR A 647 -17.11 57.81 -16.27
N ASN A 648 -17.72 56.96 -17.09
CA ASN A 648 -19.14 57.02 -17.39
C ASN A 648 -19.98 56.09 -16.53
N ALA A 649 -19.52 55.77 -15.32
CA ALA A 649 -20.26 55.01 -14.30
C ALA A 649 -20.38 53.53 -14.64
N ASN A 650 -20.02 53.14 -15.87
CA ASN A 650 -19.78 51.73 -16.17
C ASN A 650 -18.30 51.43 -16.08
N GLN A 651 -17.47 52.38 -16.52
CA GLN A 651 -16.04 52.33 -16.28
C GLN A 651 -15.71 52.55 -14.80
N GLN A 652 -16.62 53.19 -14.05
CA GLN A 652 -16.38 53.42 -12.64
C GLN A 652 -16.45 52.16 -11.80
N LYS A 653 -17.05 51.08 -12.33
CA LYS A 653 -17.17 49.85 -11.58
C LYS A 653 -16.43 48.67 -12.21
N TYR A 654 -16.05 48.76 -13.49
CA TYR A 654 -15.43 47.63 -14.17
C TYR A 654 -13.97 47.84 -14.52
N VAL A 655 -13.48 49.08 -14.54
CA VAL A 655 -12.11 49.36 -14.94
C VAL A 655 -11.22 49.30 -13.71
N PHE A 656 -10.31 48.34 -13.68
CA PHE A 656 -9.33 48.20 -12.60
C PHE A 656 -8.02 48.88 -13.02
N ARG A 657 -8.08 50.21 -13.08
CA ARG A 657 -6.90 50.98 -13.47
C ARG A 657 -5.81 50.88 -12.40
N ASN A 658 -6.20 50.85 -11.13
CA ASN A 658 -5.24 50.88 -10.03
C ASN A 658 -4.36 49.65 -9.98
N MET A 659 -4.79 48.51 -10.53
CA MET A 659 -3.92 47.34 -10.55
C MET A 659 -2.81 47.47 -11.59
N TYR A 660 -2.86 48.49 -12.45
CA TYR A 660 -1.78 48.77 -13.39
C TYR A 660 -1.01 50.04 -13.06
N ARG A 661 -1.65 51.02 -12.42
CA ARG A 661 -0.98 52.25 -12.04
C ARG A 661 -0.41 52.22 -10.63
N ASN A 662 -0.71 51.18 -9.86
CA ASN A 662 -0.25 51.04 -8.49
C ASN A 662 0.33 49.66 -8.30
N THR A 663 1.01 49.47 -7.16
CA THR A 663 1.46 48.15 -6.77
C THR A 663 0.27 47.29 -6.31
N GLN A 664 0.51 46.00 -6.19
CA GLN A 664 -0.55 45.09 -5.77
C GLN A 664 -1.04 45.41 -4.36
N ALA A 665 -0.10 45.68 -3.45
CA ALA A 665 -0.49 46.10 -2.10
C ALA A 665 -1.21 47.44 -2.14
N GLY A 666 -0.77 48.36 -3.00
CA GLY A 666 -1.49 49.60 -3.17
C GLY A 666 -2.85 49.39 -3.81
N ALA A 667 -2.95 48.49 -4.77
CA ALA A 667 -4.22 48.19 -5.41
C ALA A 667 -5.19 47.47 -4.48
N LEU A 668 -4.69 46.92 -3.36
CA LEU A 668 -5.59 46.34 -2.37
C LEU A 668 -6.60 47.35 -1.85
N GLN A 669 -6.25 48.64 -1.83
CA GLN A 669 -7.16 49.66 -1.32
C GLN A 669 -8.37 49.87 -2.21
N ASP A 670 -8.32 49.43 -3.48
CA ASP A 670 -9.46 49.48 -4.38
C ASP A 670 -10.14 48.11 -4.33
N SER A 671 -10.95 47.90 -3.30
CA SER A 671 -11.45 46.56 -2.98
C SER A 671 -12.55 46.11 -3.94
N ASP A 672 -13.29 47.04 -4.52
CA ASP A 672 -14.45 46.68 -5.33
C ASP A 672 -14.11 46.34 -6.77
N LYS A 673 -12.84 46.43 -7.16
CA LYS A 673 -12.45 46.20 -8.55
C LYS A 673 -11.92 44.79 -8.80
N ASN A 674 -11.56 44.05 -7.76
CA ASN A 674 -10.95 42.72 -7.93
C ASN A 674 -12.02 41.63 -7.94
N LYS A 675 -12.91 41.72 -8.93
CA LYS A 675 -14.02 40.79 -9.06
C LYS A 675 -13.92 39.89 -10.28
N PHE A 676 -12.99 40.14 -11.19
CA PHE A 676 -12.81 39.26 -12.34
C PHE A 676 -11.96 38.07 -11.96
N LEU A 677 -12.46 36.87 -12.25
CA LEU A 677 -11.86 35.62 -11.81
C LEU A 677 -11.47 34.78 -13.02
N LEU A 678 -10.20 34.38 -13.06
CA LEU A 678 -9.71 33.41 -14.03
C LEU A 678 -9.85 32.02 -13.39
N ARG A 679 -10.82 31.26 -13.86
CA ARG A 679 -11.10 29.93 -13.32
C ARG A 679 -10.82 28.89 -14.38
N GLY A 680 -10.13 27.82 -14.01
CA GLY A 680 -9.88 26.80 -15.00
C GLY A 680 -9.33 25.54 -14.40
N LYS A 681 -8.84 24.68 -15.29
CA LYS A 681 -8.23 23.43 -14.86
C LYS A 681 -7.19 23.01 -15.89
N TYR A 682 -6.25 22.18 -15.42
CA TYR A 682 -5.27 21.58 -16.31
C TYR A 682 -5.05 20.14 -15.89
N LYS A 683 -4.77 19.29 -16.88
CA LYS A 683 -4.62 17.87 -16.68
C LYS A 683 -3.14 17.49 -16.76
N SER A 684 -2.66 16.77 -15.75
CA SER A 684 -1.27 16.34 -15.67
C SER A 684 -1.24 14.82 -15.71
N SER A 685 -0.66 14.26 -16.77
CA SER A 685 -0.54 12.82 -16.91
C SER A 685 0.90 12.35 -16.79
N GLY A 686 1.80 12.86 -17.64
CA GLY A 686 3.20 12.50 -17.56
C GLY A 686 3.48 11.10 -18.08
N SER A 687 3.01 10.09 -17.36
CA SER A 687 3.19 8.69 -17.74
C SER A 687 1.85 7.97 -17.59
N ASN A 688 1.84 6.70 -17.96
CA ASN A 688 0.63 5.90 -17.87
C ASN A 688 0.24 5.66 -16.42
N GLY A 689 -1.07 5.70 -16.16
CA GLY A 689 -1.58 5.52 -14.82
C GLY A 689 -1.93 6.85 -14.16
N ILE A 690 -2.96 6.83 -13.32
CA ILE A 690 -3.41 8.02 -12.62
C ILE A 690 -2.52 8.25 -11.40
N PRO A 691 -1.84 9.39 -11.31
CA PRO A 691 -1.08 9.71 -10.10
C PRO A 691 -2.02 10.24 -9.02
N ILE A 692 -2.17 9.45 -7.94
CA ILE A 692 -3.13 9.80 -6.89
C ILE A 692 -2.54 10.68 -5.82
N GLY A 693 -1.30 11.15 -6.00
CA GLY A 693 -0.71 12.11 -5.09
C GLY A 693 -0.24 11.58 -3.76
N ALA A 694 -0.21 10.26 -3.59
CA ALA A 694 0.29 9.65 -2.37
C ALA A 694 1.12 8.42 -2.71
N PHE A 695 2.04 8.09 -1.81
CA PHE A 695 2.91 6.94 -1.96
C PHE A 695 2.67 5.96 -0.82
N ASN A 696 2.87 4.68 -1.11
CA ASN A 696 2.67 3.60 -0.14
C ASN A 696 1.27 3.67 0.47
N VAL A 697 0.28 3.73 -0.41
CA VAL A 697 -1.13 3.75 0.02
C VAL A 697 -1.47 2.41 0.65
N PRO A 698 -2.21 2.39 1.76
CA PRO A 698 -2.63 1.10 2.33
C PRO A 698 -3.49 0.31 1.36
N GLN A 699 -3.30 -1.01 1.38
CA GLN A 699 -4.08 -1.89 0.52
C GLN A 699 -5.55 -1.89 0.95
N GLY A 700 -6.44 -1.88 -0.04
CA GLY A 700 -7.86 -1.89 0.23
C GLY A 700 -8.47 -0.55 0.56
N SER A 701 -7.71 0.54 0.45
CA SER A 701 -8.22 1.87 0.74
C SER A 701 -8.55 2.67 -0.51
N VAL A 702 -8.37 2.09 -1.70
CA VAL A 702 -8.60 2.80 -2.95
C VAL A 702 -10.01 2.50 -3.45
N VAL A 703 -10.78 3.55 -3.69
CA VAL A 703 -12.12 3.45 -4.26
C VAL A 703 -12.16 4.28 -5.53
N VAL A 704 -12.63 3.68 -6.62
CA VAL A 704 -12.70 4.33 -7.93
C VAL A 704 -14.16 4.40 -8.35
N THR A 705 -14.62 5.61 -8.67
CA THR A 705 -16.00 5.84 -9.09
C THR A 705 -15.99 6.51 -10.45
N ALA A 706 -16.67 5.90 -11.42
CA ALA A 706 -16.66 6.43 -12.78
C ALA A 706 -17.72 7.51 -12.98
N ALA A 707 -18.99 7.14 -12.88
CA ALA A 707 -20.10 8.07 -13.11
C ALA A 707 -21.18 7.86 -12.07
N GLY A 708 -20.77 7.70 -10.82
CA GLY A 708 -21.68 7.35 -9.74
C GLY A 708 -21.68 5.89 -9.37
N ARG A 709 -20.96 5.05 -10.12
CA ARG A 709 -20.84 3.63 -9.82
C ARG A 709 -19.42 3.30 -9.40
N VAL A 710 -19.29 2.36 -8.47
CA VAL A 710 -17.98 1.97 -7.96
C VAL A 710 -17.41 0.87 -8.85
N LEU A 711 -16.17 1.06 -9.29
CA LEU A 711 -15.51 0.09 -10.15
C LEU A 711 -14.92 -1.05 -9.32
N VAL A 712 -14.53 -2.11 -10.01
CA VAL A 712 -14.00 -3.32 -9.40
C VAL A 712 -12.48 -3.32 -9.55
N GLU A 713 -11.77 -3.65 -8.47
CA GLU A 713 -10.32 -3.53 -8.41
C GLU A 713 -9.60 -4.55 -9.29
N GLY A 714 -10.30 -5.54 -9.84
CA GLY A 714 -9.64 -6.53 -10.66
C GLY A 714 -10.02 -6.46 -12.12
N ILE A 715 -11.14 -5.80 -12.42
CA ILE A 715 -11.70 -5.77 -13.78
C ILE A 715 -11.55 -4.39 -14.40
N ASP A 716 -12.14 -3.37 -13.77
CA ASP A 716 -12.16 -2.04 -14.36
C ASP A 716 -10.87 -1.27 -14.17
N TYR A 717 -10.08 -1.58 -13.14
CA TYR A 717 -8.86 -0.85 -12.87
C TYR A 717 -7.91 -1.72 -12.08
N SER A 718 -6.65 -1.29 -12.04
CA SER A 718 -5.62 -1.91 -11.23
C SER A 718 -4.87 -0.83 -10.46
N VAL A 719 -4.31 -1.20 -9.31
CA VAL A 719 -3.61 -0.27 -8.44
C VAL A 719 -2.20 -0.79 -8.21
N ASP A 720 -1.21 0.04 -8.51
CA ASP A 720 0.17 -0.17 -8.10
C ASP A 720 0.38 0.73 -6.88
N TYR A 721 0.45 0.10 -5.70
CA TYR A 721 0.31 0.84 -4.45
C TYR A 721 1.57 1.61 -4.07
N GLN A 722 2.75 1.04 -4.32
CA GLN A 722 3.98 1.68 -3.88
C GLN A 722 4.21 3.01 -4.60
N LEU A 723 3.94 3.05 -5.90
CA LEU A 723 4.09 4.29 -6.67
C LEU A 723 2.84 5.14 -6.67
N GLY A 724 1.75 4.66 -6.09
CA GLY A 724 0.51 5.41 -6.09
C GLY A 724 -0.06 5.61 -7.48
N ARG A 725 -0.10 4.54 -8.28
CA ARG A 725 -0.59 4.60 -9.64
C ARG A 725 -1.89 3.81 -9.76
N VAL A 726 -2.86 4.38 -10.47
CA VAL A 726 -4.12 3.71 -10.76
C VAL A 726 -4.29 3.67 -12.28
N GLN A 727 -4.37 2.46 -12.83
CA GLN A 727 -4.51 2.26 -14.26
C GLN A 727 -5.91 1.77 -14.57
N ILE A 728 -6.65 2.54 -15.36
CA ILE A 728 -8.01 2.16 -15.74
C ILE A 728 -7.94 1.08 -16.82
N LEU A 729 -8.62 -0.04 -16.58
CA LEU A 729 -8.57 -1.18 -17.49
C LEU A 729 -9.79 -1.31 -18.39
N ASP A 730 -10.91 -0.67 -18.03
CA ASP A 730 -12.12 -0.78 -18.84
C ASP A 730 -11.92 -0.06 -20.16
N PRO A 731 -12.04 -0.75 -21.31
CA PRO A 731 -11.82 -0.08 -22.59
C PRO A 731 -12.80 1.06 -22.86
N SER A 732 -14.04 0.92 -22.43
CA SER A 732 -15.05 1.94 -22.68
C SER A 732 -14.84 3.18 -21.82
N LEU A 733 -14.34 2.99 -20.58
CA LEU A 733 -14.10 4.12 -19.71
C LEU A 733 -12.87 4.92 -20.12
N GLN A 734 -11.90 4.27 -20.75
CA GLN A 734 -10.69 4.98 -21.17
C GLN A 734 -11.00 6.02 -22.24
N ALA A 735 -11.79 5.65 -23.24
CA ALA A 735 -12.18 6.57 -24.31
C ALA A 735 -13.56 7.17 -24.04
N SER A 736 -13.69 7.84 -22.90
CA SER A 736 -15.02 8.28 -22.46
C SER A 736 -15.09 9.77 -22.15
N ASN A 737 -13.99 10.34 -21.66
CA ASN A 737 -13.91 11.68 -21.09
C ASN A 737 -14.68 11.79 -19.78
N THR A 738 -15.22 10.69 -19.27
CA THR A 738 -15.95 10.74 -18.01
C THR A 738 -15.00 11.01 -16.86
N PRO A 739 -15.29 11.97 -15.98
CA PRO A 739 -14.41 12.22 -14.83
C PRO A 739 -14.45 11.05 -13.85
N ILE A 740 -13.28 10.56 -13.48
CA ILE A 740 -13.12 9.42 -12.60
C ILE A 740 -12.61 9.91 -11.26
N GLU A 741 -13.30 9.55 -10.19
CA GLU A 741 -12.95 9.98 -8.84
C GLU A 741 -12.23 8.85 -8.12
N VAL A 742 -11.05 9.15 -7.59
CA VAL A 742 -10.24 8.17 -6.86
C VAL A 742 -10.10 8.66 -5.42
N SER A 743 -10.57 7.85 -4.49
CA SER A 743 -10.43 8.11 -3.06
C SER A 743 -9.44 7.12 -2.48
N LEU A 744 -8.66 7.58 -1.51
CA LEU A 744 -7.62 6.74 -0.94
C LEU A 744 -7.28 7.23 0.47
N GLU A 745 -6.54 6.40 1.19
CA GLU A 745 -5.97 6.79 2.47
C GLU A 745 -4.49 7.12 2.28
N ASN A 746 -4.08 8.25 2.84
CA ASN A 746 -2.72 8.74 2.71
C ASN A 746 -2.09 8.77 4.10
N ASN A 747 -0.99 8.04 4.27
CA ASN A 747 -0.23 8.05 5.50
C ASN A 747 0.83 9.16 5.53
N SER A 748 1.08 9.82 4.40
CA SER A 748 2.13 10.84 4.32
C SER A 748 1.59 12.18 4.81
N ILE A 749 1.29 12.23 6.11
CA ILE A 749 0.75 13.40 6.74
C ILE A 749 1.57 13.73 7.98
N PHE A 750 1.62 15.01 8.33
CA PHE A 750 2.35 15.47 9.49
C PHE A 750 1.68 16.71 10.04
N GLY A 751 1.87 16.95 11.33
CA GLY A 751 1.26 18.10 11.97
C GLY A 751 -0.24 18.07 12.05
N GLN A 752 -0.84 16.88 11.96
CA GLN A 752 -2.28 16.75 12.04
C GLN A 752 -2.73 16.40 13.44
N GLN A 753 -3.98 16.72 13.73
CA GLN A 753 -4.55 16.39 15.04
C GLN A 753 -4.75 14.89 15.18
N THR A 754 -4.76 14.43 16.42
CA THR A 754 -5.07 13.03 16.69
C THR A 754 -6.52 12.74 16.31
N ARG A 755 -6.73 11.64 15.59
CA ARG A 755 -8.06 11.22 15.16
C ARG A 755 -8.39 9.91 15.85
N ARG A 756 -9.48 9.88 16.61
CA ARG A 756 -9.96 8.68 17.25
C ARG A 756 -11.11 8.12 16.42
N PHE A 757 -10.98 6.85 16.03
CA PHE A 757 -11.95 6.16 15.19
C PHE A 757 -12.48 4.97 15.97
N MET A 758 -13.78 4.96 16.24
CA MET A 758 -14.38 3.85 16.97
C MET A 758 -15.69 3.48 16.31
N GLY A 759 -16.20 2.31 16.67
CA GLY A 759 -17.50 1.90 16.19
C GLY A 759 -17.66 0.39 16.23
N PHE A 760 -18.76 -0.05 15.62
CA PHE A 760 -19.07 -1.47 15.55
C PHE A 760 -19.89 -1.73 14.29
N ASN A 761 -19.88 -2.99 13.86
CA ASN A 761 -20.58 -3.43 12.67
C ASN A 761 -21.27 -4.75 12.96
N ILE A 762 -22.53 -4.87 12.57
CA ILE A 762 -23.31 -6.09 12.72
C ILE A 762 -23.49 -6.70 11.34
N GLU A 763 -23.45 -8.03 11.26
CA GLU A 763 -23.46 -8.75 9.98
C GLU A 763 -24.39 -9.95 10.03
N HIS A 764 -25.65 -9.74 10.44
CA HIS A 764 -26.58 -10.85 10.59
C HIS A 764 -26.83 -11.54 9.25
N LYS A 765 -26.90 -12.87 9.29
CA LYS A 765 -27.11 -13.69 8.09
C LYS A 765 -28.53 -14.25 8.15
N ILE A 766 -29.43 -13.67 7.35
CA ILE A 766 -30.82 -14.12 7.35
C ILE A 766 -30.94 -15.50 6.72
N SER A 767 -30.24 -15.74 5.61
CA SER A 767 -30.29 -17.00 4.90
C SER A 767 -28.98 -17.18 4.14
N ASP A 768 -28.92 -18.22 3.31
CA ASP A 768 -27.71 -18.50 2.54
C ASP A 768 -27.41 -17.43 1.50
N LYS A 769 -28.38 -16.56 1.19
CA LYS A 769 -28.20 -15.54 0.16
C LYS A 769 -28.74 -14.19 0.60
N PHE A 770 -28.73 -13.91 1.91
CA PHE A 770 -29.29 -12.67 2.42
C PHE A 770 -28.55 -12.28 3.69
N VAL A 771 -27.93 -11.10 3.68
CA VAL A 771 -27.17 -10.59 4.82
C VAL A 771 -27.62 -9.15 5.10
N ILE A 772 -27.77 -8.81 6.38
CA ILE A 772 -28.16 -7.46 6.79
C ILE A 772 -27.16 -6.94 7.80
N GLY A 773 -26.79 -5.66 7.66
CA GLY A 773 -25.78 -5.07 8.50
C GLY A 773 -26.21 -3.73 9.05
N GLY A 774 -25.60 -3.38 10.20
CA GLY A 774 -26.00 -2.23 10.97
C GLY A 774 -24.88 -1.30 11.43
N THR A 775 -23.93 -1.01 10.55
CA THR A 775 -22.71 -0.28 10.93
C THR A 775 -23.01 0.99 11.71
N TYR A 776 -22.11 1.30 12.64
CA TYR A 776 -22.09 2.55 13.41
C TYR A 776 -20.63 2.94 13.61
N LEU A 777 -20.31 4.20 13.35
CA LEU A 777 -18.94 4.68 13.38
C LEU A 777 -18.90 6.10 13.93
N LYS A 778 -17.77 6.44 14.56
CA LYS A 778 -17.59 7.75 15.16
C LYS A 778 -16.13 8.16 15.03
N MET A 779 -15.89 9.35 14.49
CA MET A 779 -14.56 9.93 14.45
C MET A 779 -14.56 11.22 15.27
N THR A 780 -13.59 11.32 16.18
CA THR A 780 -13.39 12.54 16.97
C THR A 780 -11.97 13.04 16.78
N GLU A 781 -11.83 14.31 16.43
CA GLU A 781 -10.53 14.94 16.31
C GLU A 781 -10.20 15.67 17.59
N ARG A 782 -8.98 15.49 18.09
CA ARG A 782 -8.54 16.18 19.29
C ARG A 782 -7.79 17.43 18.88
N PRO A 783 -8.34 18.63 19.11
CA PRO A 783 -7.62 19.85 18.71
C PRO A 783 -6.36 20.05 19.54
N PHE A 784 -5.40 20.74 18.93
CA PHE A 784 -4.13 21.02 19.61
C PHE A 784 -4.36 21.89 20.84
N THR A 785 -5.18 22.94 20.70
CA THR A 785 -5.53 23.80 21.82
C THR A 785 -7.05 23.94 21.89
N GLN A 786 -7.53 24.83 22.76
CA GLN A 786 -8.96 25.08 22.87
C GLN A 786 -9.47 26.06 21.84
N LYS A 787 -8.59 26.66 21.03
CA LYS A 787 -8.96 27.64 20.02
C LYS A 787 -8.79 27.00 18.64
N SER A 788 -9.89 26.82 17.93
CA SER A 788 -9.87 26.31 16.56
C SER A 788 -9.96 27.49 15.60
N THR A 789 -8.88 27.75 14.89
CA THR A 789 -8.88 28.80 13.89
C THR A 789 -9.56 28.32 12.61
N TYR A 790 -9.96 29.27 11.77
CA TYR A 790 -10.65 28.94 10.54
C TYR A 790 -9.72 28.14 9.62
N GLY A 791 -10.22 27.03 9.10
CA GLY A 791 -9.42 26.16 8.26
C GLY A 791 -8.86 24.97 9.00
N GLN A 792 -8.40 25.20 10.23
CA GLN A 792 -7.86 24.12 11.08
C GLN A 792 -8.91 23.69 12.10
N GLU A 793 -10.01 23.14 11.60
CA GLU A 793 -11.16 22.81 12.42
C GLU A 793 -11.20 21.32 12.73
N SER A 794 -11.63 20.99 13.94
CA SER A 794 -11.80 19.61 14.39
C SER A 794 -13.24 19.18 14.23
N VAL A 795 -13.44 17.88 13.98
CA VAL A 795 -14.77 17.32 13.79
C VAL A 795 -15.03 16.25 14.86
N ASN A 796 -16.31 16.03 15.12
CA ASN A 796 -16.81 15.02 16.05
C ASN A 796 -17.94 14.24 15.41
N ASN A 797 -17.68 13.72 14.22
CA ASN A 797 -18.75 13.20 13.38
C ASN A 797 -19.14 11.77 13.75
N THR A 798 -20.41 11.46 13.58
CA THR A 798 -20.94 10.11 13.75
C THR A 798 -21.71 9.73 12.49
N ILE A 799 -21.58 8.47 12.08
CA ILE A 799 -22.35 7.98 10.94
C ILE A 799 -22.87 6.58 11.27
N PHE A 800 -24.16 6.36 11.02
CA PHE A 800 -24.72 5.04 11.26
C PHE A 800 -25.62 4.67 10.09
N GLY A 801 -25.62 3.39 9.73
CA GLY A 801 -26.39 2.98 8.59
C GLY A 801 -26.74 1.51 8.63
N PHE A 802 -27.59 1.14 7.67
CA PHE A 802 -28.03 -0.24 7.51
C PHE A 802 -27.83 -0.65 6.05
N ASN A 803 -27.54 -1.92 5.85
CA ASN A 803 -27.29 -2.44 4.52
C ASN A 803 -27.91 -3.82 4.37
N GLY A 804 -28.22 -4.18 3.13
CA GLY A 804 -28.76 -5.48 2.80
C GLY A 804 -28.17 -6.00 1.51
N ASN A 805 -27.72 -7.26 1.53
CA ASN A 805 -27.11 -7.91 0.37
C ASN A 805 -27.88 -9.18 0.07
N TYR A 806 -28.39 -9.31 -1.14
CA TYR A 806 -29.14 -10.48 -1.57
C TYR A 806 -28.55 -10.93 -2.91
N SER A 807 -27.82 -12.05 -2.89
CA SER A 807 -27.16 -12.58 -4.08
C SER A 807 -27.74 -13.96 -4.38
N THR A 808 -28.52 -14.05 -5.45
CA THR A 808 -29.16 -15.28 -5.85
C THR A 808 -28.67 -15.72 -7.23
N GLU A 809 -28.98 -16.96 -7.58
CA GLU A 809 -28.69 -17.51 -8.89
C GLU A 809 -29.99 -17.64 -9.66
N VAL A 810 -29.99 -17.19 -10.91
CA VAL A 810 -31.19 -17.21 -11.74
C VAL A 810 -30.96 -18.10 -12.96
N PRO A 811 -31.31 -19.39 -12.89
CA PRO A 811 -31.17 -20.26 -14.07
C PRO A 811 -32.09 -19.85 -15.22
N PHE A 812 -33.13 -19.07 -14.96
CA PHE A 812 -34.02 -18.64 -16.02
C PHE A 812 -33.29 -17.77 -17.03
N LEU A 813 -32.36 -16.92 -16.57
CA LEU A 813 -31.59 -16.10 -17.49
C LEU A 813 -30.69 -16.96 -18.38
N THR A 814 -30.09 -18.01 -17.82
CA THR A 814 -29.30 -18.92 -18.63
C THR A 814 -30.17 -19.66 -19.65
N ARG A 815 -31.37 -20.06 -19.24
CA ARG A 815 -32.29 -20.71 -20.17
C ARG A 815 -32.68 -19.77 -21.31
N LEU A 816 -32.93 -18.50 -20.98
CA LEU A 816 -33.24 -17.51 -22.01
C LEU A 816 -32.06 -17.29 -22.94
N ALA A 817 -30.84 -17.25 -22.39
CA ALA A 817 -29.65 -17.09 -23.21
C ALA A 817 -29.48 -18.26 -24.16
N ASN A 818 -29.80 -19.47 -23.71
CA ASN A 818 -29.70 -20.64 -24.57
C ASN A 818 -30.75 -20.65 -25.68
N LYS A 819 -31.75 -19.79 -25.60
CA LYS A 819 -32.72 -19.63 -26.68
C LYS A 819 -32.25 -18.67 -27.77
N LEU A 820 -31.09 -18.05 -27.59
CA LEU A 820 -30.54 -17.14 -28.57
C LEU A 820 -29.94 -17.91 -29.75
N PRO A 821 -29.82 -17.26 -30.92
CA PRO A 821 -29.46 -17.98 -32.16
C PRO A 821 -28.31 -18.98 -32.06
N ASN A 822 -27.13 -18.56 -31.63
CA ASN A 822 -25.94 -19.40 -31.69
C ASN A 822 -25.29 -19.58 -30.32
N ILE A 823 -26.08 -19.54 -29.26
CA ILE A 823 -25.57 -19.64 -27.89
C ILE A 823 -25.99 -20.99 -27.32
N ASP A 824 -25.02 -21.76 -26.85
CA ASP A 824 -25.23 -23.05 -26.19
C ASP A 824 -24.40 -23.10 -24.91
N THR A 825 -24.47 -22.02 -24.13
CA THR A 825 -23.65 -21.86 -22.95
C THR A 825 -24.23 -22.62 -21.76
N ASP A 826 -23.41 -22.76 -20.72
CA ASP A 826 -23.82 -23.42 -19.49
C ASP A 826 -23.40 -22.69 -18.23
N VAL A 827 -22.73 -21.55 -18.34
CA VAL A 827 -22.28 -20.84 -17.14
C VAL A 827 -23.49 -20.28 -16.40
N PRO A 828 -23.46 -20.24 -15.06
CA PRO A 828 -24.64 -19.77 -14.33
C PRO A 828 -24.86 -18.27 -14.46
N SER A 829 -26.12 -17.89 -14.39
CA SER A 829 -26.53 -16.49 -14.38
C SER A 829 -26.85 -16.07 -12.96
N ASN A 830 -26.38 -14.88 -12.57
CA ASN A 830 -26.46 -14.46 -11.18
C ASN A 830 -27.12 -13.09 -11.08
N LEU A 831 -27.75 -12.84 -9.93
CA LEU A 831 -28.34 -11.55 -9.61
C LEU A 831 -27.89 -11.13 -8.22
N SER A 832 -27.58 -9.85 -8.06
CA SER A 832 -27.15 -9.32 -6.77
C SER A 832 -27.80 -7.97 -6.55
N ILE A 833 -28.45 -7.82 -5.40
CA ILE A 833 -29.12 -6.58 -5.01
C ILE A 833 -28.52 -6.12 -3.69
N ARG A 834 -27.95 -4.92 -3.69
CA ARG A 834 -27.34 -4.34 -2.49
C ARG A 834 -28.02 -3.01 -2.21
N GLY A 835 -28.68 -2.91 -1.06
CA GLY A 835 -29.28 -1.68 -0.61
C GLY A 835 -28.55 -1.16 0.60
N GLU A 836 -28.52 0.17 0.74
CA GLU A 836 -27.87 0.74 1.91
C GLU A 836 -28.44 2.12 2.20
N VAL A 837 -28.56 2.44 3.48
CA VAL A 837 -28.95 3.77 3.94
C VAL A 837 -27.97 4.19 5.03
N ALA A 838 -27.59 5.46 5.01
CA ALA A 838 -26.66 6.00 5.99
C ALA A 838 -27.15 7.36 6.46
N PHE A 839 -26.87 7.64 7.74
CA PHE A 839 -27.22 8.90 8.37
C PHE A 839 -25.97 9.47 9.00
N LEU A 840 -25.66 10.73 8.68
CA LEU A 840 -24.53 11.44 9.25
C LEU A 840 -25.03 12.47 10.24
N ARG A 841 -24.55 12.37 11.49
CA ARG A 841 -24.77 13.37 12.52
C ARG A 841 -23.43 14.01 12.85
N PRO A 842 -23.12 15.17 12.29
CA PRO A 842 -21.84 15.83 12.57
C PRO A 842 -21.91 16.70 13.82
N ASP A 843 -20.73 17.03 14.32
CA ASP A 843 -20.60 17.90 15.49
C ASP A 843 -19.14 18.36 15.58
N ALA A 844 -18.87 19.19 16.56
CA ALA A 844 -17.52 19.62 16.90
C ALA A 844 -17.17 19.13 18.30
N PRO A 845 -15.91 18.81 18.56
CA PRO A 845 -15.53 18.34 19.90
C PRO A 845 -15.73 19.43 20.95
N LYS A 846 -16.08 18.98 22.16
CA LYS A 846 -16.32 19.91 23.26
C LYS A 846 -15.05 20.63 23.69
N ALA A 847 -13.88 20.11 23.34
CA ALA A 847 -12.63 20.77 23.71
C ALA A 847 -12.51 22.14 23.05
N SER A 848 -12.88 22.24 21.78
CA SER A 848 -12.85 23.53 21.08
C SER A 848 -14.20 24.23 21.15
N ASP A 849 -14.72 24.36 22.37
CA ASP A 849 -15.98 25.06 22.62
C ASP A 849 -15.72 26.25 23.52
N PHE A 850 -16.27 27.40 23.17
CA PHE A 850 -16.17 28.60 23.99
C PHE A 850 -17.53 28.87 24.61
N GLN A 851 -17.60 28.75 25.94
CA GLN A 851 -18.82 29.00 26.70
C GLN A 851 -19.98 28.14 26.20
N GLY A 852 -19.69 26.87 25.92
CA GLY A 852 -20.71 25.91 25.57
C GLY A 852 -21.13 25.85 24.13
N GLU A 853 -20.48 26.61 23.24
CA GLU A 853 -20.82 26.65 21.84
C GLU A 853 -19.62 26.27 20.99
N ALA A 854 -19.87 25.52 19.91
CA ALA A 854 -18.83 25.21 18.95
C ALA A 854 -18.33 26.50 18.31
N THR A 855 -17.03 26.76 18.43
CA THR A 855 -16.47 28.06 18.06
C THR A 855 -15.34 27.88 17.06
N ILE A 856 -15.39 28.67 15.99
CA ILE A 856 -14.29 28.78 15.03
C ILE A 856 -13.85 30.23 15.03
N TYR A 857 -12.56 30.45 15.26
CA TYR A 857 -12.01 31.79 15.39
C TYR A 857 -11.64 32.31 14.01
N VAL A 858 -12.37 33.32 13.53
CA VAL A 858 -11.96 34.01 12.31
C VAL A 858 -10.64 34.72 12.53
N ASP A 859 -10.52 35.42 13.66
CA ASP A 859 -9.25 36.04 14.05
C ASP A 859 -9.25 36.26 15.55
N ASP A 860 -8.45 35.47 16.27
CA ASP A 860 -8.19 35.74 17.68
C ASP A 860 -7.13 36.82 17.87
N PHE A 861 -6.49 37.26 16.78
CA PHE A 861 -5.49 38.31 16.73
C PHE A 861 -4.17 37.93 17.39
N GLU A 862 -3.97 36.65 17.72
CA GLU A 862 -2.68 36.23 18.27
C GLU A 862 -1.63 36.03 17.19
N GLY A 863 -2.03 35.96 15.92
CA GLY A 863 -1.11 35.72 14.83
C GLY A 863 -0.69 36.94 14.03
N SER A 864 -1.07 38.14 14.45
CA SER A 864 -0.65 39.34 13.77
C SER A 864 0.64 39.87 14.39
N GLN A 865 1.17 40.94 13.79
CA GLN A 865 2.31 41.69 14.33
C GLN A 865 3.55 40.80 14.48
N SER A 866 4.05 40.35 13.33
CA SER A 866 5.34 39.70 13.29
C SER A 866 6.47 40.73 13.41
N THR A 867 7.56 40.32 14.04
CA THR A 867 8.66 41.21 14.34
C THR A 867 9.92 40.80 13.58
N ILE A 868 10.74 41.81 13.25
CA ILE A 868 12.06 41.61 12.67
C ILE A 868 13.06 42.24 13.64
N ASP A 869 13.94 41.42 14.20
CA ASP A 869 14.86 41.89 15.22
C ASP A 869 15.95 42.78 14.63
N MET A 870 16.26 43.87 15.33
CA MET A 870 17.26 44.83 14.90
C MET A 870 18.37 45.05 15.92
N ARG A 871 18.40 44.29 17.02
CA ARG A 871 19.35 44.55 18.09
C ARG A 871 20.59 43.64 18.00
N SER A 872 20.95 43.21 16.80
CA SER A 872 22.19 42.46 16.60
C SER A 872 23.33 43.46 16.43
N ALA A 873 24.27 43.46 17.38
CA ALA A 873 25.30 44.49 17.42
C ALA A 873 26.20 44.44 16.19
N TYR A 874 26.56 43.23 15.74
CA TYR A 874 27.47 43.11 14.60
C TYR A 874 26.83 43.60 13.30
N ALA A 875 25.51 43.72 13.24
CA ALA A 875 24.85 44.22 12.03
C ALA A 875 24.97 45.74 11.89
N TRP A 876 25.21 46.45 12.98
CA TRP A 876 25.32 47.91 12.93
C TRP A 876 26.75 48.33 12.67
N SER A 877 26.91 49.44 11.96
CA SER A 877 28.21 50.00 11.64
C SER A 877 28.14 51.51 11.77
N LEU A 878 29.31 52.15 11.76
CA LEU A 878 29.38 53.59 11.92
C LEU A 878 28.60 54.30 10.81
N ALA A 879 27.80 55.27 11.20
CA ALA A 879 26.88 55.93 10.29
C ALA A 879 27.53 57.14 9.62
N SER A 880 26.97 57.53 8.48
CA SER A 880 27.31 58.80 7.87
C SER A 880 26.66 59.94 8.64
N THR A 881 27.16 61.15 8.41
CA THR A 881 26.65 62.31 9.11
C THR A 881 25.22 62.61 8.67
N PRO A 882 24.26 62.74 9.59
CA PRO A 882 22.87 62.91 9.20
C PRO A 882 22.43 64.36 9.05
N PHE A 883 21.46 64.56 8.16
CA PHE A 883 20.66 65.78 8.14
C PHE A 883 19.52 65.64 9.15
N ILE A 884 19.12 66.76 9.74
CA ILE A 884 18.16 66.67 10.84
C ILE A 884 16.74 66.99 10.36
N THR A 885 16.53 68.12 9.69
CA THR A 885 15.17 68.54 9.37
C THR A 885 14.84 68.45 7.89
N SER A 886 15.76 68.89 7.04
CA SER A 886 15.61 68.77 5.60
C SER A 886 16.99 68.53 5.00
N ILE A 887 17.04 68.36 3.68
CA ILE A 887 18.31 68.22 2.99
C ILE A 887 19.11 69.51 2.98
N ASN A 888 18.50 70.63 3.39
CA ASN A 888 19.16 71.92 3.41
C ASN A 888 19.62 72.32 4.82
N ASP A 889 19.60 71.39 5.77
CA ASP A 889 19.96 71.67 7.15
C ASP A 889 21.37 71.18 7.42
N ASN A 890 22.27 72.10 7.75
CA ASN A 890 23.64 71.76 8.14
C ASN A 890 23.81 71.80 9.66
N THR A 891 22.99 71.01 10.36
CA THR A 891 23.09 70.97 11.81
C THR A 891 24.36 70.25 12.26
N PHE A 892 24.69 69.13 11.61
CA PHE A 892 25.87 68.35 11.94
C PHE A 892 26.93 68.41 10.83
N ASN A 893 26.84 69.42 9.96
CA ASN A 893 27.77 69.59 8.84
C ASN A 893 27.68 68.45 7.84
N ALA A 894 26.46 67.94 7.61
CA ALA A 894 26.27 66.86 6.65
C ALA A 894 26.44 67.34 5.21
N ASN A 895 26.31 68.65 4.96
CA ASN A 895 26.50 69.20 3.63
C ASN A 895 27.95 69.56 3.34
N SER A 896 28.83 69.52 4.33
CA SER A 896 30.21 69.91 4.13
C SER A 896 30.94 68.90 3.24
N ASN A 897 31.78 69.41 2.35
CA ASN A 897 32.60 68.59 1.47
C ASN A 897 34.05 68.52 1.93
N THR A 898 34.34 68.96 3.14
CA THR A 898 35.68 68.92 3.73
C THR A 898 35.67 68.03 4.96
N LEU A 899 36.78 68.06 5.71
CA LEU A 899 36.84 67.31 6.96
C LEU A 899 35.80 67.78 7.96
N GLU A 900 35.28 69.01 7.80
CA GLU A 900 34.26 69.53 8.69
C GLU A 900 33.01 68.66 8.70
N TYR A 901 32.82 67.85 7.66
CA TYR A 901 31.71 66.90 7.62
C TYR A 901 31.72 65.98 8.84
N GLY A 902 32.89 65.68 9.38
CA GLY A 902 33.01 64.85 10.56
C GLY A 902 33.29 65.57 11.86
N PHE A 903 33.10 66.88 11.92
CA PHE A 903 33.51 67.66 13.08
C PHE A 903 32.58 67.50 14.28
N LYS A 904 31.33 67.13 14.07
CA LYS A 904 30.35 67.04 15.15
C LYS A 904 30.13 65.62 15.63
N ARG A 905 30.94 64.66 15.19
CA ARG A 905 30.75 63.27 15.58
C ARG A 905 31.45 63.01 16.92
N ALA A 906 30.66 62.69 17.93
CA ALA A 906 31.18 62.33 19.24
C ALA A 906 31.32 60.81 19.34
N LYS A 907 31.81 60.32 20.47
CA LYS A 907 32.12 58.90 20.57
C LYS A 907 30.88 58.08 20.87
N LEU A 908 30.76 56.93 20.21
CA LEU A 908 29.64 56.04 20.45
C LEU A 908 30.11 54.60 20.36
N SER A 909 29.78 53.81 21.37
CA SER A 909 30.05 52.38 21.38
C SER A 909 28.74 51.62 21.37
N TRP A 910 28.63 50.62 20.50
CA TRP A 910 27.46 49.77 20.44
C TRP A 910 27.90 48.33 20.55
N TYR A 911 27.24 47.58 21.43
CA TYR A 911 27.74 46.25 21.77
C TYR A 911 26.66 45.45 22.46
N THR A 912 26.97 44.18 22.70
CA THR A 912 26.24 43.34 23.63
C THR A 912 27.25 42.77 24.61
N ILE A 913 27.00 42.94 25.91
CA ILE A 913 27.99 42.55 26.91
C ILE A 913 28.19 41.04 26.85
N ASP A 914 29.45 40.63 26.75
CA ASP A 914 29.78 39.23 26.61
C ASP A 914 29.37 38.47 27.87
N PRO A 915 28.82 37.26 27.74
CA PRO A 915 28.47 36.47 28.94
C PRO A 915 29.67 36.12 29.80
N VAL A 916 30.89 36.19 29.26
CA VAL A 916 32.08 35.93 30.06
C VAL A 916 32.18 36.90 31.22
N PHE A 917 31.60 38.10 31.09
CA PHE A 917 31.61 39.04 32.20
C PHE A 917 30.74 38.57 33.36
N TYR A 918 29.69 37.80 33.07
CA TYR A 918 28.77 37.36 34.10
C TYR A 918 29.05 35.94 34.60
N SER A 919 29.55 35.05 33.75
CA SER A 919 29.70 33.65 34.11
C SER A 919 31.08 33.32 34.66
N SER A 920 32.13 33.86 34.05
CA SER A 920 33.50 33.63 34.48
C SER A 920 34.19 34.99 34.54
N LYS A 921 34.09 35.64 35.69
CA LYS A 921 34.51 37.03 35.84
C LYS A 921 35.97 37.21 35.44
N PRO A 922 36.27 38.05 34.47
CA PRO A 922 37.68 38.30 34.11
C PRO A 922 38.38 39.13 35.17
N SER A 923 39.70 39.08 35.13
CA SER A 923 40.51 39.85 36.07
C SER A 923 40.24 41.34 35.91
N GLY A 924 40.09 42.03 37.03
CA GLY A 924 39.78 43.45 37.03
C GLY A 924 38.31 43.78 37.00
N ILE A 925 37.43 42.79 36.96
CA ILE A 925 35.98 43.01 36.98
C ILE A 925 35.45 42.50 38.30
N SER A 926 34.77 43.35 39.05
CA SER A 926 34.21 43.02 40.34
C SER A 926 32.70 42.83 40.26
N ASN A 927 32.11 42.40 41.38
CA ASN A 927 30.67 42.27 41.44
C ASN A 927 29.97 43.62 41.43
N ASP A 928 30.65 44.67 41.92
CA ASP A 928 30.10 46.02 41.83
C ASP A 928 30.01 46.50 40.39
N ASP A 929 30.98 46.10 39.55
CA ASP A 929 30.95 46.49 38.15
C ASP A 929 29.78 45.87 37.41
N LEU A 930 29.21 44.78 37.92
CA LEU A 930 28.13 44.07 37.26
C LEU A 930 26.75 44.37 37.83
N SER A 931 26.64 45.40 38.68
CA SER A 931 25.35 45.81 39.25
C SER A 931 25.21 47.32 39.08
N LEU A 932 24.79 47.74 37.88
CA LEU A 932 24.69 49.17 37.59
C LEU A 932 23.43 49.58 36.83
N ASN A 933 22.64 48.63 36.31
CA ASN A 933 21.51 48.88 35.40
C ASN A 933 22.02 49.28 34.02
N THR A 934 23.32 49.50 33.89
CA THR A 934 23.97 49.68 32.61
C THR A 934 24.86 48.50 32.24
N THR A 935 25.19 47.65 33.21
CA THR A 935 26.05 46.50 32.98
C THR A 935 25.45 45.18 33.45
N ARG A 936 24.41 45.19 34.27
CA ARG A 936 23.90 43.96 34.87
C ARG A 936 23.22 43.08 33.82
N ARG A 937 23.27 41.78 34.06
CA ARG A 937 22.60 40.83 33.18
C ARG A 937 21.08 40.98 33.30
N ILE A 938 20.40 41.03 32.17
CA ILE A 938 18.94 41.16 32.12
C ILE A 938 18.34 39.79 31.85
N TYR A 939 17.40 39.38 32.69
CA TYR A 939 16.71 38.12 32.52
C TYR A 939 15.36 38.34 31.87
N SER A 940 14.89 37.31 31.15
CA SER A 940 13.61 37.42 30.47
C SER A 940 12.46 37.63 31.44
N ARG A 941 12.52 36.97 32.61
CA ARG A 941 11.44 37.07 33.58
C ARG A 941 11.28 38.48 34.13
N GLU A 942 12.29 39.34 34.00
CA GLU A 942 12.14 40.72 34.43
C GLU A 942 11.42 41.54 33.36
N LEU A 943 11.87 41.43 32.11
CA LEU A 943 11.23 42.17 31.02
C LEU A 943 9.91 41.53 30.59
N TYR A 944 9.84 40.19 30.63
CA TYR A 944 8.66 39.45 30.21
C TYR A 944 8.26 38.49 31.33
N PRO A 945 7.64 39.00 32.40
CA PRO A 945 7.26 38.12 33.51
C PRO A 945 6.20 37.09 33.14
N ASN A 946 5.42 37.31 32.08
CA ASN A 946 4.35 36.41 31.70
C ASN A 946 4.72 35.50 30.54
N THR A 947 5.97 35.50 30.11
CA THR A 947 6.41 34.68 28.99
C THR A 947 7.10 33.43 29.53
N ASP A 948 6.62 32.26 29.11
CA ASP A 948 7.16 31.00 29.56
C ASP A 948 8.33 30.60 28.67
N ILE A 949 9.45 30.24 29.29
CA ILE A 949 10.64 29.76 28.57
C ILE A 949 10.86 28.31 28.97
N ALA A 950 11.08 27.46 27.97
CA ALA A 950 11.35 26.05 28.24
C ALA A 950 12.67 25.91 28.99
N GLN A 951 12.71 24.95 29.92
CA GLN A 951 13.92 24.72 30.71
C GLN A 951 15.07 24.28 29.81
N GLY A 952 16.24 24.88 30.02
CA GLY A 952 17.39 24.62 29.20
C GLY A 952 17.54 25.54 28.00
N GLN A 953 16.57 26.41 27.75
CA GLN A 953 16.65 27.36 26.65
C GLN A 953 17.20 28.69 27.15
N ILE A 954 17.19 29.71 26.30
CA ILE A 954 17.78 31.00 26.63
C ILE A 954 16.85 31.73 27.60
N GLN A 955 17.37 32.06 28.78
CA GLN A 955 16.60 32.73 29.81
C GLN A 955 17.03 34.19 30.02
N VAL A 956 18.08 34.63 29.35
CA VAL A 956 18.58 35.99 29.52
C VAL A 956 18.23 36.80 28.28
N VAL A 957 18.07 38.11 28.46
CA VAL A 957 17.82 39.04 27.37
C VAL A 957 19.13 39.68 26.99
N ASN A 958 19.53 39.52 25.73
CA ASN A 958 20.78 40.08 25.22
C ASN A 958 20.49 41.46 24.65
N THR A 959 20.56 42.46 25.51
CA THR A 959 20.22 43.82 25.10
C THR A 959 21.30 44.42 24.21
N LEU A 960 20.89 45.35 23.36
CA LEU A 960 21.83 46.12 22.55
C LEU A 960 22.15 47.40 23.31
N ASP A 961 23.40 47.53 23.76
CA ASP A 961 23.81 48.66 24.58
C ASP A 961 24.52 49.69 23.70
N LEU A 962 24.07 50.94 23.79
CA LEU A 962 24.70 52.07 23.12
C LEU A 962 25.16 53.04 24.19
N THR A 963 26.48 53.14 24.37
CA THR A 963 27.07 54.10 25.29
C THR A 963 27.60 55.28 24.49
N TYR A 964 27.07 56.46 24.76
CA TYR A 964 27.35 57.66 24.02
C TYR A 964 28.16 58.62 24.88
N TYR A 965 29.28 59.10 24.34
CA TYR A 965 30.12 60.10 24.96
C TYR A 965 30.06 61.35 24.09
N PRO A 966 29.20 62.32 24.40
CA PRO A 966 29.13 63.54 23.60
C PRO A 966 30.33 64.46 23.80
N GLY A 967 31.03 64.35 24.93
CA GLY A 967 32.21 65.13 25.19
C GLY A 967 33.51 64.54 24.69
N GLU A 968 33.46 63.38 24.05
CA GLU A 968 34.65 62.71 23.57
C GLU A 968 34.62 62.62 22.05
N ARG A 969 35.80 62.69 21.45
CA ARG A 969 35.93 62.75 20.01
C ARG A 969 35.58 61.42 19.36
N GLY A 970 34.78 61.48 18.30
CA GLY A 970 34.47 60.30 17.52
C GLY A 970 35.56 60.00 16.51
N PRO A 971 35.43 58.86 15.84
CA PRO A 971 36.42 58.48 14.83
C PRO A 971 36.44 59.47 13.68
N TYR A 972 37.65 59.72 13.16
CA TYR A 972 37.87 60.56 11.99
C TYR A 972 37.33 61.98 12.18
N ASN A 973 37.36 62.46 13.42
CA ASN A 973 36.96 63.82 13.76
C ASN A 973 38.21 64.66 13.94
N ASN A 974 38.41 65.65 13.08
CA ASN A 974 39.57 66.52 13.12
C ASN A 974 39.20 67.94 13.57
N ASN A 975 38.25 68.05 14.48
CA ASN A 975 37.81 69.36 14.94
C ASN A 975 38.91 70.00 15.77
N PRO A 976 39.45 71.16 15.36
CA PRO A 976 40.49 71.80 16.17
C PRO A 976 40.02 72.20 17.55
N SER A 977 38.75 72.57 17.70
CA SER A 977 38.17 72.95 18.98
C SER A 977 36.97 72.04 19.24
N PHE A 978 37.23 70.86 19.79
CA PHE A 978 36.19 69.93 20.18
C PHE A 978 35.93 69.94 21.69
N GLY A 979 36.97 70.14 22.49
CA GLY A 979 36.78 70.22 23.93
C GLY A 979 36.10 71.48 24.39
N ALA A 980 36.15 72.55 23.59
CA ALA A 980 35.49 73.80 23.91
C ALA A 980 34.10 73.91 23.32
N SER A 981 33.67 72.94 22.52
CA SER A 981 32.35 72.96 21.92
C SER A 981 31.30 72.39 22.86
N ASN A 982 30.06 72.71 22.59
CA ASN A 982 28.96 72.19 23.39
C ASN A 982 28.77 70.71 23.11
N PRO A 983 28.85 69.84 24.13
CA PRO A 983 28.66 68.40 23.87
C PRO A 983 27.28 68.06 23.33
N SER A 984 26.26 68.84 23.69
CA SER A 984 24.90 68.54 23.22
C SER A 984 24.73 68.82 21.73
N ALA A 985 25.65 69.56 21.11
CA ALA A 985 25.60 69.81 19.69
C ALA A 985 26.23 68.70 18.86
N ASN A 986 26.80 67.68 19.50
CA ASN A 986 27.39 66.56 18.81
C ASN A 986 26.37 65.46 18.56
N PHE A 987 26.75 64.49 17.74
CA PHE A 987 25.93 63.33 17.46
C PHE A 987 26.77 62.06 17.52
N GLY A 988 26.12 60.95 17.83
CA GLY A 988 26.74 59.65 17.71
C GLY A 988 25.77 58.66 17.08
N GLY A 989 26.12 58.07 15.95
CA GLY A 989 25.14 57.34 15.16
C GLY A 989 25.68 56.06 14.58
N ILE A 990 24.75 55.13 14.35
CA ILE A 990 25.03 53.88 13.66
C ILE A 990 23.95 53.65 12.61
N MET A 991 24.28 52.86 11.60
CA MET A 991 23.31 52.52 10.57
C MET A 991 23.43 51.04 10.23
N ARG A 992 22.49 50.59 9.41
CA ARG A 992 22.26 49.17 9.20
C ARG A 992 21.48 49.01 7.90
N ALA A 993 21.70 47.87 7.25
CA ALA A 993 20.91 47.52 6.07
C ALA A 993 19.72 46.67 6.47
N LEU A 994 18.63 46.81 5.72
CA LEU A 994 17.41 46.06 5.97
C LEU A 994 17.29 44.95 4.95
N ASN A 995 17.02 43.73 5.43
CA ASN A 995 16.91 42.59 4.53
C ASN A 995 15.70 42.73 3.61
N SER A 996 14.55 43.13 4.15
CA SER A 996 13.34 43.35 3.38
C SER A 996 13.14 44.85 3.19
N THR A 997 13.06 45.28 1.93
CA THR A 997 13.04 46.70 1.62
C THR A 997 11.65 47.24 1.27
N ASN A 998 10.70 46.37 0.96
CA ASN A 998 9.35 46.80 0.61
C ASN A 998 8.51 46.81 1.88
N PHE A 999 8.38 47.99 2.49
CA PHE A 999 7.59 48.12 3.71
C PHE A 999 6.10 48.05 3.43
N GLU A 1000 5.67 48.47 2.24
CA GLU A 1000 4.25 48.45 1.91
C GLU A 1000 3.76 47.01 1.71
N GLN A 1001 4.51 46.21 0.95
CA GLN A 1001 4.12 44.82 0.76
C GLN A 1001 4.18 44.04 2.07
N GLY A 1002 5.23 44.26 2.86
CA GLY A 1002 5.34 43.62 4.15
C GLY A 1002 4.46 44.20 5.23
N ASN A 1003 3.86 45.36 4.97
CA ASN A 1003 2.99 46.05 5.93
C ASN A 1003 3.73 46.32 7.25
N VAL A 1004 4.95 46.83 7.13
CA VAL A 1004 5.74 47.21 8.30
C VAL A 1004 5.05 48.40 8.96
N GLU A 1005 4.52 48.20 10.16
CA GLU A 1005 3.66 49.19 10.79
C GLU A 1005 4.39 50.12 11.75
N TYR A 1006 5.32 49.61 12.56
CA TYR A 1006 5.99 50.54 13.46
C TYR A 1006 7.37 50.02 13.87
N ILE A 1007 8.11 50.88 14.56
CA ILE A 1007 9.36 50.54 15.21
C ILE A 1007 9.07 50.38 16.69
N GLN A 1008 9.31 49.20 17.24
CA GLN A 1008 9.04 48.92 18.63
C GLN A 1008 10.35 48.69 19.37
N PHE A 1009 10.50 49.31 20.54
CA PHE A 1009 11.66 48.97 21.34
C PHE A 1009 11.36 49.06 22.84
N TRP A 1010 11.87 48.09 23.57
CA TRP A 1010 11.91 48.09 25.02
C TRP A 1010 13.29 48.57 25.45
N VAL A 1011 13.33 49.65 26.24
CA VAL A 1011 14.58 50.28 26.63
C VAL A 1011 14.56 50.51 28.14
N LEU A 1012 15.73 50.40 28.76
CA LEU A 1012 15.87 50.68 30.17
C LEU A 1012 15.91 52.19 30.41
N ASP A 1013 15.18 52.65 31.40
CA ASP A 1013 15.20 54.07 31.76
C ASP A 1013 16.56 54.41 32.36
N PRO A 1014 17.32 55.33 31.77
CA PRO A 1014 18.66 55.63 32.27
C PRO A 1014 18.72 56.57 33.45
N TYR A 1015 17.58 56.94 34.05
CA TYR A 1015 17.55 57.89 35.15
C TYR A 1015 17.02 57.29 36.45
N VAL A 1016 16.93 55.96 36.56
CA VAL A 1016 16.27 55.31 37.67
C VAL A 1016 17.20 54.38 38.45
N GLY A 1017 18.01 53.59 37.76
CA GLY A 1017 18.73 52.50 38.38
C GLY A 1017 19.92 52.93 39.21
N ASN A 1018 20.80 51.96 39.47
CA ASN A 1018 21.98 52.19 40.30
C ASN A 1018 22.93 53.16 39.62
N GLY A 1019 23.28 52.90 38.37
CA GLY A 1019 24.17 53.77 37.63
C GLY A 1019 23.40 54.80 36.82
N GLU A 1020 22.40 55.42 37.44
CA GLU A 1020 21.52 56.33 36.72
C GLU A 1020 22.26 57.59 36.29
N SER A 1021 21.85 58.12 35.15
CA SER A 1021 22.38 59.37 34.63
C SER A 1021 21.74 60.55 35.35
N PRO A 1022 22.46 61.68 35.47
CA PRO A 1022 21.87 62.88 36.07
C PRO A 1022 20.66 63.35 35.26
N ALA A 1023 19.71 63.95 35.98
CA ALA A 1023 18.46 64.38 35.35
C ALA A 1023 18.70 65.45 34.28
N THR A 1024 19.75 66.25 34.44
CA THR A 1024 20.08 67.28 33.45
C THR A 1024 20.54 66.69 32.12
N ASN A 1025 20.90 65.40 32.09
CA ASN A 1025 21.40 64.76 30.87
C ASN A 1025 20.24 64.20 30.06
N ALA A 1026 19.47 65.13 29.48
CA ALA A 1026 18.37 64.79 28.59
C ALA A 1026 18.81 64.94 27.14
N GLY A 1027 18.20 64.19 26.26
CA GLY A 1027 18.61 64.21 24.88
C GLY A 1027 17.57 63.65 23.93
N LYS A 1028 18.03 63.30 22.74
CA LYS A 1028 17.16 62.80 21.69
C LYS A 1028 17.82 61.62 20.99
N ILE A 1029 16.99 60.66 20.58
CA ILE A 1029 17.41 59.55 19.74
C ILE A 1029 16.62 59.66 18.44
N TYR A 1030 17.31 59.79 17.33
CA TYR A 1030 16.70 59.92 16.02
C TYR A 1030 16.81 58.60 15.27
N PHE A 1031 15.74 58.26 14.55
CA PHE A 1031 15.67 57.11 13.67
C PHE A 1031 15.43 57.60 12.25
N ASN A 1032 16.22 57.09 11.32
CA ASN A 1032 16.10 57.42 9.90
C ASN A 1032 15.81 56.14 9.14
N LEU A 1033 14.76 56.17 8.33
CA LEU A 1033 14.37 55.02 7.52
C LEU A 1033 14.35 55.39 6.05
N GLY A 1034 15.07 54.65 5.23
CA GLY A 1034 15.06 54.91 3.81
C GLY A 1034 16.42 54.84 3.16
N GLU A 1035 16.64 55.62 2.10
CA GLU A 1035 17.93 55.65 1.42
C GLU A 1035 18.85 56.60 2.17
N ILE A 1036 19.85 56.04 2.84
CA ILE A 1036 20.82 56.79 3.60
C ILE A 1036 22.20 56.52 3.01
N SER A 1037 23.00 57.58 2.86
CA SER A 1037 24.29 57.46 2.21
C SER A 1037 25.19 56.47 2.93
N GLU A 1038 25.86 55.63 2.16
CA GLU A 1038 26.85 54.70 2.68
C GLU A 1038 28.25 55.29 2.72
N ASP A 1039 28.43 56.51 2.22
CA ASP A 1039 29.72 57.18 2.23
C ASP A 1039 29.96 57.75 3.62
N VAL A 1040 30.43 56.88 4.51
CA VAL A 1040 30.68 57.27 5.91
C VAL A 1040 31.71 58.39 5.96
N LEU A 1041 32.80 58.23 5.22
CA LEU A 1041 33.78 59.30 5.03
C LEU A 1041 33.50 59.90 3.67
N LYS A 1042 32.76 61.01 3.65
CA LYS A 1042 32.19 61.54 2.42
C LYS A 1042 33.29 62.06 1.50
N ASP A 1043 33.58 61.30 0.45
CA ASP A 1043 34.46 61.77 -0.61
C ASP A 1043 34.02 61.32 -1.99
N GLY A 1044 32.88 60.63 -2.11
CA GLY A 1044 32.45 60.07 -3.37
C GLY A 1044 33.09 58.76 -3.73
N ARG A 1045 33.96 58.21 -2.88
CA ARG A 1045 34.69 56.99 -3.17
C ARG A 1045 34.39 55.95 -2.11
N LYS A 1046 34.24 54.69 -2.54
CA LYS A 1046 33.94 53.59 -1.64
C LYS A 1046 35.23 53.02 -1.08
N GLN A 1047 35.39 53.12 0.24
CA GLN A 1047 36.54 52.54 0.90
C GLN A 1047 36.31 51.06 1.18
N TYR A 1048 37.32 50.24 0.89
CA TYR A 1048 37.34 48.84 1.29
C TYR A 1048 38.78 48.48 1.62
N GLU A 1049 39.02 48.02 2.84
CA GLU A 1049 40.39 47.90 3.32
C GLU A 1049 41.07 46.60 2.91
N ASN A 1050 40.35 45.67 2.28
CA ASN A 1050 41.01 44.51 1.70
C ASN A 1050 41.70 44.83 0.38
N GLY A 1051 41.54 46.05 -0.13
CA GLY A 1051 42.24 46.53 -1.29
C GLY A 1051 43.43 47.43 -1.01
N LEU A 1052 43.71 47.73 0.26
CA LEU A 1052 44.85 48.55 0.61
C LEU A 1052 46.11 47.71 0.67
N GLY A 1053 47.26 48.39 0.74
CA GLY A 1053 48.53 47.73 0.82
C GLY A 1053 49.64 48.48 0.12
N PRO A 1054 50.89 48.24 0.53
CA PRO A 1054 52.02 48.94 -0.09
C PRO A 1054 52.18 48.64 -1.57
N ASP A 1055 51.82 47.44 -2.01
CA ASP A 1055 51.95 47.05 -3.40
C ASP A 1055 50.70 47.34 -4.23
N GLN A 1056 49.70 47.97 -3.64
CA GLN A 1056 48.45 48.24 -4.33
C GLN A 1056 48.43 49.65 -4.91
N VAL A 1057 47.63 49.82 -5.96
CA VAL A 1057 47.47 51.14 -6.58
C VAL A 1057 46.42 51.92 -5.81
N MET A 1058 46.78 53.14 -5.42
CA MET A 1058 45.88 54.04 -4.72
C MET A 1058 45.43 55.16 -5.64
N VAL A 1059 44.38 55.87 -5.21
CA VAL A 1059 43.98 57.08 -5.92
C VAL A 1059 45.11 58.09 -5.83
N ASN A 1060 45.58 58.55 -6.99
CA ASN A 1060 46.83 59.32 -7.03
C ASN A 1060 46.75 60.59 -6.20
N PRO A 1061 45.72 61.44 -6.32
CA PRO A 1061 45.51 62.46 -5.29
C PRO A 1061 44.69 61.90 -4.14
N GLN A 1062 45.21 61.99 -2.92
CA GLN A 1062 44.54 61.38 -1.78
C GLN A 1062 43.18 62.04 -1.56
N PRO A 1063 42.13 61.25 -1.32
CA PRO A 1063 40.76 61.81 -1.22
C PRO A 1063 40.37 62.24 0.20
N LEU A 1064 41.20 63.10 0.81
CA LEU A 1064 40.80 63.94 1.93
C LEU A 1064 40.61 63.20 3.26
N TRP A 1065 40.59 61.87 3.23
CA TRP A 1065 40.50 61.09 4.46
C TRP A 1065 41.65 60.13 4.64
N GLY A 1066 42.43 59.87 3.59
CA GLY A 1066 43.49 58.89 3.65
C GLY A 1066 43.59 58.14 2.33
N ASP A 1067 44.03 56.89 2.40
CA ASP A 1067 44.22 56.10 1.19
C ASP A 1067 42.94 55.37 0.81
N VAL A 1068 42.61 55.41 -0.47
CA VAL A 1068 41.51 54.65 -1.04
C VAL A 1068 42.06 53.82 -2.19
N PRO A 1069 41.81 52.51 -2.22
CA PRO A 1069 42.31 51.70 -3.34
C PRO A 1069 41.72 52.14 -4.66
N ALA A 1070 42.57 52.19 -5.69
CA ALA A 1070 42.14 52.62 -7.02
C ALA A 1070 41.51 51.50 -7.81
N SER A 1071 41.71 50.25 -7.41
CA SER A 1071 41.17 49.12 -8.17
C SER A 1071 39.71 48.87 -7.79
N GLN A 1072 39.01 48.19 -8.70
CA GLN A 1072 37.65 47.76 -8.44
C GLN A 1072 37.65 46.57 -7.48
N SER A 1073 36.84 46.65 -6.43
CA SER A 1073 36.75 45.55 -5.48
C SER A 1073 36.07 44.34 -6.11
N LEU A 1074 36.47 43.16 -5.67
CA LEU A 1074 35.86 41.92 -6.11
C LEU A 1074 35.13 41.20 -4.99
N ILE A 1075 35.83 40.85 -3.91
CA ILE A 1075 35.25 40.16 -2.77
C ILE A 1075 35.67 40.89 -1.50
N TYR A 1076 34.71 41.15 -0.61
CA TYR A 1076 35.01 41.81 0.66
C TYR A 1076 35.54 40.76 1.63
N ALA A 1077 36.82 40.44 1.47
CA ALA A 1077 37.46 39.43 2.31
C ALA A 1077 38.96 39.67 2.34
N PHE A 1078 39.55 39.41 3.49
CA PHE A 1078 40.99 39.38 3.63
C PHE A 1078 41.55 38.03 3.20
N ASP A 1079 42.87 37.98 3.03
CA ASP A 1079 43.57 36.71 3.00
C ASP A 1079 43.97 36.35 4.43
N THR A 1080 44.80 35.31 4.58
CA THR A 1080 45.23 34.89 5.90
C THR A 1080 46.69 35.20 6.18
N ASN A 1081 47.32 36.02 5.35
CA ASN A 1081 48.69 36.45 5.59
C ASN A 1081 48.71 37.52 6.67
N PRO A 1082 49.37 37.30 7.81
CA PRO A 1082 49.36 38.32 8.87
C PRO A 1082 49.98 39.64 8.46
N ASP A 1083 51.00 39.64 7.60
CA ASP A 1083 51.60 40.90 7.16
C ASP A 1083 50.61 41.70 6.31
N ASN A 1084 49.93 41.03 5.37
CA ASN A 1084 48.90 41.71 4.59
C ASN A 1084 47.78 42.22 5.47
N ARG A 1085 47.41 41.44 6.49
CA ARG A 1085 46.38 41.90 7.43
C ARG A 1085 46.83 43.15 8.18
N LYS A 1086 48.08 43.19 8.61
CA LYS A 1086 48.59 44.37 9.30
C LYS A 1086 48.59 45.57 8.37
N ASN A 1087 48.90 45.36 7.09
CA ASN A 1087 48.90 46.47 6.13
C ASN A 1087 47.50 46.85 5.67
N GLN A 1088 46.49 46.02 5.90
CA GLN A 1088 45.16 46.23 5.35
C GLN A 1088 44.12 46.64 6.39
N ASP A 1089 44.16 46.07 7.58
CA ASP A 1089 43.16 46.34 8.61
C ASP A 1089 43.56 47.60 9.38
N VAL A 1090 43.39 48.74 8.70
CA VAL A 1090 43.86 50.03 9.18
C VAL A 1090 42.74 51.04 9.35
N GLY A 1091 41.49 50.63 9.17
CA GLY A 1091 40.35 51.49 9.38
C GLY A 1091 39.78 52.03 8.08
N LEU A 1092 38.67 52.77 8.23
CA LEU A 1092 37.97 53.33 7.08
C LEU A 1092 38.75 54.47 6.43
N ASP A 1093 39.72 55.05 7.11
CA ASP A 1093 40.52 56.10 6.51
C ASP A 1093 41.68 55.56 5.67
N GLY A 1094 42.00 54.27 5.80
CA GLY A 1094 43.06 53.68 5.01
C GLY A 1094 44.46 54.06 5.43
N LEU A 1095 44.64 54.48 6.69
CA LEU A 1095 45.95 54.89 7.18
C LEU A 1095 46.29 54.09 8.43
N PRO A 1096 47.52 53.55 8.53
CA PRO A 1096 47.86 52.69 9.68
C PRO A 1096 48.33 53.44 10.92
N SER A 1097 47.67 54.54 11.28
CA SER A 1097 47.89 55.23 12.55
C SER A 1097 49.27 55.86 12.65
N SER A 1098 50.14 55.61 11.68
CA SER A 1098 51.45 56.25 11.61
C SER A 1098 51.47 57.39 10.59
N ARG A 1099 50.55 57.38 9.64
CA ARG A 1099 50.39 58.43 8.66
C ARG A 1099 49.08 59.19 8.82
N GLU A 1100 48.39 58.99 9.95
CA GLU A 1100 47.12 59.67 10.19
C GLU A 1100 47.31 61.14 10.54
N GLY A 1101 48.46 61.49 11.15
CA GLY A 1101 48.71 62.88 11.48
C GLY A 1101 48.82 63.79 10.28
N SER A 1102 49.15 63.23 9.11
CA SER A 1102 49.17 64.03 7.89
C SER A 1102 47.77 64.53 7.53
N ILE A 1103 46.76 63.68 7.72
CA ILE A 1103 45.38 64.07 7.44
C ILE A 1103 44.73 64.72 8.64
N TYR A 1104 44.77 64.04 9.79
CA TYR A 1104 44.13 64.53 11.01
C TYR A 1104 45.16 65.34 11.79
N THR A 1105 45.36 66.57 11.33
CA THR A 1105 46.49 67.38 11.77
C THR A 1105 46.29 67.92 13.19
N ASN A 1106 45.05 68.12 13.61
CA ASN A 1106 44.77 68.67 14.93
C ASN A 1106 45.03 67.67 16.06
N TYR A 1107 45.30 66.40 15.74
CA TYR A 1107 45.56 65.38 16.73
C TYR A 1107 46.76 64.53 16.35
N ALA A 1108 47.70 65.12 15.58
CA ALA A 1108 48.86 64.38 15.11
C ALA A 1108 49.76 63.93 16.25
N GLY A 1109 49.73 64.65 17.37
CA GLY A 1109 50.57 64.30 18.51
C GLY A 1109 50.09 63.10 19.31
N GLU A 1110 48.88 62.63 19.06
CA GLU A 1110 48.34 61.48 19.77
C GLU A 1110 48.75 60.18 19.09
N ALA A 1111 48.69 59.08 19.86
CA ALA A 1111 49.03 57.78 19.32
C ALA A 1111 48.00 57.33 18.28
N ASP A 1112 46.76 57.80 18.38
CA ASP A 1112 45.70 57.47 17.43
C ASP A 1112 45.06 58.77 16.96
N PRO A 1113 45.68 59.43 15.97
CA PRO A 1113 45.12 60.71 15.51
C PRO A 1113 43.71 60.62 14.96
N ALA A 1114 43.37 59.52 14.28
CA ALA A 1114 42.04 59.38 13.70
C ALA A 1114 40.99 58.90 14.70
N GLY A 1115 41.40 58.41 15.87
CA GLY A 1115 40.47 57.89 16.84
C GLY A 1115 39.71 56.67 16.39
N ASP A 1116 40.37 55.78 15.65
CA ASP A 1116 39.72 54.60 15.07
C ASP A 1116 40.34 53.29 15.54
N ASP A 1117 41.28 53.33 16.48
CA ASP A 1117 41.94 52.12 16.92
C ASP A 1117 40.98 51.21 17.69
N TYR A 1118 41.09 49.92 17.45
CA TYR A 1118 40.25 48.92 18.08
C TYR A 1118 40.94 48.33 19.30
N THR A 1119 40.16 48.05 20.33
CA THR A 1119 40.65 47.35 21.51
C THR A 1119 39.67 46.25 21.89
N TYR A 1120 40.18 45.05 22.11
CA TYR A 1120 39.37 43.95 22.60
C TYR A 1120 38.93 44.23 24.03
N TYR A 1121 37.68 43.87 24.34
CA TYR A 1121 37.13 44.20 25.65
C TYR A 1121 37.81 43.43 26.78
N LEU A 1122 38.41 42.28 26.49
CA LEU A 1122 39.21 41.58 27.49
C LEU A 1122 40.66 42.04 27.51
N ASN A 1123 41.06 42.87 26.55
CA ASN A 1123 42.40 43.45 26.51
C ASN A 1123 42.44 44.86 27.11
N ALA A 1124 41.31 45.36 27.58
CA ALA A 1124 41.23 46.69 28.17
C ALA A 1124 41.11 46.59 29.68
N ASP A 1125 41.13 47.75 30.33
CA ASP A 1125 41.02 47.84 31.78
C ASP A 1125 39.82 48.69 32.16
N GLY A 1126 39.44 48.62 33.43
CA GLY A 1126 38.32 49.36 33.94
C GLY A 1126 37.06 48.51 34.04
N GLY A 1127 35.93 49.22 34.11
CA GLY A 1127 34.63 48.58 34.18
C GLY A 1127 34.19 48.05 32.83
N VAL A 1128 32.95 47.54 32.81
CA VAL A 1128 32.42 46.93 31.59
C VAL A 1128 32.28 47.98 30.50
N LEU A 1129 31.77 49.16 30.83
CA LEU A 1129 31.59 50.21 29.83
C LEU A 1129 32.92 50.68 29.26
N GLU A 1130 33.94 50.83 30.12
CA GLU A 1130 35.24 51.29 29.65
C GLU A 1130 35.91 50.28 28.73
N ARG A 1131 35.62 48.99 28.92
CA ARG A 1131 36.23 47.95 28.11
C ARG A 1131 35.61 47.85 26.72
N TYR A 1132 34.39 48.33 26.54
CA TYR A 1132 33.75 48.35 25.23
C TYR A 1132 33.87 49.70 24.54
N LYS A 1133 34.66 50.62 25.10
CA LYS A 1133 34.75 51.96 24.55
C LYS A 1133 35.31 51.97 23.14
N ASN A 1134 36.34 51.16 22.88
CA ASN A 1134 36.98 51.10 21.58
C ASN A 1134 36.71 49.78 20.87
N TYR A 1135 35.64 49.08 21.23
CA TYR A 1135 35.32 47.80 20.62
C TYR A 1135 34.81 47.94 19.20
N ASN A 1136 34.38 49.12 18.80
CA ASN A 1136 33.88 49.35 17.44
C ASN A 1136 34.89 50.05 16.54
N GLY A 1137 36.13 50.20 16.99
CA GLY A 1137 37.15 50.77 16.12
C GLY A 1137 37.42 49.87 14.92
N THR A 1138 37.62 50.50 13.78
CA THR A 1138 37.80 49.77 12.52
C THR A 1138 39.25 49.47 12.19
N GLU A 1139 40.20 50.01 12.95
CA GLU A 1139 41.62 49.76 12.73
C GLU A 1139 42.11 48.72 13.73
N GLY A 1140 42.54 47.57 13.23
CA GLY A 1140 43.05 46.51 14.07
C GLY A 1140 42.02 45.58 14.64
N ASN A 1141 40.80 45.55 14.09
CA ASN A 1141 39.74 44.71 14.58
C ASN A 1141 39.60 43.40 13.81
N SER A 1142 40.58 43.04 12.99
CA SER A 1142 40.53 41.82 12.21
C SER A 1142 41.86 41.09 12.26
N ALA A 1143 42.39 40.92 13.47
CA ALA A 1143 43.62 40.16 13.65
C ALA A 1143 43.44 38.73 13.12
N VAL A 1144 44.46 38.23 12.44
CA VAL A 1144 44.36 36.93 11.78
C VAL A 1144 44.12 35.83 12.80
N SER A 1145 44.87 35.83 13.90
CA SER A 1145 44.78 34.77 14.89
C SER A 1145 43.74 35.10 15.95
N ILE A 1146 42.91 34.10 16.28
CA ILE A 1146 41.94 34.25 17.35
C ILE A 1146 42.59 34.24 18.73
N ASN A 1147 43.84 33.84 18.81
CA ASN A 1147 44.60 33.83 20.06
C ASN A 1147 45.32 35.16 20.32
N ASP A 1148 45.11 36.15 19.46
CA ASP A 1148 45.72 37.46 19.66
C ASP A 1148 45.22 38.07 20.98
N PRO A 1149 46.10 38.73 21.74
CA PRO A 1149 45.61 39.47 22.91
C PRO A 1149 44.60 40.54 22.53
N ASN A 1150 44.77 41.18 21.39
CA ASN A 1150 43.77 42.10 20.85
C ASN A 1150 42.89 41.32 19.86
N ARG A 1151 42.04 40.47 20.44
CA ARG A 1151 41.22 39.56 19.66
C ARG A 1151 40.29 40.33 18.72
N GLY A 1152 40.13 39.81 17.52
CA GLY A 1152 39.50 40.50 16.40
C GLY A 1152 38.16 41.17 16.60
N SER A 1153 37.12 40.38 16.89
CA SER A 1153 35.70 40.72 16.90
C SER A 1153 35.08 40.72 15.50
N THR A 1154 35.85 40.52 14.44
CA THR A 1154 35.33 40.36 13.09
C THR A 1154 36.46 39.89 12.20
N THR A 1155 36.10 39.25 11.10
CA THR A 1155 37.05 38.84 10.08
C THR A 1155 36.82 39.55 8.76
N LEU A 1156 35.80 40.39 8.67
CA LEU A 1156 35.43 41.06 7.42
C LEU A 1156 36.10 42.43 7.34
N PRO A 1157 36.61 42.79 6.17
CA PRO A 1157 37.14 44.15 6.00
C PRO A 1157 36.03 45.18 6.14
N ASP A 1158 36.42 46.36 6.64
CA ASP A 1158 35.49 47.46 6.78
C ASP A 1158 35.31 48.15 5.43
N VAL A 1159 34.08 48.14 4.92
CA VAL A 1159 33.77 48.64 3.58
C VAL A 1159 32.65 49.66 3.70
N GLU A 1160 32.70 50.70 2.88
CA GLU A 1160 31.61 51.66 2.80
C GLU A 1160 30.50 51.14 1.90
N ASP A 1161 30.07 49.90 2.16
CA ASP A 1161 28.96 49.29 1.43
C ASP A 1161 28.27 48.36 2.42
N ILE A 1162 27.12 48.78 2.92
CA ILE A 1162 26.52 48.14 4.09
C ILE A 1162 25.54 47.03 3.70
N ASN A 1163 24.82 47.19 2.60
CA ASN A 1163 23.91 46.15 2.12
C ASN A 1163 24.60 45.15 1.20
N ARG A 1164 25.91 45.29 0.99
CA ARG A 1164 26.73 44.31 0.28
C ARG A 1164 26.22 44.05 -1.14
N ASP A 1165 25.88 45.12 -1.85
CA ASP A 1165 25.56 45.06 -3.26
C ASP A 1165 26.71 45.57 -4.13
N ASN A 1166 27.91 45.72 -3.55
CA ASN A 1166 29.13 46.14 -4.22
C ASN A 1166 29.10 47.62 -4.55
N THR A 1167 27.97 48.28 -4.32
CA THR A 1167 27.78 49.68 -4.69
C THR A 1167 27.61 50.53 -3.43
N MET A 1168 28.28 51.67 -3.40
CA MET A 1168 28.16 52.61 -2.30
C MET A 1168 27.10 53.64 -2.67
N SER A 1169 25.97 53.60 -1.98
CA SER A 1169 24.88 54.54 -2.24
C SER A 1169 25.18 55.88 -1.58
N THR A 1170 24.86 56.96 -2.30
CA THR A 1170 25.06 58.31 -1.79
C THR A 1170 23.76 59.12 -1.73
N ILE A 1171 22.61 58.49 -1.94
CA ILE A 1171 21.33 59.17 -1.87
C ILE A 1171 20.91 59.31 -0.40
N ASN A 1172 20.25 60.43 -0.09
CA ASN A 1172 19.89 60.78 1.29
C ASN A 1172 18.39 61.11 1.37
N ALA A 1173 17.55 60.20 0.88
CA ALA A 1173 16.10 60.37 0.93
C ALA A 1173 15.54 59.43 2.00
N TYR A 1174 15.15 59.98 3.14
CA TYR A 1174 14.69 59.15 4.24
C TYR A 1174 13.73 59.90 5.14
N TYR A 1175 12.97 59.12 5.92
CA TYR A 1175 12.07 59.65 6.93
C TYR A 1175 12.77 59.72 8.28
N GLU A 1176 12.41 60.73 9.06
CA GLU A 1176 12.95 60.99 10.38
C GLU A 1176 11.87 60.82 11.43
N TYR A 1177 12.20 60.06 12.47
CA TYR A 1177 11.41 59.93 13.69
C TYR A 1177 12.33 60.26 14.86
N SER A 1178 11.76 60.76 15.94
CA SER A 1178 12.58 61.16 17.08
C SER A 1178 11.93 60.76 18.38
N ILE A 1179 12.78 60.49 19.38
CA ILE A 1179 12.36 60.11 20.72
C ILE A 1179 13.12 60.98 21.71
N ASP A 1180 12.39 61.59 22.63
CA ASP A 1180 13.02 62.31 23.73
C ASP A 1180 13.47 61.33 24.80
N VAL A 1181 14.60 61.64 25.44
CA VAL A 1181 15.11 60.87 26.57
C VAL A 1181 15.21 61.85 27.73
N LYS A 1182 14.27 61.78 28.65
CA LYS A 1182 14.15 62.66 29.79
C LYS A 1182 13.87 61.84 31.04
N PRO A 1183 14.20 62.36 32.22
CA PRO A 1183 14.05 61.57 33.44
C PRO A 1183 12.64 61.08 33.74
N GLY A 1184 11.62 61.89 33.45
CA GLY A 1184 10.29 61.58 33.96
C GLY A 1184 9.22 61.28 32.92
N MET A 1185 9.56 60.52 31.89
CA MET A 1185 8.62 60.26 30.80
C MET A 1185 7.48 59.34 31.25
N GLN A 1186 6.31 59.55 30.66
CA GLN A 1186 5.11 58.80 31.00
C GLN A 1186 4.45 58.27 29.73
N VAL A 1187 3.51 57.34 29.93
CA VAL A 1187 2.78 56.74 28.82
C VAL A 1187 1.81 57.77 28.24
N GLY A 1188 1.68 57.77 26.91
CA GLY A 1188 0.77 58.65 26.20
C GLY A 1188 1.45 59.72 25.39
N GLU A 1189 2.71 60.02 25.68
CA GLU A 1189 3.50 60.99 24.94
C GLU A 1189 4.82 60.35 24.55
N ASN A 1190 5.52 60.98 23.62
CA ASN A 1190 6.84 60.54 23.18
C ASN A 1190 6.82 59.10 22.67
N TYR A 1191 5.73 58.72 22.00
CA TYR A 1191 5.53 57.38 21.45
C TYR A 1191 5.62 56.28 22.50
N ILE A 1192 5.37 56.60 23.76
CA ILE A 1192 5.45 55.63 24.85
C ILE A 1192 4.11 54.93 24.99
N THR A 1193 4.13 53.60 24.97
CA THR A 1193 2.92 52.80 25.10
C THR A 1193 2.85 52.00 26.39
N ASP A 1194 3.95 51.82 27.09
CA ASP A 1194 3.97 50.98 28.28
C ASP A 1194 5.19 51.31 29.12
N ILE A 1195 5.02 51.22 30.43
CA ILE A 1195 6.13 51.34 31.38
C ILE A 1195 5.99 50.24 32.41
N ARG A 1196 7.04 49.44 32.56
CA ARG A 1196 7.10 48.37 33.55
C ARG A 1196 8.14 48.73 34.61
N GLU A 1197 7.72 48.78 35.86
CA GLU A 1197 8.60 49.11 36.97
C GLU A 1197 9.09 47.83 37.63
N VAL A 1198 10.39 47.76 37.90
CA VAL A 1198 11.02 46.64 38.58
C VAL A 1198 11.53 47.15 39.91
N THR A 1199 11.04 46.55 41.00
CA THR A 1199 11.22 47.14 42.32
C THR A 1199 12.50 46.67 43.02
N ASN A 1200 12.70 45.36 43.13
CA ASN A 1200 13.85 44.82 43.86
C ASN A 1200 14.61 43.87 42.96
N VAL A 1201 15.55 44.40 42.20
CA VAL A 1201 16.40 43.58 41.33
C VAL A 1201 17.54 43.02 42.17
N ASP A 1202 17.67 41.70 42.20
CA ASP A 1202 18.82 41.08 42.85
C ASP A 1202 20.08 41.37 42.07
N LEU A 1203 21.15 41.71 42.79
CA LEU A 1203 22.39 42.10 42.14
C LEU A 1203 23.52 41.18 42.58
N PRO A 1204 24.54 41.00 41.74
CA PRO A 1204 25.66 40.13 42.12
C PRO A 1204 26.44 40.62 43.33
N ASN A 1205 26.35 41.90 43.67
CA ASN A 1205 27.05 42.44 44.83
C ASN A 1205 26.24 42.30 46.11
N GLY A 1206 25.06 41.68 46.06
CA GLY A 1206 24.23 41.50 47.23
C GLY A 1206 23.22 42.60 47.49
N GLY A 1207 23.25 43.68 46.71
CA GLY A 1207 22.31 44.77 46.88
C GLY A 1207 21.10 44.62 45.98
N THR A 1208 20.26 45.65 46.02
CA THR A 1208 19.06 45.72 45.21
C THR A 1208 18.99 47.08 44.53
N THR A 1209 18.27 47.13 43.41
CA THR A 1209 18.14 48.37 42.66
C THR A 1209 16.75 48.45 42.03
N ASN A 1210 16.34 49.66 41.73
CA ASN A 1210 15.13 49.93 40.96
C ASN A 1210 15.45 49.91 39.47
N ALA A 1211 14.43 49.67 38.66
CA ALA A 1211 14.58 49.71 37.22
C ALA A 1211 13.25 50.10 36.59
N ARG A 1212 13.33 50.66 35.39
CA ARG A 1212 12.14 51.05 34.64
C ARG A 1212 12.35 50.72 33.18
N TRP A 1213 11.48 49.88 32.62
CA TRP A 1213 11.49 49.54 31.21
C TRP A 1213 10.40 50.33 30.51
N ILE A 1214 10.75 50.98 29.41
CA ILE A 1214 9.83 51.81 28.65
C ILE A 1214 9.69 51.20 27.27
N GLN A 1215 8.45 51.02 26.82
CA GLN A 1215 8.15 50.52 25.48
C GLN A 1215 7.77 51.69 24.59
N PHE A 1216 8.47 51.82 23.47
CA PHE A 1216 8.17 52.81 22.46
C PHE A 1216 7.65 52.13 21.22
N LYS A 1217 6.57 52.68 20.66
CA LYS A 1217 6.02 52.23 19.39
C LYS A 1217 5.90 53.47 18.49
N ILE A 1218 6.86 53.62 17.57
CA ILE A 1218 6.88 54.76 16.65
C ILE A 1218 6.22 54.30 15.34
N PRO A 1219 5.04 54.80 14.99
CA PRO A 1219 4.40 54.39 13.74
C PRO A 1219 5.21 54.86 12.53
N VAL A 1220 5.53 53.92 11.66
CA VAL A 1220 6.33 54.23 10.47
C VAL A 1220 5.57 55.13 9.52
N SER A 1221 4.25 55.00 9.47
CA SER A 1221 3.43 55.77 8.54
C SER A 1221 3.30 57.24 8.93
N GLN A 1222 3.81 57.65 10.09
CA GLN A 1222 3.71 59.03 10.56
C GLN A 1222 5.10 59.56 10.87
N PRO A 1223 5.92 59.82 9.85
CA PRO A 1223 7.26 60.36 10.09
C PRO A 1223 7.20 61.80 10.59
N GLN A 1224 8.11 62.12 11.50
CA GLN A 1224 8.19 63.50 11.99
C GLN A 1224 8.76 64.42 10.92
N ASN A 1225 9.72 63.95 10.14
CA ASN A 1225 10.29 64.79 9.10
C ASN A 1225 10.63 63.96 7.88
N THR A 1226 10.84 64.64 6.76
CA THR A 1226 11.27 64.03 5.51
C THR A 1226 12.52 64.75 5.01
N ILE A 1227 13.55 63.99 4.68
CA ILE A 1227 14.79 64.53 4.14
C ILE A 1227 14.93 63.99 2.72
N GLY A 1228 15.13 64.89 1.76
CA GLY A 1228 15.26 64.48 0.39
C GLY A 1228 13.92 64.10 -0.24
N ASN A 1229 14.01 63.40 -1.37
CA ASN A 1229 12.86 63.06 -2.19
C ASN A 1229 12.48 61.59 -1.96
N ILE A 1230 11.69 61.37 -0.91
CA ILE A 1230 11.08 60.07 -0.64
C ILE A 1230 9.59 60.30 -0.37
N THR A 1231 8.75 59.52 -1.02
CA THR A 1231 7.31 59.72 -0.95
C THR A 1231 6.54 58.52 -0.41
N ASP A 1232 7.03 57.30 -0.61
CA ASP A 1232 6.35 56.11 -0.11
C ASP A 1232 7.31 55.22 0.67
N PHE A 1233 6.86 54.02 1.03
CA PHE A 1233 7.66 53.08 1.80
C PHE A 1233 7.95 51.81 1.00
N ARG A 1234 7.92 51.92 -0.33
CA ARG A 1234 8.15 50.76 -1.19
C ARG A 1234 9.60 50.34 -1.25
N SER A 1235 10.54 51.26 -0.99
CA SER A 1235 11.98 50.96 -1.03
C SER A 1235 12.63 51.59 0.20
N ILE A 1236 12.64 50.85 1.30
CA ILE A 1236 13.28 51.28 2.54
C ILE A 1236 14.47 50.36 2.74
N ARG A 1237 15.67 50.86 2.44
CA ARG A 1237 16.86 50.01 2.40
C ARG A 1237 17.76 50.15 3.61
N PHE A 1238 17.76 51.30 4.28
CA PHE A 1238 18.69 51.53 5.37
C PHE A 1238 17.95 52.07 6.59
N MET A 1239 18.47 51.73 7.76
CA MET A 1239 17.97 52.21 9.04
C MET A 1239 19.13 52.77 9.84
N ARG A 1240 18.99 54.00 10.31
CA ARG A 1240 20.02 54.65 11.11
C ARG A 1240 19.41 55.11 12.42
N MET A 1241 20.18 55.05 13.50
CA MET A 1241 19.80 55.72 14.73
C MET A 1241 20.99 56.47 15.29
N PHE A 1242 20.76 57.70 15.72
CA PHE A 1242 21.82 58.49 16.33
C PHE A 1242 21.30 59.26 17.54
N MET A 1243 22.14 59.34 18.55
CA MET A 1243 21.84 60.07 19.77
C MET A 1243 22.50 61.44 19.73
N THR A 1244 21.78 62.44 20.23
CA THR A 1244 22.29 63.81 20.26
C THR A 1244 21.62 64.56 21.40
N GLY A 1245 22.12 65.77 21.66
CA GLY A 1245 21.55 66.63 22.67
C GLY A 1245 21.93 66.30 24.09
N PHE A 1246 22.71 65.24 24.31
CA PHE A 1246 23.12 64.85 25.64
C PHE A 1246 24.36 65.63 26.08
N ASN A 1247 24.46 65.87 27.38
CA ASN A 1247 25.58 66.61 27.95
C ASN A 1247 26.73 65.70 28.36
N SER A 1248 26.42 64.56 28.96
CA SER A 1248 27.45 63.66 29.46
C SER A 1248 27.22 62.24 28.98
N GLN A 1249 28.02 61.31 29.50
CA GLN A 1249 27.94 59.92 29.06
C GLN A 1249 26.55 59.34 29.34
N MET A 1250 25.97 58.70 28.32
CA MET A 1250 24.62 58.17 28.44
C MET A 1250 24.58 56.77 27.85
N THR A 1251 24.07 55.82 28.62
CA THR A 1251 23.93 54.44 28.17
C THR A 1251 22.45 54.14 27.93
N VAL A 1252 22.14 53.65 26.73
CA VAL A 1252 20.80 53.27 26.34
C VAL A 1252 20.83 51.78 26.00
N ARG A 1253 20.07 50.99 26.76
CA ARG A 1253 20.07 49.54 26.61
C ARG A 1253 18.73 49.12 26.02
N PHE A 1254 18.74 48.67 24.77
CA PHE A 1254 17.57 48.16 24.09
C PHE A 1254 17.36 46.71 24.50
N GLY A 1255 16.40 46.49 25.41
CA GLY A 1255 15.99 45.13 25.70
C GLY A 1255 15.24 44.49 24.56
N ALA A 1256 14.62 45.31 23.71
CA ALA A 1256 14.05 44.82 22.46
C ALA A 1256 14.10 45.95 21.45
N LEU A 1257 14.33 45.59 20.18
CA LEU A 1257 14.38 46.57 19.09
C LEU A 1257 13.99 45.85 17.81
N ASP A 1258 12.75 46.05 17.37
CA ASP A 1258 12.18 45.33 16.25
C ASP A 1258 11.46 46.28 15.31
N LEU A 1259 11.41 45.87 14.04
CA LEU A 1259 10.44 46.40 13.08
C LEU A 1259 9.23 45.50 13.11
N VAL A 1260 8.07 46.05 13.45
CA VAL A 1260 6.86 45.26 13.62
C VAL A 1260 5.95 45.50 12.43
N ARG A 1261 5.56 44.42 11.77
CA ARG A 1261 4.63 44.44 10.65
C ARG A 1261 3.36 43.71 11.04
N GLY A 1262 2.23 44.22 10.56
CA GLY A 1262 0.95 43.64 10.93
C GLY A 1262 0.23 42.99 9.77
N GLU A 1263 -0.66 42.05 10.07
CA GLU A 1263 -1.49 41.42 9.04
C GLU A 1263 -2.74 42.25 8.73
N TRP A 1264 -3.05 43.25 9.52
CA TRP A 1264 -4.16 44.16 9.26
C TRP A 1264 -3.62 45.47 8.71
N ARG A 1265 -4.15 45.90 7.58
CA ARG A 1265 -3.68 47.10 6.91
C ARG A 1265 -4.64 48.25 7.18
N ARG A 1266 -4.07 49.43 7.47
CA ARG A 1266 -4.87 50.63 7.59
C ARG A 1266 -5.56 50.92 6.26
N TYR A 1267 -6.86 51.22 6.33
CA TYR A 1267 -7.61 51.55 5.12
C TYR A 1267 -7.40 53.03 4.80
N THR A 1268 -6.76 53.30 3.67
CA THR A 1268 -6.60 54.65 3.17
C THR A 1268 -7.68 54.95 2.15
N GLY A 1269 -8.13 56.18 2.15
CA GLY A 1269 -9.31 56.53 1.37
C GLY A 1269 -10.52 56.72 2.26
N THR A 1270 -11.46 57.53 1.77
CA THR A 1270 -12.61 57.89 2.59
C THR A 1270 -13.58 56.72 2.72
N LEU A 1271 -14.17 56.59 3.90
CA LEU A 1271 -15.24 55.63 4.14
C LEU A 1271 -16.62 56.27 4.12
N ASP A 1272 -16.71 57.56 4.45
CA ASP A 1272 -17.95 58.31 4.39
C ASP A 1272 -17.85 59.38 3.31
N ALA A 1273 -18.91 59.50 2.51
CA ALA A 1273 -18.92 60.49 1.43
C ALA A 1273 -19.04 61.91 1.95
N ASN A 1274 -19.46 62.10 3.20
CA ASN A 1274 -19.58 63.44 3.76
C ASN A 1274 -18.22 64.10 3.91
N ASP A 1275 -17.20 63.33 4.29
CA ASP A 1275 -15.86 63.89 4.51
C ASP A 1275 -15.24 64.35 3.18
N GLN A 1276 -15.09 63.42 2.25
CA GLN A 1276 -14.54 63.67 0.91
C GLN A 1276 -13.10 64.16 0.93
N ASN A 1277 -12.44 64.14 2.08
CA ASN A 1277 -11.05 64.58 2.22
C ASN A 1277 -10.30 63.55 3.05
N PRO A 1278 -9.81 62.47 2.41
CA PRO A 1278 -9.15 61.40 3.16
C PRO A 1278 -7.82 61.81 3.77
N ASP A 1279 -6.93 62.40 2.97
CA ASP A 1279 -5.57 62.70 3.41
C ASP A 1279 -5.49 64.14 3.91
N ASP A 1280 -6.16 64.38 5.04
CA ASP A 1280 -6.23 65.69 5.66
C ASP A 1280 -6.76 65.51 7.08
N ASP A 1281 -7.11 66.63 7.72
CA ASP A 1281 -7.79 66.67 9.02
C ASP A 1281 -6.86 66.30 10.18
N GLY A 1282 -5.64 65.87 9.86
CA GLY A 1282 -4.65 65.63 10.90
C GLY A 1282 -5.05 64.63 11.97
N VAL A 1283 -5.71 63.55 11.56
CA VAL A 1283 -6.14 62.51 12.50
C VAL A 1283 -5.04 61.45 12.57
N GLU A 1284 -4.48 61.25 13.76
CA GLU A 1284 -3.48 60.21 13.97
C GLU A 1284 -4.20 58.89 14.17
N PHE A 1285 -4.08 57.98 13.20
CA PHE A 1285 -4.74 56.68 13.21
C PHE A 1285 -3.66 55.62 13.28
N ASP A 1286 -3.59 54.90 14.39
CA ASP A 1286 -2.56 53.89 14.60
C ASP A 1286 -3.22 52.54 14.89
N VAL A 1287 -2.59 51.48 14.40
CA VAL A 1287 -3.02 50.11 14.67
C VAL A 1287 -1.83 49.33 15.21
N ALA A 1288 -2.02 48.69 16.34
CA ALA A 1288 -0.97 47.89 16.99
C ALA A 1288 -1.64 46.71 17.67
N ALA A 1289 -0.90 46.04 18.53
CA ALA A 1289 -1.41 44.91 19.29
C ALA A 1289 -1.13 45.11 20.77
N VAL A 1290 -2.00 44.54 21.60
CA VAL A 1290 -1.83 44.53 23.04
C VAL A 1290 -1.79 43.09 23.51
N ASN A 1291 -0.73 42.73 24.23
CA ASN A 1291 -0.48 41.36 24.66
C ASN A 1291 -0.62 41.25 26.17
N ILE A 1292 -0.84 40.01 26.63
CA ILE A 1292 -0.70 39.72 28.04
C ILE A 1292 0.76 39.60 28.43
N GLN A 1293 1.64 39.33 27.46
CA GLN A 1293 3.06 39.14 27.73
C GLN A 1293 3.84 40.46 27.72
N GLU A 1294 3.27 41.54 27.19
CA GLU A 1294 3.97 42.81 27.10
C GLU A 1294 3.21 44.00 27.67
N ASN A 1295 1.89 43.90 27.85
CA ASN A 1295 1.09 45.05 28.23
C ASN A 1295 0.26 44.76 29.48
N GLY A 1296 0.78 43.94 30.39
CA GLY A 1296 0.10 43.70 31.64
C GLY A 1296 0.20 44.84 32.63
N THR A 1297 1.02 45.85 32.35
CA THR A 1297 1.15 47.04 33.18
C THR A 1297 0.88 48.31 32.38
N LYS A 1298 0.02 48.22 31.38
CA LYS A 1298 -0.31 49.39 30.55
C LYS A 1298 -0.98 50.46 31.41
N CYS A 1299 -0.52 51.70 31.25
CA CYS A 1299 -0.87 52.76 32.20
C CYS A 1299 -2.36 53.08 32.24
N PRO A 1300 -3.06 53.35 31.12
CA PRO A 1300 -4.49 53.64 31.24
C PRO A 1300 -5.26 52.43 31.73
N VAL A 1301 -5.15 51.32 31.00
CA VAL A 1301 -5.81 50.07 31.35
C VAL A 1301 -4.82 48.95 31.11
N ASN A 1302 -4.50 48.19 32.16
CA ASN A 1302 -3.69 46.99 31.98
C ASN A 1302 -4.43 46.01 31.08
N TYR A 1303 -3.70 45.42 30.14
CA TYR A 1303 -4.32 44.44 29.27
C TYR A 1303 -4.62 43.16 30.05
N VAL A 1304 -5.85 42.68 29.92
CA VAL A 1304 -6.27 41.41 30.47
C VAL A 1304 -7.07 40.68 29.40
N MET A 1305 -7.17 39.37 29.54
CA MET A 1305 -7.99 38.60 28.62
C MET A 1305 -9.46 38.86 28.90
N PRO A 1306 -10.31 38.75 27.88
CA PRO A 1306 -11.75 38.84 28.10
C PRO A 1306 -12.22 37.71 28.99
N PRO A 1307 -13.30 37.92 29.74
CA PRO A 1307 -13.79 36.85 30.63
C PRO A 1307 -14.08 35.57 29.85
N GLY A 1308 -13.63 34.45 30.39
CA GLY A 1308 -13.76 33.16 29.76
C GLY A 1308 -12.62 32.79 28.83
N VAL A 1309 -11.82 33.75 28.41
CA VAL A 1309 -10.71 33.48 27.50
C VAL A 1309 -9.51 33.02 28.33
N GLN A 1310 -8.91 31.92 27.91
CA GLN A 1310 -7.75 31.34 28.58
C GLN A 1310 -6.57 31.31 27.62
N ARG A 1311 -5.37 31.35 28.19
CA ARG A 1311 -4.16 31.19 27.39
C ARG A 1311 -4.02 29.73 26.96
N GLU A 1312 -3.71 29.53 25.69
CA GLU A 1312 -3.42 28.19 25.20
C GLU A 1312 -2.16 27.65 25.85
N GLN A 1313 -2.14 26.34 26.07
CA GLN A 1313 -1.03 25.68 26.75
C GLN A 1313 -0.46 24.60 25.84
N LEU A 1314 0.86 24.62 25.68
CA LEU A 1314 1.56 23.60 24.90
C LEU A 1314 2.68 23.00 25.73
N TYR A 1315 3.29 21.95 25.20
CA TYR A 1315 4.45 21.32 25.80
C TYR A 1315 5.65 21.53 24.90
N ASN A 1316 6.64 22.29 25.38
CA ASN A 1316 7.82 22.55 24.57
C ASN A 1316 8.80 21.38 24.65
N ASN A 1317 9.33 21.12 25.84
CA ASN A 1317 10.05 19.87 26.11
C ASN A 1317 9.83 19.55 27.59
N ASN A 1318 8.78 18.78 27.85
CA ASN A 1318 8.36 18.44 29.21
C ASN A 1318 8.09 19.67 30.07
N THR A 1319 7.84 20.81 29.43
CA THR A 1319 7.57 22.07 30.12
C THR A 1319 6.28 22.65 29.57
N VAL A 1320 5.39 23.07 30.47
CA VAL A 1320 4.14 23.70 30.07
C VAL A 1320 4.41 25.15 29.71
N ILE A 1321 4.02 25.55 28.51
CA ILE A 1321 4.22 26.90 28.00
C ILE A 1321 2.85 27.52 27.75
N ASN A 1322 2.58 28.63 28.42
CA ASN A 1322 1.36 29.40 28.17
C ASN A 1322 1.56 30.27 26.94
N GLN A 1323 0.61 30.19 26.01
CA GLN A 1323 0.72 30.98 24.80
C GLN A 1323 0.28 32.42 25.04
N ASN A 1324 0.75 33.31 24.17
CA ASN A 1324 0.39 34.71 24.26
C ASN A 1324 -1.08 34.91 23.92
N GLU A 1325 -1.71 35.86 24.59
CA GLU A 1325 -3.08 36.28 24.28
C GLU A 1325 -3.03 37.72 23.82
N GLN A 1326 -3.52 37.98 22.61
CA GLN A 1326 -3.31 39.24 21.91
C GLN A 1326 -4.64 39.82 21.44
N ALA A 1327 -4.75 41.14 21.51
CA ALA A 1327 -5.87 41.87 20.96
C ALA A 1327 -5.37 42.95 20.01
N LEU A 1328 -6.22 43.34 19.07
CA LEU A 1328 -5.89 44.37 18.09
C LEU A 1328 -6.30 45.72 18.62
N ALA A 1329 -5.34 46.64 18.76
CA ALA A 1329 -5.59 47.95 19.33
C ALA A 1329 -5.58 49.00 18.23
N VAL A 1330 -6.60 49.86 18.23
CA VAL A 1330 -6.71 50.96 17.28
C VAL A 1330 -6.79 52.25 18.08
N ARG A 1331 -5.89 53.18 17.79
CA ARG A 1331 -5.80 54.44 18.51
C ARG A 1331 -6.12 55.60 17.57
N ILE A 1332 -7.05 56.45 17.98
CA ILE A 1332 -7.43 57.66 17.27
C ILE A 1332 -7.02 58.84 18.14
N GLY A 1333 -6.11 59.66 17.61
CA GLY A 1333 -5.64 60.83 18.34
C GLY A 1333 -5.33 62.00 17.42
N GLY A 1334 -4.59 62.97 17.93
CA GLY A 1334 -4.31 64.16 17.15
C GLY A 1334 -5.51 65.08 17.18
N ALA A 1335 -5.98 65.48 15.99
CA ALA A 1335 -7.15 66.34 15.91
C ALA A 1335 -8.40 65.63 16.40
N GLY A 1336 -8.53 64.33 16.12
CA GLY A 1336 -9.70 63.56 16.50
C GLY A 1336 -10.60 63.25 15.32
N LEU A 1337 -11.62 62.44 15.59
CA LEU A 1337 -12.53 61.98 14.56
C LEU A 1337 -13.69 62.96 14.40
N GLN A 1338 -13.99 63.32 13.16
CA GLN A 1338 -15.16 64.14 12.86
C GLN A 1338 -16.45 63.38 13.21
N TYR A 1339 -17.58 64.07 13.06
CA TYR A 1339 -18.85 63.53 13.54
C TYR A 1339 -19.16 62.18 12.90
N GLN A 1340 -19.10 62.09 11.57
CA GLN A 1340 -19.44 60.86 10.88
C GLN A 1340 -18.23 60.19 10.24
N ASP A 1341 -17.02 60.66 10.53
CA ASP A 1341 -15.83 60.05 9.97
C ASP A 1341 -15.52 58.74 10.68
N SER A 1342 -14.77 57.88 9.98
CA SER A 1342 -14.38 56.58 10.52
C SER A 1342 -12.95 56.27 10.11
N ARG A 1343 -12.30 55.43 10.91
CA ARG A 1343 -10.99 54.90 10.60
C ARG A 1343 -11.04 53.39 10.81
N ALA A 1344 -10.52 52.63 9.85
CA ALA A 1344 -10.67 51.19 9.89
C ALA A 1344 -9.39 50.51 9.39
N VAL A 1345 -9.22 49.26 9.81
CA VAL A 1345 -8.20 48.37 9.29
C VAL A 1345 -8.91 47.20 8.64
N PHE A 1346 -8.23 46.56 7.69
CA PHE A 1346 -8.87 45.55 6.87
C PHE A 1346 -7.93 44.39 6.61
N LYS A 1347 -8.51 43.32 6.06
CA LYS A 1347 -7.85 42.05 5.85
C LYS A 1347 -8.51 41.37 4.65
N ASN A 1348 -7.70 40.72 3.83
CA ASN A 1348 -8.19 39.92 2.71
C ASN A 1348 -8.24 38.47 3.14
N VAL A 1349 -9.44 37.91 3.19
CA VAL A 1349 -9.67 36.60 3.76
C VAL A 1349 -10.45 35.75 2.75
N SER A 1350 -10.78 34.52 3.16
CA SER A 1350 -11.66 33.64 2.41
C SER A 1350 -12.39 32.78 3.44
N VAL A 1351 -13.57 33.23 3.86
CA VAL A 1351 -14.27 32.67 5.01
C VAL A 1351 -15.69 32.33 4.61
N ASP A 1352 -16.14 31.12 4.96
CA ASP A 1352 -17.51 30.69 4.79
C ASP A 1352 -18.18 30.69 6.16
N MET A 1353 -19.28 31.43 6.29
CA MET A 1353 -19.99 31.58 7.55
C MET A 1353 -21.33 30.83 7.56
N ARG A 1354 -21.65 30.10 6.49
CA ARG A 1354 -23.00 29.57 6.33
C ARG A 1354 -23.30 28.41 7.26
N GLN A 1355 -22.28 27.76 7.82
CA GLN A 1355 -22.51 26.62 8.70
C GLN A 1355 -22.59 27.02 10.17
N TYR A 1356 -22.48 28.30 10.48
CA TYR A 1356 -22.54 28.77 11.86
C TYR A 1356 -23.65 29.82 11.99
N LYS A 1357 -24.14 29.98 13.21
CA LYS A 1357 -25.27 30.85 13.47
C LYS A 1357 -24.89 32.23 13.98
N LYS A 1358 -23.77 32.36 14.69
CA LYS A 1358 -23.44 33.61 15.36
C LYS A 1358 -22.06 34.09 14.98
N LEU A 1359 -21.92 35.40 14.88
CA LEU A 1359 -20.63 36.09 14.78
C LEU A 1359 -20.43 36.88 16.06
N LYS A 1360 -19.31 36.63 16.75
CA LYS A 1360 -19.08 37.20 18.06
C LYS A 1360 -17.73 37.90 18.11
N MET A 1361 -17.67 38.95 18.92
CA MET A 1361 -16.45 39.73 19.05
C MET A 1361 -16.46 40.48 20.39
N PHE A 1362 -15.28 40.60 20.98
CA PHE A 1362 -15.07 41.40 22.19
C PHE A 1362 -14.53 42.78 21.79
N LEU A 1363 -15.10 43.82 22.39
CA LEU A 1363 -14.66 45.18 22.15
C LEU A 1363 -14.43 45.91 23.46
N HIS A 1364 -13.44 46.79 23.44
CA HIS A 1364 -13.07 47.59 24.60
C HIS A 1364 -12.78 49.02 24.15
N ALA A 1365 -13.19 49.99 24.96
CA ALA A 1365 -12.97 51.40 24.65
C ALA A 1365 -12.39 52.11 25.87
N GLU A 1366 -11.40 52.97 25.62
CA GLU A 1366 -10.76 53.74 26.68
C GLU A 1366 -10.38 55.11 26.14
N SER A 1367 -10.24 56.07 27.06
CA SER A 1367 -9.81 57.41 26.69
C SER A 1367 -8.29 57.49 26.66
N LEU A 1368 -7.79 58.41 25.83
CA LEU A 1368 -6.35 58.62 25.77
C LEU A 1368 -5.89 59.44 26.98
N PRO A 1369 -4.69 59.16 27.50
CA PRO A 1369 -4.14 60.02 28.56
C PRO A 1369 -3.87 61.43 28.05
N ASN A 1370 -4.06 62.41 28.94
CA ASN A 1370 -3.83 63.82 28.65
C ASN A 1370 -4.70 64.31 27.49
N GLN A 1371 -5.89 63.75 27.36
CA GLN A 1371 -6.84 64.11 26.31
C GLN A 1371 -8.22 64.22 26.94
N PRO A 1372 -9.14 64.93 26.28
CA PRO A 1372 -10.52 64.95 26.78
C PRO A 1372 -11.11 63.55 26.83
N THR A 1373 -11.88 63.30 27.88
CA THR A 1373 -12.37 61.95 28.15
C THR A 1373 -13.42 61.53 27.14
N LEU A 1374 -13.25 60.32 26.60
CA LEU A 1374 -14.25 59.74 25.72
C LEU A 1374 -15.47 59.31 26.53
N GLU A 1375 -16.65 59.67 26.04
CA GLU A 1375 -17.90 59.34 26.70
C GLU A 1375 -18.56 58.14 26.05
N ASP A 1376 -19.54 57.57 26.76
CA ASP A 1376 -20.25 56.40 26.27
C ASP A 1376 -21.04 56.73 25.01
N ASP A 1377 -21.07 55.79 24.08
CA ASP A 1377 -21.85 55.88 22.85
C ASP A 1377 -21.43 57.05 21.97
N GLU A 1378 -20.17 57.47 22.09
CA GLU A 1378 -19.57 58.42 21.15
C GLU A 1378 -18.77 57.71 20.07
N MET A 1379 -17.92 56.76 20.46
CA MET A 1379 -17.23 55.91 19.52
C MET A 1379 -18.07 54.67 19.23
N VAL A 1380 -18.08 54.25 17.97
CA VAL A 1380 -18.83 53.09 17.52
C VAL A 1380 -17.85 52.10 16.92
N GLY A 1381 -17.86 50.87 17.41
CA GLY A 1381 -17.06 49.81 16.82
C GLY A 1381 -17.87 49.11 15.75
N PHE A 1382 -17.29 48.98 14.56
CA PHE A 1382 -18.01 48.36 13.46
C PHE A 1382 -17.15 47.30 12.78
N ILE A 1383 -17.85 46.27 12.30
CA ILE A 1383 -17.30 45.26 11.41
C ILE A 1383 -18.00 45.39 10.07
N ARG A 1384 -17.22 45.59 9.02
CA ARG A 1384 -17.73 45.67 7.65
C ARG A 1384 -17.10 44.51 6.87
N PHE A 1385 -17.92 43.54 6.48
CA PHE A 1385 -17.38 42.37 5.81
C PHE A 1385 -18.20 42.02 4.58
N GLY A 1386 -17.52 41.56 3.54
CA GLY A 1386 -18.18 41.20 2.31
C GLY A 1386 -17.20 41.03 1.16
N ASN A 1387 -17.58 41.48 -0.03
CA ASN A 1387 -16.69 41.41 -1.17
C ASN A 1387 -15.85 42.66 -1.36
N ASP A 1388 -16.21 43.75 -0.70
CA ASP A 1388 -15.44 44.99 -0.71
C ASP A 1388 -15.97 45.87 0.41
N PHE A 1389 -15.34 47.03 0.58
CA PHE A 1389 -15.72 47.98 1.61
C PHE A 1389 -16.48 49.18 1.07
N THR A 1390 -16.79 49.21 -0.22
CA THR A 1390 -17.46 50.34 -0.83
C THR A 1390 -18.75 49.99 -1.56
N GLN A 1391 -18.94 48.75 -1.98
CA GLN A 1391 -20.11 48.44 -2.80
C GLN A 1391 -20.95 47.30 -2.27
N ASN A 1392 -20.34 46.24 -1.72
CA ASN A 1392 -21.07 45.04 -1.30
C ASN A 1392 -20.53 44.61 0.06
N PHE A 1393 -21.27 44.92 1.12
CA PHE A 1393 -20.81 44.56 2.46
C PHE A 1393 -21.97 44.53 3.44
N TYR A 1394 -21.82 43.72 4.48
CA TYR A 1394 -22.60 43.84 5.70
C TYR A 1394 -21.86 44.74 6.67
N GLN A 1395 -22.61 45.57 7.38
CA GLN A 1395 -22.06 46.51 8.36
C GLN A 1395 -22.73 46.26 9.70
N VAL A 1396 -21.92 46.01 10.72
CA VAL A 1396 -22.41 45.75 12.08
C VAL A 1396 -21.77 46.81 12.97
N GLU A 1397 -22.60 47.67 13.55
CA GLU A 1397 -22.14 48.78 14.38
C GLU A 1397 -22.62 48.58 15.81
N ILE A 1398 -21.78 48.95 16.77
CA ILE A 1398 -22.18 48.93 18.18
C ILE A 1398 -21.59 50.15 18.87
N PRO A 1399 -22.42 50.98 19.49
CA PRO A 1399 -21.88 52.07 20.33
C PRO A 1399 -21.14 51.49 21.52
N LEU A 1400 -20.04 52.14 21.88
CA LEU A 1400 -19.09 51.58 22.84
C LEU A 1400 -19.20 52.30 24.17
N LYS A 1401 -19.36 51.52 25.25
CA LYS A 1401 -19.18 52.04 26.59
C LYS A 1401 -17.70 52.12 26.90
N VAL A 1402 -17.29 53.21 27.55
CA VAL A 1402 -15.89 53.48 27.81
C VAL A 1402 -15.52 52.95 29.19
N THR A 1403 -14.42 52.22 29.27
CA THR A 1403 -13.90 51.78 30.55
C THR A 1403 -13.39 52.98 31.34
N LYS A 1404 -13.83 53.10 32.58
CA LYS A 1404 -13.48 54.25 33.40
C LYS A 1404 -12.04 54.13 33.88
N THR A 1405 -11.26 55.18 33.64
CA THR A 1405 -9.85 55.23 34.01
C THR A 1405 -9.65 56.36 35.02
N GLY A 1406 -8.39 56.59 35.38
CA GLY A 1406 -8.04 57.66 36.30
C GLY A 1406 -7.47 57.15 37.61
N GLY A 1407 -8.01 56.05 38.11
CA GLY A 1407 -7.54 55.49 39.36
C GLY A 1407 -6.43 54.48 39.19
N SER A 1408 -6.65 53.27 39.68
CA SER A 1408 -5.64 52.22 39.56
C SER A 1408 -5.49 51.80 38.09
N CYS A 1409 -4.28 51.34 37.77
CA CYS A 1409 -4.01 50.85 36.42
C CYS A 1409 -4.73 49.53 36.16
N SER A 1410 -4.88 48.71 37.20
CA SER A 1410 -5.44 47.36 37.07
C SER A 1410 -6.95 47.42 37.18
N ILE A 1411 -7.65 47.09 36.10
CA ILE A 1411 -9.10 47.07 36.05
C ILE A 1411 -9.53 45.64 35.75
N SER A 1412 -10.59 45.18 36.43
CA SER A 1412 -11.02 43.81 36.29
C SER A 1412 -11.48 43.53 34.86
N PRO A 1413 -11.27 42.31 34.36
CA PRO A 1413 -11.62 42.02 32.96
C PRO A 1413 -13.09 42.26 32.61
N ASP A 1414 -14.01 42.07 33.55
CA ASP A 1414 -15.42 42.32 33.26
C ASP A 1414 -15.68 43.80 32.99
N LEU A 1415 -14.84 44.69 33.52
CA LEU A 1415 -14.96 46.11 33.22
C LEU A 1415 -14.13 46.52 32.02
N VAL A 1416 -13.01 45.85 31.77
CA VAL A 1416 -12.23 46.11 30.56
C VAL A 1416 -13.00 45.65 29.32
N TRP A 1417 -13.54 44.44 29.37
CA TRP A 1417 -14.29 43.85 28.26
C TRP A 1417 -15.75 43.76 28.71
N MET A 1418 -16.50 44.85 28.51
CA MET A 1418 -17.88 44.89 28.94
C MET A 1418 -18.75 44.03 28.03
N ASP A 1419 -19.70 43.31 28.63
CA ASP A 1419 -20.65 42.53 27.85
C ASP A 1419 -21.56 43.41 27.01
N ASP A 1420 -21.75 44.67 27.41
CA ASP A 1420 -22.50 45.61 26.59
C ASP A 1420 -21.77 45.99 25.31
N ASN A 1421 -20.45 45.82 25.28
CA ASN A 1421 -19.65 46.13 24.10
C ASN A 1421 -19.39 44.92 23.22
N SER A 1422 -19.91 43.75 23.59
CA SER A 1422 -19.64 42.53 22.84
C SER A 1422 -20.61 42.40 21.68
N ILE A 1423 -20.07 42.23 20.48
CA ILE A 1423 -20.90 41.94 19.31
C ILE A 1423 -21.31 40.48 19.35
N ASP A 1424 -22.62 40.23 19.28
CA ASP A 1424 -23.18 38.88 19.23
C ASP A 1424 -24.31 38.93 18.21
N LEU A 1425 -23.98 38.65 16.95
CA LEU A 1425 -24.88 38.86 15.84
C LEU A 1425 -25.33 37.53 15.26
N ALA A 1426 -26.64 37.36 15.13
CA ALA A 1426 -27.20 36.21 14.42
C ALA A 1426 -27.18 36.50 12.92
N LEU A 1427 -26.62 35.56 12.15
CA LEU A 1427 -26.51 35.76 10.71
C LEU A 1427 -27.87 35.68 10.02
N ASP A 1428 -28.87 35.06 10.65
CA ASP A 1428 -30.22 35.11 10.11
C ASP A 1428 -30.75 36.54 10.08
N LEU A 1429 -30.28 37.39 11.00
CA LEU A 1429 -30.62 38.81 10.92
C LEU A 1429 -30.03 39.44 9.67
N LEU A 1430 -28.80 39.07 9.31
CA LEU A 1430 -28.21 39.55 8.07
C LEU A 1430 -29.01 39.07 6.86
N THR A 1431 -29.47 37.82 6.88
CA THR A 1431 -30.28 37.32 5.78
C THR A 1431 -31.60 38.08 5.68
N ARG A 1432 -32.24 38.34 6.82
CA ARG A 1432 -33.49 39.09 6.83
C ARG A 1432 -33.27 40.50 6.29
N MET A 1433 -32.18 41.15 6.70
CA MET A 1433 -31.88 42.48 6.19
C MET A 1433 -31.62 42.47 4.69
N LYS A 1434 -30.92 41.45 4.20
CA LYS A 1434 -30.66 41.32 2.77
C LYS A 1434 -31.95 41.15 1.98
N ILE A 1435 -32.84 40.28 2.46
CA ILE A 1435 -34.11 40.07 1.79
C ILE A 1435 -34.93 41.35 1.78
N LYS A 1436 -34.94 42.07 2.91
CA LYS A 1436 -35.68 43.33 2.98
C LYS A 1436 -35.09 44.38 2.05
N ALA A 1437 -33.77 44.46 1.97
CA ALA A 1437 -33.12 45.44 1.11
C ALA A 1437 -33.24 45.08 -0.36
N MET A 1438 -33.58 43.84 -0.69
CA MET A 1438 -33.91 43.50 -2.07
C MET A 1438 -35.02 44.38 -2.63
N SER A 1439 -35.93 44.84 -1.76
CA SER A 1439 -37.05 45.68 -2.17
C SER A 1439 -36.76 47.17 -2.02
N ILE A 1440 -35.54 47.54 -1.63
CA ILE A 1440 -35.16 48.93 -1.48
C ILE A 1440 -34.32 49.35 -2.69
N ASP A 1441 -34.80 50.34 -3.42
CA ASP A 1441 -34.08 50.82 -4.59
C ASP A 1441 -32.79 51.50 -4.19
N ILE A 1442 -31.78 51.41 -5.07
CA ILE A 1442 -30.49 52.02 -4.80
C ILE A 1442 -30.57 53.54 -4.77
N ASN A 1443 -31.62 54.13 -5.36
CA ASN A 1443 -31.84 55.57 -5.34
C ASN A 1443 -32.83 55.98 -4.26
N SER A 1444 -33.32 55.04 -3.45
CA SER A 1444 -34.32 55.35 -2.45
C SER A 1444 -33.73 56.25 -1.36
N SER A 1445 -34.61 57.06 -0.76
CA SER A 1445 -34.21 57.93 0.35
C SER A 1445 -33.98 57.16 1.64
N LYS A 1446 -34.38 55.89 1.70
CA LYS A 1446 -34.14 55.07 2.88
C LYS A 1446 -32.67 54.69 3.05
N ARG A 1447 -31.85 54.92 2.02
CA ARG A 1447 -30.42 54.68 2.12
C ARG A 1447 -29.72 55.93 2.62
N ASP A 1448 -28.50 55.74 3.13
CA ASP A 1448 -27.68 56.87 3.55
C ASP A 1448 -27.09 57.57 2.33
N VAL A 1449 -26.27 58.59 2.61
CA VAL A 1449 -25.51 59.23 1.54
C VAL A 1449 -24.44 58.30 1.00
N ASN A 1450 -24.09 57.25 1.74
CA ASN A 1450 -23.14 56.25 1.30
C ASN A 1450 -23.81 55.05 0.63
N GLY A 1451 -25.13 55.05 0.52
CA GLY A 1451 -25.85 53.97 -0.10
C GLY A 1451 -26.15 52.79 0.80
N ILE A 1452 -25.79 52.86 2.08
CA ILE A 1452 -26.06 51.77 3.02
C ILE A 1452 -27.52 51.85 3.47
N TYR A 1453 -28.18 50.70 3.51
CA TYR A 1453 -29.55 50.61 3.98
C TYR A 1453 -29.56 50.12 5.43
N TYR A 1454 -30.08 50.95 6.32
CA TYR A 1454 -30.22 50.58 7.73
C TYR A 1454 -31.68 50.32 8.05
N PRO A 1455 -32.07 49.07 8.33
CA PRO A 1455 -33.46 48.81 8.73
C PRO A 1455 -33.88 49.57 9.98
N ASP A 1456 -32.95 49.83 10.90
CA ASP A 1456 -33.31 50.58 12.11
C ASP A 1456 -33.74 52.00 11.78
N ASN A 1457 -33.26 52.55 10.68
CA ASN A 1457 -33.64 53.89 10.25
C ASN A 1457 -34.82 53.90 9.29
N ASP A 1458 -35.38 52.74 8.99
CA ASP A 1458 -36.52 52.66 8.07
C ASP A 1458 -37.81 52.94 8.82
N PRO A 1459 -38.52 54.02 8.51
CA PRO A 1459 -39.75 54.32 9.25
C PRO A 1459 -40.88 53.35 8.98
N ASP A 1460 -40.88 52.65 7.86
CA ASP A 1460 -41.96 51.76 7.48
C ASP A 1460 -41.69 50.30 7.84
N LEU A 1461 -40.62 50.03 8.58
CA LEU A 1461 -40.25 48.67 8.96
C LEU A 1461 -40.41 48.50 10.47
N GLU A 1462 -41.14 47.48 10.88
CA GLU A 1462 -41.34 47.18 12.28
C GLU A 1462 -40.26 46.23 12.78
N GLY A 1463 -39.65 46.57 13.91
CA GLY A 1463 -38.58 45.78 14.47
C GLY A 1463 -37.19 46.16 14.03
N GLY A 1464 -37.06 47.07 13.05
CA GLY A 1464 -35.75 47.47 12.59
C GLY A 1464 -35.00 46.30 11.97
N ASP A 1465 -33.76 46.12 12.39
CA ASP A 1465 -32.93 45.02 11.92
C ASP A 1465 -33.05 43.77 12.79
N GLY A 1466 -33.90 43.80 13.81
CA GLY A 1466 -34.10 42.67 14.68
C GLY A 1466 -33.13 42.54 15.83
N ASP A 1467 -32.17 43.46 15.95
CA ASP A 1467 -31.20 43.44 17.04
C ASP A 1467 -31.25 44.78 17.76
N GLY A 1468 -31.61 44.74 19.05
CA GLY A 1468 -31.67 45.97 19.83
C GLY A 1468 -30.33 46.53 20.24
N LYS A 1469 -29.29 45.69 20.26
CA LYS A 1469 -27.97 46.13 20.67
C LYS A 1469 -27.11 46.61 19.51
N LEU A 1470 -27.29 46.04 18.32
CA LEU A 1470 -26.46 46.33 17.18
C LEU A 1470 -27.24 47.09 16.11
N THR A 1471 -26.52 47.84 15.28
CA THR A 1471 -27.08 48.50 14.12
C THR A 1471 -26.56 47.78 12.87
N LEU A 1472 -27.48 47.32 12.03
CA LEU A 1472 -27.13 46.52 10.86
C LEU A 1472 -27.39 47.31 9.59
N GLY A 1473 -26.45 47.20 8.64
CA GLY A 1473 -26.60 47.85 7.36
C GLY A 1473 -26.09 46.94 6.24
N ILE A 1474 -26.59 47.21 5.04
CA ILE A 1474 -26.22 46.44 3.86
C ILE A 1474 -26.28 47.36 2.65
N LYS A 1475 -25.36 47.15 1.71
CA LYS A 1475 -25.28 48.01 0.53
C LYS A 1475 -25.54 47.28 -0.78
N GLY A 1476 -24.78 46.23 -1.09
CA GLY A 1476 -24.73 45.77 -2.47
C GLY A 1476 -24.73 44.27 -2.75
N ASN A 1477 -25.51 43.49 -2.00
CA ASN A 1477 -25.50 42.03 -2.13
C ASN A 1477 -24.14 41.46 -1.74
N PRO A 1478 -23.76 41.54 -0.46
CA PRO A 1478 -22.60 40.79 0.01
C PRO A 1478 -22.97 39.31 0.22
N ASN A 1479 -21.98 38.52 0.57
CA ASN A 1479 -22.17 37.08 0.70
C ASN A 1479 -21.28 36.58 1.83
N PHE A 1480 -21.89 36.17 2.95
CA PHE A 1480 -21.09 35.62 4.03
C PHE A 1480 -20.79 34.14 3.83
N GLY A 1481 -21.29 33.53 2.75
CA GLY A 1481 -20.81 32.22 2.36
C GLY A 1481 -19.42 32.23 1.77
N LEU A 1482 -18.96 33.39 1.29
CA LEU A 1482 -17.57 33.57 0.86
C LEU A 1482 -17.20 35.03 1.15
N VAL A 1483 -16.61 35.25 2.32
CA VAL A 1483 -16.18 36.59 2.72
C VAL A 1483 -14.75 36.79 2.24
N ARG A 1484 -14.56 37.77 1.37
CA ARG A 1484 -13.24 38.08 0.82
C ARG A 1484 -12.57 39.27 1.48
N ASN A 1485 -13.35 40.14 2.14
CA ASN A 1485 -12.84 41.38 2.69
C ASN A 1485 -13.44 41.59 4.06
N LEU A 1486 -12.58 41.75 5.07
CA LEU A 1486 -13.01 41.91 6.45
C LEU A 1486 -12.43 43.19 7.01
N MET A 1487 -13.27 44.01 7.64
CA MET A 1487 -12.88 45.32 8.10
C MET A 1487 -13.34 45.51 9.54
N VAL A 1488 -12.46 46.01 10.40
CA VAL A 1488 -12.85 46.42 11.75
C VAL A 1488 -12.41 47.87 11.94
N GLY A 1489 -13.30 48.69 12.48
CA GLY A 1489 -12.97 50.08 12.60
C GLY A 1489 -13.80 50.81 13.63
N VAL A 1490 -13.53 52.10 13.74
CA VAL A 1490 -14.19 52.99 14.69
C VAL A 1490 -14.80 54.15 13.92
N LYS A 1491 -16.07 54.42 14.21
CA LYS A 1491 -16.80 55.57 13.71
C LYS A 1491 -17.17 56.47 14.88
N SER A 1492 -17.66 57.66 14.57
CA SER A 1492 -18.05 58.62 15.59
C SER A 1492 -19.54 58.88 15.54
N ARG A 1493 -20.12 59.17 16.70
CA ARG A 1493 -21.50 59.63 16.80
C ARG A 1493 -21.63 60.95 17.53
N ALA A 1494 -20.53 61.57 17.93
CA ALA A 1494 -20.56 62.85 18.62
C ALA A 1494 -20.62 63.97 17.58
N ASP A 1495 -21.75 64.68 17.54
CA ASP A 1495 -22.00 65.68 16.51
C ASP A 1495 -20.99 66.82 16.55
N HIS A 1496 -20.98 67.59 17.63
CA HIS A 1496 -20.08 68.73 17.77
C HIS A 1496 -18.91 68.38 18.69
N LYS A 1497 -18.10 67.41 18.25
CA LYS A 1497 -16.96 66.97 19.04
C LYS A 1497 -15.94 66.33 18.13
N ASP A 1498 -14.70 66.30 18.59
CA ASP A 1498 -13.60 65.55 17.97
C ASP A 1498 -13.13 64.53 19.00
N ILE A 1499 -13.56 63.30 18.84
CA ILE A 1499 -13.34 62.27 19.85
C ILE A 1499 -12.01 61.57 19.60
N LYS A 1500 -11.34 61.22 20.69
CA LYS A 1500 -10.08 60.49 20.65
C LYS A 1500 -10.16 59.33 21.64
N GLY A 1501 -9.44 58.26 21.35
CA GLY A 1501 -9.44 57.14 22.26
C GLY A 1501 -8.85 55.89 21.62
N GLU A 1502 -8.83 54.83 22.42
CA GLU A 1502 -8.29 53.55 22.02
C GLU A 1502 -9.37 52.49 22.10
N VAL A 1503 -9.40 51.60 21.11
CA VAL A 1503 -10.38 50.53 21.03
C VAL A 1503 -9.66 49.22 20.80
N TRP A 1504 -9.98 48.21 21.60
CA TRP A 1504 -9.42 46.87 21.48
C TRP A 1504 -10.47 45.93 20.89
N PHE A 1505 -10.05 45.16 19.90
CA PHE A 1505 -10.85 44.10 19.30
C PHE A 1505 -10.22 42.76 19.66
N ASN A 1506 -11.05 41.80 20.07
CA ASN A 1506 -10.52 40.52 20.48
C ASN A 1506 -11.49 39.38 20.14
N GLU A 1507 -10.93 38.25 19.71
CA GLU A 1507 -11.64 37.00 19.55
C GLU A 1507 -12.84 37.13 18.61
N LEU A 1508 -12.55 37.54 17.37
CA LEU A 1508 -13.58 37.54 16.35
C LEU A 1508 -13.81 36.11 15.87
N ARG A 1509 -15.01 35.58 16.11
CA ARG A 1509 -15.22 34.15 15.98
C ARG A 1509 -16.62 33.85 15.47
N LEU A 1510 -16.77 32.64 14.93
CA LEU A 1510 -18.06 32.08 14.57
C LEU A 1510 -18.49 31.08 15.65
N ALA A 1511 -19.79 30.99 15.87
CA ALA A 1511 -20.31 30.17 16.95
C ALA A 1511 -21.64 29.55 16.54
N ASP A 1512 -22.05 28.53 17.31
CA ASP A 1512 -23.30 27.80 17.11
C ASP A 1512 -23.34 27.12 15.74
N LEU A 1513 -22.48 26.11 15.62
CA LEU A 1513 -22.43 25.28 14.41
C LEU A 1513 -23.77 24.64 14.13
N GLU A 1514 -24.23 24.73 12.89
CA GLU A 1514 -25.46 24.07 12.44
C GLU A 1514 -25.12 22.61 12.14
N ASN A 1515 -25.33 21.75 13.13
CA ASN A 1515 -24.88 20.37 13.08
C ASN A 1515 -26.01 19.40 12.75
N LYS A 1516 -27.01 19.85 11.99
CA LYS A 1516 -28.01 18.92 11.48
C LYS A 1516 -27.36 17.98 10.48
N GLY A 1517 -27.73 16.70 10.55
CA GLY A 1517 -27.12 15.67 9.74
C GLY A 1517 -27.72 15.58 8.36
N GLY A 1518 -27.52 14.41 7.75
CA GLY A 1518 -28.06 14.15 6.43
C GLY A 1518 -28.21 12.67 6.21
N MET A 1519 -28.92 12.33 5.13
CA MET A 1519 -29.17 10.94 4.78
C MET A 1519 -28.65 10.65 3.39
N ALA A 1520 -28.32 9.38 3.15
CA ALA A 1520 -27.99 8.90 1.83
C ALA A 1520 -28.50 7.48 1.68
N ALA A 1521 -28.82 7.11 0.45
CA ALA A 1521 -29.31 5.77 0.13
C ALA A 1521 -28.77 5.35 -1.22
N ILE A 1522 -28.29 4.11 -1.29
CA ILE A 1522 -27.74 3.55 -2.51
C ILE A 1522 -28.40 2.21 -2.78
N LEU A 1523 -28.66 1.94 -4.06
CA LEU A 1523 -29.23 0.68 -4.52
C LEU A 1523 -28.43 0.21 -5.72
N ASN A 1524 -27.92 -1.01 -5.65
CA ASN A 1524 -27.11 -1.60 -6.71
C ASN A 1524 -27.76 -2.90 -7.16
N VAL A 1525 -27.92 -3.08 -8.47
CA VAL A 1525 -28.44 -4.30 -9.05
C VAL A 1525 -27.44 -4.75 -10.10
N ASP A 1526 -26.69 -5.81 -9.80
CA ASP A 1526 -25.70 -6.37 -10.71
C ASP A 1526 -26.14 -7.77 -11.12
N THR A 1527 -26.43 -7.96 -12.39
CA THR A 1527 -26.83 -9.26 -12.90
C THR A 1527 -25.94 -9.66 -14.07
N ASN A 1528 -25.68 -10.96 -14.17
CA ASN A 1528 -24.97 -11.53 -15.31
C ASN A 1528 -25.82 -12.64 -15.89
N MET A 1529 -25.88 -12.66 -17.22
CA MET A 1529 -26.71 -13.58 -17.99
C MET A 1529 -25.79 -14.47 -18.82
N ALA A 1530 -25.46 -15.63 -18.24
CA ALA A 1530 -24.90 -16.78 -18.94
C ALA A 1530 -23.73 -16.41 -19.86
N ASP A 1531 -22.77 -15.68 -19.30
CA ASP A 1531 -21.53 -15.23 -19.95
C ASP A 1531 -21.78 -14.45 -21.24
N PHE A 1532 -23.03 -14.10 -21.52
CA PHE A 1532 -23.40 -13.33 -22.69
C PHE A 1532 -23.70 -11.88 -22.37
N ALA A 1533 -24.38 -11.60 -21.27
CA ALA A 1533 -24.78 -10.24 -20.94
C ALA A 1533 -24.40 -9.92 -19.51
N THR A 1534 -24.16 -8.63 -19.25
CA THR A 1534 -23.95 -8.14 -17.90
C THR A 1534 -24.62 -6.79 -17.76
N VAL A 1535 -25.39 -6.61 -16.70
CA VAL A 1535 -26.07 -5.34 -16.42
C VAL A 1535 -25.72 -4.91 -15.01
N SER A 1536 -25.44 -3.62 -14.85
CA SER A 1536 -25.10 -3.06 -13.54
C SER A 1536 -25.81 -1.72 -13.42
N ALA A 1537 -26.79 -1.64 -12.52
CA ALA A 1537 -27.55 -0.43 -12.29
C ALA A 1537 -27.29 0.10 -10.89
N THR A 1538 -27.11 1.40 -10.78
CA THR A 1538 -26.86 2.07 -9.52
C THR A 1538 -27.79 3.26 -9.39
N GLY A 1539 -28.39 3.40 -8.21
CA GLY A 1539 -29.22 4.55 -7.89
C GLY A 1539 -28.87 5.13 -6.54
N ARG A 1540 -28.59 6.42 -6.49
CA ARG A 1540 -28.15 7.09 -5.27
C ARG A 1540 -29.01 8.31 -5.00
N LYS A 1541 -29.33 8.52 -3.73
CA LYS A 1541 -30.11 9.68 -3.30
C LYS A 1541 -29.53 10.18 -1.98
N SER A 1542 -29.00 11.39 -2.00
CA SER A 1542 -28.36 12.00 -0.84
C SER A 1542 -29.02 13.32 -0.53
N THR A 1543 -29.13 13.65 0.75
CA THR A 1543 -29.79 14.87 1.19
C THR A 1543 -28.75 15.91 1.61
N ILE A 1544 -29.24 17.13 1.85
CA ILE A 1544 -28.39 18.21 2.34
C ILE A 1544 -27.91 17.87 3.74
N GLY A 1545 -26.60 18.01 3.96
CA GLY A 1545 -25.99 17.75 5.24
C GLY A 1545 -25.24 16.44 5.34
N PHE A 1546 -25.44 15.53 4.39
CA PHE A 1546 -24.70 14.27 4.41
C PHE A 1546 -23.23 14.52 4.04
N GLY A 1547 -22.41 13.52 4.33
CA GLY A 1547 -21.01 13.60 3.98
C GLY A 1547 -20.24 12.42 4.55
N SER A 1548 -18.93 12.50 4.43
CA SER A 1548 -18.05 11.50 4.99
C SER A 1548 -17.73 11.82 6.45
N LEU A 1549 -17.11 10.86 7.13
CA LEU A 1549 -16.77 11.04 8.53
C LEU A 1549 -15.73 12.13 8.72
N GLU A 1550 -14.83 12.31 7.75
CA GLU A 1550 -13.72 13.24 7.89
C GLU A 1550 -14.03 14.64 7.38
N GLN A 1551 -15.19 14.86 6.77
CA GLN A 1551 -15.49 16.16 6.17
C GLN A 1551 -15.89 17.17 7.24
N GLY A 1552 -15.40 18.39 7.07
CA GLY A 1552 -15.66 19.46 8.01
C GLY A 1552 -16.99 20.16 7.75
N ALA A 1553 -17.18 21.26 8.46
CA ALA A 1553 -18.46 21.98 8.39
C ALA A 1553 -18.73 22.51 6.99
N ASN A 1554 -17.70 23.03 6.32
CA ASN A 1554 -17.85 23.58 4.97
C ASN A 1554 -17.60 22.55 3.88
N GLU A 1555 -17.22 21.32 4.24
CA GLU A 1555 -16.94 20.29 3.26
C GLU A 1555 -18.07 19.30 3.06
N ARG A 1556 -19.06 19.28 3.94
CA ARG A 1556 -20.18 18.36 3.80
C ARG A 1556 -21.11 18.82 2.69
N ASP A 1557 -21.98 17.90 2.27
CA ASP A 1557 -22.83 18.12 1.10
C ASP A 1557 -23.85 19.22 1.39
N ARG A 1558 -23.69 20.37 0.73
CA ARG A 1558 -24.70 21.42 0.75
C ARG A 1558 -25.62 21.32 -0.45
N GLU A 1559 -26.17 20.13 -0.71
CA GLU A 1559 -26.99 19.92 -1.88
C GLU A 1559 -27.68 18.56 -1.80
N ASP A 1560 -28.83 18.47 -2.46
CA ASP A 1560 -29.55 17.22 -2.66
C ASP A 1560 -29.10 16.61 -3.97
N VAL A 1561 -28.76 15.32 -3.95
CA VAL A 1561 -28.26 14.63 -5.14
C VAL A 1561 -29.17 13.45 -5.42
N GLN A 1562 -29.57 13.31 -6.69
CA GLN A 1562 -30.31 12.15 -7.16
C GLN A 1562 -29.65 11.67 -8.44
N GLN A 1563 -29.01 10.51 -8.40
CA GLN A 1563 -28.20 10.02 -9.50
C GLN A 1563 -28.57 8.58 -9.83
N TYR A 1564 -28.44 8.23 -11.11
CA TYR A 1564 -28.52 6.82 -11.48
C TYR A 1564 -27.62 6.57 -12.68
N ASN A 1565 -27.21 5.32 -12.84
CA ASN A 1565 -26.30 4.91 -13.89
C ASN A 1565 -26.50 3.43 -14.18
N ILE A 1566 -26.75 3.10 -15.45
CA ILE A 1566 -26.93 1.73 -15.91
C ILE A 1566 -25.86 1.44 -16.96
N VAL A 1567 -25.11 0.36 -16.76
CA VAL A 1567 -24.08 -0.08 -17.70
C VAL A 1567 -24.43 -1.49 -18.17
N THR A 1568 -24.42 -1.69 -19.48
CA THR A 1568 -24.71 -2.99 -20.08
C THR A 1568 -23.55 -3.40 -20.97
N ASN A 1569 -23.12 -4.66 -20.83
CA ASN A 1569 -22.06 -5.23 -21.64
C ASN A 1569 -22.60 -6.48 -22.31
N LEU A 1570 -22.60 -6.50 -23.63
CA LEU A 1570 -23.09 -7.62 -24.43
C LEU A 1570 -21.95 -8.20 -25.25
N ASN A 1571 -21.88 -9.53 -25.30
CA ASN A 1571 -20.93 -10.22 -26.16
C ASN A 1571 -21.66 -10.64 -27.43
N LEU A 1572 -21.86 -9.65 -28.31
CA LEU A 1572 -22.62 -9.89 -29.53
C LEU A 1572 -21.96 -10.90 -30.45
N GLY A 1573 -20.64 -11.08 -30.33
CA GLY A 1573 -19.95 -12.08 -31.13
C GLY A 1573 -20.40 -13.49 -30.83
N LYS A 1574 -20.98 -13.73 -29.65
CA LYS A 1574 -21.55 -15.02 -29.32
C LYS A 1574 -22.88 -15.29 -30.02
N LEU A 1575 -23.50 -14.26 -30.61
CA LEU A 1575 -24.70 -14.46 -31.40
C LEU A 1575 -24.40 -15.03 -32.78
N LEU A 1576 -23.13 -15.14 -33.15
CA LEU A 1576 -22.70 -15.74 -34.40
C LEU A 1576 -22.01 -17.07 -34.13
N PRO A 1577 -22.00 -17.98 -35.11
CA PRO A 1577 -21.41 -19.30 -34.88
C PRO A 1577 -19.93 -19.21 -34.48
N LYS A 1578 -19.54 -20.09 -33.56
CA LYS A 1578 -18.19 -20.10 -33.03
C LYS A 1578 -17.15 -20.55 -34.04
N LYS A 1579 -17.57 -21.17 -35.15
CA LYS A 1579 -16.62 -21.60 -36.17
C LYS A 1579 -15.78 -20.44 -36.68
N TRP A 1580 -16.44 -19.36 -37.08
CA TRP A 1580 -15.77 -18.11 -37.44
C TRP A 1580 -15.95 -17.13 -36.28
N GLY A 1581 -15.02 -17.17 -35.34
CA GLY A 1581 -15.11 -16.43 -34.11
C GLY A 1581 -14.95 -14.93 -34.26
N ILE A 1582 -16.01 -14.20 -33.95
CA ILE A 1582 -16.01 -12.74 -34.00
C ILE A 1582 -16.07 -12.21 -32.57
N ASN A 1583 -15.12 -11.35 -32.23
CA ASN A 1583 -15.12 -10.64 -30.95
C ASN A 1583 -15.80 -9.29 -31.19
N LEU A 1584 -17.07 -9.19 -30.79
CA LEU A 1584 -17.88 -8.00 -31.04
C LEU A 1584 -18.51 -7.55 -29.73
N PRO A 1585 -17.72 -6.95 -28.84
CA PRO A 1585 -18.28 -6.48 -27.57
C PRO A 1585 -19.00 -5.15 -27.73
N PHE A 1586 -20.17 -5.06 -27.10
CA PHE A 1586 -21.00 -3.87 -27.13
C PHE A 1586 -21.17 -3.35 -25.70
N ASN A 1587 -20.94 -2.06 -25.52
CA ASN A 1587 -21.06 -1.42 -24.22
C ASN A 1587 -22.06 -0.27 -24.34
N TYR A 1588 -23.01 -0.21 -23.40
CA TYR A 1588 -24.01 0.85 -23.38
C TYR A 1588 -24.13 1.37 -21.96
N ALA A 1589 -23.68 2.60 -21.72
CA ALA A 1589 -23.79 3.24 -20.42
C ALA A 1589 -24.71 4.44 -20.54
N ILE A 1590 -25.69 4.51 -19.65
CA ILE A 1590 -26.59 5.65 -19.56
C ILE A 1590 -26.61 6.09 -18.11
N GLY A 1591 -26.88 7.36 -17.88
CA GLY A 1591 -27.04 7.81 -16.51
C GLY A 1591 -27.37 9.29 -16.47
N GLU A 1592 -27.85 9.72 -15.31
CA GLU A 1592 -28.01 11.15 -15.10
C GLU A 1592 -28.12 11.44 -13.61
N GLU A 1593 -27.71 12.64 -13.26
CA GLU A 1593 -27.75 13.14 -11.89
C GLU A 1593 -28.33 14.55 -11.85
N VAL A 1594 -29.12 14.79 -10.81
CA VAL A 1594 -29.75 16.08 -10.56
C VAL A 1594 -29.29 16.56 -9.19
N ILE A 1595 -28.82 17.80 -9.12
CA ILE A 1595 -28.29 18.39 -7.90
C ILE A 1595 -29.08 19.65 -7.61
N THR A 1596 -29.69 19.70 -6.44
CA THR A 1596 -30.42 20.88 -5.97
C THR A 1596 -29.63 21.52 -4.83
N PRO A 1597 -29.07 22.70 -5.01
CA PRO A 1597 -28.25 23.30 -3.95
C PRO A 1597 -29.09 23.72 -2.76
N GLU A 1598 -28.46 23.67 -1.58
CA GLU A 1598 -29.10 24.22 -0.39
C GLU A 1598 -29.27 25.72 -0.49
N TYR A 1599 -28.27 26.41 -1.02
CA TYR A 1599 -28.28 27.86 -1.12
C TYR A 1599 -28.51 28.28 -2.56
N ASP A 1600 -29.23 29.38 -2.73
CA ASP A 1600 -29.45 29.93 -4.06
C ASP A 1600 -28.12 30.34 -4.66
N PRO A 1601 -27.80 29.93 -5.89
CA PRO A 1601 -26.53 30.34 -6.50
C PRO A 1601 -26.41 31.85 -6.62
N PHE A 1602 -27.51 32.55 -6.83
CA PHE A 1602 -27.55 34.00 -6.68
C PHE A 1602 -27.65 34.35 -5.20
N ASN A 1603 -26.86 35.35 -4.80
CA ASN A 1603 -26.71 35.86 -3.44
C ASN A 1603 -25.93 34.90 -2.55
N GLN A 1604 -25.80 33.65 -2.96
CA GLN A 1604 -24.81 32.70 -2.44
C GLN A 1604 -24.92 32.42 -0.94
N ASP A 1605 -25.83 33.09 -0.22
CA ASP A 1605 -25.92 32.88 1.23
C ASP A 1605 -27.35 32.87 1.74
N ILE A 1606 -28.34 32.95 0.87
CA ILE A 1606 -29.73 32.76 1.23
C ILE A 1606 -30.15 31.38 0.76
N LYS A 1607 -30.80 30.62 1.64
CA LYS A 1607 -31.24 29.28 1.28
C LYS A 1607 -32.29 29.35 0.18
N LEU A 1608 -32.25 28.35 -0.71
CA LEU A 1608 -33.11 28.36 -1.89
C LEU A 1608 -34.59 28.33 -1.49
N ASP A 1609 -34.94 27.50 -0.51
CA ASP A 1609 -36.32 27.43 -0.06
C ASP A 1609 -36.79 28.75 0.53
N GLN A 1610 -35.95 29.38 1.36
CA GLN A 1610 -36.31 30.67 1.96
C GLN A 1610 -36.47 31.74 0.89
N LEU A 1611 -35.57 31.78 -0.09
CA LEU A 1611 -35.68 32.79 -1.15
C LEU A 1611 -36.91 32.56 -2.00
N ILE A 1612 -37.24 31.30 -2.31
CA ILE A 1612 -38.42 31.01 -3.09
C ILE A 1612 -39.69 31.41 -2.32
N ARG A 1613 -39.69 31.17 -1.00
CA ARG A 1613 -40.85 31.56 -0.19
C ARG A 1613 -41.07 33.06 -0.22
N GLU A 1614 -40.00 33.84 -0.08
CA GLU A 1614 -40.09 35.30 -0.01
C GLU A 1614 -39.86 35.96 -1.36
N THR A 1615 -40.62 35.57 -2.38
CA THR A 1615 -40.49 36.18 -3.70
C THR A 1615 -41.77 36.84 -4.19
N THR A 1616 -42.92 36.20 -4.00
CA THR A 1616 -44.22 36.77 -4.37
C THR A 1616 -44.27 37.17 -5.85
N ASP A 1617 -43.69 36.33 -6.70
CA ASP A 1617 -43.72 36.54 -8.15
C ASP A 1617 -43.50 35.20 -8.83
N GLN A 1618 -44.50 34.73 -9.57
CA GLN A 1618 -44.45 33.38 -10.11
C GLN A 1618 -43.30 33.22 -11.12
N ALA A 1619 -43.12 34.20 -12.01
CA ALA A 1619 -42.03 34.10 -12.97
C ALA A 1619 -40.67 34.12 -12.28
N GLU A 1620 -40.51 35.01 -11.30
CA GLU A 1620 -39.26 35.05 -10.54
C GLU A 1620 -39.05 33.77 -9.75
N LYS A 1621 -40.11 33.23 -9.16
CA LYS A 1621 -40.00 31.98 -8.42
C LYS A 1621 -39.57 30.84 -9.35
N ASP A 1622 -40.17 30.75 -10.53
CA ASP A 1622 -39.80 29.71 -11.48
C ASP A 1622 -38.35 29.88 -11.94
N ASN A 1623 -37.93 31.11 -12.21
CA ASN A 1623 -36.54 31.33 -12.59
C ASN A 1623 -35.59 30.90 -11.49
N ILE A 1624 -35.89 31.27 -10.24
CA ILE A 1624 -35.02 30.92 -9.12
C ILE A 1624 -34.96 29.40 -8.96
N ARG A 1625 -36.10 28.72 -9.10
CA ARG A 1625 -36.12 27.27 -8.96
C ARG A 1625 -35.35 26.59 -10.08
N THR A 1626 -35.53 27.04 -11.32
CA THR A 1626 -34.96 26.33 -12.46
C THR A 1626 -33.47 26.60 -12.62
N ARG A 1627 -33.02 27.82 -12.37
CA ARG A 1627 -31.60 28.13 -12.56
C ARG A 1627 -30.71 27.44 -11.54
N ALA A 1628 -31.26 27.03 -10.40
CA ALA A 1628 -30.45 26.40 -9.36
C ALA A 1628 -30.11 24.95 -9.68
N ILE A 1629 -30.95 24.27 -10.46
CA ILE A 1629 -30.77 22.85 -10.71
C ILE A 1629 -29.50 22.63 -11.53
N ASP A 1630 -28.66 21.69 -11.08
CA ASP A 1630 -27.49 21.25 -11.82
C ASP A 1630 -27.79 19.85 -12.33
N TYR A 1631 -28.05 19.73 -13.63
CA TYR A 1631 -28.47 18.48 -14.25
C TYR A 1631 -27.42 18.02 -15.23
N THR A 1632 -27.02 16.76 -15.11
CA THR A 1632 -26.06 16.13 -16.02
C THR A 1632 -26.62 14.80 -16.50
N LYS A 1633 -26.45 14.52 -17.79
CA LYS A 1633 -26.89 13.27 -18.40
C LYS A 1633 -25.77 12.75 -19.29
N ARG A 1634 -25.43 11.49 -19.13
CA ARG A 1634 -24.32 10.87 -19.85
C ARG A 1634 -24.80 9.64 -20.60
N LYS A 1635 -24.33 9.50 -21.84
CA LYS A 1635 -24.58 8.34 -22.68
C LYS A 1635 -23.28 7.93 -23.34
N SER A 1636 -23.06 6.62 -23.45
CA SER A 1636 -21.83 6.07 -23.99
C SER A 1636 -22.15 4.78 -24.73
N ILE A 1637 -21.80 4.71 -26.01
CA ILE A 1637 -22.02 3.54 -26.84
C ILE A 1637 -20.67 3.11 -27.42
N ASN A 1638 -20.25 1.89 -27.11
CA ASN A 1638 -18.91 1.44 -27.43
C ASN A 1638 -18.94 0.12 -28.17
N PHE A 1639 -18.11 0.04 -29.21
CA PHE A 1639 -17.85 -1.10 -30.08
C PHE A 1639 -16.36 -1.26 -30.26
N ILE A 1640 -15.64 -1.34 -29.15
CA ILE A 1640 -14.18 -1.33 -29.16
C ILE A 1640 -13.67 -2.76 -29.30
N GLY A 1641 -12.64 -2.95 -30.14
CA GLY A 1641 -11.99 -4.24 -30.20
C GLY A 1641 -12.65 -5.25 -31.11
N VAL A 1642 -13.40 -4.77 -32.11
CA VAL A 1642 -14.05 -5.67 -33.05
C VAL A 1642 -12.99 -6.32 -33.93
N ARG A 1643 -12.93 -7.65 -33.91
CA ARG A 1643 -11.94 -8.38 -34.67
C ARG A 1643 -12.41 -9.81 -34.88
N LYS A 1644 -11.83 -10.46 -35.88
CA LYS A 1644 -12.07 -11.87 -36.15
C LYS A 1644 -10.83 -12.65 -35.76
N ASP A 1645 -11.01 -13.71 -34.97
CA ASP A 1645 -9.88 -14.51 -34.51
C ASP A 1645 -9.56 -15.60 -35.52
N ARG A 1646 -8.31 -16.08 -35.46
CA ARG A 1646 -7.85 -17.10 -36.37
C ARG A 1646 -8.35 -18.47 -35.95
N ALA A 1647 -8.36 -19.40 -36.90
CA ALA A 1647 -8.66 -20.79 -36.62
C ALA A 1647 -7.52 -21.41 -35.82
N PRO A 1648 -7.77 -22.52 -35.11
CA PRO A 1648 -6.68 -23.15 -34.35
C PRO A 1648 -5.48 -23.51 -35.21
N GLU A 1649 -5.70 -23.93 -36.45
CA GLU A 1649 -4.63 -24.19 -37.40
C GLU A 1649 -4.97 -23.44 -38.69
N GLN A 1650 -4.57 -22.18 -38.76
CA GLN A 1650 -4.84 -21.32 -39.91
C GLN A 1650 -3.55 -20.66 -40.37
N LYS A 1651 -3.35 -20.61 -41.68
CA LYS A 1651 -2.16 -20.00 -42.25
C LYS A 1651 -2.37 -18.51 -42.43
N PRO A 1652 -1.59 -17.65 -41.77
CA PRO A 1652 -1.79 -16.20 -41.92
C PRO A 1652 -1.55 -15.74 -43.35
N HIS A 1653 -2.34 -14.75 -43.77
CA HIS A 1653 -2.22 -14.14 -45.09
C HIS A 1653 -2.25 -12.63 -44.94
N VAL A 1654 -1.63 -11.94 -45.90
CA VAL A 1654 -1.52 -10.48 -45.82
C VAL A 1654 -2.89 -9.83 -45.96
N TYR A 1655 -3.76 -10.40 -46.79
CA TYR A 1655 -5.07 -9.82 -47.05
C TYR A 1655 -6.15 -10.34 -46.12
N ASP A 1656 -5.78 -11.10 -45.09
CA ASP A 1656 -6.77 -11.68 -44.19
C ASP A 1656 -7.49 -10.61 -43.39
N ILE A 1657 -8.78 -10.83 -43.16
CA ILE A 1657 -9.57 -9.93 -42.33
C ILE A 1657 -9.16 -10.03 -40.86
N GLU A 1658 -8.45 -11.10 -40.49
CA GLU A 1658 -8.00 -11.28 -39.12
C GLU A 1658 -6.89 -10.31 -38.73
N ASN A 1659 -6.32 -9.58 -39.69
CA ASN A 1659 -5.31 -8.57 -39.40
C ASN A 1659 -5.91 -7.23 -39.00
N PHE A 1660 -7.23 -7.08 -39.07
CA PHE A 1660 -7.91 -5.82 -38.82
C PHE A 1660 -8.52 -5.80 -37.42
N THR A 1661 -8.59 -4.60 -36.86
CA THR A 1661 -9.31 -4.34 -35.61
C THR A 1661 -10.14 -3.09 -35.78
N PHE A 1662 -11.32 -3.08 -35.19
CA PHE A 1662 -12.23 -1.95 -35.29
C PHE A 1662 -12.63 -1.46 -33.90
N SER A 1663 -12.67 -0.14 -33.74
CA SER A 1663 -13.11 0.46 -32.49
C SER A 1663 -14.06 1.60 -32.80
N GLN A 1664 -15.22 1.59 -32.15
CA GLN A 1664 -16.17 2.69 -32.25
C GLN A 1664 -16.50 3.18 -30.85
N SER A 1665 -16.55 4.50 -30.69
CA SER A 1665 -16.90 5.10 -29.40
C SER A 1665 -17.77 6.32 -29.65
N TYR A 1666 -18.88 6.40 -28.92
CA TYR A 1666 -19.73 7.57 -28.95
C TYR A 1666 -20.02 7.99 -27.51
N ASN A 1667 -19.82 9.26 -27.21
CA ASN A 1667 -20.08 9.79 -25.88
C ASN A 1667 -20.87 11.08 -26.00
N GLN A 1668 -21.90 11.21 -25.17
CA GLN A 1668 -22.75 12.39 -25.17
C GLN A 1668 -22.99 12.84 -23.73
N VAL A 1669 -22.79 14.13 -23.48
CA VAL A 1669 -23.02 14.74 -22.18
C VAL A 1669 -23.96 15.93 -22.38
N GLU A 1670 -25.08 15.91 -21.70
CA GLU A 1670 -26.05 17.01 -21.71
C GLU A 1670 -26.10 17.62 -20.32
N ARG A 1671 -25.93 18.94 -20.23
CA ARG A 1671 -25.85 19.59 -18.95
C ARG A 1671 -26.67 20.87 -18.95
N HIS A 1672 -27.17 21.23 -17.78
CA HIS A 1672 -27.64 22.58 -17.55
C HIS A 1672 -27.57 22.89 -16.06
N ASP A 1673 -26.97 24.02 -15.72
CA ASP A 1673 -26.80 24.40 -14.32
C ASP A 1673 -26.87 25.93 -14.23
N TYR A 1674 -26.39 26.48 -13.12
CA TYR A 1674 -26.49 27.92 -12.90
C TYR A 1674 -25.68 28.71 -13.92
N GLU A 1675 -24.58 28.15 -14.41
CA GLU A 1675 -23.72 28.89 -15.33
C GLU A 1675 -24.10 28.69 -16.79
N VAL A 1676 -24.58 27.51 -17.16
CA VAL A 1676 -24.91 27.19 -18.55
C VAL A 1676 -26.37 26.75 -18.60
N ALA A 1677 -27.15 27.40 -19.48
CA ALA A 1677 -28.54 27.02 -19.67
C ALA A 1677 -28.67 25.76 -20.52
N ASP A 1678 -27.74 25.55 -21.44
CA ASP A 1678 -27.75 24.39 -22.31
C ASP A 1678 -26.32 24.06 -22.68
N TYR A 1679 -25.89 22.84 -22.38
CA TYR A 1679 -24.54 22.39 -22.68
C TYR A 1679 -24.64 21.01 -23.31
N GLU A 1680 -24.00 20.83 -24.47
CA GLU A 1680 -24.04 19.57 -25.18
C GLU A 1680 -22.63 19.24 -25.65
N ASP A 1681 -22.16 18.04 -25.31
CA ASP A 1681 -20.83 17.58 -25.69
C ASP A 1681 -20.95 16.23 -26.37
N GLU A 1682 -20.53 16.15 -27.63
CA GLU A 1682 -20.57 14.92 -28.41
C GLU A 1682 -19.17 14.56 -28.87
N GLN A 1683 -18.81 13.29 -28.70
CA GLN A 1683 -17.53 12.78 -29.18
C GLN A 1683 -17.75 11.47 -29.91
N SER A 1684 -17.18 11.36 -31.10
CA SER A 1684 -17.24 10.14 -31.91
C SER A 1684 -15.83 9.76 -32.31
N ASN A 1685 -15.47 8.50 -32.11
CA ASN A 1685 -14.15 7.98 -32.40
C ASN A 1685 -14.28 6.68 -33.17
N SER A 1686 -13.87 6.67 -34.43
CA SER A 1686 -13.83 5.48 -35.26
C SER A 1686 -12.39 5.18 -35.61
N ALA A 1687 -11.94 3.96 -35.29
CA ALA A 1687 -10.56 3.56 -35.51
C ALA A 1687 -10.53 2.21 -36.21
N VAL A 1688 -9.70 2.12 -37.26
CA VAL A 1688 -9.46 0.87 -37.98
C VAL A 1688 -7.97 0.64 -37.99
N ASN A 1689 -7.54 -0.44 -37.34
CA ASN A 1689 -6.12 -0.76 -37.20
C ASN A 1689 -5.77 -1.98 -38.04
N TYR A 1690 -4.65 -1.91 -38.74
CA TYR A 1690 -4.14 -3.03 -39.53
C TYR A 1690 -2.69 -3.29 -39.17
N ALA A 1691 -2.33 -4.57 -39.04
CA ALA A 1691 -0.96 -4.96 -38.78
C ALA A 1691 -0.74 -6.36 -39.33
N TYR A 1692 0.42 -6.56 -39.94
CA TYR A 1692 0.79 -7.88 -40.46
C TYR A 1692 2.29 -7.99 -40.54
N THR A 1693 2.84 -9.06 -39.99
CA THR A 1693 4.27 -9.36 -40.03
C THR A 1693 4.48 -10.51 -41.01
N PHE A 1694 5.15 -10.23 -42.12
CA PHE A 1694 5.44 -11.26 -43.09
C PHE A 1694 6.35 -12.34 -42.50
N GLN A 1695 6.05 -13.59 -42.81
CA GLN A 1695 6.85 -14.70 -42.32
C GLN A 1695 7.73 -15.26 -43.44
N PRO A 1696 8.95 -15.72 -43.12
CA PRO A 1696 9.85 -16.29 -44.11
C PRO A 1696 9.40 -17.66 -44.60
N ASN A 1721 20.83 -4.85 -56.38
CA ASN A 1721 19.56 -5.51 -56.10
C ASN A 1721 19.55 -6.11 -54.70
N PHE A 1722 18.37 -6.15 -54.09
CA PHE A 1722 18.22 -6.70 -52.75
C PHE A 1722 16.76 -7.10 -52.55
N ASN A 1723 16.49 -7.74 -51.41
CA ASN A 1723 15.14 -8.20 -51.11
C ASN A 1723 14.17 -7.03 -51.04
N TYR A 1724 12.97 -7.24 -51.59
CA TYR A 1724 11.96 -6.18 -51.67
C TYR A 1724 10.65 -6.56 -50.99
N LEU A 1725 10.60 -7.70 -50.30
CA LEU A 1725 9.39 -8.07 -49.56
C LEU A 1725 9.44 -7.48 -48.16
N PRO A 1726 8.49 -6.63 -47.78
CA PRO A 1726 8.53 -6.03 -46.44
C PRO A 1726 8.41 -7.09 -45.35
N SER A 1727 9.11 -6.85 -44.24
CA SER A 1727 9.03 -7.74 -43.09
C SER A 1727 7.74 -7.51 -42.30
N ASN A 1728 7.27 -6.27 -42.22
CA ASN A 1728 6.05 -5.95 -41.52
C ASN A 1728 5.38 -4.76 -42.18
N ILE A 1729 4.06 -4.68 -42.04
CA ILE A 1729 3.27 -3.57 -42.57
C ILE A 1729 2.28 -3.14 -41.51
N SER A 1730 2.19 -1.83 -41.27
CA SER A 1730 1.28 -1.28 -40.28
C SER A 1730 0.45 -0.18 -40.92
N PHE A 1731 -0.77 0.00 -40.39
CA PHE A 1731 -1.68 1.03 -40.89
C PHE A 1731 -2.82 1.15 -39.90
N ASN A 1732 -3.18 2.39 -39.57
CA ASN A 1732 -4.35 2.62 -38.73
C ASN A 1732 -4.97 3.97 -39.08
N THR A 1733 -6.30 3.98 -39.17
CA THR A 1733 -7.06 5.18 -39.50
C THR A 1733 -7.88 5.59 -38.28
N ASN A 1734 -8.19 6.89 -38.20
CA ASN A 1734 -8.94 7.41 -37.08
C ASN A 1734 -9.82 8.56 -37.53
N ILE A 1735 -11.10 8.50 -37.19
CA ILE A 1735 -12.03 9.62 -37.36
C ILE A 1735 -12.39 10.10 -35.96
N LEU A 1736 -11.96 11.31 -35.62
CA LEU A 1736 -12.23 11.91 -34.32
C LEU A 1736 -13.09 13.14 -34.53
N ARG A 1737 -14.28 13.15 -33.94
CA ARG A 1737 -15.21 14.26 -34.07
C ARG A 1737 -15.68 14.66 -32.68
N GLN A 1738 -15.37 15.90 -32.29
CA GLN A 1738 -15.78 16.46 -31.02
C GLN A 1738 -16.68 17.65 -31.26
N SER A 1739 -17.84 17.65 -30.60
CA SER A 1739 -18.80 18.74 -30.73
C SER A 1739 -19.13 19.27 -29.34
N ASN A 1740 -19.02 20.59 -29.17
CA ASN A 1740 -19.37 21.26 -27.93
C ASN A 1740 -20.29 22.42 -28.24
N ARG A 1741 -21.45 22.45 -27.58
CA ARG A 1741 -22.39 23.56 -27.68
C ARG A 1741 -22.58 24.13 -26.28
N GLN A 1742 -22.23 25.41 -26.11
CA GLN A 1742 -22.29 26.08 -24.82
C GLN A 1742 -23.17 27.31 -24.94
N GLN A 1743 -24.33 27.28 -24.29
CA GLN A 1743 -25.21 28.44 -24.20
C GLN A 1743 -25.23 28.90 -22.75
N PHE A 1744 -24.50 29.96 -22.45
CA PHE A 1744 -24.50 30.51 -21.10
C PHE A 1744 -25.86 31.12 -20.78
N ARG A 1745 -26.25 31.02 -19.52
CA ARG A 1745 -27.58 31.44 -19.10
C ARG A 1745 -27.58 32.88 -18.61
N GLU A 1746 -28.70 33.55 -18.84
CA GLU A 1746 -28.99 34.82 -18.17
C GLU A 1746 -29.62 34.49 -16.81
N VAL A 1747 -28.89 34.74 -15.74
CA VAL A 1747 -29.36 34.35 -14.42
C VAL A 1747 -30.52 35.21 -13.94
N GLU A 1748 -30.75 36.37 -14.57
CA GLU A 1748 -31.80 37.27 -14.13
C GLU A 1748 -33.16 36.84 -14.66
N VAL A 1749 -33.28 36.62 -15.97
CA VAL A 1749 -34.54 36.26 -16.61
C VAL A 1749 -34.30 35.13 -17.59
N GLU A 1750 -35.21 34.17 -17.62
CA GLU A 1750 -35.16 33.07 -18.58
C GLU A 1750 -35.88 33.43 -19.87
N GLY A 1751 -35.52 34.57 -20.46
CA GLY A 1751 -36.20 35.03 -21.66
C GLY A 1751 -35.56 34.60 -22.96
N ILE A 1752 -34.28 34.88 -23.13
CA ILE A 1752 -33.55 34.59 -24.37
C ILE A 1752 -32.26 33.82 -24.10
N GLY A 1753 -31.44 34.31 -23.18
CA GLY A 1753 -30.14 33.71 -22.94
C GLY A 1753 -29.08 34.26 -23.86
N LEU A 1754 -27.87 33.74 -23.70
CA LEU A 1754 -26.74 34.15 -24.52
C LEU A 1754 -26.69 33.33 -25.81
N ASP A 1755 -26.01 33.87 -26.80
CA ASP A 1755 -25.87 33.18 -28.08
C ASP A 1755 -25.05 31.92 -27.89
N PRO A 1756 -25.49 30.78 -28.41
CA PRO A 1756 -24.72 29.54 -28.24
C PRO A 1756 -23.39 29.61 -28.97
N LEU A 1757 -22.39 28.98 -28.36
CA LEU A 1757 -21.05 28.89 -28.91
C LEU A 1757 -20.74 27.45 -29.28
N TYR A 1758 -20.15 27.25 -30.45
CA TYR A 1758 -19.89 25.93 -30.99
C TYR A 1758 -18.39 25.72 -31.14
N ARG A 1759 -17.90 24.61 -30.60
CA ARG A 1759 -16.56 24.13 -30.86
C ARG A 1759 -16.65 22.79 -31.57
N ARG A 1760 -15.94 22.66 -32.70
CA ARG A 1760 -15.95 21.43 -33.46
C ARG A 1760 -14.52 21.01 -33.77
N ASN A 1761 -14.22 19.73 -33.59
CA ASN A 1761 -12.88 19.19 -33.71
C ASN A 1761 -12.92 17.95 -34.61
N PHE A 1762 -13.51 18.11 -35.79
CA PHE A 1762 -13.62 17.01 -36.75
C PHE A 1762 -12.25 16.74 -37.34
N ALA A 1763 -11.72 15.54 -37.11
CA ALA A 1763 -10.39 15.17 -37.56
C ALA A 1763 -10.43 13.82 -38.26
N PHE A 1764 -9.49 13.63 -39.19
CA PHE A 1764 -9.30 12.37 -39.89
C PHE A 1764 -7.80 12.06 -39.88
N ASN A 1765 -7.41 11.05 -39.14
CA ASN A 1765 -6.00 10.73 -38.94
C ASN A 1765 -5.69 9.35 -39.50
N TYR A 1766 -4.54 9.24 -40.16
CA TYR A 1766 -4.09 7.94 -40.64
C TYR A 1766 -2.57 7.91 -40.65
N GLN A 1767 -2.01 6.80 -40.15
CA GLN A 1767 -0.58 6.58 -40.22
C GLN A 1767 -0.31 5.19 -40.74
N TYR A 1768 0.78 5.05 -41.47
CA TYR A 1768 1.20 3.77 -42.01
C TYR A 1768 2.71 3.62 -41.83
N GLY A 1769 3.18 2.38 -41.94
CA GLY A 1769 4.59 2.12 -41.82
C GLY A 1769 4.96 0.72 -42.28
N PHE A 1770 6.19 0.56 -42.73
CA PHE A 1770 6.67 -0.75 -43.16
C PHE A 1770 8.17 -0.86 -42.94
N GLY A 1771 8.60 -2.07 -42.59
CA GLY A 1771 10.01 -2.37 -42.42
C GLY A 1771 10.51 -3.24 -43.56
N PHE A 1772 11.77 -3.06 -43.91
CA PHE A 1772 12.40 -3.79 -45.00
C PHE A 1772 13.73 -4.35 -44.52
N ASN A 1773 14.05 -5.55 -44.98
CA ASN A 1773 15.30 -6.22 -44.67
C ASN A 1773 16.01 -6.54 -45.97
N LEU A 1774 16.14 -5.53 -46.83
CA LEU A 1774 16.70 -5.64 -48.18
C LEU A 1774 17.92 -6.54 -48.22
N THR A 1775 18.81 -6.38 -47.24
CA THR A 1775 20.04 -7.16 -47.17
C THR A 1775 20.19 -7.62 -45.72
N LYS A 1776 20.94 -8.71 -45.52
CA LYS A 1776 21.16 -9.22 -44.17
C LYS A 1776 21.72 -8.15 -43.25
N SER A 1777 22.47 -7.19 -43.79
CA SER A 1777 22.98 -6.06 -43.03
C SER A 1777 22.11 -4.81 -43.13
N LEU A 1778 21.52 -4.56 -44.30
CA LEU A 1778 20.69 -3.39 -44.50
C LEU A 1778 19.35 -3.55 -43.80
N LYS A 1779 18.72 -2.42 -43.49
CA LYS A 1779 17.43 -2.38 -42.81
C LYS A 1779 16.82 -1.01 -43.06
N LEU A 1780 15.52 -0.98 -43.36
CA LEU A 1780 14.86 0.26 -43.75
C LEU A 1780 13.45 0.31 -43.17
N ASN A 1781 13.26 1.13 -42.15
CA ASN A 1781 11.94 1.33 -41.55
C ASN A 1781 11.39 2.68 -41.99
N TYR A 1782 10.20 2.68 -42.58
CA TYR A 1782 9.56 3.91 -43.03
C TYR A 1782 8.22 4.07 -42.32
N SER A 1783 7.93 5.30 -41.91
CA SER A 1783 6.68 5.60 -41.23
C SER A 1783 6.17 6.95 -41.71
N ALA A 1784 4.85 7.10 -41.71
CA ALA A 1784 4.22 8.37 -42.09
C ALA A 1784 2.93 8.53 -41.32
N THR A 1785 2.69 9.74 -40.83
CA THR A 1785 1.48 10.10 -40.12
C THR A 1785 0.84 11.31 -40.79
N SER A 1786 -0.48 11.34 -40.83
CA SER A 1786 -1.19 12.44 -41.46
C SER A 1786 -2.45 12.75 -40.66
N ASN A 1787 -2.61 14.02 -40.29
CA ASN A 1787 -3.79 14.53 -39.62
C ASN A 1787 -4.45 15.56 -40.53
N ASN A 1788 -5.73 15.31 -40.86
CA ASN A 1788 -6.53 16.22 -41.65
C ASN A 1788 -7.66 16.76 -40.79
N ILE A 1789 -8.09 17.98 -41.08
CA ILE A 1789 -9.21 18.59 -40.38
C ILE A 1789 -10.37 18.75 -41.36
N VAL A 1790 -11.57 18.44 -40.88
CA VAL A 1790 -12.80 18.58 -41.66
C VAL A 1790 -13.45 19.89 -41.27
N ARG A 1791 -13.68 20.76 -42.26
CA ARG A 1791 -14.23 22.10 -42.03
C ARG A 1791 -15.56 22.28 -42.73
N ASN A 1792 -16.36 21.21 -42.82
CA ASN A 1792 -17.65 21.27 -43.51
C ASN A 1792 -18.69 22.06 -42.73
N PHE A 1793 -18.43 22.40 -41.47
CA PHE A 1793 -19.39 23.08 -40.62
C PHE A 1793 -19.24 24.60 -40.66
N LEU A 1794 -18.36 25.12 -41.51
CA LEU A 1794 -18.11 26.55 -41.60
C LEU A 1794 -18.74 27.13 -42.85
N ASN A 1795 -19.11 28.41 -42.77
CA ASN A 1795 -19.69 29.12 -43.90
C ASN A 1795 -18.57 29.69 -44.77
N ASP A 1796 -18.92 30.51 -45.77
CA ASP A 1796 -17.91 31.18 -46.56
C ASP A 1796 -17.06 32.10 -45.70
N ASP A 1797 -17.69 32.86 -44.81
CA ASP A 1797 -16.97 33.58 -43.79
C ASP A 1797 -16.70 32.66 -42.60
N ASN A 1798 -16.06 33.20 -41.57
CA ASN A 1798 -15.69 32.38 -40.42
C ASN A 1798 -16.86 32.24 -39.44
N SER A 1799 -18.01 31.80 -39.94
CA SER A 1799 -19.21 31.66 -39.13
C SER A 1799 -19.60 30.19 -39.03
N PRO A 1800 -19.70 29.63 -37.82
CA PRO A 1800 -20.09 28.22 -37.70
C PRO A 1800 -21.54 28.00 -38.09
N LYS A 1801 -21.82 26.79 -38.55
CA LYS A 1801 -23.17 26.40 -38.93
C LYS A 1801 -23.89 25.82 -37.70
N GLU A 1802 -24.96 26.48 -37.29
CA GLU A 1802 -25.67 26.07 -36.09
C GLU A 1802 -26.29 24.69 -36.25
N ASP A 1803 -26.91 24.42 -37.39
CA ASP A 1803 -27.62 23.17 -37.63
C ASP A 1803 -26.76 22.12 -38.32
N PHE A 1804 -25.63 21.78 -37.70
CA PHE A 1804 -24.72 20.77 -38.24
C PHE A 1804 -24.66 19.57 -37.31
N ASN A 1805 -24.89 18.39 -37.87
CA ASN A 1805 -24.87 17.15 -37.10
C ASN A 1805 -23.49 16.53 -37.16
N ILE A 1806 -23.15 15.76 -36.11
CA ILE A 1806 -21.84 15.14 -36.02
C ILE A 1806 -21.68 13.96 -36.99
N TRP A 1807 -22.76 13.51 -37.62
CA TRP A 1807 -22.71 12.40 -38.57
C TRP A 1807 -22.91 12.87 -40.01
N ASP A 1808 -22.82 14.17 -40.28
CA ASP A 1808 -23.24 14.70 -41.57
C ASP A 1808 -22.46 14.07 -42.72
N ASP A 1809 -21.14 14.31 -42.76
CA ASP A 1809 -20.26 13.67 -43.74
C ASP A 1809 -19.18 12.94 -42.94
N TYR A 1810 -19.50 11.72 -42.50
CA TYR A 1810 -18.59 11.03 -41.60
C TYR A 1810 -17.34 10.53 -42.31
N LEU A 1811 -17.51 9.93 -43.49
CA LEU A 1811 -16.38 9.43 -44.27
C LEU A 1811 -15.84 10.51 -45.21
N ASP A 1812 -15.60 11.69 -44.65
CA ASP A 1812 -15.08 12.83 -45.39
C ASP A 1812 -13.67 13.10 -44.91
N ILE A 1813 -12.69 12.85 -45.78
CA ILE A 1813 -11.33 13.26 -45.51
C ILE A 1813 -11.24 14.76 -45.75
N GLY A 1814 -10.63 15.47 -44.81
CA GLY A 1814 -10.54 16.91 -44.88
C GLY A 1814 -9.28 17.38 -45.57
N THR A 1815 -9.03 18.67 -45.46
CA THR A 1815 -7.76 19.21 -45.93
C THR A 1815 -6.65 18.81 -44.98
N PRO A 1816 -5.45 18.54 -45.50
CA PRO A 1816 -4.33 18.19 -44.62
C PRO A 1816 -4.02 19.30 -43.62
N ASN A 1817 -3.71 18.90 -42.40
CA ASN A 1817 -3.32 19.81 -41.34
C ASN A 1817 -1.90 19.57 -40.87
N GLN A 1818 -1.49 18.32 -40.71
CA GLN A 1818 -0.12 17.98 -40.35
C GLN A 1818 0.28 16.71 -41.06
N HIS A 1819 1.53 16.66 -41.53
CA HIS A 1819 2.04 15.46 -42.18
C HIS A 1819 3.49 15.23 -41.77
N ALA A 1820 3.78 14.04 -41.26
CA ALA A 1820 5.12 13.71 -40.81
C ALA A 1820 5.59 12.43 -41.48
N GLN A 1821 6.87 12.40 -41.86
CA GLN A 1821 7.52 11.22 -42.40
C GLN A 1821 8.81 10.95 -41.64
N GLN A 1822 9.12 9.67 -41.46
CA GLN A 1822 10.35 9.25 -40.82
C GLN A 1822 10.93 8.06 -41.56
N LEU A 1823 12.23 8.12 -41.85
CA LEU A 1823 12.96 7.04 -42.48
C LEU A 1823 14.17 6.70 -41.62
N VAL A 1824 14.32 5.42 -41.29
CA VAL A 1824 15.45 4.94 -40.50
C VAL A 1824 16.12 3.81 -41.25
N LEU A 1825 17.36 4.02 -41.67
CA LEU A 1825 18.12 3.00 -42.38
C LEU A 1825 19.34 2.63 -41.56
N ASN A 1826 19.55 1.33 -41.39
CA ASN A 1826 20.67 0.78 -40.64
C ASN A 1826 21.48 -0.13 -41.55
N TYR A 1827 22.79 0.04 -41.53
CA TYR A 1827 23.70 -0.73 -42.37
C TYR A 1827 24.85 -1.24 -41.52
N ASP A 1828 25.19 -2.52 -41.67
CA ASP A 1828 26.33 -3.09 -40.98
C ASP A 1828 27.60 -3.07 -41.82
N ILE A 1829 27.50 -2.65 -43.08
CA ILE A 1829 28.65 -2.44 -43.98
C ILE A 1829 29.53 -3.69 -44.01
N PRO A 1830 29.12 -4.76 -44.69
CA PRO A 1830 29.94 -5.98 -44.71
C PRO A 1830 31.22 -5.79 -45.51
N ILE A 1831 32.12 -4.94 -45.00
CA ILE A 1831 33.43 -4.73 -45.63
C ILE A 1831 34.41 -5.84 -45.34
N ASN A 1832 34.01 -6.84 -44.55
CA ASN A 1832 34.85 -8.00 -44.25
C ASN A 1832 34.95 -8.96 -45.42
N LYS A 1833 34.35 -8.65 -46.57
CA LYS A 1833 34.40 -9.54 -47.72
C LYS A 1833 35.84 -9.74 -48.18
N ILE A 1834 36.58 -8.64 -48.39
CA ILE A 1834 37.98 -8.72 -48.80
C ILE A 1834 38.83 -9.04 -47.57
N PRO A 1835 39.84 -9.91 -47.69
CA PRO A 1835 40.70 -10.17 -46.54
C PRO A 1835 41.85 -9.19 -46.42
N ILE A 1836 41.55 -7.91 -46.60
CA ILE A 1836 42.52 -6.84 -46.39
C ILE A 1836 41.92 -5.84 -45.42
N PHE A 1837 40.58 -5.75 -45.43
CA PHE A 1837 39.82 -4.89 -44.55
C PHE A 1837 38.86 -5.71 -43.69
N GLY A 1838 39.28 -6.92 -43.34
CA GLY A 1838 38.46 -7.81 -42.54
C GLY A 1838 38.45 -7.51 -41.06
N PHE A 1839 39.20 -6.51 -40.62
CA PHE A 1839 39.23 -6.11 -39.23
C PHE A 1839 38.26 -4.98 -38.91
N VAL A 1840 37.69 -4.33 -39.93
CA VAL A 1840 36.75 -3.24 -39.70
C VAL A 1840 35.40 -3.80 -39.29
N LYS A 1841 34.74 -3.09 -38.37
CA LYS A 1841 33.40 -3.43 -37.91
C LYS A 1841 32.51 -2.20 -37.95
N ALA A 1842 32.49 -1.53 -39.09
CA ALA A 1842 31.75 -0.29 -39.25
C ALA A 1842 30.24 -0.54 -39.16
N SER A 1843 29.51 0.55 -38.94
CA SER A 1843 28.06 0.50 -38.77
C SER A 1843 27.51 1.90 -38.97
N TYR A 1844 26.53 2.03 -39.85
CA TYR A 1844 25.96 3.30 -40.23
C TYR A 1844 24.48 3.34 -39.89
N SER A 1845 24.03 4.47 -39.37
CA SER A 1845 22.62 4.70 -39.08
C SER A 1845 22.22 6.07 -39.63
N TYR A 1846 21.14 6.11 -40.40
CA TYR A 1846 20.63 7.34 -40.96
C TYR A 1846 19.17 7.48 -40.60
N THR A 1847 18.82 8.57 -39.93
CA THR A 1847 17.43 8.88 -39.61
C THR A 1847 17.08 10.23 -40.24
N ALA A 1848 16.00 10.24 -41.01
CA ALA A 1848 15.50 11.43 -41.66
C ALA A 1848 14.06 11.68 -41.23
N ASP A 1849 13.78 12.92 -40.84
CA ASP A 1849 12.45 13.32 -40.40
C ASP A 1849 11.99 14.51 -41.22
N TYR A 1850 10.75 14.46 -41.69
CA TYR A 1850 10.14 15.56 -42.44
C TYR A 1850 8.80 15.89 -41.82
N MET A 1851 8.48 17.18 -41.75
CA MET A 1851 7.18 17.61 -41.24
C MET A 1851 6.66 18.77 -42.08
N TRP A 1852 5.36 18.73 -42.35
CA TRP A 1852 4.62 19.82 -42.98
C TRP A 1852 3.49 20.20 -42.05
N GLN A 1853 3.40 21.48 -41.71
CA GLN A 1853 2.37 22.00 -40.81
C GLN A 1853 1.62 23.10 -41.52
N ARG A 1854 0.31 22.93 -41.63
CA ARG A 1854 -0.57 23.97 -42.17
C ARG A 1854 -0.66 25.14 -41.19
N SER A 1855 -0.61 26.35 -41.73
CA SER A 1855 -0.76 27.55 -40.92
C SER A 1855 -2.24 27.85 -40.69
N SER A 1856 -2.50 28.65 -39.68
CA SER A 1856 -3.87 29.08 -39.40
C SER A 1856 -4.39 29.96 -40.53
N THR A 1857 -5.72 30.02 -40.63
CA THR A 1857 -6.35 30.86 -41.65
C THR A 1857 -5.94 32.32 -41.49
N ALA A 1858 -5.62 32.75 -40.26
CA ALA A 1858 -5.10 34.09 -40.03
C ALA A 1858 -3.81 34.34 -40.79
N PHE A 1859 -3.07 33.29 -41.15
CA PHE A 1859 -1.86 33.41 -41.97
C PHE A 1859 -2.13 33.17 -43.45
N SER A 1860 -2.86 32.10 -43.78
CA SER A 1860 -3.08 31.75 -45.18
C SER A 1860 -4.02 32.73 -45.88
N GLU A 1861 -4.88 33.41 -45.14
CA GLU A 1861 -5.78 34.41 -45.69
C GLU A 1861 -5.62 35.75 -44.99
N TYR A 1862 -4.37 36.12 -44.72
CA TYR A 1862 -4.10 37.38 -44.05
C TYR A 1862 -4.46 38.56 -44.95
N GLU A 1863 -5.13 39.55 -44.36
CA GLU A 1863 -5.53 40.76 -45.07
C GLU A 1863 -4.87 41.95 -44.39
N ASP A 1864 -4.10 42.72 -45.16
CA ASP A 1864 -3.49 43.94 -44.66
C ASP A 1864 -4.54 45.05 -44.60
N PRO A 1865 -4.25 46.15 -43.89
CA PRO A 1865 -5.19 47.28 -43.88
C PRO A 1865 -5.49 47.84 -45.26
N ASN A 1866 -4.59 47.67 -46.22
CA ASN A 1866 -4.86 48.08 -47.60
C ASN A 1866 -5.93 47.23 -48.27
N GLY A 1867 -6.32 46.11 -47.67
CA GLY A 1867 -7.31 45.24 -48.25
C GLY A 1867 -6.76 44.10 -49.10
N THR A 1868 -5.45 44.09 -49.37
CA THR A 1868 -4.85 43.01 -50.13
C THR A 1868 -4.79 41.74 -49.28
N VAL A 1869 -5.04 40.60 -49.92
CA VAL A 1869 -5.01 39.30 -49.25
C VAL A 1869 -3.73 38.59 -49.64
N TYR A 1870 -2.95 38.18 -48.63
CA TYR A 1870 -1.69 37.50 -48.83
C TYR A 1870 -1.77 36.09 -48.25
N ASP A 1871 -1.20 35.12 -48.96
CA ASP A 1871 -1.00 33.79 -48.43
C ASP A 1871 0.40 33.75 -47.82
N LEU A 1872 0.47 33.62 -46.50
CA LEU A 1872 1.74 33.61 -45.78
C LEU A 1872 2.37 32.23 -45.74
N GLY A 1873 1.71 31.22 -46.28
CA GLY A 1873 2.30 29.90 -46.43
C GLY A 1873 2.24 29.05 -45.17
N ASN A 1874 2.71 27.83 -45.32
CA ASN A 1874 2.80 26.84 -44.26
C ASN A 1874 4.25 26.69 -43.83
N THR A 1875 4.52 25.74 -42.95
CA THR A 1875 5.87 25.52 -42.44
C THR A 1875 6.33 24.10 -42.76
N ILE A 1876 7.60 23.95 -43.13
CA ILE A 1876 8.19 22.65 -43.37
C ILE A 1876 9.47 22.52 -42.56
N GLN A 1877 9.71 21.32 -42.05
CA GLN A 1877 10.85 21.04 -41.18
C GLN A 1877 11.54 19.74 -41.60
N ASN A 1878 12.85 19.72 -41.40
CA ASN A 1878 13.73 18.63 -41.81
C ASN A 1878 14.70 18.30 -40.70
N SER A 1879 15.01 17.02 -40.54
CA SER A 1879 15.95 16.57 -39.52
C SER A 1879 16.76 15.38 -40.02
N ASN A 1880 18.04 15.36 -39.64
CA ASN A 1880 19.02 14.34 -40.00
C ASN A 1880 19.72 13.83 -38.74
N SER A 1881 19.99 12.53 -38.69
CA SER A 1881 20.62 11.91 -37.53
C SER A 1881 21.70 10.91 -37.95
N ASN A 1882 22.64 11.34 -38.80
CA ASN A 1882 23.72 10.47 -39.24
C ASN A 1882 24.53 9.96 -38.04
N THR A 1883 24.91 8.69 -38.09
CA THR A 1883 25.70 8.08 -37.04
C THR A 1883 26.61 7.02 -37.65
N LEU A 1884 27.88 7.03 -37.29
CA LEU A 1884 28.87 6.09 -37.82
C LEU A 1884 29.71 5.57 -36.67
N THR A 1885 29.74 4.26 -36.49
CA THR A 1885 30.51 3.62 -35.43
C THR A 1885 31.44 2.58 -36.06
N THR A 1886 32.74 2.72 -35.82
CA THR A 1886 33.73 1.80 -36.38
C THR A 1886 34.59 1.27 -35.24
N THR A 1887 34.78 -0.05 -35.19
CA THR A 1887 35.63 -0.64 -34.17
C THR A 1887 37.09 -0.68 -34.59
N LEU A 1888 37.36 -1.05 -35.84
CA LEU A 1888 38.69 -0.94 -36.46
C LEU A 1888 39.75 -1.63 -35.60
N ASN A 1889 39.64 -2.96 -35.53
CA ASN A 1889 40.62 -3.77 -34.81
C ASN A 1889 41.98 -3.66 -35.50
N MET A 1890 42.96 -3.06 -34.83
CA MET A 1890 44.27 -2.88 -35.44
C MET A 1890 44.97 -4.22 -35.66
N ASN A 1891 44.70 -5.21 -34.82
CA ASN A 1891 45.20 -6.55 -35.08
C ASN A 1891 44.40 -7.19 -36.20
N THR A 1892 44.91 -8.33 -36.69
CA THR A 1892 44.30 -9.05 -37.81
C THR A 1892 44.12 -8.16 -39.03
N VAL A 1941 56.63 -0.02 -34.04
CA VAL A 1941 56.03 0.56 -32.85
C VAL A 1941 54.54 0.79 -33.06
N LEU A 1942 54.10 0.68 -34.31
CA LEU A 1942 52.70 0.85 -34.66
C LEU A 1942 51.86 -0.39 -34.38
N THR A 1943 52.50 -1.55 -34.20
CA THR A 1943 51.79 -2.79 -33.90
C THR A 1943 51.26 -2.84 -32.48
N SER A 1944 51.65 -1.89 -31.62
CA SER A 1944 51.17 -1.87 -30.24
C SER A 1944 49.70 -1.48 -30.15
N ILE A 1945 49.15 -0.85 -31.18
CA ILE A 1945 47.74 -0.48 -31.18
C ILE A 1945 46.89 -1.73 -31.38
N LYS A 1946 45.81 -1.84 -30.62
CA LYS A 1946 44.92 -2.99 -30.68
C LYS A 1946 43.57 -2.65 -31.30
N ASN A 1947 42.87 -1.65 -30.77
CA ASN A 1947 41.57 -1.25 -31.28
C ASN A 1947 41.53 0.27 -31.42
N VAL A 1948 40.87 0.74 -32.47
CA VAL A 1948 40.68 2.17 -32.71
C VAL A 1948 39.18 2.39 -32.90
N GLN A 1949 38.49 2.72 -31.81
CA GLN A 1949 37.06 2.95 -31.87
C GLN A 1949 36.76 4.39 -32.27
N ILE A 1950 35.97 4.55 -33.32
CA ILE A 1950 35.61 5.86 -33.85
C ILE A 1950 34.09 5.99 -33.82
N ASN A 1951 33.61 7.06 -33.20
CA ASN A 1951 32.19 7.38 -33.16
C ASN A 1951 31.99 8.77 -33.75
N TYR A 1952 31.08 8.88 -34.72
CA TYR A 1952 30.81 10.15 -35.38
C TYR A 1952 29.31 10.33 -35.49
N THR A 1953 28.77 11.32 -34.78
CA THR A 1953 27.36 11.67 -34.84
C THR A 1953 27.20 13.02 -35.51
N LYS A 1954 26.20 13.13 -36.38
CA LYS A 1954 25.94 14.36 -37.12
C LYS A 1954 24.44 14.56 -37.21
N ASN A 1955 23.92 15.50 -36.42
CA ASN A 1955 22.53 15.89 -36.48
C ASN A 1955 22.37 17.17 -37.30
N SER A 1956 21.22 17.30 -37.94
CA SER A 1956 20.96 18.46 -38.78
C SER A 1956 19.48 18.76 -38.77
N GLY A 1957 19.13 19.99 -39.11
CA GLY A 1957 17.75 20.40 -39.13
C GLY A 1957 17.57 21.67 -39.92
N THR A 1958 16.42 21.78 -40.59
CA THR A 1958 16.10 22.93 -41.41
C THR A 1958 14.63 23.26 -41.28
N VAL A 1959 14.33 24.50 -40.89
CA VAL A 1959 12.96 24.99 -40.79
C VAL A 1959 12.77 26.07 -41.85
N LEU A 1960 11.82 25.84 -42.74
CA LEU A 1960 11.46 26.80 -43.80
C LEU A 1960 10.01 27.21 -43.63
N PRO A 1961 9.74 28.43 -43.18
CA PRO A 1961 8.36 28.93 -43.13
C PRO A 1961 7.99 29.66 -44.42
N GLY A 1962 6.72 30.02 -44.50
CA GLY A 1962 6.22 30.68 -45.70
C GLY A 1962 6.08 29.77 -46.89
N TYR A 1963 6.00 28.47 -46.68
CA TYR A 1963 5.90 27.49 -47.75
C TYR A 1963 4.42 27.31 -48.12
N THR A 1964 4.02 27.89 -49.25
CA THR A 1964 2.62 27.99 -49.63
C THR A 1964 1.95 26.69 -50.07
N PRO A 1965 2.60 25.80 -50.82
CA PRO A 1965 1.89 24.61 -51.32
C PRO A 1965 1.57 23.62 -50.20
N SER A 1966 0.59 22.79 -50.47
CA SER A 1966 0.12 21.77 -49.54
C SER A 1966 0.80 20.44 -49.84
N VAL A 1967 0.32 19.38 -49.18
CA VAL A 1967 0.85 18.03 -49.38
C VAL A 1967 -0.27 17.13 -49.87
N GLY A 1968 0.13 16.00 -50.45
CA GLY A 1968 -0.81 15.02 -50.94
C GLY A 1968 -1.23 14.03 -49.87
N PHE A 1969 -2.05 13.06 -50.28
CA PHE A 1969 -2.54 12.04 -49.36
C PHE A 1969 -1.39 11.17 -48.86
N LEU A 1970 -0.49 10.76 -49.76
CA LEU A 1970 0.60 9.86 -49.42
C LEU A 1970 1.88 10.58 -49.06
N GLY A 1971 1.87 11.91 -49.02
CA GLY A 1971 3.06 12.67 -48.73
C GLY A 1971 3.33 13.72 -49.78
N THR A 1972 4.60 14.04 -49.99
CA THR A 1972 4.96 15.05 -50.97
C THR A 1972 6.41 14.86 -51.39
N SER A 1973 6.73 15.45 -52.54
CA SER A 1973 8.11 15.63 -52.98
C SER A 1973 8.29 17.03 -53.57
N LYS A 1974 7.36 17.94 -53.28
CA LYS A 1974 7.31 19.23 -53.98
C LYS A 1974 8.55 20.08 -53.78
N PRO A 1975 9.09 20.29 -52.55
CA PRO A 1975 10.32 21.08 -52.44
C PRO A 1975 11.46 20.38 -53.15
N SER A 1976 11.73 19.15 -52.75
CA SER A 1976 12.68 18.25 -53.39
C SER A 1976 12.53 16.89 -52.73
N LEU A 1977 12.78 15.84 -53.51
CA LEU A 1977 12.74 14.49 -52.96
C LEU A 1977 13.80 14.31 -51.89
N GLY A 1978 14.97 14.93 -52.07
CA GLY A 1978 16.01 14.87 -51.06
C GLY A 1978 15.61 15.56 -49.77
N PHE A 1979 14.93 16.71 -49.87
CA PHE A 1979 14.52 17.43 -48.67
C PHE A 1979 13.55 16.59 -47.84
N VAL A 1980 12.62 15.91 -48.49
CA VAL A 1980 11.66 15.09 -47.76
C VAL A 1980 12.37 14.00 -46.97
N PHE A 1981 13.55 13.58 -47.43
CA PHE A 1981 14.38 12.59 -46.72
C PHE A 1981 15.62 13.22 -46.11
N GLY A 1982 15.51 14.48 -45.66
CA GLY A 1982 16.59 15.14 -44.94
C GLY A 1982 17.85 15.43 -45.72
N SER A 1983 17.75 16.04 -46.90
CA SER A 1983 18.96 16.32 -47.68
C SER A 1983 19.84 17.36 -47.00
N GLN A 1984 19.23 18.39 -46.43
CA GLN A 1984 19.87 19.60 -45.90
C GLN A 1984 20.47 20.48 -46.99
N ASP A 1985 20.40 20.07 -48.26
CA ASP A 1985 20.80 20.93 -49.35
C ASP A 1985 19.85 22.12 -49.46
N ASP A 1986 20.38 23.24 -49.92
CA ASP A 1986 19.59 24.47 -49.98
C ASP A 1986 18.41 24.31 -50.94
N VAL A 1987 17.25 24.76 -50.49
CA VAL A 1987 16.03 24.70 -51.30
C VAL A 1987 15.37 26.08 -51.32
N ARG A 1988 15.92 27.03 -50.57
CA ARG A 1988 15.31 28.35 -50.48
C ARG A 1988 15.22 29.02 -51.84
N TYR A 1989 16.34 29.07 -52.55
CA TYR A 1989 16.37 29.77 -53.84
C TYR A 1989 15.54 29.02 -54.88
N GLU A 1990 15.61 27.70 -54.89
CA GLU A 1990 14.78 26.92 -55.79
C GLU A 1990 13.30 27.10 -55.47
N ALA A 1991 12.96 27.12 -54.18
CA ALA A 1991 11.55 27.32 -53.79
C ALA A 1991 11.07 28.70 -54.21
N ALA A 1992 11.91 29.72 -54.05
CA ALA A 1992 11.54 31.07 -54.49
C ALA A 1992 11.36 31.12 -56.00
N LYS A 1993 12.26 30.49 -56.75
CA LYS A 1993 12.16 30.49 -58.20
C LYS A 1993 10.90 29.77 -58.67
N ARG A 1994 10.59 28.63 -58.05
CA ARG A 1994 9.38 27.88 -58.39
C ARG A 1994 8.11 28.63 -58.00
N GLY A 1995 8.23 29.69 -57.21
CA GLY A 1995 7.09 30.53 -56.88
C GLY A 1995 6.23 30.02 -55.75
N TRP A 1996 6.70 29.06 -54.96
CA TRP A 1996 5.91 28.52 -53.87
C TRP A 1996 6.46 28.90 -52.50
N LEU A 1997 6.99 30.11 -52.41
CA LEU A 1997 7.21 30.80 -51.14
C LEU A 1997 6.25 31.98 -51.07
N THR A 1998 6.10 32.53 -49.87
CA THR A 1998 5.15 33.62 -49.67
C THR A 1998 5.59 34.88 -50.41
N THR A 1999 4.63 35.59 -50.98
CA THR A 1999 4.87 36.86 -51.66
C THR A 1999 4.80 38.05 -50.73
N TYR A 2000 4.48 37.84 -49.45
CA TYR A 2000 4.43 38.92 -48.49
C TYR A 2000 5.82 39.51 -48.29
N GLN A 2001 5.91 40.84 -48.33
CA GLN A 2001 7.18 41.54 -48.29
C GLN A 2001 7.59 41.96 -46.88
N ASP A 2002 6.78 41.63 -45.86
CA ASP A 2002 7.12 41.92 -44.47
C ASP A 2002 7.06 40.65 -43.64
N PHE A 2003 7.44 39.52 -44.22
CA PHE A 2003 7.38 38.23 -43.54
C PHE A 2003 8.31 38.22 -42.34
N ASN A 2004 7.77 37.90 -41.16
CA ASN A 2004 8.52 37.96 -39.92
C ASN A 2004 9.04 36.60 -39.46
N GLN A 2005 8.79 35.54 -40.22
CA GLN A 2005 9.25 34.21 -39.83
C GLN A 2005 10.63 33.94 -40.45
N SER A 2006 11.47 33.26 -39.70
CA SER A 2006 12.88 33.09 -40.04
C SER A 2006 13.15 31.69 -40.58
N PHE A 2007 13.85 31.63 -41.71
CA PHE A 2007 14.50 30.38 -42.12
C PHE A 2007 15.59 30.03 -41.12
N THR A 2008 15.63 28.76 -40.72
CA THR A 2008 16.50 28.34 -39.63
C THR A 2008 17.21 27.05 -40.00
N GLN A 2009 18.47 26.93 -39.62
CA GLN A 2009 19.22 25.70 -39.80
C GLN A 2009 20.01 25.40 -38.53
N VAL A 2010 20.18 24.12 -38.24
CA VAL A 2010 20.92 23.67 -37.07
C VAL A 2010 21.77 22.47 -37.48
N SER A 2011 22.98 22.40 -36.91
CA SER A 2011 23.92 21.32 -37.20
C SER A 2011 24.69 20.98 -35.94
N ASN A 2012 24.96 19.69 -35.75
CA ASN A 2012 25.67 19.18 -34.59
C ASN A 2012 26.62 18.08 -35.03
N LYS A 2013 27.89 18.18 -34.65
CA LYS A 2013 28.90 17.19 -34.99
C LYS A 2013 29.60 16.76 -33.70
N LEU A 2014 29.76 15.44 -33.53
CA LEU A 2014 30.38 14.87 -32.34
C LEU A 2014 31.30 13.74 -32.78
N LEU A 2015 32.57 13.83 -32.40
CA LEU A 2015 33.59 12.84 -32.74
C LEU A 2015 34.22 12.33 -31.45
N LYS A 2016 34.32 11.00 -31.33
CA LYS A 2016 34.68 10.33 -30.08
C LYS A 2016 35.71 9.22 -30.33
N VAL A 2017 36.82 9.57 -30.98
CA VAL A 2017 37.84 8.59 -31.32
C VAL A 2017 38.45 8.00 -30.04
N THR A 2018 38.68 6.68 -30.05
CA THR A 2018 39.28 5.98 -28.92
C THR A 2018 40.24 4.92 -29.44
N ALA A 2019 41.42 4.85 -28.84
CA ALA A 2019 42.46 3.91 -29.26
C ALA A 2019 43.05 3.22 -28.04
N ASN A 2020 43.60 2.02 -28.26
CA ASN A 2020 44.19 1.22 -27.20
C ASN A 2020 45.60 0.81 -27.61
N ILE A 2021 46.54 0.88 -26.66
CA ILE A 2021 47.95 0.61 -26.92
C ILE A 2021 48.50 -0.28 -25.81
N ASP A 2022 49.36 -1.22 -26.20
CA ASP A 2022 49.99 -2.19 -25.30
C ASP A 2022 51.49 -2.24 -25.53
N LEU A 2023 52.14 -1.07 -25.47
CA LEU A 2023 53.56 -0.95 -25.77
C LEU A 2023 54.40 -1.96 -24.99
N LEU A 2024 54.09 -2.17 -23.72
CA LEU A 2024 54.80 -3.11 -22.87
C LEU A 2024 53.86 -4.20 -22.40
N PRO A 2025 54.40 -5.37 -21.99
CA PRO A 2025 53.50 -6.48 -21.62
C PRO A 2025 52.51 -6.16 -20.51
N ASP A 2026 52.88 -5.30 -19.56
CA ASP A 2026 51.98 -4.93 -18.47
C ASP A 2026 51.73 -3.43 -18.45
N LEU A 2027 51.76 -2.78 -19.61
CA LEU A 2027 51.50 -1.35 -19.73
C LEU A 2027 50.27 -1.17 -20.60
N LYS A 2028 49.16 -0.77 -19.99
CA LYS A 2028 47.89 -0.60 -20.68
C LYS A 2028 47.67 0.89 -20.91
N VAL A 2029 47.47 1.28 -22.17
CA VAL A 2029 47.33 2.69 -22.54
C VAL A 2029 46.03 2.89 -23.29
N ASP A 2030 45.25 3.89 -22.90
CA ASP A 2030 44.03 4.28 -23.59
C ASP A 2030 44.15 5.73 -24.02
N LEU A 2031 43.87 5.99 -25.29
CA LEU A 2031 43.88 7.34 -25.85
C LEU A 2031 42.46 7.71 -26.26
N SER A 2032 42.09 8.97 -26.02
CA SER A 2032 40.76 9.44 -26.35
C SER A 2032 40.85 10.82 -26.99
N MET A 2033 40.01 11.04 -28.00
CA MET A 2033 39.91 12.33 -28.67
C MET A 2033 38.44 12.66 -28.86
N ASP A 2034 38.05 13.88 -28.46
CA ASP A 2034 36.67 14.31 -28.58
C ASP A 2034 36.61 15.67 -29.27
N ARG A 2035 35.59 15.85 -30.10
CA ARG A 2035 35.36 17.13 -30.77
C ARG A 2035 33.87 17.33 -30.97
N SER A 2036 33.32 18.42 -30.43
CA SER A 2036 31.91 18.75 -30.55
C SER A 2036 31.77 20.13 -31.16
N TYR A 2037 30.89 20.26 -32.15
CA TYR A 2037 30.67 21.55 -32.81
C TYR A 2037 29.19 21.67 -33.15
N SER A 2038 28.53 22.67 -32.60
CA SER A 2038 27.12 22.93 -32.88
C SER A 2038 26.96 24.33 -33.44
N GLU A 2039 26.12 24.45 -34.46
CA GLU A 2039 25.97 25.70 -35.20
C GLU A 2039 24.51 25.90 -35.59
N ASN A 2040 23.95 27.05 -35.21
CA ASN A 2040 22.59 27.44 -35.57
C ASN A 2040 22.65 28.72 -36.39
N THR A 2041 22.01 28.71 -37.55
CA THR A 2041 21.90 29.88 -38.41
C THR A 2041 20.44 30.28 -38.54
N SER A 2042 20.18 31.58 -38.55
CA SER A 2042 18.84 32.11 -38.68
C SER A 2042 18.86 33.33 -39.58
N GLU A 2043 17.83 33.47 -40.40
CA GLU A 2043 17.72 34.67 -41.23
C GLU A 2043 16.25 34.93 -41.54
N GLN A 2044 15.92 36.19 -41.77
CA GLN A 2044 14.62 36.49 -42.34
C GLN A 2044 14.76 36.52 -43.87
N TYR A 2045 13.63 36.62 -44.56
CA TYR A 2045 13.74 36.61 -46.01
C TYR A 2045 12.54 37.28 -46.64
N SER A 2046 12.72 37.65 -47.91
CA SER A 2046 11.65 38.08 -48.79
C SER A 2046 11.85 37.43 -50.15
N VAL A 2047 10.84 37.55 -50.99
CA VAL A 2047 10.94 37.12 -52.39
C VAL A 2047 10.64 38.34 -53.26
N ASP A 2048 11.56 38.66 -54.16
CA ASP A 2048 11.39 39.83 -55.00
C ASP A 2048 10.18 39.62 -55.91
N PRO A 2049 9.25 40.59 -55.98
CA PRO A 2049 8.05 40.39 -56.82
C PRO A 2049 8.38 40.09 -58.26
N SER A 2050 9.44 40.69 -58.79
CA SER A 2050 9.94 40.37 -60.12
C SER A 2050 11.13 39.41 -60.01
N THR A 2051 11.23 38.51 -60.98
CA THR A 2051 12.31 37.53 -61.10
C THR A 2051 12.29 36.49 -59.98
N ASN A 2052 11.40 36.67 -58.99
CA ASN A 2052 11.16 35.68 -57.94
C ASN A 2052 12.44 35.20 -57.28
N GLU A 2053 13.29 36.15 -56.91
CA GLU A 2053 14.60 35.82 -56.34
C GLU A 2053 14.55 35.93 -54.84
N TYR A 2054 15.23 35.01 -54.17
CA TYR A 2054 15.22 34.92 -52.71
C TYR A 2054 16.17 35.96 -52.12
N LYS A 2055 15.65 36.81 -51.23
CA LYS A 2055 16.44 37.83 -50.56
C LYS A 2055 16.62 37.45 -49.09
N PRO A 2056 17.81 37.06 -48.65
CA PRO A 2056 18.06 36.89 -47.23
C PRO A 2056 18.24 38.23 -46.53
N LEU A 2057 17.81 38.28 -45.27
CA LEU A 2057 17.78 39.50 -44.50
C LEU A 2057 18.33 39.23 -43.11
N SER A 2058 19.39 39.97 -42.75
CA SER A 2058 20.05 39.88 -41.46
C SER A 2058 20.34 38.45 -41.02
N PRO A 2059 21.09 37.68 -41.81
CA PRO A 2059 21.48 36.34 -41.36
C PRO A 2059 22.47 36.42 -40.21
N TYR A 2060 22.35 35.49 -39.28
CA TYR A 2060 23.26 35.44 -38.15
C TYR A 2060 23.42 34.00 -37.70
N THR A 2061 24.50 33.76 -36.97
CA THR A 2061 24.87 32.41 -36.55
C THR A 2061 25.31 32.45 -35.09
N TYR A 2062 25.12 31.33 -34.41
CA TYR A 2062 25.66 31.12 -33.08
C TYR A 2062 25.93 29.63 -32.92
N GLY A 2063 26.52 29.24 -31.79
CA GLY A 2063 26.76 27.84 -31.55
C GLY A 2063 27.74 27.62 -30.42
N MET A 2064 28.17 26.36 -30.31
CA MET A 2064 29.07 25.91 -29.26
C MET A 2064 30.21 25.11 -29.87
N PHE A 2065 31.33 25.09 -29.16
CA PHE A 2065 32.49 24.33 -29.60
C PHE A 2065 33.20 23.72 -28.40
N SER A 2066 33.74 22.52 -28.59
CA SER A 2066 34.54 21.85 -27.57
C SER A 2066 35.50 20.91 -28.26
N ILE A 2067 36.71 20.79 -27.73
CA ILE A 2067 37.70 19.90 -28.33
C ILE A 2067 38.67 19.45 -27.25
N SER A 2068 39.09 18.20 -27.34
CA SER A 2068 40.13 17.71 -26.45
C SER A 2068 41.47 18.33 -26.83
N THR A 2069 42.24 18.70 -25.82
CA THR A 2069 43.52 19.38 -26.00
C THR A 2069 44.49 18.86 -24.96
N VAL A 2070 45.74 19.33 -25.03
CA VAL A 2070 46.76 18.99 -24.06
C VAL A 2070 47.47 20.27 -23.64
N MET A 2071 47.54 20.50 -22.34
CA MET A 2071 48.28 21.63 -21.79
C MET A 2071 49.05 21.18 -20.55
N ILE A 2072 49.63 19.98 -20.60
CA ILE A 2072 50.47 19.47 -19.54
C ILE A 2072 51.80 20.21 -19.43
N LYS A 2073 52.17 20.98 -20.46
CA LYS A 2073 53.45 21.68 -20.43
C LYS A 2073 53.47 22.80 -19.39
N THR A 2074 52.30 23.36 -19.07
CA THR A 2074 52.19 24.38 -18.04
C THR A 2074 51.49 23.86 -16.79
N ALA A 2075 51.26 22.55 -16.70
CA ALA A 2075 50.48 22.00 -15.59
C ALA A 2075 51.22 22.15 -14.26
N PHE A 2076 52.54 21.95 -14.26
CA PHE A 2076 53.31 21.93 -13.02
C PHE A 2076 54.11 23.20 -12.80
N SER A 2077 53.86 24.25 -13.58
CA SER A 2077 54.44 25.54 -13.26
C SER A 2077 53.71 26.15 -12.07
N PRO A 2078 54.42 26.69 -11.08
CA PRO A 2078 53.74 27.30 -9.94
C PRO A 2078 52.86 28.46 -10.37
N SER A 2079 51.68 28.54 -9.76
CA SER A 2079 50.69 29.55 -10.14
C SER A 2079 49.89 29.90 -8.89
N ASP A 2080 50.15 31.07 -8.33
CA ASP A 2080 49.47 31.54 -7.13
C ASP A 2080 49.19 33.03 -7.28
N GLU A 2081 48.81 33.66 -6.18
CA GLU A 2081 48.49 35.09 -6.20
C GLU A 2081 49.73 35.96 -6.37
N THR A 2082 50.93 35.39 -6.27
CA THR A 2082 52.15 36.18 -6.39
C THR A 2082 52.96 35.89 -7.65
N GLN A 2083 52.80 34.70 -8.24
CA GLN A 2083 53.59 34.35 -9.41
C GLN A 2083 52.79 33.41 -10.30
N SER A 2084 53.01 33.56 -11.61
CA SER A 2084 52.48 32.62 -12.60
C SER A 2084 53.28 32.80 -13.89
N ALA A 2085 54.09 31.79 -14.23
CA ALA A 2085 54.86 31.88 -15.46
C ALA A 2085 53.96 31.84 -16.69
N ALA A 2086 52.91 31.02 -16.65
CA ALA A 2086 51.97 30.95 -17.76
C ALA A 2086 51.24 32.27 -17.96
N PHE A 2087 50.90 32.95 -16.87
CA PHE A 2087 50.26 34.25 -17.01
C PHE A 2087 51.21 35.31 -17.53
N ASP A 2088 52.49 35.24 -17.16
CA ASP A 2088 53.48 36.13 -17.75
C ASP A 2088 53.62 35.88 -19.24
N ASP A 2089 53.58 34.61 -19.65
CA ASP A 2089 53.58 34.30 -21.07
C ASP A 2089 52.32 34.83 -21.75
N PHE A 2090 51.18 34.75 -21.08
CA PHE A 2090 49.95 35.34 -21.60
C PHE A 2090 50.13 36.84 -21.82
N ARG A 2091 50.72 37.53 -20.86
CA ARG A 2091 50.95 38.97 -21.01
C ARG A 2091 51.89 39.27 -22.18
N SER A 2092 52.97 38.50 -22.31
CA SER A 2092 53.96 38.79 -23.34
C SER A 2092 53.49 38.38 -24.73
N ASN A 2093 52.61 37.39 -24.84
CA ASN A 2093 52.18 36.89 -26.14
C ASN A 2093 51.27 37.87 -26.86
N ARG A 2094 50.71 38.85 -26.15
CA ARG A 2094 49.74 39.75 -26.76
C ARG A 2094 50.37 40.56 -27.89
N LEU A 2095 51.58 41.08 -27.67
CA LEU A 2095 52.23 41.88 -28.70
C LEU A 2095 52.63 41.02 -29.89
N ILE A 2096 53.08 39.79 -29.64
CA ILE A 2096 53.45 38.89 -30.73
C ILE A 2096 52.23 38.58 -31.60
N ILE A 2097 51.11 38.24 -30.95
CA ILE A 2097 49.90 37.93 -31.70
C ILE A 2097 49.39 39.16 -32.44
N ALA A 2098 49.44 40.33 -31.80
CA ALA A 2098 48.99 41.55 -32.45
C ALA A 2098 49.85 41.88 -33.66
N ASN A 2099 51.16 41.68 -33.55
CA ASN A 2099 52.03 41.93 -34.70
C ASN A 2099 51.74 40.95 -35.83
N ARG A 2100 51.53 39.68 -35.52
CA ARG A 2100 51.19 38.72 -36.56
C ARG A 2100 49.88 39.09 -37.25
N LEU A 2101 48.87 39.49 -36.47
CA LEU A 2101 47.60 39.90 -37.03
C LEU A 2101 47.75 41.17 -37.88
N ALA A 2102 48.61 42.09 -37.46
CA ALA A 2102 48.86 43.29 -38.24
C ALA A 2102 49.51 42.97 -39.57
N GLU A 2103 50.49 42.05 -39.57
CA GLU A 2103 51.05 41.60 -40.84
C GLU A 2103 49.99 40.94 -41.71
N GLY A 2104 49.08 40.19 -41.10
CA GLY A 2104 47.97 39.62 -41.84
C GLY A 2104 47.04 40.67 -42.43
N HIS A 2105 46.85 41.79 -41.72
CA HIS A 2105 45.95 42.84 -42.17
C HIS A 2105 46.67 43.84 -43.08
N TYR A 2106 47.73 44.48 -42.58
CA TYR A 2106 48.63 45.27 -43.40
C TYR A 2106 49.74 44.34 -43.91
N GLY A 2107 49.70 44.03 -45.20
CA GLY A 2107 50.55 42.98 -45.73
C GLY A 2107 51.96 43.35 -46.10
N SER A 2108 52.71 43.94 -45.17
CA SER A 2108 54.15 44.18 -45.25
C SER A 2108 54.55 45.19 -46.32
N GLY A 2109 53.62 45.69 -47.12
CA GLY A 2109 53.97 46.71 -48.09
C GLY A 2109 54.09 48.10 -47.53
N VAL A 2110 53.59 48.32 -46.31
CA VAL A 2110 53.67 49.60 -45.63
C VAL A 2110 54.13 49.35 -44.21
N ALA A 2111 54.63 50.40 -43.57
CA ALA A 2111 54.93 50.33 -42.16
C ALA A 2111 53.64 50.17 -41.37
N ILE A 2112 53.62 49.23 -40.43
CA ILE A 2112 52.43 48.95 -39.64
C ILE A 2112 52.17 50.16 -38.73
N PRO A 2113 51.00 50.78 -38.82
CA PRO A 2113 50.72 51.93 -37.94
C PRO A 2113 50.55 51.48 -36.50
N ARG A 2114 51.11 52.28 -35.58
CA ARG A 2114 51.09 51.99 -34.17
C ARG A 2114 50.54 53.21 -33.42
N TYR A 2115 50.24 53.00 -32.13
CA TYR A 2115 49.53 54.00 -31.35
C TYR A 2115 50.43 55.14 -30.85
N GLY A 2116 51.74 55.05 -31.05
CA GLY A 2116 52.61 56.12 -30.58
C GLY A 2116 53.40 56.79 -31.69
N ASP A 2117 53.17 56.38 -32.93
CA ASP A 2117 53.98 56.90 -34.03
C ASP A 2117 53.50 58.29 -34.44
N ALA A 2118 54.13 58.83 -35.48
CA ALA A 2118 53.80 60.18 -35.94
C ALA A 2118 52.38 60.26 -36.48
N ASN A 2119 51.94 59.25 -37.22
CA ASN A 2119 50.61 59.29 -37.83
C ASN A 2119 49.50 59.07 -36.82
N ASN A 2120 49.79 58.40 -35.71
CA ASN A 2120 48.82 58.15 -34.65
C ASN A 2120 49.41 58.58 -33.31
N PRO A 2121 49.52 59.89 -33.08
CA PRO A 2121 50.15 60.37 -31.85
C PRO A 2121 49.23 60.19 -30.65
N ILE A 2122 49.85 60.19 -29.47
CA ILE A 2122 49.10 60.19 -28.22
C ILE A 2122 48.38 61.53 -28.11
N PRO A 2123 47.06 61.53 -27.95
CA PRO A 2123 46.34 62.80 -27.93
C PRO A 2123 46.50 63.54 -26.61
N ALA A 2124 45.80 64.66 -26.46
CA ALA A 2124 45.83 65.41 -25.21
C ALA A 2124 45.14 64.63 -24.10
N GLU A 2125 45.44 65.00 -22.86
CA GLU A 2125 44.87 64.32 -21.71
C GLU A 2125 43.35 64.41 -21.67
N THR A 2126 42.77 65.44 -22.27
CA THR A 2126 41.32 65.59 -22.29
C THR A 2126 40.65 64.81 -23.42
N ASP A 2127 41.43 64.28 -24.36
CA ASP A 2127 40.85 63.50 -25.45
C ASP A 2127 40.28 62.19 -24.91
N PRO A 2128 39.14 61.72 -25.44
CA PRO A 2128 38.56 60.47 -24.94
C PRO A 2128 39.45 59.26 -25.13
N ASN A 2129 40.33 59.25 -26.13
CA ASN A 2129 41.15 58.09 -26.45
C ASN A 2129 42.57 58.20 -25.92
N TYR A 2130 42.83 59.15 -25.02
CA TYR A 2130 44.18 59.33 -24.50
C TYR A 2130 44.64 58.11 -23.72
N ALA A 2131 43.78 57.60 -22.82
CA ALA A 2131 44.16 56.45 -22.00
C ALA A 2131 44.37 55.21 -22.84
N VAL A 2132 43.51 54.99 -23.84
CA VAL A 2132 43.65 53.81 -24.70
C VAL A 2132 44.94 53.89 -25.50
N TYR A 2133 45.25 55.07 -26.04
CA TYR A 2133 46.49 55.23 -26.80
C TYR A 2133 47.72 55.03 -25.92
N THR A 2134 47.68 55.54 -24.69
CA THR A 2134 48.81 55.37 -23.78
C THR A 2134 48.96 53.93 -23.32
N ALA A 2135 47.85 53.21 -23.15
CA ALA A 2135 47.90 51.86 -22.60
C ALA A 2135 48.66 50.91 -23.52
N ASN A 2136 48.41 50.98 -24.82
CA ASN A 2136 49.10 50.15 -25.80
C ASN A 2136 49.78 51.07 -26.81
N GLN A 2137 50.97 51.56 -26.45
CA GLN A 2137 51.64 52.57 -27.26
C GLN A 2137 52.25 51.97 -28.52
N GLY A 2138 52.88 50.81 -28.41
CA GLY A 2138 53.53 50.17 -29.53
C GLY A 2138 52.73 49.10 -30.23
N TYR A 2139 51.45 49.01 -29.98
CA TYR A 2139 50.64 47.98 -30.62
C TYR A 2139 50.09 48.49 -31.95
N PRO A 2140 49.80 47.58 -32.88
CA PRO A 2140 49.17 47.99 -34.15
C PRO A 2140 47.80 48.61 -33.91
N ILE A 2141 47.39 49.46 -34.85
CA ILE A 2141 46.27 50.36 -34.64
C ILE A 2141 44.99 49.58 -34.35
N GLY A 2142 44.72 48.55 -35.14
CA GLY A 2142 43.48 47.83 -34.91
C GLY A 2142 43.56 46.66 -33.95
N TYR A 2143 44.73 46.42 -33.34
CA TYR A 2143 44.95 45.25 -32.49
C TYR A 2143 45.58 45.70 -31.18
N THR A 2144 44.75 46.08 -30.22
CA THR A 2144 45.22 46.48 -28.91
C THR A 2144 45.35 45.27 -27.99
N LYS A 2145 45.71 45.52 -26.73
CA LYS A 2145 45.81 44.45 -25.76
C LYS A 2145 44.45 43.86 -25.40
N SER A 2146 43.37 44.61 -25.63
CA SER A 2146 42.02 44.17 -25.26
C SER A 2146 41.27 43.52 -26.42
N ASN A 2147 41.89 43.38 -27.58
CA ASN A 2147 41.22 42.75 -28.71
C ASN A 2147 41.07 41.25 -28.47
N GLN A 2148 39.85 40.74 -28.70
CA GLN A 2148 39.60 39.31 -28.55
C GLN A 2148 40.46 38.49 -29.51
N ALA A 2149 40.56 38.96 -30.77
CA ALA A 2149 41.38 38.29 -31.76
C ALA A 2149 42.85 38.27 -31.38
N VAL A 2150 43.29 39.18 -30.52
CA VAL A 2150 44.67 39.20 -30.07
C VAL A 2150 44.89 38.30 -28.87
N LEU A 2151 44.04 38.42 -27.86
CA LEU A 2151 44.29 37.77 -26.59
C LEU A 2151 43.69 36.38 -26.47
N LEU A 2152 42.87 35.93 -27.43
CA LEU A 2152 42.45 34.54 -27.36
C LEU A 2152 43.56 33.59 -27.83
N PRO A 2153 44.16 33.80 -29.01
CA PRO A 2153 45.34 32.98 -29.35
C PRO A 2153 46.48 33.15 -28.38
N ALA A 2154 46.67 34.34 -27.81
CA ALA A 2154 47.71 34.53 -26.81
C ALA A 2154 47.45 33.66 -25.58
N PHE A 2155 46.20 33.64 -25.11
CA PHE A 2155 45.84 32.81 -23.97
C PHE A 2155 46.04 31.34 -24.27
N LEU A 2156 45.60 30.89 -25.44
CA LEU A 2156 45.73 29.48 -25.80
C LEU A 2156 47.20 29.08 -25.92
N ALA A 2157 48.02 29.91 -26.57
CA ALA A 2157 49.44 29.59 -26.71
C ALA A 2157 50.14 29.61 -25.36
N ALA A 2158 49.80 30.56 -24.50
CA ALA A 2158 50.46 30.65 -23.20
C ALA A 2158 50.14 29.45 -22.34
N TYR A 2159 48.88 29.01 -22.32
CA TYR A 2159 48.52 27.95 -21.40
C TYR A 2159 48.63 26.55 -21.99
N THR A 2160 48.82 26.42 -23.30
CA THR A 2160 49.19 25.14 -23.88
C THR A 2160 50.70 24.98 -24.04
N GLY A 2161 51.48 26.00 -23.68
CA GLY A 2161 52.92 25.94 -23.81
C GLY A 2161 53.44 26.19 -25.21
N SER A 2162 52.58 26.58 -26.15
CA SER A 2162 52.99 26.81 -27.52
C SER A 2162 53.72 28.15 -27.65
N ASP A 2163 54.50 28.27 -28.72
CA ASP A 2163 55.20 29.50 -29.04
C ASP A 2163 54.28 30.40 -29.85
N ALA A 2164 54.07 31.62 -29.38
CA ALA A 2164 53.12 32.54 -30.00
C ALA A 2164 53.54 33.00 -31.39
N SER A 2165 54.81 32.81 -31.76
CA SER A 2165 55.26 33.22 -33.08
C SER A 2165 54.70 32.34 -34.19
N SER A 2166 54.34 31.10 -33.89
CA SER A 2166 53.81 30.18 -34.88
C SER A 2166 52.54 29.47 -34.44
N SER A 2167 52.02 29.75 -33.25
CA SER A 2167 50.80 29.11 -32.79
C SER A 2167 49.60 29.63 -33.59
N SER A 2168 48.54 28.83 -33.61
CA SER A 2168 47.37 29.16 -34.39
C SER A 2168 46.66 30.39 -33.82
N THR A 2169 46.24 31.28 -34.70
CA THR A 2169 45.43 32.44 -34.33
C THR A 2169 43.95 32.22 -34.59
N ASN A 2170 43.54 31.00 -34.93
CA ASN A 2170 42.15 30.70 -35.20
C ASN A 2170 41.38 30.46 -33.91
N ILE A 2171 40.08 30.74 -33.96
CA ILE A 2171 39.23 30.51 -32.79
C ILE A 2171 39.02 29.01 -32.57
N PHE A 2172 38.75 28.27 -33.63
CA PHE A 2172 38.43 26.85 -33.53
C PHE A 2172 39.65 25.99 -33.86
N ARG A 2173 39.54 24.71 -33.53
CA ARG A 2173 40.58 23.73 -33.79
C ARG A 2173 39.98 22.57 -34.57
N SER A 2174 40.79 21.98 -35.45
CA SER A 2174 40.34 20.87 -36.28
C SER A 2174 40.69 19.52 -35.68
N PHE A 2175 41.94 19.32 -35.27
CA PHE A 2175 42.41 18.03 -34.81
C PHE A 2175 42.45 18.01 -33.29
N PRO A 2176 41.67 17.14 -32.64
CA PRO A 2176 41.77 17.03 -31.17
C PRO A 2176 43.08 16.36 -30.77
N ILE A 2177 43.65 16.86 -29.68
CA ILE A 2177 44.87 16.29 -29.12
C ILE A 2177 44.48 15.18 -28.15
N PRO A 2178 45.03 13.98 -28.29
CA PRO A 2178 44.59 12.86 -27.45
C PRO A 2178 44.89 13.10 -25.97
N ASN A 2179 43.95 12.68 -25.14
CA ASN A 2179 44.12 12.55 -23.70
C ASN A 2179 44.30 11.07 -23.36
N TRP A 2180 44.89 10.80 -22.20
CA TRP A 2180 45.40 9.45 -22.00
C TRP A 2180 45.10 8.90 -20.61
N SER A 2181 45.04 7.58 -20.54
CA SER A 2181 44.96 6.83 -19.30
C SER A 2181 45.98 5.71 -19.35
N ILE A 2182 46.82 5.61 -18.33
CA ILE A 2182 47.94 4.67 -18.29
C ILE A 2182 47.82 3.81 -17.03
N LYS A 2183 47.89 2.50 -17.22
CA LYS A 2183 47.93 1.54 -16.12
C LYS A 2183 49.19 0.71 -16.25
N TYR A 2184 49.85 0.44 -15.13
CA TYR A 2184 51.12 -0.28 -15.13
C TYR A 2184 51.13 -1.25 -13.95
N ASN A 2185 50.81 -2.51 -14.22
CA ASN A 2185 51.08 -3.61 -13.30
C ASN A 2185 52.38 -4.32 -13.68
N GLY A 2186 53.46 -3.56 -13.84
CA GLY A 2186 54.69 -4.11 -14.36
C GLY A 2186 55.77 -4.36 -13.34
N LEU A 2187 55.55 -3.91 -12.10
CA LEU A 2187 56.51 -4.11 -11.03
C LEU A 2187 56.29 -5.43 -10.28
N MET A 2188 55.24 -6.17 -10.61
CA MET A 2188 54.93 -7.43 -9.93
C MET A 2188 55.88 -8.56 -10.30
N ARG A 2189 56.73 -8.39 -11.30
CA ARG A 2189 57.56 -9.49 -11.79
C ARG A 2189 59.06 -9.20 -11.77
N TYR A 2190 59.49 -8.05 -11.26
CA TYR A 2190 60.93 -7.77 -11.20
C TYR A 2190 61.58 -8.43 -9.98
N LYS A 2191 61.24 -7.94 -8.78
CA LYS A 2191 61.73 -8.54 -7.56
C LYS A 2191 60.69 -8.53 -6.44
N TYR A 2192 59.47 -8.07 -6.71
CA TYR A 2192 58.48 -7.82 -5.66
C TYR A 2192 57.84 -9.09 -5.12
N PHE A 2193 58.19 -10.27 -5.65
CA PHE A 2193 57.68 -11.51 -5.09
C PHE A 2193 58.14 -11.70 -3.65
N LYS A 2194 59.41 -11.44 -3.38
CA LYS A 2194 59.98 -11.58 -2.05
C LYS A 2194 60.01 -10.28 -1.26
N ASP A 2195 59.53 -9.18 -1.84
CA ASP A 2195 59.41 -7.91 -1.13
C ASP A 2195 58.05 -7.75 -0.48
N LYS A 2196 57.38 -8.87 -0.16
CA LYS A 2196 56.09 -8.95 0.51
C LYS A 2196 54.94 -8.41 -0.33
N PHE A 2197 55.20 -7.92 -1.54
CA PHE A 2197 54.16 -7.33 -2.37
C PHE A 2197 53.38 -8.43 -3.08
N LYS A 2198 52.13 -8.63 -2.69
CA LYS A 2198 51.26 -9.56 -3.41
C LYS A 2198 50.38 -8.86 -4.44
N ARG A 2199 50.55 -7.54 -4.59
CA ARG A 2199 49.82 -6.72 -5.55
C ARG A 2199 50.53 -5.38 -5.65
N PHE A 2200 50.54 -4.81 -6.85
CA PHE A 2200 51.11 -3.48 -7.08
C PHE A 2200 50.71 -2.97 -8.45
N SER A 2201 50.23 -1.72 -8.50
CA SER A 2201 49.83 -1.12 -9.77
C SER A 2201 49.98 0.38 -9.68
N LEU A 2202 50.25 1.00 -10.82
CA LEU A 2202 50.33 2.45 -10.95
C LEU A 2202 49.32 2.91 -11.98
N GLN A 2203 48.65 4.02 -11.70
CA GLN A 2203 47.63 4.55 -12.61
C GLN A 2203 47.82 6.05 -12.77
N HIS A 2204 47.69 6.52 -14.01
CA HIS A 2204 47.79 7.93 -14.34
C HIS A 2204 46.69 8.29 -15.33
N ASN A 2205 46.13 9.47 -15.20
CA ASN A 2205 45.10 9.93 -16.11
C ASN A 2205 45.30 11.40 -16.43
N TYR A 2206 45.08 11.76 -17.69
CA TYR A 2206 45.10 13.16 -18.12
C TYR A 2206 43.97 13.38 -19.10
N ARG A 2207 43.17 14.42 -18.84
CA ARG A 2207 42.06 14.81 -19.70
C ARG A 2207 41.96 16.32 -19.72
N ALA A 2208 42.10 16.94 -20.89
CA ALA A 2208 42.01 18.38 -21.01
C ALA A 2208 41.10 18.76 -22.18
N SER A 2209 40.32 19.82 -21.99
CA SER A 2209 39.38 20.28 -22.98
C SER A 2209 39.45 21.79 -23.13
N TYR A 2210 39.18 22.25 -24.34
CA TYR A 2210 39.06 23.66 -24.70
C TYR A 2210 37.65 23.88 -25.22
N THR A 2211 36.91 24.78 -24.57
CA THR A 2211 35.48 24.93 -24.81
C THR A 2211 35.13 26.39 -25.03
N ILE A 2212 34.34 26.64 -26.08
CA ILE A 2212 33.65 27.90 -26.27
C ILE A 2212 32.17 27.62 -26.08
N ASN A 2213 31.63 28.10 -24.95
CA ASN A 2213 30.25 27.78 -24.60
C ASN A 2213 29.26 28.41 -25.56
N GLN A 2214 29.56 29.61 -26.06
CA GLN A 2214 28.66 30.26 -27.00
C GLN A 2214 29.46 31.27 -27.81
N PHE A 2215 29.63 30.99 -29.10
CA PHE A 2215 30.12 31.96 -30.06
C PHE A 2215 28.96 32.39 -30.95
N ARG A 2216 29.14 33.53 -31.62
CA ARG A 2216 28.11 33.99 -32.54
C ARG A 2216 28.70 34.94 -33.57
N SER A 2217 27.97 35.12 -34.66
CA SER A 2217 28.36 36.08 -35.67
C SER A 2217 28.12 37.50 -35.16
N ASN A 2218 28.83 38.45 -35.75
CA ASN A 2218 28.81 39.84 -35.34
C ASN A 2218 28.17 40.68 -36.44
N PHE A 2219 27.10 41.40 -36.09
CA PHE A 2219 26.48 42.31 -37.05
C PHE A 2219 27.36 43.51 -37.32
N ASP A 2220 28.21 43.90 -36.37
CA ASP A 2220 29.14 45.00 -36.58
C ASP A 2220 30.22 44.64 -37.61
N TYR A 2221 30.43 43.36 -37.86
CA TYR A 2221 31.37 42.90 -38.89
C TYR A 2221 30.60 42.84 -40.20
N ASN A 2222 30.59 43.96 -40.92
CA ASN A 2222 29.79 44.10 -42.14
C ASN A 2222 30.65 44.78 -43.20
N SER A 2223 30.00 45.21 -44.28
CA SER A 2223 30.68 45.83 -45.41
C SER A 2223 30.79 47.35 -45.30
N SER A 2224 30.33 47.93 -44.19
CA SER A 2224 30.38 49.37 -44.04
C SER A 2224 31.82 49.84 -43.83
N PRO A 2225 32.09 51.12 -44.11
CA PRO A 2225 33.44 51.64 -43.86
C PRO A 2225 33.84 51.64 -42.39
N LYS A 2226 32.88 51.55 -41.47
CA LYS A 2226 33.19 51.51 -40.05
C LYS A 2226 33.83 50.17 -39.69
N VAL A 2227 35.08 50.20 -39.24
CA VAL A 2227 35.84 48.99 -38.98
C VAL A 2227 36.36 48.89 -37.56
N GLN A 2228 36.38 49.98 -36.80
CA GLN A 2228 36.90 49.99 -35.43
C GLN A 2228 35.76 50.27 -34.45
N ASP A 2229 35.83 49.65 -33.28
CA ASP A 2229 34.82 49.84 -32.26
C ASP A 2229 35.23 50.97 -31.31
N VAL A 2230 34.51 51.09 -30.19
CA VAL A 2230 34.78 52.15 -29.22
C VAL A 2230 36.16 52.00 -28.58
N ASN A 2231 36.74 50.81 -28.62
CA ASN A 2231 38.07 50.57 -28.08
C ASN A 2231 39.16 50.65 -29.14
N THR A 2232 38.84 51.17 -30.33
CA THR A 2232 39.74 51.27 -31.47
C THR A 2232 40.21 49.91 -31.97
N ASN A 2233 39.53 48.84 -31.60
CA ASN A 2233 39.82 47.50 -32.08
C ASN A 2233 39.04 47.20 -33.34
N PHE A 2234 39.65 46.45 -34.24
CA PHE A 2234 38.94 45.96 -35.41
C PHE A 2234 37.83 45.01 -35.00
N TYR A 2235 36.70 45.08 -35.70
CA TYR A 2235 35.60 44.18 -35.42
C TYR A 2235 35.97 42.75 -35.77
N ASN A 2236 35.50 41.81 -34.96
CA ASN A 2236 35.75 40.39 -35.17
C ASN A 2236 34.53 39.74 -35.78
N GLU A 2237 34.76 38.85 -36.76
CA GLU A 2237 33.66 38.17 -37.42
C GLU A 2237 32.90 37.29 -36.44
N ILE A 2238 33.60 36.55 -35.59
CA ILE A 2238 33.00 35.67 -34.60
C ILE A 2238 33.37 36.18 -33.22
N ILE A 2239 32.36 36.35 -32.36
CA ILE A 2239 32.54 36.91 -31.04
C ILE A 2239 32.01 35.93 -30.00
N MET A 2240 32.72 35.81 -28.89
CA MET A 2240 32.29 34.98 -27.78
C MET A 2240 32.61 35.70 -26.48
N SER A 2241 31.89 35.32 -25.41
CA SER A 2241 32.08 35.97 -24.12
C SER A 2241 33.14 35.30 -23.27
N ASN A 2242 33.24 33.97 -23.32
CA ASN A 2242 34.16 33.23 -22.46
C ASN A 2242 34.84 32.13 -23.24
N VAL A 2243 36.05 31.77 -22.79
CA VAL A 2243 36.72 30.56 -23.26
C VAL A 2243 37.21 29.79 -22.04
N ASN A 2244 37.04 28.47 -22.06
CA ASN A 2244 37.36 27.62 -20.93
C ASN A 2244 38.44 26.61 -21.31
N LEU A 2245 39.47 26.53 -20.49
CA LEU A 2245 40.51 25.49 -20.59
C LEU A 2245 40.46 24.69 -19.29
N VAL A 2246 40.03 23.44 -19.39
CA VAL A 2246 39.85 22.58 -18.22
C VAL A 2246 40.82 21.41 -18.33
N GLU A 2247 41.57 21.16 -17.26
CA GLU A 2247 42.54 20.09 -17.22
C GLU A 2247 42.34 19.28 -15.95
N GLN A 2248 42.40 17.96 -16.08
CA GLN A 2248 42.16 17.07 -14.94
C GLN A 2248 43.15 15.91 -14.98
N PHE A 2249 43.94 15.79 -13.93
CA PHE A 2249 44.70 14.59 -13.61
C PHE A 2249 43.85 13.83 -12.59
N SER A 2250 43.09 12.85 -13.05
CA SER A 2250 42.16 12.10 -12.21
C SER A 2250 42.41 10.61 -12.40
N PRO A 2251 43.42 10.05 -11.72
CA PRO A 2251 44.34 10.71 -10.79
C PRO A 2251 45.62 11.19 -11.45
N LEU A 2252 46.35 12.12 -10.82
CA LEU A 2252 47.70 12.42 -11.27
C LEU A 2252 48.59 11.21 -11.08
N ILE A 2253 48.45 10.51 -9.96
CA ILE A 2253 49.16 9.25 -9.77
C ILE A 2253 48.43 8.42 -8.72
N ARG A 2254 48.20 7.15 -9.01
CA ARG A 2254 47.55 6.23 -8.07
C ARG A 2254 48.43 5.01 -7.89
N MET A 2255 48.90 4.81 -6.66
CA MET A 2255 49.68 3.63 -6.27
C MET A 2255 48.79 2.77 -5.39
N ASP A 2256 48.41 1.60 -5.90
CA ASP A 2256 47.57 0.65 -5.17
C ASP A 2256 48.35 -0.65 -5.04
N PHE A 2257 48.70 -1.01 -3.81
CA PHE A 2257 49.43 -2.25 -3.57
C PHE A 2257 48.94 -2.89 -2.28
N GLU A 2258 49.33 -4.14 -2.08
CA GLU A 2258 49.05 -4.84 -0.83
C GLU A 2258 50.24 -5.72 -0.48
N LEU A 2259 50.63 -5.68 0.79
CA LEU A 2259 51.68 -6.54 1.29
C LEU A 2259 51.14 -7.94 1.55
N LYS A 2260 52.05 -8.91 1.59
CA LYS A 2260 51.66 -10.26 2.00
C LYS A 2260 51.26 -10.32 3.45
N SER A 2261 51.60 -9.29 4.24
CA SER A 2261 51.14 -9.15 5.61
C SER A 2261 49.76 -8.52 5.71
N SER A 2262 48.99 -8.54 4.63
CA SER A 2262 47.62 -8.01 4.58
C SER A 2262 47.57 -6.51 4.85
N LEU A 2263 48.63 -5.79 4.48
CA LEU A 2263 48.66 -4.34 4.56
C LEU A 2263 48.46 -3.78 3.16
N ARG A 2264 47.29 -3.20 2.91
CA ARG A 2264 46.94 -2.65 1.61
C ARG A 2264 47.00 -1.13 1.67
N VAL A 2265 47.67 -0.52 0.70
CA VAL A 2265 47.80 0.92 0.60
C VAL A 2265 47.25 1.36 -0.76
N LEU A 2266 46.30 2.29 -0.72
CA LEU A 2266 45.72 2.90 -1.91
C LEU A 2266 45.95 4.41 -1.79
N SER A 2267 47.01 4.91 -2.42
CA SER A 2267 47.35 6.32 -2.38
C SER A 2267 47.12 6.93 -3.75
N GLU A 2268 46.65 8.18 -3.78
CA GLU A 2268 46.43 8.84 -5.06
C GLU A 2268 46.54 10.35 -4.90
N ILE A 2269 47.07 10.98 -5.95
CA ILE A 2269 47.14 12.42 -6.08
C ILE A 2269 46.32 12.80 -7.31
N LYS A 2270 45.37 13.70 -7.11
CA LYS A 2270 44.51 14.25 -8.15
C LYS A 2270 44.74 15.75 -8.27
N LYS A 2271 44.58 16.25 -9.49
CA LYS A 2271 44.86 17.65 -9.79
C LYS A 2271 43.86 18.16 -10.81
N ASP A 2272 43.54 19.45 -10.75
CA ASP A 2272 42.70 20.02 -11.79
C ASP A 2272 42.91 21.53 -11.89
N ARG A 2273 42.76 22.03 -13.11
CA ARG A 2273 42.87 23.45 -13.44
C ARG A 2273 41.65 23.83 -14.29
N ALA A 2274 41.12 25.02 -14.05
CA ALA A 2274 39.86 25.44 -14.65
C ALA A 2274 39.95 26.87 -15.18
N LEU A 2275 40.95 27.14 -16.03
CA LEU A 2275 41.10 28.47 -16.59
C LEU A 2275 39.83 28.88 -17.34
N SER A 2276 39.37 30.10 -17.10
CA SER A 2276 38.20 30.64 -17.79
C SER A 2276 38.47 32.11 -18.05
N MET A 2277 38.65 32.49 -19.31
CA MET A 2277 38.98 33.86 -19.62
C MET A 2277 37.74 34.52 -20.19
N SER A 2278 37.40 35.69 -19.63
CA SER A 2278 36.21 36.45 -20.01
C SER A 2278 36.62 37.67 -20.82
N PHE A 2279 36.05 37.80 -22.01
CA PHE A 2279 36.22 38.95 -22.88
C PHE A 2279 35.28 40.09 -22.54
N ASP A 2280 34.25 39.84 -21.72
CA ASP A 2280 33.38 40.91 -21.28
C ASP A 2280 34.12 41.88 -20.35
N ASN A 2281 34.94 41.36 -19.45
CA ASN A 2281 35.79 42.18 -18.61
C ASN A 2281 37.27 41.92 -18.85
N ASN A 2282 37.61 41.02 -19.78
CA ASN A 2282 39.01 40.68 -20.08
C ASN A 2282 39.76 40.22 -18.85
N LEU A 2283 39.13 39.37 -18.05
CA LEU A 2283 39.72 38.89 -16.80
C LEU A 2283 39.90 37.37 -16.88
N LEU A 2284 40.93 36.87 -16.20
CA LEU A 2284 41.20 35.44 -16.20
C LEU A 2284 40.86 34.86 -14.82
N THR A 2285 39.91 33.94 -14.78
CA THR A 2285 39.53 33.26 -13.55
C THR A 2285 40.13 31.87 -13.55
N GLU A 2286 41.01 31.59 -12.60
CA GLU A 2286 41.73 30.33 -12.50
C GLU A 2286 41.29 29.60 -11.24
N VAL A 2287 40.77 28.39 -11.41
CA VAL A 2287 40.41 27.53 -10.29
C VAL A 2287 41.39 26.35 -10.29
N LYS A 2288 42.18 26.26 -9.22
CA LYS A 2288 43.21 25.24 -9.08
C LYS A 2288 42.87 24.35 -7.90
N GLY A 2289 42.94 23.03 -8.11
CA GLY A 2289 42.66 22.10 -7.04
C GLY A 2289 43.62 20.93 -6.99
N MET A 2290 43.99 20.54 -5.78
CA MET A 2290 44.82 19.36 -5.56
C MET A 2290 44.22 18.53 -4.44
N GLU A 2291 44.33 17.21 -4.58
CA GLU A 2291 43.75 16.28 -3.62
C GLU A 2291 44.71 15.13 -3.38
N TYR A 2292 45.00 14.87 -2.12
CA TYR A 2292 45.84 13.74 -1.70
C TYR A 2292 44.97 12.78 -0.90
N ILE A 2293 44.93 11.52 -1.31
CA ILE A 2293 44.14 10.50 -0.64
C ILE A 2293 45.05 9.34 -0.28
N ILE A 2294 44.96 8.88 0.97
CA ILE A 2294 45.71 7.72 1.45
C ILE A 2294 44.73 6.77 2.12
N GLY A 2295 44.74 5.51 1.69
CA GLY A 2295 43.93 4.50 2.33
C GLY A 2295 44.76 3.34 2.82
N LEU A 2296 44.79 3.14 4.14
CA LEU A 2296 45.56 2.09 4.77
C LEU A 2296 44.60 1.01 5.28
N GLY A 2297 44.95 -0.24 5.03
CA GLY A 2297 44.17 -1.36 5.54
C GLY A 2297 45.05 -2.43 6.12
N TYR A 2298 44.71 -2.92 7.31
CA TYR A 2298 45.51 -3.93 7.97
C TYR A 2298 44.60 -4.85 8.75
N ARG A 2299 45.11 -6.05 9.05
CA ARG A 2299 44.35 -7.04 9.79
C ARG A 2299 45.26 -7.72 10.80
N PHE A 2300 45.10 -7.37 12.08
CA PHE A 2300 45.74 -8.12 13.14
C PHE A 2300 45.02 -9.46 13.30
N LYS A 2301 45.80 -10.54 13.37
CA LYS A 2301 45.26 -11.89 13.30
C LYS A 2301 45.22 -12.52 14.70
N ASP A 2302 44.09 -13.13 15.02
CA ASP A 2302 43.92 -13.94 16.23
C ASP A 2302 44.24 -13.14 17.49
N VAL A 2303 43.63 -11.95 17.59
CA VAL A 2303 43.76 -11.14 18.80
C VAL A 2303 42.85 -11.73 19.87
N ILE A 2304 43.41 -11.93 21.06
CA ILE A 2304 42.72 -12.61 22.17
C ILE A 2304 42.35 -11.54 23.21
N PHE A 2305 41.08 -11.54 23.60
CA PHE A 2305 40.59 -10.61 24.61
C PHE A 2305 41.18 -10.93 25.98
N ILE A 2316 40.12 -16.66 25.71
CA ILE A 2316 38.96 -17.50 25.39
C ILE A 2316 38.22 -16.90 24.19
N ILE A 2317 38.25 -15.58 24.06
CA ILE A 2317 37.63 -14.88 22.95
C ILE A 2317 38.71 -14.45 21.98
N LYS A 2318 38.61 -14.93 20.74
CA LYS A 2318 39.62 -14.68 19.71
C LYS A 2318 38.94 -14.10 18.48
N SER A 2319 39.49 -13.02 17.96
CA SER A 2319 38.97 -12.45 16.72
C SER A 2319 40.04 -11.61 16.05
N ASP A 2320 39.88 -11.42 14.74
CA ASP A 2320 40.76 -10.55 13.99
C ASP A 2320 40.34 -9.09 14.17
N ILE A 2321 41.32 -8.20 14.13
CA ILE A 2321 41.07 -6.77 14.21
C ILE A 2321 41.34 -6.17 12.83
N ASN A 2322 40.29 -5.70 12.17
CA ASN A 2322 40.42 -5.05 10.88
C ASN A 2322 40.54 -3.54 11.11
N ILE A 2323 41.65 -2.96 10.69
CA ILE A 2323 41.95 -1.54 10.88
C ILE A 2323 41.96 -0.86 9.53
N LYS A 2324 41.17 0.21 9.41
CA LYS A 2324 41.09 0.99 8.19
C LYS A 2324 41.38 2.45 8.52
N ALA A 2325 42.15 3.10 7.65
CA ALA A 2325 42.50 4.51 7.81
C ALA A 2325 42.32 5.20 6.46
N ASP A 2326 41.68 6.37 6.48
CA ASP A 2326 41.44 7.14 5.27
C ASP A 2326 41.82 8.59 5.54
N PHE A 2327 42.89 9.05 4.91
CA PHE A 2327 43.34 10.42 5.01
C PHE A 2327 43.07 11.15 3.70
N SER A 2328 42.51 12.35 3.80
CA SER A 2328 42.24 13.19 2.65
C SER A 2328 42.77 14.59 2.90
N LEU A 2329 43.29 15.22 1.85
CA LEU A 2329 43.75 16.60 1.93
C LEU A 2329 43.35 17.28 0.62
N ARG A 2330 42.41 18.22 0.71
CA ARG A 2330 41.92 18.95 -0.45
C ARG A 2330 42.30 20.41 -0.32
N ASN A 2331 42.99 20.92 -1.35
CA ASN A 2331 43.29 22.34 -1.51
C ASN A 2331 42.59 22.84 -2.77
N ASN A 2332 41.84 23.92 -2.63
CA ASN A 2332 41.17 24.57 -3.75
C ASN A 2332 41.40 26.06 -3.67
N GLU A 2333 41.57 26.69 -4.82
CA GLU A 2333 41.90 28.11 -4.88
C GLU A 2333 41.28 28.73 -6.12
N THR A 2334 40.71 29.92 -5.97
CA THR A 2334 40.14 30.67 -7.09
C THR A 2334 40.83 32.02 -7.14
N LEU A 2335 41.43 32.34 -8.29
CA LEU A 2335 42.15 33.57 -8.51
C LEU A 2335 41.54 34.33 -9.67
N VAL A 2336 41.46 35.64 -9.55
CA VAL A 2336 41.03 36.51 -10.64
C VAL A 2336 42.22 37.39 -11.01
N ARG A 2337 42.64 37.30 -12.26
CA ARG A 2337 43.85 37.94 -12.75
C ARG A 2337 43.51 39.01 -13.76
N TYR A 2338 44.04 40.21 -13.53
CA TYR A 2338 44.03 41.31 -14.48
C TYR A 2338 45.25 41.20 -15.38
N LEU A 2339 45.08 41.54 -16.66
CA LEU A 2339 46.17 41.43 -17.61
C LEU A 2339 47.07 42.65 -17.66
N ASP A 2340 46.56 43.83 -17.32
CA ASP A 2340 47.30 45.07 -17.51
C ASP A 2340 48.07 45.53 -16.28
N TYR A 2341 47.79 44.96 -15.10
CA TYR A 2341 48.54 45.31 -13.90
C TYR A 2341 48.38 44.18 -12.89
N ASP A 2342 49.20 44.23 -11.84
CA ASP A 2342 49.29 43.15 -10.86
C ASP A 2342 48.15 43.29 -9.86
N ASN A 2343 47.03 42.63 -10.17
CA ASN A 2343 45.85 42.65 -9.31
C ASN A 2343 45.26 41.25 -9.19
N ASN A 2344 46.10 40.28 -8.87
CA ASN A 2344 45.64 38.90 -8.67
C ASN A 2344 44.81 38.83 -7.40
N GLN A 2345 43.51 38.57 -7.55
CA GLN A 2345 42.57 38.59 -6.44
C GLN A 2345 42.20 37.17 -6.02
N LEU A 2346 42.36 36.87 -4.74
CA LEU A 2346 41.92 35.59 -4.18
C LEU A 2346 40.43 35.67 -3.90
N ALA A 2347 39.64 34.89 -4.65
CA ALA A 2347 38.19 34.95 -4.54
C ALA A 2347 37.60 33.87 -3.66
N ALA A 2348 38.17 32.67 -3.66
CA ALA A 2348 37.66 31.56 -2.85
C ALA A 2348 38.78 30.58 -2.62
N GLY A 2349 38.61 29.75 -1.59
CA GLY A 2349 39.62 28.77 -1.28
C GLY A 2349 39.14 27.80 -0.22
N GLN A 2350 39.81 26.65 -0.19
CA GLN A 2350 39.50 25.59 0.77
C GLN A 2350 40.78 24.83 1.07
N ASN A 2351 40.99 24.55 2.36
CA ASN A 2351 42.22 23.94 2.86
C ASN A 2351 41.85 22.85 3.88
N ILE A 2352 41.07 21.87 3.44
CA ILE A 2352 40.51 20.87 4.33
C ILE A 2352 41.39 19.63 4.36
N TRP A 2353 41.52 19.02 5.52
CA TRP A 2353 42.07 17.67 5.62
C TRP A 2353 41.23 16.88 6.63
N SER A 2354 41.20 15.57 6.43
CA SER A 2354 40.37 14.70 7.25
C SER A 2354 41.06 13.35 7.41
N LEU A 2355 40.75 12.68 8.51
CA LEU A 2355 41.32 11.38 8.84
C LEU A 2355 40.24 10.55 9.52
N LYS A 2356 39.85 9.46 8.87
CA LYS A 2356 38.85 8.54 9.40
C LYS A 2356 39.51 7.21 9.70
N LEU A 2357 39.55 6.85 10.98
CA LEU A 2357 40.12 5.60 11.45
C LEU A 2357 39.02 4.71 12.02
N THR A 2358 39.07 3.43 11.69
CA THR A 2358 38.09 2.47 12.19
C THR A 2358 38.81 1.17 12.52
N ALA A 2359 38.29 0.46 13.52
CA ALA A 2359 38.90 -0.78 13.98
C ALA A 2359 37.80 -1.72 14.45
N ASP A 2360 37.71 -2.89 13.85
CA ASP A 2360 36.66 -3.85 14.12
C ASP A 2360 37.14 -4.94 15.08
N TYR A 2361 36.18 -5.53 15.80
CA TYR A 2361 36.47 -6.69 16.64
C TYR A 2361 35.17 -7.47 16.84
N SER A 2362 35.16 -8.74 16.44
CA SER A 2362 33.98 -9.59 16.57
C SER A 2362 34.06 -10.32 17.90
N PHE A 2363 33.39 -9.78 18.92
CA PHE A 2363 33.36 -10.44 20.22
C PHE A 2363 32.66 -11.79 20.18
N SER A 2364 31.75 -11.98 19.23
CA SER A 2364 31.06 -13.25 19.05
C SER A 2364 30.48 -13.26 17.64
N LYS A 2365 29.65 -14.26 17.34
CA LYS A 2365 29.01 -14.32 16.04
C LYS A 2365 27.99 -13.20 15.86
N ASN A 2366 27.32 -12.80 16.95
CA ASN A 2366 26.30 -11.76 16.88
C ASN A 2366 26.79 -10.40 17.32
N LEU A 2367 27.85 -10.32 18.11
CA LEU A 2367 28.30 -9.07 18.71
C LEU A 2367 29.57 -8.58 18.01
N THR A 2368 29.56 -7.31 17.62
CA THR A 2368 30.71 -6.66 17.01
C THR A 2368 30.92 -5.30 17.67
N ALA A 2369 32.19 -4.93 17.87
CA ALA A 2369 32.54 -3.64 18.43
C ALA A 2369 33.50 -2.94 17.48
N ILE A 2370 33.21 -1.69 17.16
CA ILE A 2370 34.02 -0.90 16.23
C ILE A 2370 34.44 0.39 16.91
N PHE A 2371 35.73 0.66 16.93
CA PHE A 2371 36.26 1.94 17.36
C PHE A 2371 36.37 2.86 16.15
N TYR A 2372 35.87 4.08 16.27
CA TYR A 2372 35.93 5.05 15.19
C TYR A 2372 36.53 6.34 15.69
N TYR A 2373 37.22 7.04 14.78
CA TYR A 2373 37.86 8.32 15.07
C TYR A 2373 37.93 9.12 13.77
N ASP A 2374 37.06 10.11 13.64
CA ASP A 2374 37.07 11.03 12.51
C ASP A 2374 37.56 12.40 12.98
N HIS A 2375 38.60 12.91 12.33
CA HIS A 2375 39.20 14.19 12.67
C HIS A 2375 39.32 15.01 11.40
N SER A 2376 38.63 16.14 11.35
CA SER A 2376 38.62 17.01 10.18
C SER A 2376 39.02 18.42 10.61
N PHE A 2377 39.97 19.00 9.88
CA PHE A 2377 40.35 20.40 10.07
C PHE A 2377 40.27 21.12 8.73
N SER A 2378 39.46 22.17 8.68
CA SER A 2378 39.36 23.04 7.53
C SER A 2378 40.02 24.37 7.86
N LYS A 2379 41.09 24.71 7.15
CA LYS A 2379 41.78 25.97 7.35
C LYS A 2379 41.14 27.07 6.49
N ALA A 2380 41.14 28.28 7.04
CA ALA A 2380 40.57 29.42 6.32
C ALA A 2380 41.55 29.90 5.26
N VAL A 2381 41.08 29.95 4.01
CA VAL A 2381 41.85 30.53 2.92
C VAL A 2381 41.46 31.99 2.69
N ILE A 2382 40.16 32.29 2.80
CA ILE A 2382 39.66 33.65 2.72
C ILE A 2382 39.01 33.98 4.06
N SER A 2383 38.98 35.27 4.39
CA SER A 2383 38.58 35.70 5.73
C SER A 2383 37.10 35.50 6.02
N THR A 2384 36.26 35.29 5.01
CA THR A 2384 34.84 35.05 5.27
C THR A 2384 34.57 33.62 5.75
N SER A 2385 35.59 32.77 5.79
CA SER A 2385 35.47 31.43 6.32
C SER A 2385 36.24 31.31 7.64
N PHE A 2386 35.70 30.54 8.55
CA PHE A 2386 36.40 30.36 9.81
C PHE A 2386 37.07 28.99 9.87
N PRO A 2387 38.24 28.89 10.51
CA PRO A 2387 38.84 27.57 10.72
C PRO A 2387 37.91 26.68 11.53
N LEU A 2388 37.81 25.41 11.12
CA LEU A 2388 36.85 24.50 11.71
C LEU A 2388 37.53 23.19 12.05
N THR A 2389 37.31 22.71 13.28
CA THR A 2389 37.80 21.41 13.73
C THR A 2389 36.64 20.58 14.22
N ASN A 2390 36.47 19.39 13.64
CA ASN A 2390 35.45 18.44 14.05
C ASN A 2390 36.12 17.11 14.38
N ILE A 2391 35.94 16.64 15.60
CA ILE A 2391 36.51 15.37 16.05
C ILE A 2391 35.38 14.53 16.64
N ARG A 2392 35.02 13.47 15.93
CA ARG A 2392 34.13 12.44 16.47
C ARG A 2392 34.97 11.24 16.86
N SER A 2393 34.71 10.68 18.03
CA SER A 2393 35.44 9.48 18.41
C SER A 2393 34.56 8.61 19.28
N GLY A 2394 34.86 7.33 19.34
CA GLY A 2394 34.19 6.47 20.29
C GLY A 2394 34.01 5.08 19.74
N PHE A 2395 33.00 4.40 20.28
CA PHE A 2395 32.73 3.01 19.99
C PHE A 2395 31.30 2.84 19.48
N THR A 2396 31.11 1.79 18.69
CA THR A 2396 29.79 1.36 18.26
C THR A 2396 29.67 -0.14 18.45
N LEU A 2397 28.58 -0.55 19.06
CA LEU A 2397 28.27 -1.96 19.30
C LEU A 2397 27.13 -2.39 18.40
N ARG A 2398 27.34 -3.43 17.62
CA ARG A 2398 26.33 -3.98 16.73
C ARG A 2398 25.98 -5.39 17.19
N TYR A 2399 24.69 -5.63 17.41
CA TYR A 2399 24.20 -6.96 17.72
C TYR A 2399 23.25 -7.40 16.63
N ASN A 2400 23.53 -8.56 16.04
CA ASN A 2400 22.71 -9.14 14.98
C ASN A 2400 21.88 -10.28 15.55
N PHE A 2401 20.64 -10.41 15.07
CA PHE A 2401 19.74 -11.46 15.55
C PHE A 2401 19.67 -12.60 14.55
N ASP B 22 54.19 34.16 -42.47
CA ASP B 22 53.07 33.23 -42.63
C ASP B 22 52.46 33.35 -44.01
N GLU B 23 51.39 34.15 -44.11
CA GLU B 23 50.70 34.42 -45.36
C GLU B 23 50.63 35.92 -45.60
N VAL B 24 51.77 36.60 -45.43
CA VAL B 24 51.82 38.04 -45.60
C VAL B 24 51.92 38.36 -47.08
N LYS B 25 50.97 39.15 -47.58
CA LYS B 25 50.85 39.44 -48.99
C LYS B 25 50.92 40.94 -49.21
N ASP B 26 51.78 41.37 -50.14
CA ASP B 26 51.93 42.77 -50.49
C ASP B 26 51.12 43.07 -51.74
N TYR B 27 50.27 44.09 -51.66
CA TYR B 27 49.40 44.48 -52.76
C TYR B 27 49.63 45.91 -53.21
N THR B 28 50.61 46.61 -52.63
CA THR B 28 50.76 48.05 -52.87
C THR B 28 51.04 48.34 -54.33
N ALA B 29 52.01 47.63 -54.93
CA ALA B 29 52.33 47.87 -56.33
C ALA B 29 51.17 47.50 -57.24
N GLU B 30 50.55 46.34 -56.99
CA GLU B 30 49.41 45.93 -57.81
C GLU B 30 48.24 46.89 -57.66
N ASN B 31 47.98 47.34 -56.44
CA ASN B 31 46.88 48.29 -56.23
C ASN B 31 47.15 49.61 -56.93
N GLU B 32 48.39 50.12 -56.83
CA GLU B 32 48.73 51.36 -57.51
C GLU B 32 48.60 51.22 -59.02
N LYS B 33 49.07 50.10 -59.57
CA LYS B 33 48.94 49.87 -61.01
C LYS B 33 47.48 49.80 -61.43
N GLU B 34 46.66 49.11 -60.65
CA GLU B 34 45.23 49.00 -60.98
C GLU B 34 44.55 50.36 -60.92
N ILE B 35 44.88 51.18 -59.91
CA ILE B 35 44.28 52.50 -59.80
C ILE B 35 44.70 53.37 -60.97
N VAL B 36 45.98 53.33 -61.34
CA VAL B 36 46.45 54.12 -62.48
C VAL B 36 45.78 53.66 -63.77
N ASP B 37 45.63 52.35 -63.95
CA ASP B 37 44.96 51.84 -65.14
C ASP B 37 43.51 52.27 -65.19
N TYR B 38 42.83 52.26 -64.04
CA TYR B 38 41.44 52.72 -64.00
C TYR B 38 41.35 54.21 -64.32
N LEU B 39 42.28 55.01 -63.78
CA LEU B 39 42.30 56.44 -64.06
C LEU B 39 42.73 56.75 -65.49
N ALA B 40 43.32 55.77 -66.19
CA ALA B 40 43.63 55.92 -67.60
C ALA B 40 42.44 55.54 -68.48
N GLN B 41 41.78 54.42 -68.16
CA GLN B 41 40.63 53.98 -68.96
C GLN B 41 39.50 54.99 -68.90
N ASN B 42 39.19 55.49 -67.71
CA ASN B 42 38.25 56.59 -67.54
C ASN B 42 39.03 57.89 -67.43
N ASN B 43 38.66 58.88 -68.22
CA ASN B 43 39.44 60.11 -68.32
C ASN B 43 39.26 60.92 -67.04
N LEU B 44 40.01 60.51 -66.02
CA LEU B 44 39.95 61.12 -64.70
C LEU B 44 41.36 61.50 -64.26
N THR B 45 41.49 62.67 -63.64
CA THR B 45 42.74 63.14 -63.06
C THR B 45 42.58 63.18 -61.55
N ALA B 46 43.43 62.47 -60.83
CA ALA B 46 43.32 62.34 -59.39
C ALA B 46 44.63 62.74 -58.72
N GLN B 47 44.50 63.47 -57.62
CA GLN B 47 45.65 63.76 -56.77
C GLN B 47 46.01 62.53 -55.93
N ARG B 48 47.29 62.40 -55.61
CA ARG B 48 47.79 61.25 -54.88
C ARG B 48 48.43 61.71 -53.58
N THR B 49 48.09 61.04 -52.48
CA THR B 49 48.70 61.31 -51.19
C THR B 49 49.94 60.44 -50.99
N ASN B 50 50.65 60.71 -49.90
CA ASN B 50 51.86 59.95 -49.59
C ASN B 50 51.56 58.53 -49.17
N SER B 51 50.33 58.23 -48.78
CA SER B 51 49.94 56.89 -48.35
C SER B 51 49.48 56.01 -49.51
N GLY B 52 49.41 56.54 -50.73
CA GLY B 52 48.96 55.79 -51.87
C GLY B 52 47.51 55.95 -52.25
N LEU B 53 46.79 56.88 -51.60
CA LEU B 53 45.39 57.10 -51.88
C LEU B 53 45.22 58.15 -52.98
N TYR B 54 44.34 57.86 -53.94
CA TYR B 54 43.99 58.78 -55.01
C TYR B 54 42.60 59.32 -54.76
N TYR B 55 42.45 60.64 -54.91
CA TYR B 55 41.17 61.29 -54.64
C TYR B 55 40.90 62.36 -55.69
N ILE B 56 39.64 62.50 -56.07
CA ILE B 56 39.16 63.57 -56.93
C ILE B 56 38.10 64.34 -56.16
N ILE B 57 38.35 65.63 -55.93
CA ILE B 57 37.40 66.49 -55.22
C ILE B 57 36.52 67.14 -56.28
N THR B 58 35.31 66.61 -56.46
CA THR B 58 34.41 67.17 -57.46
C THR B 58 33.91 68.54 -57.03
N LYS B 59 33.54 68.69 -55.77
CA LYS B 59 33.07 69.96 -55.24
C LYS B 59 33.39 70.05 -53.76
N GLU B 60 33.33 71.26 -53.23
CA GLU B 60 33.57 71.50 -51.81
C GLU B 60 32.40 72.23 -51.18
N GLY B 61 32.56 72.68 -49.94
CA GLY B 61 31.50 73.41 -49.27
C GLY B 61 31.96 74.69 -48.62
N SER B 62 31.34 75.05 -47.50
CA SER B 62 31.70 76.27 -46.78
C SER B 62 31.86 75.99 -45.30
N HIS B 90 35.96 71.80 -42.31
CA HIS B 90 36.85 70.64 -42.44
C HIS B 90 36.74 69.73 -41.22
N PRO B 91 36.16 68.54 -41.41
CA PRO B 91 36.04 67.60 -40.29
C PRO B 91 37.40 67.16 -39.79
N THR B 92 37.49 66.98 -38.47
CA THR B 92 38.71 66.54 -37.82
C THR B 92 38.59 65.06 -37.46
N LEU B 93 39.62 64.55 -36.78
CA LEU B 93 39.60 63.15 -36.36
C LEU B 93 38.49 62.90 -35.35
N ASN B 94 38.25 63.85 -34.44
CA ASN B 94 37.19 63.74 -33.45
C ASN B 94 35.96 64.52 -33.92
N SER B 95 35.36 64.04 -35.00
CA SER B 95 34.21 64.71 -35.59
C SER B 95 33.24 63.70 -36.16
N ASN B 96 31.94 63.95 -35.94
CA ASN B 96 30.88 63.14 -36.52
C ASN B 96 30.46 63.73 -37.85
N ILE B 97 30.27 62.87 -38.85
CA ILE B 97 29.95 63.27 -40.21
C ILE B 97 28.75 62.50 -40.69
N THR B 98 28.03 63.07 -41.65
CA THR B 98 26.92 62.43 -42.32
C THR B 98 27.23 62.30 -43.80
N VAL B 99 27.10 61.09 -44.34
CA VAL B 99 27.52 60.81 -45.70
C VAL B 99 26.43 60.06 -46.47
N ILE B 100 26.46 60.21 -47.79
CA ILE B 100 25.55 59.54 -48.72
C ILE B 100 26.38 58.74 -49.71
N TYR B 101 27.48 58.17 -49.24
CA TYR B 101 28.49 57.54 -50.08
C TYR B 101 27.92 56.36 -50.87
N LYS B 102 28.75 55.86 -51.79
CA LYS B 102 28.50 54.62 -52.50
C LYS B 102 29.86 54.02 -52.85
N GLY B 103 30.10 52.79 -52.42
CA GLY B 103 31.39 52.14 -52.63
C GLY B 103 31.32 50.91 -53.48
N TYR B 104 32.12 50.88 -54.55
CA TYR B 104 32.09 49.82 -55.54
C TYR B 104 33.53 49.39 -55.85
N PHE B 105 33.65 48.39 -56.72
CA PHE B 105 34.94 47.86 -57.14
C PHE B 105 35.36 48.50 -58.46
N THR B 106 36.52 48.06 -58.96
CA THR B 106 37.02 48.58 -60.23
C THR B 106 36.17 48.12 -61.41
N ASN B 107 35.41 47.05 -61.25
CA ASN B 107 34.50 46.58 -62.29
C ASN B 107 33.14 47.25 -62.23
N GLY B 108 32.91 48.14 -61.27
CA GLY B 108 31.65 48.82 -61.14
C GLY B 108 30.63 48.15 -60.25
N LYS B 109 30.92 46.95 -59.74
CA LYS B 109 29.99 46.27 -58.85
C LYS B 109 29.99 46.91 -57.48
N VAL B 110 28.80 47.30 -57.01
CA VAL B 110 28.67 48.03 -55.75
C VAL B 110 28.72 47.04 -54.59
N PHE B 111 29.63 47.27 -53.64
CA PHE B 111 29.69 46.45 -52.45
C PHE B 111 29.08 47.11 -51.22
N ASP B 112 28.98 48.44 -51.20
CA ASP B 112 28.34 49.12 -50.09
C ASP B 112 27.66 50.37 -50.60
N GLU B 113 26.61 50.79 -49.90
CA GLU B 113 25.87 51.97 -50.32
C GLU B 113 25.07 52.54 -49.17
N SER B 114 24.82 53.85 -49.24
CA SER B 114 23.90 54.51 -48.32
C SER B 114 23.26 55.65 -49.10
N THR B 115 22.09 55.39 -49.67
CA THR B 115 21.38 56.44 -50.40
C THR B 115 20.79 57.49 -49.47
N GLU B 116 20.63 57.17 -48.20
CA GLU B 116 20.25 58.12 -47.17
C GLU B 116 21.45 58.43 -46.29
N GLY B 117 21.46 59.62 -45.70
CA GLY B 117 22.56 60.04 -44.87
C GLY B 117 22.80 59.13 -43.68
N VAL B 118 24.05 58.71 -43.49
CA VAL B 118 24.44 57.87 -42.36
C VAL B 118 25.56 58.59 -41.61
N SER B 119 25.51 58.49 -40.28
CA SER B 119 26.44 59.20 -39.40
C SER B 119 27.57 58.28 -38.95
N TYR B 120 28.79 58.82 -38.98
CA TYR B 120 29.99 58.09 -38.58
C TYR B 120 30.86 59.01 -37.75
N SER B 121 31.75 58.40 -36.96
CA SER B 121 32.63 59.16 -36.08
C SER B 121 33.96 59.53 -36.73
N LEU B 122 34.27 58.97 -37.90
CA LEU B 122 35.44 59.31 -38.71
C LEU B 122 36.74 58.81 -38.08
N ARG B 123 36.67 58.33 -36.84
CA ARG B 123 37.79 57.63 -36.23
C ARG B 123 37.62 56.12 -36.29
N THR B 124 36.42 55.64 -36.55
CA THR B 124 36.11 54.23 -36.66
C THR B 124 36.14 53.73 -38.09
N LEU B 125 36.41 54.61 -39.05
CA LEU B 125 36.36 54.25 -40.47
C LEU B 125 37.73 53.80 -40.96
N ILE B 126 37.77 53.33 -42.20
CA ILE B 126 38.99 52.85 -42.82
C ILE B 126 39.95 54.02 -43.02
N PRO B 127 41.26 53.77 -43.08
CA PRO B 127 42.21 54.89 -43.22
C PRO B 127 41.98 55.74 -44.46
N GLY B 128 41.53 55.13 -45.56
CA GLY B 128 41.25 55.92 -46.76
C GLY B 128 40.24 57.02 -46.51
N TRP B 129 39.13 56.67 -45.83
CA TRP B 129 38.18 57.70 -45.42
C TRP B 129 38.81 58.66 -44.43
N LYS B 130 39.62 58.15 -43.50
CA LYS B 130 40.24 58.99 -42.49
C LYS B 130 41.09 60.10 -43.10
N GLU B 131 41.70 59.85 -44.26
CA GLU B 131 42.49 60.88 -44.91
C GLU B 131 41.76 61.56 -46.06
N GLY B 132 40.63 61.03 -46.52
CA GLY B 132 39.89 61.67 -47.59
C GLY B 132 38.80 62.61 -47.15
N ILE B 133 38.07 62.25 -46.09
CA ILE B 133 36.96 63.08 -45.62
C ILE B 133 37.43 64.47 -45.18
N PRO B 134 38.50 64.62 -44.38
CA PRO B 134 38.92 65.96 -43.96
C PRO B 134 39.42 66.85 -45.09
N LEU B 135 39.39 66.38 -46.35
CA LEU B 135 39.85 67.18 -47.48
C LEU B 135 38.78 68.09 -48.05
N LEU B 136 37.56 68.05 -47.51
CA LEU B 136 36.50 68.93 -47.97
C LEU B 136 35.59 69.29 -46.79
N LYS B 137 34.54 70.04 -47.08
CA LYS B 137 33.62 70.54 -46.08
C LYS B 137 32.20 70.05 -46.36
N SER B 138 31.25 70.54 -45.59
CA SER B 138 29.86 70.12 -45.76
C SER B 138 29.34 70.50 -47.14
N GLY B 139 28.69 69.55 -47.80
CA GLY B 139 28.25 69.72 -49.16
C GLY B 139 29.25 69.30 -50.22
N GLY B 140 30.48 68.97 -49.82
CA GLY B 140 31.47 68.55 -50.78
C GLY B 140 31.26 67.14 -51.28
N GLU B 141 31.86 66.86 -52.45
CA GLU B 141 31.78 65.56 -53.07
C GLU B 141 33.18 65.08 -53.42
N ILE B 142 33.49 63.84 -53.05
CA ILE B 142 34.81 63.27 -53.30
C ILE B 142 34.67 61.89 -53.92
N GLN B 143 35.71 61.51 -54.66
CA GLN B 143 35.85 60.16 -55.21
C GLN B 143 37.19 59.62 -54.73
N LEU B 144 37.14 58.61 -53.88
CA LEU B 144 38.33 57.97 -53.33
C LEU B 144 38.63 56.69 -54.11
N PHE B 145 39.93 56.40 -54.22
CA PHE B 145 40.46 55.28 -54.99
C PHE B 145 41.34 54.43 -54.06
N VAL B 146 40.76 54.05 -52.94
CA VAL B 146 41.49 53.46 -51.81
C VAL B 146 42.14 52.16 -52.23
N PRO B 147 43.43 51.97 -51.98
CA PRO B 147 44.05 50.65 -52.15
C PRO B 147 43.74 49.76 -50.94
N ALA B 148 44.27 48.53 -50.99
CA ALA B 148 43.92 47.54 -49.98
C ALA B 148 44.44 47.91 -48.59
N HIS B 149 45.71 48.35 -48.50
CA HIS B 149 46.30 48.62 -47.20
C HIS B 149 45.63 49.79 -46.49
N LEU B 150 44.94 50.66 -47.23
CA LEU B 150 44.10 51.69 -46.64
C LEU B 150 42.62 51.33 -46.67
N GLY B 151 42.27 50.15 -47.20
CA GLY B 151 40.90 49.71 -47.24
C GLY B 151 40.60 48.63 -46.22
N TYR B 152 40.40 47.40 -46.68
CA TYR B 152 40.11 46.27 -45.81
C TYR B 152 41.28 45.29 -45.71
N GLY B 153 42.46 45.71 -46.13
CA GLY B 153 43.67 44.94 -45.90
C GLY B 153 43.85 43.78 -46.86
N SER B 154 44.88 42.97 -46.54
CA SER B 154 45.23 41.83 -47.36
C SER B 154 44.29 40.64 -47.17
N ASN B 155 43.55 40.60 -46.06
CA ASN B 155 42.59 39.53 -45.83
C ASN B 155 41.18 39.90 -46.26
N GLY B 156 40.82 41.18 -46.24
CA GLY B 156 39.49 41.60 -46.63
C GLY B 156 38.44 41.11 -45.65
N ASN B 157 37.21 40.98 -46.15
CA ASN B 157 36.10 40.47 -45.38
C ASN B 157 35.15 39.75 -46.34
N LYS B 158 33.92 39.52 -45.91
CA LYS B 158 32.92 38.97 -46.80
C LYS B 158 32.47 40.03 -47.80
N THR B 159 32.31 39.62 -49.06
CA THR B 159 31.90 40.47 -50.18
C THR B 159 32.98 41.45 -50.60
N VAL B 160 34.11 41.47 -49.89
CA VAL B 160 35.26 42.27 -50.30
C VAL B 160 36.52 41.39 -50.22
N PRO B 161 37.10 40.98 -51.35
CA PRO B 161 38.25 40.09 -51.30
C PRO B 161 39.51 40.82 -50.83
N GLY B 162 40.47 40.02 -50.38
CA GLY B 162 41.74 40.59 -49.95
C GLY B 162 42.48 41.21 -51.11
N GLY B 163 43.18 42.31 -50.82
CA GLY B 163 43.93 43.02 -51.84
C GLY B 163 43.07 43.67 -52.92
N ALA B 164 41.95 44.25 -52.53
CA ALA B 164 41.00 44.84 -53.47
C ALA B 164 41.06 46.36 -53.42
N VAL B 165 40.94 46.98 -54.59
CA VAL B 165 40.86 48.43 -54.70
C VAL B 165 39.40 48.84 -54.61
N LEU B 166 39.10 49.84 -53.77
CA LEU B 166 37.75 50.31 -53.56
C LEU B 166 37.60 51.72 -54.11
N ILE B 167 36.48 52.00 -54.78
CA ILE B 167 36.17 53.33 -55.27
C ILE B 167 34.95 53.83 -54.51
N PHE B 168 35.08 54.97 -53.86
CA PHE B 168 34.02 55.55 -53.04
C PHE B 168 33.59 56.87 -53.63
N GLU B 169 32.28 57.07 -53.75
CA GLU B 169 31.70 58.36 -54.14
C GLU B 169 30.98 58.88 -52.91
N ILE B 170 31.59 59.85 -52.22
CA ILE B 170 31.15 60.30 -50.91
C ILE B 170 30.64 61.73 -51.01
N THR B 171 29.44 61.96 -50.46
CA THR B 171 28.87 63.30 -50.34
C THR B 171 28.79 63.63 -48.85
N LEU B 172 29.55 64.63 -48.42
CA LEU B 172 29.56 65.05 -47.02
C LEU B 172 28.44 66.07 -46.82
N VAL B 173 27.43 65.71 -46.03
CA VAL B 173 26.27 66.58 -45.87
C VAL B 173 26.39 67.36 -44.57
N SER B 174 27.07 66.80 -43.58
CA SER B 174 27.25 67.46 -42.29
C SER B 174 28.61 67.14 -41.72
N VAL B 175 29.10 68.04 -40.87
CA VAL B 175 30.37 67.85 -40.17
C VAL B 175 30.12 67.90 -38.67
N ASN B 176 28.88 67.63 -38.27
CA ASN B 176 28.52 67.61 -36.87
C ASN B 176 27.50 66.52 -36.57
N ASP C 21 -7.71 25.09 32.86
CA ASP C 21 -6.68 24.11 32.57
C ASP C 21 -5.59 24.09 33.64
N ILE C 22 -4.33 24.03 33.20
CA ILE C 22 -3.21 23.91 34.12
C ILE C 22 -3.00 25.21 34.87
N GLU C 23 -3.34 25.23 36.15
CA GLU C 23 -3.14 26.40 37.00
C GLU C 23 -1.93 26.14 37.91
N ARG C 24 -0.90 26.95 37.76
CA ARG C 24 0.31 26.91 38.58
C ARG C 24 1.01 25.57 38.51
N PRO C 25 1.63 25.22 37.38
CA PRO C 25 2.47 24.03 37.35
C PRO C 25 3.76 24.25 38.12
N ILE C 26 4.34 23.16 38.61
CA ILE C 26 5.60 23.23 39.33
C ILE C 26 6.74 23.33 38.32
N THR C 27 7.56 24.36 38.47
CA THR C 27 8.69 24.59 37.56
C THR C 27 9.93 23.94 38.15
N THR C 28 10.51 22.98 37.42
CA THR C 28 11.72 22.31 37.82
C THR C 28 12.73 22.33 36.68
N GLY C 29 14.00 22.32 37.03
CA GLY C 29 15.03 22.13 36.04
C GLY C 29 15.05 20.71 35.52
N VAL C 30 15.71 20.54 34.36
CA VAL C 30 15.84 19.28 33.62
C VAL C 30 14.61 18.39 33.76
N PRO C 31 13.44 18.81 33.25
CA PRO C 31 12.23 17.97 33.37
C PRO C 31 12.33 16.65 32.62
N PHE C 32 13.28 16.49 31.70
CA PHE C 32 13.42 15.23 30.98
C PHE C 32 13.71 14.06 31.91
N LEU C 33 14.19 14.33 33.13
CA LEU C 33 14.40 13.27 34.10
C LEU C 33 13.11 12.61 34.55
N LEU C 34 11.96 13.25 34.34
CA LEU C 34 10.68 12.72 34.77
C LEU C 34 9.98 11.90 33.70
N VAL C 35 10.57 11.77 32.52
CA VAL C 35 9.96 11.04 31.42
C VAL C 35 10.32 9.56 31.55
N ALA C 36 9.31 8.70 31.41
CA ALA C 36 9.57 7.26 31.40
C ALA C 36 10.46 6.90 30.22
N ALA C 37 11.51 6.13 30.50
CA ALA C 37 12.53 5.83 29.51
C ALA C 37 12.62 4.34 29.19
N ASP C 38 11.52 3.60 29.34
CA ASP C 38 11.49 2.20 28.93
C ASP C 38 10.06 1.83 28.59
N ALA C 39 9.92 0.92 27.62
CA ALA C 39 8.60 0.57 27.12
C ALA C 39 7.79 -0.21 28.16
N ARG C 40 8.45 -1.00 29.00
CA ARG C 40 7.71 -1.80 29.98
C ARG C 40 6.98 -0.92 30.99
N ALA C 41 7.69 0.05 31.58
CA ALA C 41 7.04 0.94 32.53
C ALA C 41 6.07 1.89 31.83
N ALA C 42 6.38 2.30 30.60
CA ALA C 42 5.48 3.17 29.86
C ALA C 42 4.15 2.48 29.59
N GLY C 43 4.19 1.20 29.23
CA GLY C 43 2.97 0.43 29.02
C GLY C 43 2.19 0.15 30.29
N LEU C 44 2.80 0.35 31.45
CA LEU C 44 2.12 0.19 32.73
C LEU C 44 1.75 1.53 33.36
N GLY C 45 1.43 2.52 32.52
CA GLY C 45 1.05 3.84 33.01
C GLY C 45 2.17 4.61 33.69
N ASP C 46 3.40 4.50 33.17
CA ASP C 46 4.56 5.23 33.68
C ASP C 46 4.77 4.98 35.16
N GLN C 47 4.80 3.70 35.54
CA GLN C 47 5.04 3.33 36.93
C GLN C 47 5.94 2.10 36.97
N GLY C 48 6.90 2.12 37.90
CA GLY C 48 7.74 0.96 38.11
C GLY C 48 8.23 0.77 39.53
N VAL C 49 7.74 1.57 40.48
CA VAL C 49 8.33 1.54 41.82
C VAL C 49 7.97 0.25 42.56
N ALA C 50 6.85 -0.39 42.21
CA ALA C 50 6.43 -1.60 42.89
C ALA C 50 6.17 -2.76 41.93
N THR C 51 6.56 -2.63 40.67
CA THR C 51 6.44 -3.75 39.74
C THR C 51 7.55 -4.76 40.00
N SER C 52 7.49 -5.87 39.27
CA SER C 52 8.50 -6.92 39.44
C SER C 52 9.86 -6.40 39.00
N SER C 53 10.91 -6.94 39.64
CA SER C 53 12.27 -6.52 39.35
C SER C 53 12.62 -6.82 37.89
N ASP C 54 13.27 -5.86 37.23
CA ASP C 54 13.66 -6.00 35.85
C ASP C 54 14.90 -5.17 35.59
N VAL C 55 15.36 -5.19 34.33
CA VAL C 55 16.56 -4.47 33.95
C VAL C 55 16.36 -2.95 33.96
N PHE C 56 15.12 -2.49 33.84
CA PHE C 56 14.81 -1.06 33.80
C PHE C 56 14.57 -0.47 35.18
N SER C 57 14.79 -1.24 36.25
CA SER C 57 14.43 -0.80 37.58
C SER C 57 15.48 0.12 38.18
N GLN C 58 15.87 1.16 37.46
CA GLN C 58 16.79 2.17 37.96
C GLN C 58 16.16 3.55 38.02
N GLN C 59 15.39 3.93 37.01
CA GLN C 59 14.63 5.16 37.05
C GLN C 59 13.50 5.09 38.08
N TRP C 60 12.99 3.89 38.36
CA TRP C 60 11.82 3.70 39.19
C TRP C 60 12.14 3.25 40.60
N ASN C 61 12.90 2.17 40.75
CA ASN C 61 13.26 1.64 42.05
C ASN C 61 14.51 0.80 41.95
N PRO C 62 15.69 1.37 42.18
CA PRO C 62 16.92 0.57 42.14
C PRO C 62 16.97 -0.54 43.18
N ALA C 63 16.19 -0.43 44.26
CA ALA C 63 16.27 -1.39 45.35
C ALA C 63 15.88 -2.80 44.94
N LYS C 64 15.12 -2.97 43.86
CA LYS C 64 14.76 -4.31 43.42
C LYS C 64 15.79 -4.93 42.48
N TYR C 65 16.88 -4.22 42.18
CA TYR C 65 17.98 -4.86 41.46
C TYR C 65 18.57 -6.02 42.26
N ALA C 66 18.44 -5.96 43.59
CA ALA C 66 18.87 -7.08 44.43
C ALA C 66 17.92 -8.27 44.35
N PHE C 67 16.73 -8.09 43.80
CA PHE C 67 15.75 -9.16 43.65
C PHE C 67 15.74 -9.74 42.24
N ALA C 68 16.74 -9.42 41.42
CA ALA C 68 16.76 -9.87 40.04
C ALA C 68 16.94 -11.39 39.97
N GLU C 69 16.35 -11.99 38.95
CA GLU C 69 16.48 -13.43 38.72
C GLU C 69 17.71 -13.78 37.88
N ASP C 70 18.13 -12.89 37.00
CA ASP C 70 19.34 -13.08 36.21
C ASP C 70 20.49 -12.31 36.85
N ALA C 71 21.70 -12.85 36.69
CA ALA C 71 22.87 -12.23 37.31
C ALA C 71 23.20 -10.88 36.68
N GLN C 72 23.22 -10.82 35.34
CA GLN C 72 23.57 -9.60 34.64
C GLN C 72 22.55 -9.32 33.55
N GLY C 73 22.32 -8.04 33.31
CA GLY C 73 21.39 -7.61 32.28
C GLY C 73 21.80 -6.31 31.66
N LEU C 74 21.55 -6.17 30.36
CA LEU C 74 21.76 -4.94 29.63
C LEU C 74 20.46 -4.60 28.90
N SER C 75 20.24 -3.31 28.68
CA SER C 75 18.99 -2.90 28.04
C SER C 75 19.17 -1.61 27.27
N ILE C 76 18.49 -1.53 26.12
CA ILE C 76 18.45 -0.37 25.26
C ILE C 76 16.99 0.01 25.06
N SER C 77 16.67 1.27 25.32
CA SER C 77 15.30 1.76 25.19
C SER C 77 15.28 2.98 24.30
N TYR C 78 14.26 3.06 23.44
CA TYR C 78 14.10 4.13 22.47
C TYR C 78 12.71 4.72 22.62
N THR C 79 12.64 6.03 22.85
CA THR C 79 11.38 6.78 22.93
C THR C 79 11.44 7.91 21.92
N PRO C 80 10.84 7.74 20.74
CA PRO C 80 10.91 8.80 19.73
C PRO C 80 10.02 9.99 20.07
N TYR C 81 10.42 11.15 19.59
CA TYR C 81 9.67 12.39 19.76
C TYR C 81 9.34 12.98 18.40
N LEU C 82 8.10 13.42 18.24
CA LEU C 82 7.63 14.04 17.01
C LEU C 82 7.92 13.15 15.80
N THR C 83 7.40 11.92 15.86
CA THR C 83 7.70 10.94 14.83
C THR C 83 7.22 11.42 13.46
N ASP C 84 6.02 12.00 13.38
CA ASP C 84 5.52 12.50 12.11
C ASP C 84 6.36 13.66 11.60
N LEU C 85 6.86 14.50 12.50
CA LEU C 85 7.53 15.74 12.09
C LEU C 85 8.98 15.47 11.67
N ALA C 86 9.74 14.73 12.46
CA ALA C 86 11.16 14.57 12.18
C ALA C 86 11.66 13.28 12.80
N ASN C 87 12.84 12.86 12.36
CA ASN C 87 13.55 11.72 12.92
C ASN C 87 14.67 12.20 13.85
N ASP C 88 15.26 11.24 14.56
CA ASP C 88 16.45 11.40 15.38
C ASP C 88 16.22 12.26 16.63
N ILE C 89 15.01 12.77 16.86
CA ILE C 89 14.68 13.44 18.10
C ILE C 89 14.10 12.40 19.04
N SER C 90 14.88 11.98 20.03
CA SER C 90 14.45 10.85 20.83
C SER C 90 15.14 10.87 22.19
N LEU C 91 14.55 10.11 23.12
CA LEU C 91 15.13 9.82 24.42
C LEU C 91 15.53 8.35 24.42
N GLY C 92 16.83 8.09 24.52
CA GLY C 92 17.37 6.75 24.58
C GLY C 92 17.85 6.46 25.99
N GLN C 93 17.86 5.19 26.34
CA GLN C 93 18.36 4.76 27.64
C GLN C 93 19.17 3.48 27.47
N VAL C 94 20.31 3.43 28.14
CA VAL C 94 21.12 2.21 28.23
C VAL C 94 21.30 1.88 29.69
N THR C 95 20.89 0.69 30.09
CA THR C 95 21.00 0.25 31.48
C THR C 95 21.82 -1.02 31.54
N TYR C 96 22.63 -1.14 32.59
CA TYR C 96 23.36 -2.36 32.88
C TYR C 96 23.23 -2.66 34.36
N TYR C 97 23.01 -3.93 34.71
CA TYR C 97 22.98 -4.33 36.10
C TYR C 97 23.73 -5.64 36.26
N ASN C 98 24.38 -5.78 37.41
CA ASN C 98 25.12 -6.99 37.77
C ASN C 98 24.92 -7.21 39.27
N LYS C 99 24.21 -8.28 39.63
CA LYS C 99 24.08 -8.65 41.03
C LYS C 99 25.17 -9.68 41.35
N ILE C 100 26.05 -9.33 42.28
CA ILE C 100 27.23 -10.15 42.54
C ILE C 100 26.88 -11.31 43.45
N ASN C 101 26.30 -11.02 44.61
CA ASN C 101 25.85 -12.03 45.54
C ASN C 101 24.35 -12.26 45.34
N ASP C 102 23.75 -13.02 46.25
CA ASP C 102 22.31 -13.18 46.29
C ASP C 102 21.63 -12.07 47.09
N ARG C 103 22.39 -11.12 47.62
CA ARG C 103 21.86 -10.06 48.45
C ARG C 103 22.12 -8.65 47.92
N SER C 104 23.09 -8.48 47.01
CA SER C 104 23.51 -7.15 46.61
C SER C 104 23.62 -7.08 45.08
N ALA C 105 23.58 -5.85 44.57
CA ALA C 105 23.63 -5.62 43.14
C ALA C 105 24.16 -4.22 42.86
N PHE C 106 24.89 -4.09 41.76
CA PHE C 106 25.31 -2.81 41.21
C PHE C 106 24.58 -2.56 39.91
N ALA C 107 24.30 -1.28 39.63
CA ALA C 107 23.64 -0.92 38.39
C ALA C 107 24.17 0.43 37.90
N GLY C 108 24.12 0.61 36.59
CA GLY C 108 24.50 1.86 35.97
C GLY C 108 23.62 2.15 34.77
N SER C 109 23.01 3.34 34.74
CA SER C 109 22.11 3.70 33.68
C SER C 109 22.52 5.04 33.08
N PHE C 110 22.16 5.22 31.81
CA PHE C 110 22.48 6.42 31.06
C PHE C 110 21.27 6.78 30.21
N ARG C 111 20.67 7.93 30.49
CA ARG C 111 19.57 8.46 29.71
C ARG C 111 20.06 9.64 28.88
N TYR C 112 19.64 9.71 27.62
CA TYR C 112 20.16 10.68 26.67
C TYR C 112 19.02 11.16 25.80
N PHE C 113 18.66 12.43 25.91
CA PHE C 113 17.67 13.06 25.05
C PHE C 113 18.41 13.92 24.03
N GLY C 114 18.09 13.71 22.76
CA GLY C 114 18.81 14.41 21.70
C GLY C 114 17.92 14.72 20.52
N PHE C 115 18.30 15.79 19.81
CA PHE C 115 17.66 16.17 18.55
C PHE C 115 18.38 15.62 17.34
N GLY C 116 19.48 14.89 17.53
CA GLY C 116 20.30 14.46 16.43
C GLY C 116 21.21 15.57 15.93
N GLY C 117 21.99 15.24 14.92
CA GLY C 117 22.88 16.22 14.32
C GLY C 117 22.11 17.27 13.54
N ILE C 118 22.48 18.53 13.76
CA ILE C 118 21.90 19.66 13.04
C ILE C 118 23.05 20.43 12.40
N GLU C 119 22.97 20.63 11.09
CA GLU C 119 24.01 21.33 10.35
C GLU C 119 23.69 22.82 10.34
N LEU C 120 24.69 23.64 10.68
CA LEU C 120 24.56 25.09 10.64
C LEU C 120 25.10 25.56 9.30
N ARG C 121 24.22 26.09 8.46
CA ARG C 121 24.56 26.39 7.08
C ARG C 121 24.10 27.79 6.70
N GLN C 122 25.02 28.58 6.16
CA GLN C 122 24.68 29.70 5.29
C GLN C 122 24.93 29.27 3.85
N THR C 123 24.35 30.00 2.90
CA THR C 123 24.50 29.62 1.50
C THR C 123 25.97 29.56 1.12
N GLY C 124 26.66 30.70 1.10
CA GLY C 124 28.10 30.79 1.19
C GLY C 124 28.91 29.69 0.54
N ASP C 125 28.75 29.48 -0.77
CA ASP C 125 29.43 28.39 -1.47
C ASP C 125 29.06 27.05 -0.83
N PRO C 126 27.85 26.54 -1.08
CA PRO C 126 27.32 25.40 -0.31
C PRO C 126 28.21 24.17 -0.23
N ASN C 127 29.34 24.18 -0.95
CA ASN C 127 30.37 23.17 -0.75
C ASN C 127 31.29 23.50 0.42
N GLU C 128 31.05 24.61 1.12
CA GLU C 128 31.89 25.01 2.23
C GLU C 128 31.74 24.07 3.41
N PRO C 129 32.78 23.96 4.26
CA PRO C 129 32.65 23.15 5.47
C PRO C 129 31.62 23.75 6.43
N THR C 130 30.84 22.87 7.05
CA THR C 130 29.76 23.29 7.93
C THR C 130 29.96 22.69 9.32
N ARG C 131 29.41 23.37 10.32
CA ARG C 131 29.51 22.96 11.71
C ARG C 131 28.25 22.20 12.10
N GLU C 132 28.42 21.03 12.70
CA GLU C 132 27.30 20.22 13.17
C GLU C 132 27.19 20.33 14.68
N VAL C 133 26.00 20.66 15.16
CA VAL C 133 25.71 20.76 16.59
C VAL C 133 24.73 19.67 16.97
N ASN C 134 24.87 19.16 18.19
CA ASN C 134 23.99 18.15 18.74
C ASN C 134 23.52 18.58 20.12
N PRO C 135 22.51 19.45 20.19
CA PRO C 135 21.96 19.83 21.50
C PRO C 135 21.36 18.61 22.19
N ASN C 136 21.74 18.40 23.44
CA ASN C 136 21.36 17.15 24.10
C ASN C 136 21.20 17.38 25.60
N GLU C 137 20.80 16.32 26.29
CA GLU C 137 20.58 16.37 27.73
C GLU C 137 20.72 14.94 28.25
N PHE C 138 21.72 14.69 29.08
CA PHE C 138 21.93 13.33 29.54
C PHE C 138 22.07 13.26 31.05
N ALA C 139 21.79 12.08 31.58
CA ALA C 139 21.97 11.76 32.98
C ALA C 139 22.64 10.40 33.07
N LEU C 140 23.67 10.31 33.90
CA LEU C 140 24.40 9.07 34.12
C LEU C 140 24.37 8.77 35.61
N ASP C 141 23.82 7.63 35.98
CA ASP C 141 23.68 7.29 37.39
C ASP C 141 24.19 5.89 37.67
N GLY C 142 24.64 5.71 38.90
CA GLY C 142 25.06 4.41 39.38
C GLY C 142 24.46 4.15 40.74
N SER C 143 23.95 2.93 40.92
CA SER C 143 23.22 2.57 42.12
C SER C 143 23.79 1.29 42.72
N TYR C 144 23.74 1.22 44.05
CA TYR C 144 24.05 0.01 44.80
C TYR C 144 22.83 -0.36 45.62
N SER C 145 22.39 -1.61 45.48
CA SER C 145 21.24 -2.13 46.22
C SER C 145 21.68 -3.31 47.06
N LEU C 146 21.18 -3.37 48.29
CA LEU C 146 21.51 -4.42 49.24
C LEU C 146 20.23 -4.92 49.89
N LYS C 147 20.11 -6.25 49.99
CA LYS C 147 18.97 -6.86 50.66
C LYS C 147 19.22 -6.85 52.17
N LEU C 148 18.33 -6.20 52.92
CA LEU C 148 18.45 -6.19 54.37
C LEU C 148 17.91 -7.48 54.97
N SER C 149 16.62 -7.74 54.75
CA SER C 149 16.00 -9.01 55.11
C SER C 149 15.83 -9.85 53.85
N GLU C 150 15.15 -10.99 53.99
CA GLU C 150 14.85 -11.82 52.83
C GLU C 150 13.76 -11.21 51.96
N THR C 151 12.97 -10.28 52.50
CA THR C 151 11.86 -9.68 51.78
C THR C 151 12.03 -8.19 51.52
N PHE C 152 13.04 -7.55 52.10
CA PHE C 152 13.22 -6.11 51.98
C PHE C 152 14.63 -5.80 51.48
N SER C 153 14.74 -4.73 50.70
CA SER C 153 16.00 -4.28 50.15
C SER C 153 16.01 -2.76 50.08
N MET C 154 17.21 -2.19 50.16
CA MET C 154 17.40 -0.74 50.05
C MET C 154 18.42 -0.46 48.96
N ALA C 155 18.48 0.78 48.52
CA ALA C 155 19.40 1.16 47.46
C ALA C 155 19.73 2.64 47.56
N VAL C 156 20.98 2.96 47.22
CA VAL C 156 21.46 4.34 47.12
C VAL C 156 22.04 4.53 45.74
N ALA C 157 21.67 5.63 45.09
CA ALA C 157 22.13 5.92 43.74
C ALA C 157 22.68 7.34 43.68
N ALA C 158 23.68 7.53 42.82
CA ALA C 158 24.27 8.83 42.56
C ALA C 158 24.17 9.12 41.07
N ARG C 159 23.72 10.33 40.73
CA ARG C 159 23.42 10.71 39.35
C ARG C 159 24.09 12.02 39.01
N TYR C 160 24.67 12.09 37.82
CA TYR C 160 25.19 13.33 37.25
C TYR C 160 24.34 13.72 36.05
N ILE C 161 23.86 14.96 36.04
CA ILE C 161 22.98 15.47 35.00
C ILE C 161 23.71 16.58 34.26
N ARG C 162 23.65 16.55 32.93
CA ARG C 162 24.23 17.57 32.08
C ARG C 162 23.20 18.00 31.04
N SER C 163 23.10 19.30 30.81
CA SER C 163 22.18 19.87 29.84
C SER C 163 22.97 20.75 28.88
N ASN C 164 22.92 20.43 27.59
CA ASN C 164 23.62 21.14 26.53
C ASN C 164 22.67 21.36 25.36
N LEU C 165 21.50 21.91 25.64
CA LEU C 165 20.47 22.13 24.63
C LEU C 165 20.64 23.43 23.85
N LYS C 166 21.50 24.33 24.31
CA LYS C 166 21.69 25.60 23.63
C LYS C 166 22.73 25.48 22.53
N VAL C 167 22.54 26.25 21.47
CA VAL C 167 23.46 26.30 20.34
C VAL C 167 24.23 27.60 20.40
N ALA C 168 25.56 27.52 20.27
CA ALA C 168 26.41 28.69 20.41
C ALA C 168 26.24 29.61 19.21
N THR C 169 25.85 30.85 19.49
CA THR C 169 25.81 31.91 18.48
C THR C 169 26.55 33.12 19.02
N GLU C 170 26.47 34.25 18.32
CA GLU C 170 26.87 35.51 18.92
C GLU C 170 25.93 35.85 20.05
N GLU C 171 26.47 36.50 21.09
CA GLU C 171 25.76 36.90 22.32
C GLU C 171 24.90 35.77 22.89
N ILE C 172 25.26 34.51 22.64
CA ILE C 172 24.61 33.37 23.27
C ILE C 172 25.69 32.37 23.64
N ASP C 173 25.83 32.10 24.94
CA ASP C 173 26.81 31.14 25.44
C ASP C 173 26.14 29.79 25.61
N ALA C 174 26.72 28.76 24.99
CA ALA C 174 26.16 27.42 24.98
C ALA C 174 26.94 26.47 25.89
N SER C 175 27.44 27.00 27.01
CA SER C 175 28.09 26.16 28.00
C SER C 175 27.07 25.25 28.67
N ALA C 176 27.44 23.99 28.85
CA ALA C 176 26.53 23.02 29.46
C ALA C 176 26.34 23.32 30.95
N ALA C 177 25.15 23.00 31.44
CA ALA C 177 24.82 23.16 32.85
C ALA C 177 24.76 21.79 33.51
N GLY C 178 25.44 21.63 34.63
CA GLY C 178 25.51 20.34 35.27
C GLY C 178 25.04 20.33 36.72
N SER C 179 24.70 19.16 37.22
CA SER C 179 24.27 19.01 38.60
C SER C 179 24.46 17.57 39.04
N PHE C 180 24.37 17.35 40.35
CA PHE C 180 24.45 16.03 40.94
C PHE C 180 23.22 15.79 41.81
N ALA C 181 22.81 14.53 41.90
CA ALA C 181 21.64 14.17 42.67
C ALA C 181 21.86 12.80 43.30
N VAL C 182 21.09 12.52 44.36
CA VAL C 182 21.14 11.23 45.03
C VAL C 182 19.73 10.65 45.08
N ASP C 183 19.68 9.32 45.17
CA ASP C 183 18.45 8.55 45.13
C ASP C 183 18.46 7.58 46.31
N VAL C 184 17.36 7.53 47.05
CA VAL C 184 17.21 6.58 48.15
C VAL C 184 15.96 5.76 47.89
N ALA C 185 16.11 4.45 47.74
CA ALA C 185 15.01 3.60 47.35
C ALA C 185 14.87 2.42 48.29
N GLY C 186 13.64 1.93 48.44
CA GLY C 186 13.37 0.74 49.21
C GLY C 186 12.33 -0.13 48.54
N PHE C 187 12.53 -1.44 48.57
CA PHE C 187 11.66 -2.38 47.87
C PHE C 187 11.38 -3.57 48.76
N TYR C 188 10.10 -3.88 48.95
CA TYR C 188 9.66 -5.04 49.71
C TYR C 188 8.98 -6.02 48.76
N GLN C 189 9.41 -7.28 48.79
CA GLN C 189 8.79 -8.34 48.02
C GLN C 189 8.58 -9.54 48.91
N SER C 190 7.31 -9.91 49.12
CA SER C 190 6.98 -11.04 49.96
C SER C 190 7.19 -12.35 49.20
N GLU C 191 7.09 -13.46 49.93
CA GLU C 191 7.09 -14.77 49.32
C GLU C 191 5.70 -15.10 48.78
N GLU C 192 5.63 -16.17 48.01
CA GLU C 192 4.35 -16.62 47.47
C GLU C 192 3.45 -17.08 48.61
N ILE C 193 2.23 -16.55 48.65
CA ILE C 193 1.27 -16.84 49.71
C ILE C 193 0.03 -17.43 49.07
N ALA C 194 -0.36 -18.62 49.54
CA ALA C 194 -1.51 -19.31 48.99
C ALA C 194 -2.82 -18.76 49.56
N TYR C 195 -3.78 -18.51 48.70
CA TYR C 195 -5.12 -18.06 49.09
C TYR C 195 -6.15 -19.07 48.58
N SER C 196 -7.43 -18.71 48.71
CA SER C 196 -8.49 -19.64 48.37
C SER C 196 -8.49 -20.01 46.89
N ASP C 197 -8.31 -19.03 46.01
CA ASP C 197 -8.39 -19.26 44.57
C ASP C 197 -7.07 -19.08 43.84
N PHE C 198 -6.05 -18.52 44.48
CA PHE C 198 -4.77 -18.27 43.83
C PHE C 198 -3.71 -18.13 44.91
N ASN C 199 -2.46 -18.27 44.51
CA ASN C 199 -1.33 -18.07 45.41
C ASN C 199 -0.55 -16.86 44.92
N GLY C 200 -0.96 -15.67 45.38
CA GLY C 200 -0.39 -14.43 44.93
C GLY C 200 0.86 -14.02 45.70
N ARG C 201 1.33 -12.81 45.39
CA ARG C 201 2.52 -12.26 46.02
C ARG C 201 2.32 -10.76 46.24
N TRP C 202 2.97 -10.22 47.26
CA TRP C 202 2.84 -8.82 47.62
C TRP C 202 4.12 -8.06 47.33
N ARG C 203 3.98 -6.82 46.88
CA ARG C 203 5.13 -5.96 46.60
C ARG C 203 4.82 -4.55 47.08
N ALA C 204 5.86 -3.86 47.55
CA ALA C 204 5.74 -2.46 47.93
C ALA C 204 7.07 -1.78 47.60
N GLY C 205 7.02 -0.47 47.45
CA GLY C 205 8.23 0.26 47.10
C GLY C 205 8.09 1.74 47.36
N PHE C 206 9.23 2.36 47.68
CA PHE C 206 9.34 3.81 47.76
C PHE C 206 10.64 4.23 47.11
N ASN C 207 10.66 5.45 46.60
CA ASN C 207 11.84 5.99 45.94
C ASN C 207 11.83 7.50 46.06
N ILE C 208 12.86 8.05 46.71
CA ILE C 208 13.08 9.49 46.77
C ILE C 208 14.18 9.81 45.77
N GLN C 209 13.86 10.67 44.80
CA GLN C 209 14.62 10.85 43.58
C GLN C 209 15.08 12.29 43.43
N ASN C 210 16.26 12.44 42.82
CA ASN C 210 16.77 13.73 42.36
C ASN C 210 16.94 14.73 43.51
N LEU C 211 17.61 14.28 44.56
CA LEU C 211 17.95 15.13 45.69
C LEU C 211 19.35 15.70 45.45
N GLY C 212 19.41 16.98 45.09
CA GLY C 212 20.67 17.62 44.82
C GLY C 212 20.54 19.12 44.68
N PRO C 213 21.69 19.80 44.58
CA PRO C 213 21.69 21.25 44.47
C PRO C 213 21.07 21.71 43.16
N LYS C 214 20.59 22.96 43.17
CA LYS C 214 19.91 23.53 42.02
C LYS C 214 20.84 23.62 40.82
N ILE C 215 20.27 23.44 39.64
CA ILE C 215 21.00 23.56 38.39
C ILE C 215 20.86 24.98 37.87
N SER C 216 21.98 25.59 37.49
CA SER C 216 22.00 26.96 36.97
C SER C 216 22.27 26.90 35.47
N TYR C 217 21.22 27.13 34.67
CA TYR C 217 21.36 27.07 33.22
C TYR C 217 22.21 28.23 32.70
N ASP C 218 22.17 29.38 33.37
CA ASP C 218 22.93 30.55 32.96
C ASP C 218 24.19 30.74 33.79
N HIS C 219 24.56 29.74 34.59
CA HIS C 219 25.79 29.77 35.38
C HIS C 219 25.82 30.96 36.33
N ASP C 220 24.66 31.28 36.90
CA ASP C 220 24.53 32.34 37.90
C ASP C 220 23.73 31.80 39.07
N ASP C 221 24.24 31.99 40.29
CA ASP C 221 23.57 31.46 41.46
C ASP C 221 22.21 32.11 41.69
N LEU C 222 22.04 33.37 41.26
CA LEU C 222 20.77 34.04 41.44
C LEU C 222 19.67 33.46 40.57
N SER C 223 20.05 32.82 39.46
CA SER C 223 19.10 32.21 38.53
C SER C 223 19.37 30.71 38.49
N ALA C 224 18.75 29.97 39.41
CA ALA C 224 18.92 28.53 39.51
C ALA C 224 17.56 27.86 39.59
N ASN C 225 17.49 26.63 39.08
CA ASN C 225 16.26 25.87 39.01
C ASN C 225 16.33 24.65 39.91
N PHE C 226 15.24 24.35 40.60
CA PHE C 226 15.17 23.15 41.42
C PHE C 226 15.34 21.90 40.58
N LEU C 227 16.08 20.94 41.10
CA LEU C 227 16.07 19.61 40.52
C LEU C 227 14.70 18.97 40.73
N PRO C 228 14.25 18.13 39.80
CA PRO C 228 12.93 17.51 39.96
C PRO C 228 12.93 16.43 41.03
N ALA C 229 13.12 16.82 42.29
CA ALA C 229 13.04 15.88 43.39
C ALA C 229 11.65 15.28 43.46
N ASN C 230 11.58 13.95 43.55
CA ASN C 230 10.31 13.24 43.42
C ASN C 230 10.20 12.19 44.51
N LEU C 231 8.97 11.85 44.86
CA LEU C 231 8.69 10.75 45.78
C LEU C 231 7.69 9.82 45.12
N ARG C 232 8.08 8.55 44.97
CA ARG C 232 7.20 7.51 44.45
C ARG C 232 6.92 6.50 45.54
N VAL C 233 5.65 6.20 45.77
CA VAL C 233 5.24 5.16 46.72
C VAL C 233 4.23 4.27 46.01
N GLY C 234 4.49 2.97 46.01
CA GLY C 234 3.63 2.07 45.26
C GLY C 234 3.49 0.71 45.92
N GLY C 235 2.43 0.01 45.52
CA GLY C 235 2.19 -1.34 45.99
C GLY C 235 1.52 -2.16 44.92
N GLY C 236 1.81 -3.46 44.92
CA GLY C 236 1.31 -4.34 43.89
C GLY C 236 1.03 -5.73 44.43
N PHE C 237 0.18 -6.44 43.69
CA PHE C 237 -0.18 -7.81 44.03
C PHE C 237 -0.16 -8.68 42.78
N ASP C 238 0.33 -9.90 42.94
CA ASP C 238 0.43 -10.87 41.86
C ASP C 238 -0.59 -11.98 42.10
N PHE C 239 -1.60 -12.07 41.22
CA PHE C 239 -2.49 -13.22 41.16
C PHE C 239 -1.82 -14.28 40.29
N ILE C 240 -1.44 -15.40 40.89
CA ILE C 240 -0.77 -16.48 40.17
C ILE C 240 -1.74 -17.64 40.05
N PHE C 241 -2.17 -17.95 38.83
CA PHE C 241 -3.01 -19.11 38.57
C PHE C 241 -2.32 -20.04 37.58
N ASP C 242 -2.46 -21.34 37.83
CA ASP C 242 -2.06 -22.41 36.92
C ASP C 242 -0.55 -22.47 36.70
N ASP C 243 0.23 -21.65 37.40
CA ASP C 243 1.69 -21.68 37.38
C ASP C 243 2.20 -21.17 36.03
N TYR C 244 1.29 -20.96 35.09
CA TYR C 244 1.61 -20.40 33.79
C TYR C 244 0.94 -19.06 33.54
N ASN C 245 0.02 -18.64 34.40
CA ASN C 245 -0.72 -17.40 34.20
C ASN C 245 -0.52 -16.50 35.41
N LYS C 246 -0.20 -15.24 35.15
CA LYS C 246 0.03 -14.27 36.20
C LYS C 246 -0.68 -12.97 35.86
N LEU C 247 -1.19 -12.30 36.88
CA LEU C 247 -1.81 -10.99 36.72
C LEU C 247 -1.28 -10.08 37.84
N GLY C 248 -0.42 -9.14 37.48
CA GLY C 248 0.12 -8.19 38.43
C GLY C 248 -0.62 -6.88 38.37
N VAL C 249 -1.21 -6.49 39.50
CA VAL C 249 -1.94 -5.24 39.62
C VAL C 249 -1.12 -4.32 40.52
N SER C 250 -0.76 -3.15 40.00
CA SER C 250 0.12 -2.23 40.70
C SER C 250 -0.49 -0.85 40.76
N LEU C 251 -0.24 -0.15 41.85
CA LEU C 251 -0.71 1.22 42.06
C LEU C 251 0.46 2.05 42.54
N GLU C 252 0.65 3.23 41.92
CA GLU C 252 1.75 4.12 42.24
C GLU C 252 1.23 5.52 42.49
N LEU C 253 1.81 6.19 43.48
CA LEU C 253 1.55 7.58 43.79
C LEU C 253 2.86 8.36 43.71
N THR C 254 2.81 9.54 43.12
CA THR C 254 3.99 10.35 42.92
C THR C 254 3.72 11.79 43.36
N LYS C 255 4.67 12.36 44.09
CA LYS C 255 4.61 13.76 44.51
C LYS C 255 5.95 14.43 44.23
N LEU C 256 5.90 15.57 43.55
CA LEU C 256 7.10 16.37 43.37
C LEU C 256 7.48 17.03 44.69
N LEU C 257 8.77 16.99 45.02
CA LEU C 257 9.27 17.58 46.26
C LEU C 257 9.81 18.98 46.04
N VAL C 258 9.22 19.73 45.12
CA VAL C 258 9.62 21.10 44.79
C VAL C 258 8.51 22.03 45.23
N PRO C 259 8.82 23.16 45.86
CA PRO C 259 7.75 24.08 46.28
C PRO C 259 6.96 24.62 45.09
N THR C 260 5.67 24.80 45.31
CA THR C 260 4.81 25.37 44.28
C THR C 260 5.05 26.88 44.19
N PRO C 261 5.22 27.44 43.00
CA PRO C 261 5.41 28.89 42.87
C PRO C 261 4.14 29.63 43.27
N PRO C 262 4.26 30.91 43.63
CA PRO C 262 3.06 31.69 43.94
C PRO C 262 2.21 31.92 42.71
N GLY C 263 0.90 32.05 42.94
CA GLY C 263 -0.06 32.16 41.87
C GLY C 263 -0.57 33.58 41.65
N PRO C 264 -1.90 33.73 41.58
CA PRO C 264 -2.49 35.05 41.32
C PRO C 264 -2.13 36.08 42.38
N GLY C 265 -2.01 35.65 43.63
CA GLY C 265 -1.65 36.54 44.71
C GLY C 265 -1.78 35.89 46.07
N THR C 266 -0.79 36.10 46.94
CA THR C 266 -0.81 35.51 48.27
C THR C 266 -0.54 36.58 49.32
N PRO C 267 -1.51 37.44 49.64
CA PRO C 267 -1.33 38.49 50.65
C PRO C 267 -1.15 37.92 52.05
N SER C 283 0.13 48.67 44.40
CA SER C 283 1.12 47.62 44.33
C SER C 283 0.51 46.32 43.80
N GLN C 284 0.37 46.24 42.48
CA GLN C 284 -0.24 45.07 41.85
C GLN C 284 0.82 44.04 41.46
N SER C 285 1.76 44.43 40.60
CA SER C 285 2.85 43.55 40.22
C SER C 285 3.95 43.49 41.28
N GLN C 286 3.98 44.46 42.21
CA GLN C 286 4.97 44.42 43.28
C GLN C 286 4.78 43.20 44.17
N ALA C 287 3.52 42.88 44.50
CA ALA C 287 3.26 41.72 45.33
C ALA C 287 3.70 40.43 44.65
N ASP C 288 3.40 40.29 43.35
CA ASP C 288 3.83 39.11 42.62
C ASP C 288 5.35 39.02 42.56
N GLU C 289 6.02 40.16 42.33
CA GLU C 289 7.48 40.17 42.30
C GLU C 289 8.07 39.75 43.63
N ALA C 290 7.52 40.27 44.74
CA ALA C 290 8.03 39.89 46.06
C ALA C 290 7.77 38.42 46.35
N ASN C 291 6.60 37.92 45.96
CA ASN C 291 6.30 36.50 46.17
C ASN C 291 7.25 35.61 45.39
N TYR C 292 7.53 35.96 44.13
CA TYR C 292 8.48 35.18 43.35
C TYR C 292 9.88 35.29 43.92
N LYS C 293 10.25 36.47 44.43
CA LYS C 293 11.55 36.65 45.05
C LYS C 293 11.71 35.73 46.26
N LYS C 294 10.68 35.66 47.10
CA LYS C 294 10.77 34.80 48.28
C LYS C 294 10.68 33.32 47.91
N TYR C 295 9.98 32.99 46.83
CA TYR C 295 9.89 31.59 46.40
C TYR C 295 11.21 31.10 45.82
N LYS C 296 11.86 31.92 44.99
CA LYS C 296 13.09 31.50 44.35
C LYS C 296 14.27 31.46 45.31
N ASP C 297 14.18 32.16 46.44
CA ASP C 297 15.23 32.13 47.45
C ASP C 297 14.95 31.06 48.50
N ILE C 298 14.69 29.85 48.04
CA ILE C 298 14.42 28.71 48.90
C ILE C 298 15.40 27.60 48.54
N GLY C 299 16.11 27.08 49.55
CA GLY C 299 17.02 25.99 49.32
C GLY C 299 16.30 24.71 48.93
N TRP C 300 17.01 23.85 48.21
CA TRP C 300 16.40 22.60 47.78
C TRP C 300 16.10 21.68 48.95
N VAL C 301 16.99 21.65 49.95
CA VAL C 301 16.72 20.87 51.16
C VAL C 301 15.48 21.39 51.86
N SER C 302 15.41 22.71 52.05
CA SER C 302 14.22 23.29 52.67
C SER C 302 13.02 23.20 51.73
N GLY C 303 13.24 23.27 50.43
CA GLY C 303 12.14 23.13 49.49
C GLY C 303 11.49 21.76 49.53
N ILE C 304 12.27 20.73 49.85
CA ILE C 304 11.71 19.38 49.96
C ILE C 304 10.62 19.35 51.03
N PHE C 305 10.89 19.93 52.20
CA PHE C 305 9.88 19.99 53.25
C PHE C 305 8.80 21.02 52.96
N LYS C 306 9.15 22.12 52.28
CA LYS C 306 8.15 23.12 51.91
C LYS C 306 7.15 22.60 50.89
N SER C 307 7.51 21.56 50.14
CA SER C 307 6.54 20.95 49.23
C SER C 307 5.36 20.37 49.99
N PHE C 308 5.63 19.73 51.13
CA PHE C 308 4.56 19.21 51.97
C PHE C 308 3.84 20.36 52.68
N GLY C 309 2.54 20.22 52.84
CA GLY C 309 1.75 21.19 53.59
C GLY C 309 1.56 22.49 52.80
N ASP C 310 2.09 23.59 53.34
CA ASP C 310 2.05 24.92 52.73
C ASP C 310 0.65 25.34 52.31
N ALA C 311 -0.38 24.72 52.88
CA ALA C 311 -1.76 25.03 52.57
C ALA C 311 -2.57 25.13 53.86
N PRO C 312 -3.50 26.09 53.93
CA PRO C 312 -4.37 26.16 55.11
C PRO C 312 -5.30 24.97 55.25
N GLY C 313 -5.54 24.23 54.17
CA GLY C 313 -6.43 23.08 54.21
C GLY C 313 -5.76 21.82 54.73
N GLY C 314 -6.49 20.73 54.65
CA GLY C 314 -6.05 19.43 55.12
C GLY C 314 -5.47 18.57 54.03
N PHE C 315 -5.63 17.26 54.20
CA PHE C 315 -5.07 16.29 53.26
C PHE C 315 -5.76 16.38 51.90
N SER C 316 -7.06 16.66 51.90
CA SER C 316 -7.80 16.71 50.64
C SER C 316 -7.30 17.83 49.75
N GLU C 317 -7.00 19.01 50.33
CA GLU C 317 -6.50 20.12 49.53
C GLU C 317 -5.12 19.82 48.96
N GLU C 318 -4.30 19.05 49.68
CA GLU C 318 -2.98 18.69 49.19
C GLU C 318 -3.02 17.51 48.23
N LEU C 319 -4.13 16.78 48.17
CA LEU C 319 -4.23 15.64 47.26
C LEU C 319 -4.18 16.04 45.79
N LYS C 320 -4.36 17.32 45.47
CA LYS C 320 -4.30 17.77 44.08
C LYS C 320 -2.88 17.79 43.53
N GLU C 321 -1.87 17.65 44.38
CA GLU C 321 -0.48 17.60 43.94
C GLU C 321 0.03 16.16 43.81
N ILE C 322 -0.85 15.18 43.97
CA ILE C 322 -0.47 13.77 43.92
C ILE C 322 -0.92 13.20 42.59
N THR C 323 0.03 12.66 41.83
CA THR C 323 -0.29 11.91 40.62
C THR C 323 -0.43 10.45 40.97
N TYR C 324 -1.29 9.74 40.24
CA TYR C 324 -1.44 8.31 40.51
C TYR C 324 -1.48 7.53 39.21
N SER C 325 -1.20 6.23 39.32
CA SER C 325 -1.19 5.35 38.18
C SER C 325 -1.60 3.95 38.63
N ALA C 326 -2.39 3.29 37.79
CA ALA C 326 -2.84 1.93 38.05
C ALA C 326 -2.54 1.07 36.84
N ALA C 327 -1.90 -0.08 37.05
CA ALA C 327 -1.43 -0.92 35.97
C ALA C 327 -1.82 -2.37 36.21
N ALA C 328 -2.08 -3.09 35.12
CA ALA C 328 -2.35 -4.51 35.13
C ALA C 328 -1.52 -5.19 34.05
N GLU C 329 -0.73 -6.18 34.44
CA GLU C 329 0.17 -6.89 33.55
C GLU C 329 -0.15 -8.38 33.60
N TYR C 330 -0.64 -8.92 32.48
CA TYR C 330 -0.85 -10.36 32.36
C TYR C 330 0.40 -11.00 31.77
N MET C 331 0.84 -12.09 32.39
CA MET C 331 2.08 -12.75 32.01
C MET C 331 1.81 -14.23 31.78
N TYR C 332 2.19 -14.72 30.61
CA TYR C 332 2.01 -16.10 30.21
C TYR C 332 3.38 -16.75 30.06
N GLN C 333 3.61 -17.80 30.83
CA GLN C 333 4.82 -18.62 30.79
C GLN C 333 6.09 -17.81 30.99
N ASP C 334 5.99 -16.66 31.64
CA ASP C 334 7.10 -15.73 31.81
C ASP C 334 7.72 -15.31 30.48
N ALA C 335 7.00 -15.52 29.37
CA ALA C 335 7.50 -15.22 28.04
C ALA C 335 6.63 -14.27 27.25
N PHE C 336 5.34 -14.14 27.56
CA PHE C 336 4.48 -13.17 26.92
C PHE C 336 3.88 -12.26 27.97
N ALA C 337 3.88 -10.95 27.70
CA ALA C 337 3.39 -9.97 28.64
C ALA C 337 2.44 -9.02 27.92
N MET C 338 1.31 -8.71 28.57
CA MET C 338 0.29 -7.84 28.01
C MET C 338 -0.08 -6.84 29.10
N ARG C 339 0.14 -5.55 28.83
CA ARG C 339 0.11 -4.54 29.88
C ARG C 339 -0.91 -3.46 29.55
N LEU C 340 -1.74 -3.14 30.54
CA LEU C 340 -2.66 -2.01 30.50
C LEU C 340 -2.28 -1.06 31.64
N GLY C 341 -2.36 0.24 31.38
CA GLY C 341 -2.03 1.20 32.40
C GLY C 341 -2.86 2.45 32.28
N TYR C 342 -3.06 3.13 33.40
CA TYR C 342 -3.72 4.42 33.44
C TYR C 342 -2.90 5.36 34.32
N TYR C 343 -2.55 6.52 33.77
CA TYR C 343 -1.80 7.54 34.48
C TYR C 343 -2.65 8.79 34.56
N HIS C 344 -2.82 9.31 35.78
CA HIS C 344 -3.64 10.50 36.01
C HIS C 344 -2.84 11.51 36.83
N GLU C 345 -2.59 12.66 36.23
CA GLU C 345 -2.21 13.87 36.94
C GLU C 345 -3.46 14.69 37.20
N SER C 346 -3.40 15.52 38.22
CA SER C 346 -4.49 16.47 38.43
C SER C 346 -4.45 17.52 37.32
N PRO C 347 -5.56 17.78 36.63
CA PRO C 347 -5.52 18.75 35.52
C PRO C 347 -5.06 20.14 35.94
N MET C 348 -5.03 20.44 37.24
CA MET C 348 -4.53 21.72 37.70
C MET C 348 -3.04 21.89 37.42
N LYS C 349 -2.26 20.81 37.51
CA LYS C 349 -0.83 20.86 37.25
C LYS C 349 -0.46 19.81 36.21
N GLY C 350 0.30 20.21 35.21
CA GLY C 350 0.80 19.27 34.21
C GLY C 350 -0.17 18.78 33.16
N ALA C 351 -1.34 18.29 33.58
CA ALA C 351 -2.36 17.73 32.69
C ALA C 351 -1.78 16.61 31.82
N LYS C 352 -1.34 15.55 32.49
CA LYS C 352 -0.87 14.34 31.83
C LYS C 352 -1.79 13.20 32.28
N GLN C 353 -2.83 12.95 31.49
CA GLN C 353 -3.77 11.87 31.75
C GLN C 353 -3.84 10.99 30.51
N PHE C 354 -3.54 9.71 30.67
CA PHE C 354 -3.53 8.83 29.51
C PHE C 354 -3.72 7.37 29.92
N PHE C 355 -4.08 6.56 28.93
CA PHE C 355 -4.05 5.11 29.02
C PHE C 355 -2.86 4.61 28.22
N SER C 356 -2.35 3.44 28.60
CA SER C 356 -1.16 2.91 27.98
C SER C 356 -1.34 1.43 27.69
N LEU C 357 -0.89 1.03 26.51
CA LEU C 357 -0.91 -0.35 26.04
C LEU C 357 0.53 -0.83 25.91
N GLY C 358 0.77 -2.09 26.24
CA GLY C 358 2.12 -2.61 26.18
C GLY C 358 2.15 -4.10 25.91
N ALA C 359 3.21 -4.53 25.24
CA ALA C 359 3.44 -5.95 24.97
C ALA C 359 4.89 -6.29 25.16
N GLY C 360 5.15 -7.50 25.65
CA GLY C 360 6.50 -7.98 25.90
C GLY C 360 6.70 -9.42 25.50
N PHE C 361 7.88 -9.73 24.96
CA PHE C 361 8.19 -11.06 24.47
C PHE C 361 9.60 -11.45 24.90
N LYS C 362 9.81 -12.74 25.15
CA LYS C 362 11.09 -13.27 25.56
C LYS C 362 11.41 -14.51 24.74
N TYR C 363 12.43 -14.43 23.89
CA TYR C 363 12.74 -15.56 23.01
C TYR C 363 13.59 -16.61 23.71
N SER C 364 14.86 -16.29 23.98
CA SER C 364 15.70 -17.16 24.79
C SER C 364 16.29 -16.39 25.97
N MET C 365 17.00 -15.32 25.64
CA MET C 365 17.59 -14.41 26.60
C MET C 365 17.34 -12.96 26.23
N ILE C 366 16.58 -12.73 25.16
CA ILE C 366 16.32 -11.40 24.62
C ILE C 366 14.86 -11.07 24.84
N LYS C 367 14.60 -9.94 25.49
CA LYS C 367 13.26 -9.49 25.80
C LYS C 367 12.98 -8.21 25.02
N VAL C 368 11.83 -8.15 24.37
CA VAL C 368 11.42 -7.02 23.55
C VAL C 368 10.12 -6.47 24.11
N ASP C 369 10.09 -5.17 24.37
CA ASP C 369 8.90 -4.49 24.88
C ASP C 369 8.50 -3.38 23.93
N VAL C 370 7.20 -3.24 23.71
CA VAL C 370 6.64 -2.15 22.93
C VAL C 370 5.52 -1.51 23.73
N SER C 371 5.43 -0.19 23.66
CA SER C 371 4.38 0.52 24.39
C SER C 371 3.79 1.63 23.53
N TYR C 372 2.51 1.92 23.79
CA TYR C 372 1.75 2.93 23.06
C TYR C 372 0.87 3.69 24.04
N LEU C 373 0.57 4.94 23.69
CA LEU C 373 -0.11 5.87 24.58
C LEU C 373 -1.36 6.42 23.92
N PHE C 374 -2.48 6.40 24.66
CA PHE C 374 -3.72 7.04 24.25
C PHE C 374 -3.98 8.18 25.22
N SER C 375 -3.82 9.42 24.76
CA SER C 375 -3.98 10.57 25.64
C SER C 375 -5.44 10.83 25.96
N ALA C 376 -5.68 11.27 27.18
CA ALA C 376 -7.02 11.64 27.64
C ALA C 376 -7.07 13.07 28.18
N SER C 377 -6.11 13.91 27.80
CA SER C 377 -6.00 15.26 28.31
C SER C 377 -6.26 16.28 27.21
N LYS C 378 -6.63 17.50 27.63
CA LYS C 378 -6.84 18.58 26.67
C LYS C 378 -5.53 19.01 26.02
N VAL C 379 -4.45 19.05 26.79
CA VAL C 379 -3.15 19.45 26.26
C VAL C 379 -2.57 18.30 25.45
N LYS C 380 -1.94 18.64 24.32
CA LYS C 380 -1.39 17.63 23.43
C LYS C 380 -0.18 16.96 24.08
N ASN C 381 -0.23 15.64 24.22
CA ASN C 381 0.87 14.89 24.77
C ASN C 381 1.97 14.73 23.73
N PRO C 382 3.21 15.10 24.05
CA PRO C 382 4.29 14.97 23.04
C PRO C 382 4.59 13.53 22.65
N LEU C 383 4.15 12.54 23.44
CA LEU C 383 4.40 11.15 23.15
C LEU C 383 3.17 10.45 22.55
N GLU C 384 2.22 11.22 22.04
CA GLU C 384 1.07 10.63 21.35
C GLU C 384 1.49 10.02 20.01
N ASN C 385 0.76 8.98 19.61
CA ASN C 385 0.99 8.31 18.33
C ASN C 385 2.43 7.84 18.20
N THR C 386 3.01 7.42 19.33
CA THR C 386 4.41 7.04 19.41
C THR C 386 4.52 5.65 19.98
N LEU C 387 5.33 4.81 19.33
CA LEU C 387 5.60 3.44 19.78
C LEU C 387 6.97 3.42 20.44
N ARG C 388 7.00 3.23 21.75
CA ARG C 388 8.25 3.09 22.49
C ARG C 388 8.76 1.66 22.36
N PHE C 389 10.08 1.53 22.21
CA PHE C 389 10.73 0.25 22.02
C PHE C 389 11.73 0.00 23.15
N SER C 390 11.85 -1.25 23.56
CA SER C 390 12.80 -1.65 24.60
C SER C 390 13.34 -3.03 24.27
N LEU C 391 14.62 -3.24 24.57
CA LEU C 391 15.29 -4.49 24.22
C LEU C 391 16.32 -4.81 25.28
N THR C 392 16.16 -5.93 25.97
CA THR C 392 17.07 -6.32 27.04
C THR C 392 17.68 -7.68 26.78
N PHE C 393 18.97 -7.81 27.13
CA PHE C 393 19.70 -9.06 27.09
C PHE C 393 20.01 -9.48 28.52
N ASN C 394 19.71 -10.73 28.85
CA ASN C 394 19.98 -11.29 30.17
C ASN C 394 21.01 -12.38 30.05
N PHE C 395 22.05 -12.33 30.89
CA PHE C 395 23.12 -13.31 30.83
C PHE C 395 23.70 -13.49 32.22
N GLY C 396 24.46 -14.57 32.38
CA GLY C 396 25.06 -14.91 33.64
C GLY C 396 24.27 -15.98 34.40
N ASP C 397 24.56 -16.07 35.69
CA ASP C 397 23.92 -17.04 36.53
C ASP C 397 22.44 -16.70 36.75
N LYS C 398 21.70 -17.66 37.27
CA LYS C 398 20.29 -17.48 37.61
C LYS C 398 20.12 -17.61 39.12
N TYR C 399 19.28 -16.75 39.70
CA TYR C 399 19.02 -16.75 41.11
C TYR C 399 17.57 -17.16 41.38
N GLU C 400 17.39 -17.99 42.41
CA GLU C 400 16.05 -18.40 42.81
C GLU C 400 15.36 -17.26 43.56
N THR C 401 14.04 -17.26 43.50
CA THR C 401 13.23 -16.22 44.13
C THR C 401 12.61 -16.77 45.41
N TYR C 402 12.84 -16.07 46.52
CA TYR C 402 12.31 -16.46 47.82
C TYR C 402 10.81 -16.19 47.88
N SER D 1040 20.83 16.94 -2.03
CA SER D 1040 20.63 17.93 -3.08
C SER D 1040 19.77 19.09 -2.58
N PHE D 1041 19.30 18.99 -1.34
CA PHE D 1041 18.47 20.01 -0.73
C PHE D 1041 19.23 20.67 0.42
N TYR D 1042 19.14 22.00 0.48
CA TYR D 1042 19.86 22.77 1.49
C TYR D 1042 18.94 23.81 2.10
N VAL D 1043 19.06 24.00 3.40
CA VAL D 1043 18.38 25.08 4.11
C VAL D 1043 19.44 25.91 4.82
N SER D 1044 19.43 27.21 4.59
CA SER D 1044 20.44 28.10 5.14
C SER D 1044 19.78 29.23 5.92
N VAL D 1045 20.38 29.59 7.06
CA VAL D 1045 19.91 30.70 7.88
C VAL D 1045 21.10 31.63 8.09
N LYS D 1046 20.97 32.87 7.60
CA LYS D 1046 22.04 33.86 7.77
C LYS D 1046 21.74 34.84 8.89
N ASP D 1047 20.65 35.62 8.76
CA ASP D 1047 20.22 36.54 9.81
C ASP D 1047 18.70 36.39 9.95
N LYS D 1048 18.29 35.40 10.75
CA LYS D 1048 16.87 35.13 11.01
C LYS D 1048 16.05 35.00 9.73
N THR D 1049 16.69 34.63 8.63
CA THR D 1049 16.02 34.46 7.34
C THR D 1049 16.33 33.07 6.82
N ILE D 1050 15.29 32.34 6.40
CA ILE D 1050 15.43 30.96 5.96
C ILE D 1050 15.48 30.93 4.45
N LYS D 1051 16.42 30.18 3.89
CA LYS D 1051 16.68 30.18 2.46
C LYS D 1051 16.77 28.73 2.00
N LEU D 1052 15.84 28.31 1.14
CA LEU D 1052 15.79 26.96 0.63
C LEU D 1052 16.46 26.88 -0.74
N ASN D 1053 17.21 25.80 -0.96
CA ASN D 1053 17.92 25.58 -2.21
C ASN D 1053 17.71 24.14 -2.64
N SER D 1054 17.08 23.94 -3.80
CA SER D 1054 16.85 22.62 -4.36
C SER D 1054 17.38 22.59 -5.79
N THR D 1055 18.13 21.54 -6.11
CA THR D 1055 18.73 21.37 -7.43
C THR D 1055 17.75 20.64 -8.32
N GLU D 1056 17.21 21.33 -9.32
CA GLU D 1056 16.30 20.80 -10.34
C GLU D 1056 15.01 20.25 -9.74
N ASP D 1057 14.73 20.52 -8.47
CA ASP D 1057 13.48 20.14 -7.84
C ASP D 1057 12.75 21.40 -7.40
N VAL D 1058 11.47 21.49 -7.75
CA VAL D 1058 10.64 22.65 -7.46
C VAL D 1058 9.67 22.26 -6.34
N MET D 1059 9.60 23.12 -5.31
CA MET D 1059 8.77 22.85 -4.14
C MET D 1059 7.37 23.42 -4.32
N ARG D 1060 6.41 22.76 -3.68
CA ARG D 1060 5.02 23.23 -3.65
C ARG D 1060 4.64 23.88 -2.33
N GLU D 1061 5.00 23.27 -1.21
CA GLU D 1061 4.61 23.79 0.10
C GLU D 1061 5.81 23.76 1.05
N VAL D 1062 5.82 24.70 1.98
CA VAL D 1062 6.82 24.73 3.05
C VAL D 1062 6.10 24.92 4.38
N SER D 1063 6.53 24.18 5.39
CA SER D 1063 6.00 24.30 6.74
C SER D 1063 7.17 24.33 7.71
N ILE D 1064 7.13 25.26 8.65
CA ILE D 1064 8.17 25.38 9.67
C ILE D 1064 7.51 25.19 11.02
N PHE D 1065 8.00 24.20 11.77
CA PHE D 1065 7.49 23.81 13.07
C PHE D 1065 8.55 24.05 14.14
N ASP D 1066 8.07 24.23 15.36
CA ASP D 1066 8.91 24.32 16.55
C ASP D 1066 9.21 22.92 17.08
N ILE D 1067 10.12 22.86 18.06
CA ILE D 1067 10.40 21.60 18.75
C ILE D 1067 9.18 21.14 19.52
N SER D 1068 8.35 22.07 19.99
CA SER D 1068 7.10 21.71 20.64
C SER D 1068 6.09 21.09 19.69
N GLY D 1069 6.34 21.14 18.38
CA GLY D 1069 5.40 20.67 17.39
C GLY D 1069 4.45 21.72 16.86
N LYS D 1070 4.47 22.92 17.42
CA LYS D 1070 3.59 23.99 16.97
C LYS D 1070 4.00 24.48 15.59
N LEU D 1071 3.02 24.61 14.70
CA LEU D 1071 3.28 25.14 13.37
C LEU D 1071 3.60 26.62 13.47
N LEU D 1072 4.83 26.99 13.13
CA LEU D 1072 5.24 28.39 13.20
C LEU D 1072 4.99 29.13 11.90
N TYR D 1073 5.19 28.48 10.76
CA TYR D 1073 5.00 29.16 9.49
C TYR D 1073 4.52 28.15 8.45
N ASN D 1074 3.76 28.63 7.48
CA ASN D 1074 3.26 27.76 6.41
C ASN D 1074 3.03 28.59 5.16
N ASN D 1075 3.57 28.12 4.03
CA ASN D 1075 3.39 28.78 2.75
C ASN D 1075 3.10 27.73 1.69
N LYS D 1076 1.98 27.89 0.98
N LYS D 1076 1.97 27.88 1.00
CA LYS D 1076 1.58 26.98 -0.07
CA LYS D 1076 1.54 26.95 -0.04
C LYS D 1076 2.03 27.43 -1.46
C LYS D 1076 1.94 27.41 -1.44
N LYS D 1077 2.77 28.53 -1.55
N LYS D 1077 2.66 28.52 -1.56
CA LYS D 1077 3.18 29.13 -2.82
CA LYS D 1077 2.94 29.15 -2.85
C LYS D 1077 4.69 29.32 -2.87
C LYS D 1077 4.43 29.34 -3.05
N VAL D 1078 5.42 28.24 -2.56
N VAL D 1078 5.21 28.29 -2.81
CA VAL D 1078 6.88 28.30 -2.55
CA VAL D 1078 6.65 28.36 -3.01
C VAL D 1078 7.41 28.59 -3.95
C VAL D 1078 6.95 28.38 -4.51
N GLU D 1079 8.39 29.49 -4.03
N GLU D 1079 6.61 27.30 -5.21
CA GLU D 1079 9.03 29.86 -5.28
CA GLU D 1079 6.70 27.18 -6.66
C GLU D 1079 10.55 29.83 -5.15
C GLU D 1079 8.00 27.77 -7.21
N ASN D 1080 11.07 28.88 -4.39
N ASN D 1080 9.11 27.24 -6.72
CA ASN D 1080 12.52 28.75 -4.13
CA ASN D 1080 10.42 27.64 -7.19
C ASN D 1080 13.09 30.01 -3.48
C ASN D 1080 11.46 26.61 -6.76
N THR D 1081 12.23 30.79 -2.82
N THR D 1081 12.60 26.62 -7.46
CA THR D 1081 12.59 32.10 -2.32
CA THR D 1081 13.73 25.81 -7.04
C THR D 1081 12.97 32.03 -0.83
C THR D 1081 14.44 26.40 -5.84
N GLU D 1082 13.13 33.19 -0.22
N GLU D 1082 14.23 27.68 -5.56
CA GLU D 1082 13.45 33.30 1.19
CA GLU D 1082 14.81 28.35 -4.40
C GLU D 1082 12.17 33.36 2.02
C GLU D 1082 13.73 29.20 -3.75
N PHE D 1083 12.33 33.19 3.34
N PHE D 1083 13.77 29.30 -2.42
CA PHE D 1083 11.22 33.21 4.27
CA PHE D 1083 12.77 30.05 -1.68
C PHE D 1083 11.63 33.97 5.52
C PHE D 1083 13.39 30.67 -0.45
N GLN D 1084 10.75 34.85 5.98
N GLN D 1084 13.03 31.94 -0.20
CA GLN D 1084 10.95 35.66 7.18
CA GLN D 1084 13.52 32.67 0.96
C GLN D 1084 9.92 35.24 8.22
C GLN D 1084 12.34 33.02 1.85
N VAL D 1085 10.32 34.40 9.14
N VAL D 1085 12.41 32.60 3.11
CA VAL D 1085 9.48 34.00 10.27
CA VAL D 1085 11.35 32.86 4.08
C VAL D 1085 9.68 35.01 11.39
C VAL D 1085 11.80 34.09 4.88
N SER D 1086 8.68 35.13 12.25
N SER D 1086 11.43 35.27 4.38
CA SER D 1086 8.75 36.07 13.36
CA SER D 1086 11.71 36.52 5.07
C SER D 1086 9.99 35.79 14.21
C SER D 1086 10.55 37.02 5.92
N ASN D 1087 10.76 36.84 14.49
N ASN D 1087 9.39 36.35 5.87
CA ASN D 1087 12.08 36.67 15.07
CA ASN D 1087 8.20 36.77 6.59
C ASN D 1087 12.03 36.28 16.55
C ASN D 1087 8.01 36.01 7.90
N PHE D 1088 10.98 36.66 17.26
N PHE D 1088 8.97 35.19 8.30
CA PHE D 1088 10.86 36.30 18.68
CA PHE D 1088 8.86 34.40 9.52
C PHE D 1088 10.20 34.93 18.79
C PHE D 1088 10.05 34.69 10.42
N GLN D 1089 10.92 33.97 19.37
N GLN D 1089 9.78 34.92 11.71
CA GLN D 1089 10.41 32.61 19.53
CA GLN D 1089 10.85 35.11 12.69
C GLN D 1089 10.59 32.09 20.95
C GLN D 1089 10.27 34.89 14.08
N SER D 1090 10.83 32.99 21.91
N SER D 1090 10.73 33.84 14.76
CA SER D 1090 10.90 32.65 23.34
CA SER D 1090 10.30 33.55 16.12
C SER D 1090 11.98 31.60 23.61
C SER D 1090 11.44 33.59 17.12
N GLY D 1091 13.21 31.95 23.26
N GLY D 1091 12.54 32.89 16.85
CA GLY D 1091 14.34 31.09 23.56
CA GLY D 1091 13.72 32.97 17.69
C GLY D 1091 14.48 29.85 22.71
C GLY D 1091 13.76 32.00 18.86
N ASN D 1092 13.73 29.74 21.62
N ASN D 1092 13.64 30.70 18.58
CA ASN D 1092 13.77 28.57 20.76
CA ASN D 1092 13.71 29.67 19.61
C ASN D 1092 14.68 28.85 19.57
C ASN D 1092 14.66 28.54 19.20
N GLN D 1093 15.58 27.90 19.30
N GLN D 1093 15.73 28.88 18.49
CA GLN D 1093 16.52 27.99 18.19
CA GLN D 1093 16.79 27.96 18.08
C GLN D 1093 16.31 26.90 17.15
C GLN D 1093 16.29 26.89 17.11
N VAL D 1094 16.04 25.68 17.59
CA VAL D 1094 15.86 24.54 16.69
C VAL D 1094 14.48 24.60 16.04
N LEU D 1095 14.45 24.48 14.72
CA LEU D 1095 13.23 24.47 13.93
C LEU D 1095 13.26 23.28 12.97
N ILE D 1096 12.08 22.85 12.55
CA ILE D 1096 11.92 21.75 11.60
C ILE D 1096 11.25 22.29 10.35
N VAL D 1097 11.88 22.09 9.20
CA VAL D 1097 11.38 22.55 7.91
C VAL D 1097 10.95 21.32 7.12
N LYS D 1098 9.67 21.29 6.74
CA LYS D 1098 9.09 20.24 5.93
C LYS D 1098 8.71 20.85 4.58
N VAL D 1099 9.26 20.28 3.50
CA VAL D 1099 9.06 20.79 2.16
C VAL D 1099 8.34 19.73 1.35
N THR D 1100 7.18 20.08 0.80
CA THR D 1100 6.43 19.22 -0.11
C THR D 1100 6.71 19.65 -1.54
N LEU D 1101 7.25 18.74 -2.34
CA LEU D 1101 7.68 19.02 -3.70
C LEU D 1101 6.51 18.84 -4.67
N ASP D 1102 6.82 18.78 -5.97
CA ASP D 1102 5.80 18.53 -6.98
C ASP D 1102 5.01 17.27 -6.67
N ASN D 1103 5.68 16.13 -6.60
CA ASN D 1103 5.06 14.92 -6.09
C ASN D 1103 4.96 15.00 -4.57
N GLY D 1104 4.30 14.01 -3.99
CA GLY D 1104 4.07 13.99 -2.56
C GLY D 1104 5.29 13.73 -1.72
N ASN D 1105 6.48 13.77 -2.32
CA ASN D 1105 7.71 13.60 -1.57
C ASN D 1105 7.91 14.75 -0.59
N ILE D 1106 8.33 14.41 0.63
CA ILE D 1106 8.53 15.37 1.70
C ILE D 1106 9.99 15.35 2.11
N ILE D 1107 10.61 16.52 2.14
CA ILE D 1107 11.99 16.69 2.57
C ILE D 1107 11.98 17.33 3.95
N THR D 1108 12.72 16.74 4.88
CA THR D 1108 12.75 17.19 6.26
C THR D 1108 14.15 17.71 6.59
N LYS D 1109 14.22 18.88 7.22
CA LYS D 1109 15.50 19.45 7.60
C LYS D 1109 15.38 20.10 8.97
N LYS D 1110 16.30 19.77 9.86
CA LYS D 1110 16.41 20.44 11.15
C LYS D 1110 17.41 21.57 11.04
N ILE D 1111 17.00 22.77 11.43
CA ILE D 1111 17.85 23.95 11.34
C ILE D 1111 17.90 24.65 12.69
N VAL D 1112 18.88 25.53 12.84
CA VAL D 1112 19.00 26.37 14.03
C VAL D 1112 18.72 27.80 13.61
N PHE D 1113 17.72 28.42 14.22
CA PHE D 1113 17.28 29.76 13.87
C PHE D 1113 18.24 30.78 14.48
N ASN D 1114 19.07 31.38 13.64
CA ASN D 1114 20.04 32.37 14.10
C ASN D 1114 19.91 33.67 13.31
N THR E 24 -18.63 -49.78 56.25
CA THR E 24 -18.92 -51.02 55.56
C THR E 24 -19.43 -50.76 54.14
N THR E 25 -19.30 -51.77 53.28
CA THR E 25 -19.71 -51.63 51.89
C THR E 25 -21.20 -51.89 51.73
N ARG E 26 -21.84 -51.10 50.88
CA ARG E 26 -23.24 -51.29 50.52
C ARG E 26 -23.30 -51.93 49.14
N ILE E 27 -23.99 -53.04 49.03
CA ILE E 27 -24.07 -53.81 47.80
C ILE E 27 -25.52 -53.85 47.34
N GLY E 28 -25.75 -53.50 46.06
CA GLY E 28 -27.02 -53.68 45.42
C GLY E 28 -26.88 -54.66 44.27
N TYR E 29 -28.01 -55.00 43.66
CA TYR E 29 -27.98 -55.90 42.53
C TYR E 29 -29.25 -55.74 41.71
N ILE E 30 -29.15 -56.10 40.44
CA ILE E 30 -30.29 -56.18 39.54
C ILE E 30 -30.40 -57.62 39.04
N ASP E 31 -31.52 -57.92 38.40
CA ASP E 31 -31.73 -59.18 37.69
C ASP E 31 -32.09 -58.83 36.26
N MET E 32 -31.15 -59.06 35.35
CA MET E 32 -31.36 -58.65 33.95
C MET E 32 -32.48 -59.44 33.30
N GLU E 33 -32.60 -60.72 33.62
CA GLU E 33 -33.71 -61.52 33.07
C GLU E 33 -35.05 -61.00 33.57
N TYR E 34 -35.14 -60.65 34.85
CA TYR E 34 -36.37 -60.10 35.40
C TYR E 34 -36.73 -58.79 34.73
N ILE E 35 -35.73 -57.91 34.56
CA ILE E 35 -35.97 -56.61 33.93
C ILE E 35 -36.45 -56.81 32.49
N LEU E 36 -35.80 -57.71 31.75
CA LEU E 36 -36.20 -57.97 30.38
C LEU E 36 -37.59 -58.60 30.31
N GLU E 37 -37.97 -59.39 31.33
CA GLU E 37 -39.31 -59.93 31.38
C GLU E 37 -40.36 -58.85 31.63
N ASN E 38 -40.01 -57.82 32.41
CA ASN E 38 -40.95 -56.76 32.74
C ASN E 38 -40.84 -55.55 31.81
N VAL E 39 -40.45 -55.77 30.56
CA VAL E 39 -40.44 -54.72 29.54
C VAL E 39 -41.31 -55.21 28.39
N SER E 40 -42.42 -54.51 28.14
CA SER E 40 -43.40 -54.99 27.16
C SER E 40 -42.87 -54.90 25.74
N ASP E 41 -42.16 -53.82 25.42
CA ASP E 41 -41.66 -53.65 24.06
C ASP E 41 -40.65 -54.73 23.71
N TYR E 42 -39.81 -55.13 24.67
CA TYR E 42 -38.87 -56.20 24.43
C TYR E 42 -39.58 -57.51 24.12
N LYS E 43 -40.62 -57.84 24.88
CA LYS E 43 -41.38 -59.06 24.63
C LYS E 43 -42.05 -59.02 23.26
N GLU E 44 -42.64 -57.87 22.89
CA GLU E 44 -43.27 -57.76 21.59
C GLU E 44 -42.26 -57.91 20.46
N ALA E 45 -41.08 -57.31 20.62
CA ALA E 45 -40.03 -57.45 19.61
C ALA E 45 -39.56 -58.89 19.50
N LYS E 46 -39.45 -59.58 20.62
CA LYS E 46 -39.09 -60.99 20.59
C LYS E 46 -40.14 -61.82 19.86
N SER E 47 -41.42 -61.54 20.10
CA SER E 47 -42.48 -62.24 19.40
C SER E 47 -42.41 -61.99 17.90
N GLN E 48 -42.16 -60.74 17.49
CA GLN E 48 -42.03 -60.44 16.07
C GLN E 48 -40.83 -61.16 15.46
N LEU E 49 -39.74 -61.25 16.22
CA LEU E 49 -38.57 -62.00 15.74
C LEU E 49 -38.90 -63.47 15.55
N GLU E 50 -39.65 -64.05 16.48
CA GLU E 50 -40.07 -65.44 16.33
C GLU E 50 -40.96 -65.62 15.10
N LEU E 51 -41.85 -64.66 14.84
CA LEU E 51 -42.68 -64.72 13.64
C LEU E 51 -41.83 -64.68 12.38
N LYS E 52 -40.83 -63.79 12.36
CA LYS E 52 -39.92 -63.71 11.21
C LYS E 52 -39.17 -65.03 11.02
N ALA E 53 -38.73 -65.64 12.11
CA ALA E 53 -38.04 -66.93 12.01
C ALA E 53 -38.98 -68.00 11.47
N GLN E 54 -40.25 -67.98 11.87
CA GLN E 54 -41.21 -68.93 11.33
C GLN E 54 -41.41 -68.74 9.84
N LYS E 55 -41.45 -67.48 9.39
CA LYS E 55 -41.56 -67.21 7.96
C LYS E 55 -40.33 -67.73 7.21
N TRP E 56 -39.14 -67.55 7.79
CA TRP E 56 -37.92 -68.08 7.18
C TRP E 56 -37.97 -69.60 7.09
N LYS E 57 -38.48 -70.25 8.13
CA LYS E 57 -38.61 -71.71 8.11
C LYS E 57 -39.58 -72.15 7.03
N GLN E 58 -40.67 -71.41 6.84
CA GLN E 58 -41.60 -71.72 5.76
C GLN E 58 -40.93 -71.58 4.40
N GLU E 59 -40.10 -70.54 4.23
CA GLU E 59 -39.36 -70.38 2.99
C GLU E 59 -38.41 -71.55 2.76
N ILE E 60 -37.75 -72.02 3.81
CA ILE E 60 -36.87 -73.17 3.70
C ILE E 60 -37.67 -74.40 3.30
N GLU E 61 -38.86 -74.57 3.86
CA GLU E 61 -39.72 -75.69 3.48
C GLU E 61 -40.12 -75.62 2.01
N ALA E 62 -40.40 -74.41 1.51
CA ALA E 62 -40.71 -74.26 0.09
C ALA E 62 -39.52 -74.65 -0.78
N LYS E 63 -38.31 -74.23 -0.37
CA LYS E 63 -37.11 -74.63 -1.10
C LYS E 63 -36.95 -76.16 -1.10
N LYS E 64 -37.20 -76.78 0.05
CA LYS E 64 -37.12 -78.24 0.14
C LYS E 64 -38.13 -78.90 -0.80
N LEU E 65 -39.35 -78.36 -0.86
CA LEU E 65 -40.37 -78.92 -1.75
C LEU E 65 -39.94 -78.82 -3.21
N ASN E 66 -39.38 -77.67 -3.61
CA ASN E 66 -38.90 -77.53 -4.98
C ASN E 66 -37.78 -78.51 -5.27
N ILE E 67 -36.86 -78.68 -4.33
CA ILE E 67 -35.74 -79.61 -4.52
C ILE E 67 -36.26 -81.04 -4.68
N ASN E 68 -37.21 -81.44 -3.83
CA ASN E 68 -37.76 -82.79 -3.92
C ASN E 68 -38.51 -82.99 -5.23
N SER E 69 -39.23 -81.96 -5.69
CA SER E 69 -39.90 -82.06 -6.98
C SER E 69 -38.90 -82.25 -8.11
N LEU E 70 -37.80 -81.51 -8.07
CA LEU E 70 -36.77 -81.67 -9.10
C LEU E 70 -36.17 -83.07 -9.07
N LYS E 71 -35.89 -83.58 -7.86
CA LYS E 71 -35.31 -84.91 -7.74
C LYS E 71 -36.27 -85.98 -8.26
N GLU E 72 -37.55 -85.87 -7.92
CA GLU E 72 -38.54 -86.83 -8.39
C GLU E 72 -38.69 -86.77 -9.91
N GLY E 73 -38.69 -85.55 -10.46
CA GLY E 73 -38.76 -85.42 -11.91
C GLY E 73 -37.58 -86.05 -12.61
N LEU E 74 -36.37 -85.85 -12.07
CA LEU E 74 -35.20 -86.48 -12.65
C LEU E 74 -35.29 -88.00 -12.55
N LYS E 75 -35.73 -88.51 -11.40
CA LYS E 75 -35.81 -89.96 -11.21
C LYS E 75 -36.82 -90.60 -12.16
N THR E 76 -37.96 -89.92 -12.38
CA THR E 76 -39.02 -90.51 -13.18
C THR E 76 -38.57 -90.78 -14.61
N GLU E 77 -37.89 -89.82 -15.23
CA GLU E 77 -37.49 -89.91 -16.63
C GLU E 77 -35.98 -90.01 -16.79
N LYS E 78 -35.32 -90.71 -15.85
CA LYS E 78 -33.87 -90.82 -15.92
C LYS E 78 -33.40 -91.73 -17.06
N ALA E 79 -34.25 -92.66 -17.51
CA ALA E 79 -33.85 -93.58 -18.57
C ALA E 79 -33.87 -92.93 -19.94
N LEU E 80 -34.74 -91.94 -20.15
CA LEU E 80 -34.92 -91.32 -21.45
C LEU E 80 -33.92 -90.19 -21.72
N LEU E 81 -33.06 -89.87 -20.77
CA LEU E 81 -32.11 -88.78 -20.91
C LEU E 81 -30.73 -89.32 -21.25
N THR E 82 -29.97 -88.52 -22.00
CA THR E 82 -28.58 -88.84 -22.28
C THR E 82 -27.72 -88.52 -21.06
N LYS E 83 -26.45 -88.93 -21.12
CA LYS E 83 -25.55 -88.69 -20.00
C LYS E 83 -25.35 -87.20 -19.76
N GLU E 84 -25.23 -86.41 -20.83
CA GLU E 84 -25.04 -84.98 -20.69
C GLU E 84 -26.23 -84.33 -19.99
N LEU E 85 -27.45 -84.66 -20.44
CA LEU E 85 -28.64 -84.08 -19.84
C LEU E 85 -28.77 -84.49 -18.38
N ILE E 86 -28.48 -85.75 -18.06
CA ILE E 86 -28.49 -86.21 -16.68
C ILE E 86 -27.51 -85.39 -15.86
N GLU E 87 -26.33 -85.12 -16.42
CA GLU E 87 -25.33 -84.33 -15.71
C GLU E 87 -25.84 -82.91 -15.43
N GLU E 88 -26.48 -82.28 -16.43
CA GLU E 88 -26.98 -80.93 -16.20
C GLU E 88 -28.08 -80.92 -15.14
N ARG E 89 -29.00 -81.89 -15.19
CA ARG E 89 -30.06 -81.94 -14.19
C ARG E 89 -29.49 -82.17 -12.79
N GLU E 90 -28.50 -83.06 -12.67
CA GLU E 90 -27.89 -83.32 -11.38
C GLU E 90 -27.14 -82.09 -10.86
N THR E 91 -26.45 -81.37 -11.74
CA THR E 91 -25.77 -80.15 -11.31
C THR E 91 -26.77 -79.10 -10.85
N GLU E 92 -27.90 -78.98 -11.55
CA GLU E 92 -28.93 -78.04 -11.12
C GLU E 92 -29.49 -78.41 -9.76
N ILE E 93 -29.74 -79.70 -9.54
CA ILE E 93 -30.24 -80.15 -8.24
C ILE E 93 -29.22 -79.86 -7.14
N LYS E 94 -27.94 -80.12 -7.43
CA LYS E 94 -26.89 -79.84 -6.44
C LYS E 94 -26.80 -78.35 -6.15
N PHE E 95 -26.94 -77.51 -7.18
CA PHE E 95 -26.93 -76.07 -6.98
C PHE E 95 -28.09 -75.63 -6.10
N GLN E 96 -29.28 -76.19 -6.34
CA GLN E 96 -30.43 -75.86 -5.50
C GLN E 96 -30.21 -76.30 -4.07
N GLU E 97 -29.66 -77.50 -3.87
CA GLU E 97 -29.39 -77.99 -2.51
C GLU E 97 -28.37 -77.11 -1.80
N ASN E 98 -27.31 -76.69 -2.52
CA ASN E 98 -26.31 -75.83 -1.92
C ASN E 98 -26.89 -74.46 -1.58
N GLU E 99 -27.76 -73.93 -2.45
CA GLU E 99 -28.43 -72.67 -2.14
C GLU E 99 -29.30 -72.78 -0.90
N MET E 100 -30.03 -73.89 -0.78
CA MET E 100 -30.85 -74.09 0.41
C MET E 100 -30.00 -74.20 1.67
N LEU E 101 -28.88 -74.93 1.58
CA LEU E 101 -27.99 -75.04 2.73
C LEU E 101 -27.40 -73.68 3.11
N ASP E 102 -27.00 -72.89 2.11
CA ASP E 102 -26.46 -71.57 2.38
C ASP E 102 -27.51 -70.67 3.04
N TYR E 103 -28.74 -70.71 2.55
CA TYR E 103 -29.81 -69.92 3.17
C TYR E 103 -30.06 -70.37 4.60
N GLN E 104 -30.08 -71.68 4.84
CA GLN E 104 -30.30 -72.18 6.18
C GLN E 104 -29.20 -71.75 7.14
N GLN E 105 -27.94 -71.82 6.69
CA GLN E 105 -26.84 -71.41 7.55
C GLN E 105 -26.83 -69.91 7.76
N LYS E 106 -27.22 -69.13 6.74
CA LYS E 106 -27.22 -67.68 6.87
C LYS E 106 -28.33 -67.20 7.79
N GLN E 107 -29.47 -67.89 7.81
CA GLN E 107 -30.59 -67.44 8.64
C GLN E 107 -30.57 -68.03 10.04
N PHE E 108 -30.18 -69.31 10.19
CA PHE E 108 -30.27 -69.99 11.47
C PHE E 108 -28.92 -70.48 11.98
N GLY E 109 -27.82 -70.01 11.42
CA GLY E 109 -26.52 -70.43 11.89
C GLY E 109 -26.22 -69.92 13.28
N ALA E 110 -25.09 -70.39 13.82
CA ALA E 110 -24.68 -69.97 15.16
C ALA E 110 -24.46 -68.46 15.23
N ASP E 111 -24.02 -67.86 14.13
CA ASP E 111 -23.89 -66.41 14.00
C ASP E 111 -24.74 -65.91 12.83
N GLY E 112 -25.92 -66.49 12.67
CA GLY E 112 -26.79 -66.14 11.57
C GLY E 112 -27.63 -64.91 11.85
N ASN E 113 -28.57 -64.66 10.93
CA ASN E 113 -29.43 -63.49 11.06
C ASN E 113 -30.30 -63.58 12.30
N LEU E 114 -30.88 -64.75 12.56
CA LEU E 114 -31.80 -64.90 13.69
C LEU E 114 -31.08 -64.67 15.02
N MET E 115 -29.92 -65.30 15.19
CA MET E 115 -29.20 -65.17 16.45
C MET E 115 -28.66 -63.75 16.64
N ARG E 116 -28.12 -63.16 15.57
CA ARG E 116 -27.62 -61.79 15.68
C ARG E 116 -28.73 -60.80 16.00
N GLN E 117 -29.91 -60.98 15.38
CA GLN E 117 -31.02 -60.10 15.68
C GLN E 117 -31.57 -60.33 17.09
N LYS E 118 -31.53 -61.57 17.58
CA LYS E 118 -31.94 -61.83 18.95
C LYS E 118 -30.99 -61.16 19.94
N ALA E 119 -29.69 -61.20 19.66
CA ALA E 119 -28.70 -60.63 20.56
C ALA E 119 -28.78 -59.10 20.58
N ALA E 120 -29.23 -58.49 19.49
CA ALA E 120 -29.27 -57.04 19.38
C ALA E 120 -30.56 -56.44 19.93
N LEU E 121 -31.52 -57.26 20.36
CA LEU E 121 -32.79 -56.72 20.84
C LEU E 121 -32.63 -56.01 22.17
N ALA E 122 -31.81 -56.56 23.07
CA ALA E 122 -31.69 -56.05 24.43
C ALA E 122 -30.63 -54.97 24.58
N LYS E 123 -29.90 -54.63 23.52
CA LYS E 123 -28.83 -53.65 23.64
C LYS E 123 -29.33 -52.27 24.07
N PRO E 124 -30.38 -51.68 23.46
CA PRO E 124 -30.89 -50.42 24.01
C PRO E 124 -31.39 -50.54 25.44
N ILE E 125 -32.02 -51.67 25.79
CA ILE E 125 -32.44 -51.89 27.16
C ILE E 125 -31.25 -51.98 28.09
N GLN E 126 -30.17 -52.61 27.62
CA GLN E 126 -28.95 -52.67 28.42
C GLN E 126 -28.36 -51.28 28.64
N ASP E 127 -28.37 -50.45 27.60
CA ASP E 127 -27.91 -49.07 27.75
C ASP E 127 -28.72 -48.32 28.79
N GLN E 128 -30.05 -48.40 28.70
CA GLN E 128 -30.91 -47.71 29.65
C GLN E 128 -30.71 -48.23 31.06
N VAL E 129 -30.57 -49.55 31.20
CA VAL E 129 -30.36 -50.15 32.52
C VAL E 129 -29.04 -49.69 33.10
N PHE E 130 -27.98 -49.65 32.28
CA PHE E 130 -26.68 -49.19 32.76
C PHE E 130 -26.76 -47.75 33.25
N THR E 131 -27.40 -46.88 32.47
CA THR E 131 -27.52 -45.48 32.89
C THR E 131 -28.32 -45.35 34.18
N ALA E 132 -29.44 -46.08 34.27
CA ALA E 132 -30.27 -46.02 35.47
C ALA E 132 -29.51 -46.56 36.69
N VAL E 133 -28.70 -47.60 36.49
CA VAL E 133 -27.94 -48.16 37.60
C VAL E 133 -26.88 -47.18 38.07
N GLN E 134 -26.20 -46.51 37.13
CA GLN E 134 -25.24 -45.48 37.53
C GLN E 134 -25.93 -44.39 38.35
N ASP E 135 -27.09 -43.93 37.88
CA ASP E 135 -27.79 -42.87 38.60
C ASP E 135 -28.27 -43.32 39.97
N ILE E 136 -28.79 -44.54 40.07
CA ILE E 136 -29.27 -45.05 41.36
C ILE E 136 -28.11 -45.22 42.33
N ALA E 137 -26.99 -45.77 41.86
CA ALA E 137 -25.83 -45.94 42.73
C ALA E 137 -25.24 -44.60 43.14
N GLU E 138 -25.41 -43.57 42.32
CA GLU E 138 -25.01 -42.23 42.76
C GLU E 138 -25.96 -41.70 43.83
N ALA E 139 -27.27 -41.84 43.60
CA ALA E 139 -28.27 -41.35 44.53
C ALA E 139 -28.17 -42.05 45.89
N LYS E 140 -28.45 -43.35 45.91
CA LYS E 140 -28.28 -44.15 47.12
C LYS E 140 -26.84 -44.65 47.17
N ASN E 141 -26.21 -44.51 48.33
CA ASN E 141 -24.77 -44.75 48.44
C ASN E 141 -24.50 -46.24 48.34
N TYR E 142 -24.48 -46.73 47.10
CA TYR E 142 -24.12 -48.11 46.80
C TYR E 142 -22.68 -48.17 46.34
N ASP E 143 -21.91 -49.08 46.92
CA ASP E 143 -20.53 -49.25 46.51
C ASP E 143 -20.40 -50.18 45.31
N PHE E 144 -21.23 -51.23 45.26
CA PHE E 144 -21.22 -52.17 44.15
C PHE E 144 -22.65 -52.49 43.74
N ILE E 145 -22.87 -52.63 42.43
CA ILE E 145 -24.13 -53.11 41.89
C ILE E 145 -23.81 -54.26 40.96
N PHE E 146 -24.31 -55.45 41.29
CA PHE E 146 -24.03 -56.66 40.53
C PHE E 146 -25.23 -57.02 39.66
N ASP E 147 -24.94 -57.75 38.58
CA ASP E 147 -25.98 -58.40 37.79
C ASP E 147 -26.13 -59.81 38.34
N LYS E 148 -27.21 -60.05 39.09
CA LYS E 148 -27.37 -61.32 39.80
C LYS E 148 -27.49 -62.49 38.85
N SER E 149 -27.96 -62.27 37.63
CA SER E 149 -28.21 -63.34 36.68
C SER E 149 -27.05 -63.60 35.74
N SER E 150 -25.94 -62.88 35.89
CA SER E 150 -24.79 -63.11 35.01
C SER E 150 -24.12 -64.45 35.29
N ASP E 151 -24.05 -64.84 36.56
CA ASP E 151 -23.44 -66.10 36.94
C ASP E 151 -24.10 -66.58 38.24
N LEU E 152 -23.58 -67.68 38.79
CA LEU E 152 -24.14 -68.31 39.96
C LEU E 152 -23.39 -67.97 41.24
N THR E 153 -22.54 -66.94 41.22
CA THR E 153 -21.79 -66.57 42.41
C THR E 153 -22.73 -66.11 43.52
N MET E 154 -23.75 -65.33 43.19
CA MET E 154 -24.70 -64.82 44.18
C MET E 154 -25.71 -65.92 44.49
N LEU E 155 -25.48 -66.65 45.58
CA LEU E 155 -26.38 -67.73 45.95
C LEU E 155 -27.63 -67.17 46.65
N PHE E 156 -27.44 -66.51 47.78
CA PHE E 156 -28.53 -65.87 48.51
C PHE E 156 -28.34 -64.36 48.48
N SER E 157 -29.37 -63.65 48.04
CA SER E 157 -29.36 -62.19 48.01
C SER E 157 -30.60 -61.69 48.73
N ASN E 158 -30.39 -60.80 49.70
CA ASN E 158 -31.52 -60.20 50.39
C ASN E 158 -32.29 -59.30 49.44
N LYS E 159 -33.62 -59.45 49.43
CA LYS E 159 -34.45 -58.67 48.53
C LYS E 159 -34.46 -57.19 48.85
N ARG E 160 -33.97 -56.80 50.02
CA ARG E 160 -33.91 -55.39 50.37
C ARG E 160 -32.97 -54.61 49.47
N PHE E 161 -31.96 -55.27 48.92
CA PHE E 161 -30.95 -54.62 48.09
C PHE E 161 -31.20 -54.82 46.60
N ASP E 162 -32.35 -55.36 46.22
CA ASP E 162 -32.69 -55.55 44.82
C ASP E 162 -33.25 -54.24 44.27
N ILE E 163 -32.52 -53.62 43.35
CA ILE E 163 -32.96 -52.37 42.73
C ILE E 163 -33.57 -52.63 41.35
N SER E 164 -33.94 -53.87 41.06
CA SER E 164 -34.50 -54.20 39.74
C SER E 164 -35.84 -53.50 39.53
N ASP E 165 -36.68 -53.45 40.57
CA ASP E 165 -37.98 -52.81 40.42
C ASP E 165 -37.85 -51.30 40.23
N GLN E 166 -36.86 -50.69 40.88
CA GLN E 166 -36.58 -49.28 40.66
C GLN E 166 -36.15 -49.03 39.22
N VAL E 167 -35.29 -49.91 38.68
CA VAL E 167 -34.86 -49.78 37.29
C VAL E 167 -36.04 -49.95 36.35
N ILE E 168 -36.95 -50.88 36.66
CA ILE E 168 -38.13 -51.08 35.83
C ILE E 168 -39.03 -49.85 35.87
N ARG E 169 -39.20 -49.26 37.05
CA ARG E 169 -39.99 -48.03 37.16
C ARG E 169 -39.37 -46.91 36.33
N ILE E 170 -38.04 -46.77 36.39
CA ILE E 170 -37.37 -45.75 35.60
C ILE E 170 -37.57 -46.00 34.11
N LEU E 171 -37.43 -47.26 33.68
CA LEU E 171 -37.57 -47.59 32.26
C LEU E 171 -38.97 -47.29 31.77
N ASN E 172 -39.98 -47.64 32.57
CA ASN E 172 -41.36 -47.31 32.20
C ASN E 172 -41.58 -45.81 32.17
N ARG E 173 -40.98 -45.09 33.12
CA ARG E 173 -41.13 -43.64 33.17
C ARG E 173 -40.58 -42.97 31.91
N THR E 174 -39.41 -43.42 31.45
CA THR E 174 -38.88 -42.85 30.21
C THR E 174 -39.63 -43.34 28.98
N ASP E 175 -40.19 -44.55 29.03
CA ASP E 175 -40.95 -45.04 27.89
C ASP E 175 -42.24 -44.24 27.71
N LYS E 176 -42.93 -43.92 28.81
CA LYS E 176 -44.19 -43.20 28.76
C LYS E 176 -44.03 -41.72 29.06
N ARG E 177 -42.92 -41.12 28.62
CA ARG E 177 -42.68 -39.70 28.85
C ARG E 177 -43.72 -38.86 28.12
N GLU E 178 -43.97 -37.66 28.65
CA GLU E 178 -44.91 -36.74 28.03
C GLU E 178 -44.35 -35.32 28.11
N GLN E 179 -44.50 -34.58 27.02
CA GLN E 179 -44.05 -33.19 26.98
C GLN E 179 -45.01 -32.32 27.78
N LEU E 180 -44.45 -31.46 28.61
CA LEU E 180 -45.26 -30.54 29.40
C LEU E 180 -45.88 -29.48 28.51
N ASN E 181 -47.00 -28.93 28.98
CA ASN E 181 -47.70 -27.88 28.24
C ASN E 181 -47.00 -26.54 28.45
N LYS E 182 -47.46 -25.53 27.71
CA LYS E 182 -46.90 -24.20 27.83
C LYS E 182 -47.08 -23.64 29.24
N LYS E 183 -48.27 -23.82 29.81
CA LYS E 183 -48.50 -23.41 31.19
C LYS E 183 -47.60 -24.19 32.15
N GLN E 184 -47.51 -25.51 31.95
CA GLN E 184 -46.64 -26.32 32.80
C GLN E 184 -45.17 -25.93 32.63
N LEU E 185 -44.76 -25.65 31.39
CA LEU E 185 -43.38 -25.24 31.16
C LEU E 185 -43.07 -23.90 31.82
N LYS E 186 -43.99 -22.95 31.73
CA LYS E 186 -43.80 -21.66 32.41
C LYS E 186 -43.74 -21.84 33.92
N GLU E 187 -44.61 -22.69 34.47
CA GLU E 187 -44.58 -22.95 35.90
C GLU E 187 -43.25 -23.59 36.31
N GLN E 188 -42.75 -24.53 35.52
CA GLN E 188 -41.47 -25.16 35.82
C GLN E 188 -40.33 -24.16 35.75
N GLU E 189 -40.35 -23.27 34.75
CA GLU E 189 -39.31 -22.25 34.66
C GLU E 189 -39.35 -21.31 35.86
N ALA E 190 -40.55 -20.89 36.27
CA ALA E 190 -40.67 -20.03 37.44
C ALA E 190 -40.19 -20.74 38.70
N LYS E 191 -40.52 -22.03 38.85
CA LYS E 191 -40.10 -22.77 40.03
C LYS E 191 -38.58 -22.94 40.07
N GLU E 192 -37.97 -23.31 38.94
CA GLU E 192 -36.53 -23.57 38.93
C GLU E 192 -35.71 -22.29 38.88
N ASN E 193 -36.32 -21.16 38.54
CA ASN E 193 -35.61 -19.88 38.51
C ASN E 193 -35.70 -19.13 39.83
N ARG E 194 -36.29 -19.72 40.86
CA ARG E 194 -36.49 -19.05 42.14
C ARG E 194 -35.21 -18.95 42.97
N GLU E 195 -34.14 -19.66 42.59
CA GLU E 195 -32.88 -19.54 43.30
C GLU E 195 -32.16 -18.24 42.99
N ASN E 196 -32.42 -17.65 41.82
CA ASN E 196 -31.81 -16.37 41.45
C ASN E 196 -32.70 -15.63 40.44
N THR F 24 -16.83 -52.70 58.30
CA THR F 24 -16.06 -53.79 58.90
C THR F 24 -15.86 -54.92 57.91
N THR F 25 -16.51 -54.80 56.74
CA THR F 25 -16.36 -55.76 55.66
C THR F 25 -16.11 -54.98 54.38
N ARG F 26 -14.86 -54.96 53.93
CA ARG F 26 -14.46 -54.21 52.75
C ARG F 26 -14.30 -55.13 51.56
N ILE F 27 -14.67 -54.63 50.39
CA ILE F 27 -14.60 -55.39 49.15
C ILE F 27 -13.83 -54.57 48.12
N GLY F 28 -12.84 -55.20 47.48
CA GLY F 28 -12.13 -54.60 46.37
C GLY F 28 -12.26 -55.48 45.15
N TYR F 29 -11.78 -54.97 44.02
CA TYR F 29 -11.80 -55.72 42.77
C TYR F 29 -10.48 -55.52 42.05
N ILE F 30 -10.17 -56.45 41.13
CA ILE F 30 -8.82 -56.61 40.60
C ILE F 30 -8.75 -56.34 39.10
N ASP F 31 -9.76 -56.77 38.33
CA ASP F 31 -9.74 -56.66 36.87
C ASP F 31 -8.49 -57.35 36.29
N MET F 32 -8.48 -58.68 36.44
CA MET F 32 -7.31 -59.47 36.10
C MET F 32 -6.90 -59.35 34.63
N GLU F 33 -7.86 -59.07 33.74
CA GLU F 33 -7.51 -58.93 32.32
C GLU F 33 -6.52 -57.79 32.11
N TYR F 34 -6.82 -56.63 32.68
CA TYR F 34 -5.94 -55.47 32.54
C TYR F 34 -4.59 -55.72 33.20
N ILE F 35 -4.59 -56.42 34.34
CA ILE F 35 -3.33 -56.70 35.04
C ILE F 35 -2.46 -57.62 34.20
N LEU F 36 -3.05 -58.70 33.67
CA LEU F 36 -2.28 -59.64 32.84
C LEU F 36 -1.85 -59.01 31.53
N GLU F 37 -2.57 -57.99 31.05
CA GLU F 37 -2.10 -57.26 29.88
C GLU F 37 -0.80 -56.51 30.14
N ASN F 38 -0.45 -56.28 31.41
CA ASN F 38 0.75 -55.54 31.78
C ASN F 38 1.83 -56.44 32.37
N VAL F 39 1.78 -57.73 32.10
CA VAL F 39 2.79 -58.68 32.55
C VAL F 39 3.37 -59.37 31.33
N SER F 40 4.69 -59.25 31.15
CA SER F 40 5.35 -59.87 29.99
C SER F 40 5.40 -61.38 30.13
N ASP F 41 5.47 -61.89 31.36
CA ASP F 41 5.49 -63.32 31.58
C ASP F 41 4.22 -63.98 31.04
N TYR F 42 3.09 -63.27 31.06
CA TYR F 42 1.86 -63.81 30.51
C TYR F 42 2.00 -64.04 29.01
N LYS F 43 2.53 -63.05 28.29
CA LYS F 43 2.72 -63.21 26.85
C LYS F 43 3.74 -64.31 26.55
N GLU F 44 4.80 -64.40 27.35
CA GLU F 44 5.78 -65.45 27.15
C GLU F 44 5.15 -66.83 27.36
N ALA F 45 4.32 -66.97 28.39
CA ALA F 45 3.65 -68.24 28.64
C ALA F 45 2.69 -68.60 27.53
N LYS F 46 1.96 -67.60 27.00
CA LYS F 46 1.08 -67.87 25.87
C LYS F 46 1.86 -68.33 24.66
N SER F 47 3.01 -67.70 24.39
CA SER F 47 3.85 -68.11 23.27
C SER F 47 4.38 -69.53 23.47
N GLN F 48 4.81 -69.87 24.68
CA GLN F 48 5.29 -71.22 24.94
C GLN F 48 4.19 -72.25 24.75
N LEU F 49 2.99 -71.94 25.22
CA LEU F 49 1.86 -72.85 25.03
C LEU F 49 1.54 -73.04 23.56
N GLU F 50 1.58 -71.95 22.78
CA GLU F 50 1.35 -72.07 21.34
C GLU F 50 2.42 -72.91 20.68
N LEU F 51 3.68 -72.75 21.09
CA LEU F 51 4.75 -73.56 20.53
C LEU F 51 4.56 -75.04 20.84
N LYS F 52 4.18 -75.36 22.07
CA LYS F 52 3.94 -76.76 22.42
C LYS F 52 2.76 -77.33 21.63
N ALA F 53 1.70 -76.54 21.46
CA ALA F 53 0.57 -76.99 20.66
C ALA F 53 0.98 -77.25 19.22
N GLN F 54 1.82 -76.37 18.66
CA GLN F 54 2.30 -76.57 17.29
C GLN F 54 3.15 -77.83 17.18
N LYS F 55 3.98 -78.10 18.18
CA LYS F 55 4.77 -79.34 18.17
C LYS F 55 3.88 -80.56 18.17
N TRP F 56 2.86 -80.57 19.04
CA TRP F 56 1.93 -81.69 19.08
C TRP F 56 1.20 -81.84 17.74
N LYS F 57 0.79 -80.71 17.15
CA LYS F 57 0.10 -80.75 15.87
C LYS F 57 0.99 -81.31 14.77
N GLN F 58 2.28 -80.95 14.79
CA GLN F 58 3.20 -81.47 13.78
C GLN F 58 3.39 -82.98 13.95
N GLU F 59 3.50 -83.46 15.20
CA GLU F 59 3.61 -84.89 15.41
C GLU F 59 2.36 -85.62 14.92
N ILE F 60 1.19 -85.07 15.22
CA ILE F 60 -0.06 -85.68 14.78
C ILE F 60 -0.15 -85.67 13.25
N GLU F 61 0.33 -84.60 12.62
CA GLU F 61 0.33 -84.54 11.16
C GLU F 61 1.26 -85.58 10.56
N ALA F 62 2.40 -85.83 11.20
CA ALA F 62 3.29 -86.89 10.73
C ALA F 62 2.61 -88.25 10.84
N LYS F 63 1.92 -88.51 11.96
CA LYS F 63 1.19 -89.76 12.09
C LYS F 63 0.10 -89.87 11.03
N LYS F 64 -0.59 -88.77 10.74
CA LYS F 64 -1.62 -88.77 9.70
C LYS F 64 -1.01 -89.06 8.33
N LEU F 65 0.17 -88.50 8.06
CA LEU F 65 0.84 -88.79 6.79
C LEU F 65 1.18 -90.27 6.68
N ASN F 66 1.68 -90.87 7.76
CA ASN F 66 1.97 -92.30 7.74
C ASN F 66 0.72 -93.13 7.50
N ILE F 67 -0.38 -92.78 8.19
CA ILE F 67 -1.62 -93.53 8.03
C ILE F 67 -2.17 -93.38 6.62
N ASN F 68 -2.07 -92.18 6.05
CA ASN F 68 -2.54 -91.97 4.69
C ASN F 68 -1.69 -92.73 3.68
N SER F 69 -0.38 -92.80 3.93
CA SER F 69 0.48 -93.60 3.07
C SER F 69 0.09 -95.07 3.13
N LEU F 70 -0.19 -95.58 4.33
CA LEU F 70 -0.64 -96.97 4.44
C LEU F 70 -1.96 -97.18 3.71
N LYS F 71 -2.90 -96.24 3.85
CA LYS F 71 -4.18 -96.37 3.17
C LYS F 71 -4.01 -96.37 1.65
N GLU F 72 -3.15 -95.50 1.14
CA GLU F 72 -2.92 -95.46 -0.31
C GLU F 72 -2.24 -96.74 -0.78
N GLY F 73 -1.29 -97.26 0.00
CA GLY F 73 -0.66 -98.51 -0.36
C GLY F 73 -1.63 -99.67 -0.41
N LEU F 74 -2.57 -99.71 0.54
CA LEU F 74 -3.61 -100.73 0.49
C LEU F 74 -4.53 -100.51 -0.71
N LYS F 75 -4.85 -99.26 -1.02
CA LYS F 75 -5.76 -98.96 -2.11
C LYS F 75 -5.17 -99.38 -3.46
N THR F 76 -3.85 -99.17 -3.64
CA THR F 76 -3.23 -99.48 -4.92
C THR F 76 -3.19 -100.98 -5.22
N GLU F 77 -3.46 -101.83 -4.23
CA GLU F 77 -3.47 -103.28 -4.44
C GLU F 77 -4.79 -103.91 -4.01
N LYS F 78 -5.84 -103.11 -3.81
CA LYS F 78 -7.11 -103.65 -3.35
C LYS F 78 -7.79 -104.53 -4.41
N ALA F 79 -7.44 -104.37 -5.68
CA ALA F 79 -8.06 -105.11 -6.76
C ALA F 79 -7.21 -106.28 -7.25
N LEU F 80 -6.14 -106.62 -6.53
CA LEU F 80 -5.25 -107.69 -6.96
C LEU F 80 -5.17 -108.86 -5.99
N LEU F 81 -4.96 -108.60 -4.70
CA LEU F 81 -4.77 -109.67 -3.75
C LEU F 81 -6.10 -110.18 -3.22
N THR F 82 -6.04 -111.28 -2.48
CA THR F 82 -7.24 -111.95 -1.98
C THR F 82 -7.83 -111.17 -0.81
N LYS F 83 -8.90 -111.73 -0.23
CA LYS F 83 -9.62 -111.06 0.83
C LYS F 83 -8.89 -111.14 2.17
N GLU F 84 -8.14 -112.21 2.42
CA GLU F 84 -7.47 -112.34 3.71
C GLU F 84 -6.37 -111.28 3.87
N LEU F 85 -5.58 -111.05 2.82
CA LEU F 85 -4.55 -110.01 2.88
C LEU F 85 -5.17 -108.63 3.03
N ILE F 86 -6.27 -108.39 2.31
CA ILE F 86 -6.97 -107.10 2.42
C ILE F 86 -7.47 -106.89 3.84
N GLU F 87 -8.06 -107.92 4.44
CA GLU F 87 -8.57 -107.81 5.80
C GLU F 87 -7.43 -107.58 6.79
N GLU F 88 -6.31 -108.28 6.61
CA GLU F 88 -5.17 -108.08 7.51
C GLU F 88 -4.62 -106.67 7.41
N ARG F 89 -4.49 -106.14 6.19
CA ARG F 89 -4.00 -104.78 6.03
C ARG F 89 -4.99 -103.78 6.59
N GLU F 90 -6.30 -104.02 6.45
CA GLU F 90 -7.29 -103.15 7.02
C GLU F 90 -7.24 -103.16 8.54
N THR F 91 -7.00 -104.33 9.14
CA THR F 91 -6.84 -104.39 10.59
C THR F 91 -5.60 -103.64 11.04
N GLU F 92 -4.51 -103.73 10.27
CA GLU F 92 -3.33 -102.95 10.59
C GLU F 92 -3.60 -101.45 10.51
N ILE F 93 -4.34 -101.02 9.49
CA ILE F 93 -4.69 -99.61 9.36
C ILE F 93 -5.56 -99.17 10.53
N LYS F 94 -6.51 -100.00 10.93
CA LYS F 94 -7.37 -99.67 12.08
C LYS F 94 -6.54 -99.58 13.36
N PHE F 95 -5.56 -100.47 13.52
CA PHE F 95 -4.68 -100.40 14.69
C PHE F 95 -3.88 -99.11 14.69
N GLN F 96 -3.38 -98.69 13.53
CA GLN F 96 -2.66 -97.43 13.43
C GLN F 96 -3.55 -96.25 13.75
N GLU F 97 -4.80 -96.28 13.28
CA GLU F 97 -5.73 -95.19 13.57
C GLU F 97 -6.08 -95.14 15.05
N ASN F 98 -6.24 -96.30 15.69
CA ASN F 98 -6.48 -96.33 17.12
C ASN F 98 -5.27 -95.80 17.89
N GLU F 99 -4.05 -96.11 17.42
CA GLU F 99 -2.86 -95.54 18.06
C GLU F 99 -2.83 -94.03 17.91
N MET F 100 -3.22 -93.52 16.74
CA MET F 100 -3.33 -92.07 16.57
C MET F 100 -4.35 -91.48 17.53
N LEU F 101 -5.50 -92.13 17.68
CA LEU F 101 -6.54 -91.61 18.58
C LEU F 101 -6.04 -91.59 20.02
N ASP F 102 -5.32 -92.64 20.43
CA ASP F 102 -4.75 -92.67 21.78
C ASP F 102 -3.74 -91.55 21.96
N TYR F 103 -2.88 -91.31 20.95
CA TYR F 103 -1.90 -90.24 21.05
C TYR F 103 -2.57 -88.88 21.14
N GLN F 104 -3.62 -88.66 20.35
CA GLN F 104 -4.35 -87.40 20.38
C GLN F 104 -5.02 -87.19 21.73
N GLN F 105 -5.62 -88.25 22.28
CA GLN F 105 -6.26 -88.14 23.59
C GLN F 105 -5.22 -87.91 24.70
N LYS F 106 -4.01 -88.44 24.52
CA LYS F 106 -2.96 -88.22 25.51
C LYS F 106 -2.44 -86.78 25.45
N GLN F 107 -2.27 -86.24 24.24
CA GLN F 107 -1.68 -84.92 24.10
C GLN F 107 -2.70 -83.81 24.31
N PHE F 108 -3.73 -83.78 23.46
CA PHE F 108 -4.73 -82.71 23.50
C PHE F 108 -5.97 -83.05 24.31
N GLY F 109 -5.99 -84.21 24.96
CA GLY F 109 -7.19 -84.67 25.61
C GLY F 109 -7.56 -83.87 26.85
N ALA F 110 -8.67 -84.28 27.47
CA ALA F 110 -9.21 -83.58 28.62
C ALA F 110 -8.32 -83.65 29.85
N ASP F 111 -7.31 -84.54 29.85
CA ASP F 111 -6.42 -84.66 31.00
C ASP F 111 -5.07 -85.18 30.49
N GLY F 112 -4.10 -84.27 30.37
CA GLY F 112 -2.76 -84.69 30.03
C GLY F 112 -2.08 -83.86 28.97
N ASN F 113 -0.90 -83.33 29.31
CA ASN F 113 0.05 -82.74 28.37
C ASN F 113 -0.46 -81.43 27.75
N LEU F 114 -1.71 -81.08 28.01
CA LEU F 114 -2.21 -79.74 27.70
C LEU F 114 -2.75 -79.04 28.95
N MET F 115 -3.57 -79.73 29.74
CA MET F 115 -3.94 -79.20 31.04
C MET F 115 -2.72 -79.09 31.95
N ARG F 116 -1.86 -80.10 31.95
CA ARG F 116 -0.66 -80.05 32.77
C ARG F 116 0.28 -78.94 32.31
N GLN F 117 0.46 -78.80 30.99
CA GLN F 117 1.32 -77.73 30.48
C GLN F 117 0.73 -76.36 30.80
N LYS F 118 -0.59 -76.20 30.65
CA LYS F 118 -1.21 -74.93 30.98
C LYS F 118 -1.04 -74.59 32.46
N ALA F 119 -1.26 -75.57 33.34
CA ALA F 119 -1.08 -75.33 34.76
C ALA F 119 0.36 -74.98 35.10
N ALA F 120 1.31 -75.69 34.50
CA ALA F 120 2.72 -75.42 34.77
C ALA F 120 3.11 -74.03 34.30
N LEU F 121 2.61 -73.61 33.12
CA LEU F 121 2.95 -72.30 32.60
C LEU F 121 2.29 -71.19 33.41
N ALA F 122 1.07 -71.42 33.90
CA ALA F 122 0.33 -70.39 34.62
C ALA F 122 0.67 -70.34 36.10
N LYS F 123 1.35 -71.35 36.65
CA LYS F 123 1.68 -71.33 38.07
C LYS F 123 2.57 -70.16 38.47
N PRO F 124 3.66 -69.83 37.76
CA PRO F 124 4.48 -68.69 38.22
C PRO F 124 3.77 -67.35 38.11
N ILE F 125 3.04 -67.11 37.01
CA ILE F 125 2.31 -65.86 36.86
C ILE F 125 1.25 -65.73 37.95
N GLN F 126 0.54 -66.82 38.23
CA GLN F 126 -0.43 -66.82 39.33
C GLN F 126 0.26 -66.52 40.65
N ASP F 127 1.44 -67.09 40.86
CA ASP F 127 2.16 -66.85 42.12
C ASP F 127 2.47 -65.37 42.28
N GLN F 128 3.06 -64.74 41.26
CA GLN F 128 3.40 -63.32 41.37
C GLN F 128 2.15 -62.46 41.56
N VAL F 129 1.15 -62.65 40.71
CA VAL F 129 -0.03 -61.80 40.75
C VAL F 129 -0.76 -61.95 42.08
N PHE F 130 -0.92 -63.19 42.55
CA PHE F 130 -1.65 -63.42 43.78
C PHE F 130 -0.85 -62.99 45.00
N THR F 131 0.48 -63.06 44.94
CA THR F 131 1.28 -62.51 46.02
C THR F 131 1.09 -61.00 46.13
N ALA F 132 1.12 -60.31 44.99
CA ALA F 132 0.89 -58.87 45.01
C ALA F 132 -0.51 -58.54 45.54
N VAL F 133 -1.52 -59.26 45.04
CA VAL F 133 -2.89 -59.00 45.44
C VAL F 133 -3.07 -59.27 46.93
N GLN F 134 -2.49 -60.36 47.44
CA GLN F 134 -2.59 -60.66 48.86
C GLN F 134 -1.89 -59.62 49.71
N ASP F 135 -0.72 -59.15 49.27
CA ASP F 135 -0.03 -58.09 50.01
C ASP F 135 -0.90 -56.85 50.11
N ILE F 136 -1.48 -56.43 48.98
CA ILE F 136 -2.30 -55.22 49.00
C ILE F 136 -3.57 -55.43 49.82
N ALA F 137 -4.19 -56.61 49.72
CA ALA F 137 -5.41 -56.87 50.47
C ALA F 137 -5.14 -56.87 51.96
N GLU F 138 -4.02 -57.45 52.40
CA GLU F 138 -3.67 -57.42 53.81
C GLU F 138 -3.34 -56.00 54.26
N ALA F 139 -2.66 -55.22 53.41
CA ALA F 139 -2.32 -53.86 53.77
C ALA F 139 -3.56 -52.99 53.93
N LYS F 140 -4.53 -53.12 53.03
CA LYS F 140 -5.72 -52.28 53.03
C LYS F 140 -6.91 -52.91 53.73
N ASN F 141 -6.74 -54.08 54.34
CA ASN F 141 -7.79 -54.74 55.12
C ASN F 141 -9.02 -55.04 54.28
N TYR F 142 -8.81 -55.66 53.13
CA TYR F 142 -9.90 -56.13 52.30
C TYR F 142 -10.28 -57.55 52.70
N ASP F 143 -11.58 -57.80 52.78
CA ASP F 143 -12.09 -59.13 53.11
C ASP F 143 -12.37 -59.97 51.89
N PHE F 144 -12.81 -59.35 50.79
CA PHE F 144 -13.03 -60.05 49.53
C PHE F 144 -12.40 -59.24 48.42
N ILE F 145 -11.88 -59.94 47.42
CA ILE F 145 -11.29 -59.33 46.24
C ILE F 145 -11.92 -60.00 45.03
N PHE F 146 -12.91 -59.34 44.43
CA PHE F 146 -13.57 -59.88 43.26
C PHE F 146 -12.75 -59.59 42.01
N ASP F 147 -13.15 -60.22 40.91
CA ASP F 147 -12.55 -59.98 39.60
C ASP F 147 -13.60 -59.31 38.73
N LYS F 148 -13.26 -58.13 38.20
CA LYS F 148 -14.20 -57.40 37.35
C LYS F 148 -14.33 -58.00 35.96
N SER F 149 -13.37 -58.82 35.54
CA SER F 149 -13.37 -59.42 34.22
C SER F 149 -13.90 -60.85 34.21
N SER F 150 -14.49 -61.30 35.32
CA SER F 150 -15.00 -62.65 35.42
C SER F 150 -16.42 -62.72 34.86
N ASP F 151 -17.10 -63.85 35.07
CA ASP F 151 -18.45 -64.00 34.56
C ASP F 151 -19.45 -63.13 35.31
N LEU F 152 -19.23 -62.89 36.60
CA LEU F 152 -20.09 -62.01 37.38
C LEU F 152 -19.77 -60.57 37.03
N THR F 153 -20.78 -59.82 36.59
CA THR F 153 -20.59 -58.46 36.13
C THR F 153 -21.07 -57.48 37.19
N MET F 154 -20.24 -56.49 37.49
CA MET F 154 -20.62 -55.37 38.34
C MET F 154 -20.97 -54.19 37.45
N LEU F 155 -22.23 -53.78 37.47
CA LEU F 155 -22.63 -52.62 36.69
C LEU F 155 -22.12 -51.32 37.31
N PHE F 156 -21.78 -51.34 38.60
CA PHE F 156 -21.25 -50.17 39.27
C PHE F 156 -20.13 -50.60 40.22
N SER F 157 -19.05 -49.82 40.22
CA SER F 157 -17.94 -50.02 41.15
C SER F 157 -17.51 -48.66 41.67
N ASN F 158 -17.17 -48.61 42.95
CA ASN F 158 -16.87 -47.33 43.59
C ASN F 158 -15.57 -46.70 43.11
N LYS F 159 -14.72 -47.45 42.40
CA LYS F 159 -13.55 -46.92 41.70
C LYS F 159 -12.44 -46.51 42.65
N ARG F 160 -12.71 -46.52 43.95
CA ARG F 160 -11.66 -46.33 44.95
C ARG F 160 -11.31 -47.62 45.64
N PHE F 161 -12.03 -48.71 45.36
CA PHE F 161 -11.66 -50.05 45.78
C PHE F 161 -10.96 -50.82 44.68
N ASP F 162 -10.68 -50.18 43.54
CA ASP F 162 -9.93 -50.81 42.47
C ASP F 162 -8.46 -50.81 42.82
N ILE F 163 -7.87 -51.99 42.96
CA ILE F 163 -6.48 -52.13 43.33
C ILE F 163 -5.66 -52.68 42.16
N SER F 164 -6.16 -52.56 40.94
CA SER F 164 -5.42 -53.03 39.78
C SER F 164 -4.13 -52.25 39.58
N ASP F 165 -4.20 -50.91 39.73
CA ASP F 165 -3.02 -50.09 39.49
C ASP F 165 -1.94 -50.34 40.52
N GLN F 166 -2.31 -50.51 41.78
CA GLN F 166 -1.32 -50.82 42.81
C GLN F 166 -0.67 -52.17 42.56
N VAL F 167 -1.46 -53.16 42.14
CA VAL F 167 -0.90 -54.48 41.82
C VAL F 167 0.09 -54.36 40.66
N ILE F 168 -0.28 -53.59 39.63
CA ILE F 168 0.60 -53.43 38.47
C ILE F 168 1.89 -52.72 38.87
N ARG F 169 1.78 -51.70 39.72
CA ARG F 169 2.97 -51.01 40.19
C ARG F 169 3.88 -51.95 40.99
N ILE F 170 3.29 -52.80 41.83
CA ILE F 170 4.09 -53.76 42.60
C ILE F 170 4.76 -54.76 41.66
N LEU F 171 4.03 -55.25 40.66
CA LEU F 171 4.59 -56.26 39.76
C LEU F 171 5.70 -55.69 38.90
N ASN F 172 5.53 -54.46 38.41
CA ASN F 172 6.49 -53.89 37.47
C ASN F 172 7.66 -53.19 38.15
N ARG F 173 7.70 -53.13 39.46
CA ARG F 173 8.80 -52.47 40.15
C ARG F 173 10.04 -53.36 40.15
N PRO F 202 -10.28 -28.69 47.44
CA PRO F 202 -9.21 -28.36 48.39
C PRO F 202 -7.89 -28.05 47.68
N ALA F 203 -7.94 -27.19 46.67
CA ALA F 203 -6.73 -26.82 45.95
C ALA F 203 -5.81 -25.95 46.79
N MET F 204 -6.36 -25.19 47.73
CA MET F 204 -5.54 -24.31 48.56
C MET F 204 -4.55 -25.12 49.40
N ALA F 205 -5.01 -26.23 49.99
CA ALA F 205 -4.11 -27.06 50.78
C ALA F 205 -2.99 -27.64 49.93
N ASP F 206 -3.31 -28.10 48.72
CA ASP F 206 -2.28 -28.63 47.82
C ASP F 206 -1.28 -27.55 47.45
N ARG F 207 -1.75 -26.34 47.15
CA ARG F 207 -0.85 -25.25 46.79
C ARG F 207 0.04 -24.87 47.97
N GLN F 208 -0.52 -24.82 49.18
CA GLN F 208 0.27 -24.50 50.35
C GLN F 208 1.32 -25.58 50.62
N LYS F 209 0.94 -26.85 50.44
CA LYS F 209 1.92 -27.93 50.60
C LYS F 209 3.03 -27.83 49.57
N ALA F 210 2.69 -27.50 48.32
CA ALA F 210 3.70 -27.33 47.29
C ALA F 210 4.64 -26.19 47.62
N LEU F 211 4.10 -25.07 48.10
CA LEU F 211 4.94 -23.94 48.48
C LEU F 211 5.86 -24.30 49.65
N ASP F 212 5.33 -25.01 50.64
CA ASP F 212 6.16 -25.42 51.78
C ASP F 212 7.27 -26.36 51.34
N GLU F 213 6.96 -27.31 50.44
CA GLU F 213 7.98 -28.22 49.94
C GLU F 213 9.04 -27.47 49.14
N ARG F 214 8.62 -26.50 48.32
CA ARG F 214 9.58 -25.70 47.58
C ARG F 214 10.50 -24.92 48.53
N ARG F 215 9.92 -24.33 49.57
CA ARG F 215 10.72 -23.58 50.54
C ARG F 215 11.72 -24.49 51.25
N ALA F 216 11.28 -25.67 51.68
CA ALA F 216 12.18 -26.60 52.36
C ALA F 216 13.30 -27.07 51.43
N ALA F 217 12.95 -27.39 50.18
CA ALA F 217 13.97 -27.85 49.24
C ALA F 217 14.98 -26.76 48.94
N ARG F 218 14.51 -25.52 48.74
CA ARG F 218 15.43 -24.42 48.44
C ARG F 218 16.31 -24.11 49.64
N GLU F 219 15.77 -24.24 50.85
CA GLU F 219 16.58 -24.03 52.04
C GLU F 219 17.64 -25.13 52.19
N LYS F 220 17.28 -26.37 51.92
CA LYS F 220 18.20 -27.49 52.14
C LYS F 220 19.27 -27.57 51.06
N LEU F 221 18.92 -27.24 49.80
CA LEU F 221 19.86 -27.44 48.70
C LEU F 221 21.09 -26.54 48.84
N ILE F 222 20.88 -25.27 49.19
CA ILE F 222 22.01 -24.34 49.26
C ILE F 222 22.93 -24.67 50.44
N GLU F 223 22.40 -25.25 51.51
CA GLU F 223 23.22 -25.74 52.60
C GLU F 223 23.07 -27.25 52.79
N THR G 24 -23.11 -52.87 58.80
CA THR G 24 -24.47 -53.37 59.00
C THR G 24 -24.84 -54.39 57.92
N THR G 25 -24.04 -54.44 56.85
CA THR G 25 -24.24 -55.41 55.78
C THR G 25 -23.41 -56.64 56.09
N ARG G 26 -24.07 -57.79 56.21
CA ARG G 26 -23.44 -59.03 56.60
C ARG G 26 -23.29 -59.92 55.38
N ILE G 27 -22.06 -60.36 55.10
CA ILE G 27 -21.74 -61.13 53.91
C ILE G 27 -21.02 -62.40 54.32
N GLY G 28 -21.48 -63.54 53.79
CA GLY G 28 -20.78 -64.79 53.95
C GLY G 28 -20.57 -65.45 52.59
N TYR G 29 -19.97 -66.63 52.63
CA TYR G 29 -19.78 -67.40 51.40
C TYR G 29 -19.69 -68.87 51.73
N ILE G 30 -19.91 -69.70 50.71
CA ILE G 30 -19.77 -71.15 50.81
C ILE G 30 -18.92 -71.63 49.65
N ASP G 31 -18.38 -72.83 49.82
CA ASP G 31 -17.66 -73.53 48.76
C ASP G 31 -18.50 -74.75 48.41
N MET G 32 -19.18 -74.69 47.27
CA MET G 32 -20.11 -75.76 46.91
C MET G 32 -19.37 -77.08 46.71
N GLU G 33 -18.21 -77.05 46.05
CA GLU G 33 -17.46 -78.27 45.82
C GLU G 33 -17.01 -78.90 47.12
N TYR G 34 -16.53 -78.09 48.07
CA TYR G 34 -16.07 -78.61 49.35
C TYR G 34 -17.21 -79.28 50.11
N ILE G 35 -18.38 -78.64 50.13
CA ILE G 35 -19.54 -79.23 50.81
C ILE G 35 -19.96 -80.52 50.12
N LEU G 36 -20.00 -80.51 48.79
CA LEU G 36 -20.40 -81.69 48.05
C LEU G 36 -19.46 -82.87 48.32
N GLU G 37 -18.15 -82.59 48.36
CA GLU G 37 -17.19 -83.65 48.63
C GLU G 37 -17.29 -84.14 50.07
N ASN G 38 -17.57 -83.24 51.01
CA ASN G 38 -17.61 -83.63 52.41
C ASN G 38 -18.85 -84.46 52.73
N VAL G 39 -20.02 -84.03 52.26
CA VAL G 39 -21.26 -84.67 52.71
C VAL G 39 -21.43 -86.06 52.09
N SER G 40 -20.96 -86.27 50.87
CA SER G 40 -21.21 -87.52 50.17
C SER G 40 -19.96 -87.91 49.38
N ASP G 41 -20.03 -89.08 48.75
CA ASP G 41 -18.95 -89.57 47.89
C ASP G 41 -19.13 -89.04 46.47
N TYR G 42 -19.09 -87.71 46.36
CA TYR G 42 -19.32 -87.07 45.07
C TYR G 42 -18.15 -87.28 44.11
N LYS G 43 -16.92 -87.29 44.63
CA LYS G 43 -15.76 -87.36 43.76
C LYS G 43 -15.69 -88.67 43.00
N GLU G 44 -15.94 -89.80 43.68
CA GLU G 44 -15.85 -91.10 43.01
C GLU G 44 -16.93 -91.26 41.95
N ALA G 45 -18.17 -90.86 42.28
CA ALA G 45 -19.24 -90.96 41.30
C ALA G 45 -18.99 -90.04 40.11
N LYS G 46 -18.47 -88.84 40.37
CA LYS G 46 -18.14 -87.93 39.28
C LYS G 46 -17.05 -88.51 38.40
N SER G 47 -16.04 -89.14 38.99
CA SER G 47 -14.96 -89.74 38.21
C SER G 47 -15.50 -90.90 37.36
N GLN G 48 -16.38 -91.72 37.93
CA GLN G 48 -16.98 -92.82 37.16
C GLN G 48 -17.78 -92.27 35.99
N LEU G 49 -18.55 -91.21 36.23
CA LEU G 49 -19.32 -90.60 35.15
C LEU G 49 -18.41 -90.03 34.08
N GLU G 50 -17.29 -89.43 34.48
CA GLU G 50 -16.33 -88.91 33.51
C GLU G 50 -15.73 -90.04 32.68
N LEU G 51 -15.41 -91.17 33.31
CA LEU G 51 -14.88 -92.31 32.56
C LEU G 51 -15.91 -92.83 31.56
N LYS G 52 -17.17 -92.93 31.97
CA LYS G 52 -18.21 -93.38 31.05
C LYS G 52 -18.38 -92.40 29.89
N ALA G 53 -18.31 -91.09 30.18
CA ALA G 53 -18.42 -90.10 29.13
C ALA G 53 -17.26 -90.18 28.15
N GLN G 54 -16.06 -90.43 28.66
CA GLN G 54 -14.90 -90.60 27.78
C GLN G 54 -15.06 -91.84 26.92
N LYS G 55 -15.60 -92.93 27.48
CA LYS G 55 -15.87 -94.12 26.68
C LYS G 55 -16.87 -93.81 25.57
N TRP G 56 -17.92 -93.07 25.89
CA TRP G 56 -18.90 -92.69 24.87
C TRP G 56 -18.27 -91.82 23.79
N LYS G 57 -17.41 -90.89 24.18
CA LYS G 57 -16.74 -90.05 23.20
C LYS G 57 -15.83 -90.87 22.28
N GLN G 58 -15.11 -91.83 22.85
CA GLN G 58 -14.27 -92.71 22.02
C GLN G 58 -15.12 -93.56 21.08
N GLU G 59 -16.29 -93.99 21.55
CA GLU G 59 -17.21 -94.71 20.66
C GLU G 59 -17.68 -93.84 19.51
N ILE G 60 -17.95 -92.56 19.80
CA ILE G 60 -18.35 -91.64 18.73
C ILE G 60 -17.21 -91.46 17.73
N GLU G 61 -15.98 -91.34 18.22
CA GLU G 61 -14.83 -91.22 17.33
C GLU G 61 -14.67 -92.46 16.46
N ALA G 62 -14.86 -93.64 17.05
CA ALA G 62 -14.79 -94.88 16.27
C ALA G 62 -15.87 -94.92 15.20
N LYS G 63 -17.09 -94.47 15.53
CA LYS G 63 -18.15 -94.41 14.54
C LYS G 63 -17.79 -93.45 13.41
N LYS G 64 -17.20 -92.31 13.75
CA LYS G 64 -16.77 -91.36 12.73
C LYS G 64 -15.71 -91.98 11.82
N LEU G 65 -14.76 -92.72 12.41
CA LEU G 65 -13.74 -93.39 11.61
C LEU G 65 -14.35 -94.42 10.67
N ASN G 66 -15.32 -95.19 11.17
CA ASN G 66 -15.98 -96.18 10.32
C ASN G 66 -16.73 -95.50 9.19
N ILE G 67 -17.40 -94.39 9.47
CA ILE G 67 -18.11 -93.66 8.43
C ILE G 67 -17.14 -93.15 7.37
N ASN G 68 -16.00 -92.60 7.81
CA ASN G 68 -15.00 -92.12 6.85
C ASN G 68 -14.45 -93.26 6.00
N SER G 69 -14.20 -94.41 6.62
CA SER G 69 -13.72 -95.56 5.86
C SER G 69 -14.75 -96.02 4.83
N LEU G 70 -16.04 -96.03 5.21
CA LEU G 70 -17.08 -96.39 4.27
C LEU G 70 -17.15 -95.40 3.11
N LYS G 71 -17.02 -94.11 3.41
CA LYS G 71 -17.02 -93.10 2.35
C LYS G 71 -15.85 -93.29 1.40
N GLU G 72 -14.66 -93.55 1.95
CA GLU G 72 -13.49 -93.79 1.10
C GLU G 72 -13.67 -95.04 0.24
N GLY G 73 -14.21 -96.10 0.82
CA GLY G 73 -14.46 -97.31 0.04
C GLY G 73 -15.46 -97.09 -1.07
N LEU G 74 -16.51 -96.31 -0.80
CA LEU G 74 -17.47 -95.98 -1.85
C LEU G 74 -16.82 -95.14 -2.94
N LYS G 75 -15.96 -94.20 -2.55
CA LYS G 75 -15.29 -93.36 -3.54
C LYS G 75 -14.36 -94.18 -4.43
N THR G 76 -13.68 -95.18 -3.84
CA THR G 76 -12.77 -96.02 -4.62
C THR G 76 -13.52 -96.79 -5.70
N GLU G 77 -14.68 -97.36 -5.36
CA GLU G 77 -15.48 -98.15 -6.30
C GLU G 77 -16.68 -97.31 -6.74
N LYS G 78 -16.56 -96.69 -7.89
CA LYS G 78 -17.70 -95.99 -8.51
C LYS G 78 -17.93 -96.42 -9.94
N ALA G 79 -16.87 -96.68 -10.71
CA ALA G 79 -17.04 -97.11 -12.09
C ALA G 79 -17.70 -98.48 -12.16
N LEU G 80 -17.29 -99.41 -11.29
CA LEU G 80 -17.84 -100.76 -11.31
C LEU G 80 -19.29 -100.81 -10.87
N LEU G 81 -19.84 -99.72 -10.33
CA LEU G 81 -21.20 -99.68 -9.85
C LEU G 81 -22.15 -99.21 -10.95
N THR G 82 -23.44 -99.47 -10.73
CA THR G 82 -24.48 -99.15 -11.71
C THR G 82 -25.24 -97.88 -11.36
N LYS G 83 -24.75 -97.09 -10.40
CA LYS G 83 -25.37 -95.87 -9.90
C LYS G 83 -26.60 -96.22 -9.06
N GLU G 84 -27.01 -97.49 -9.09
CA GLU G 84 -28.11 -97.94 -8.26
C GLU G 84 -27.60 -98.47 -6.92
N LEU G 85 -26.57 -99.31 -6.95
CA LEU G 85 -25.90 -99.70 -5.71
C LEU G 85 -25.16 -98.52 -5.11
N ILE G 86 -24.75 -97.55 -5.93
CA ILE G 86 -24.18 -96.31 -5.41
C ILE G 86 -25.21 -95.59 -4.55
N GLU G 87 -26.46 -95.53 -5.03
CA GLU G 87 -27.52 -94.87 -4.27
C GLU G 87 -27.75 -95.56 -2.94
N GLU G 88 -27.81 -96.90 -2.94
CA GLU G 88 -28.05 -97.62 -1.70
C GLU G 88 -26.88 -97.49 -0.74
N ARG G 89 -25.64 -97.45 -1.27
CA ARG G 89 -24.49 -97.24 -0.40
C ARG G 89 -24.51 -95.84 0.21
N GLU G 90 -24.90 -94.83 -0.57
CA GLU G 90 -25.02 -93.49 -0.03
C GLU G 90 -26.10 -93.41 1.05
N THR G 91 -27.24 -94.08 0.83
CA THR G 91 -28.28 -94.11 1.85
C THR G 91 -27.80 -94.83 3.10
N GLU G 92 -27.03 -95.91 2.94
CA GLU G 92 -26.47 -96.61 4.10
C GLU G 92 -25.50 -95.72 4.87
N ILE G 93 -24.66 -94.98 4.14
CA ILE G 93 -23.73 -94.05 4.79
C ILE G 93 -24.49 -92.97 5.54
N LYS G 94 -25.55 -92.42 4.93
CA LYS G 94 -26.35 -91.40 5.58
C LYS G 94 -27.05 -91.96 6.81
N PHE G 95 -27.53 -93.20 6.73
CA PHE G 95 -28.16 -93.84 7.88
C PHE G 95 -27.18 -94.02 9.01
N GLN G 96 -25.94 -94.45 8.70
CA GLN G 96 -24.93 -94.58 9.73
C GLN G 96 -24.59 -93.23 10.35
N GLU G 97 -24.49 -92.19 9.53
CA GLU G 97 -24.19 -90.85 10.05
C GLU G 97 -25.31 -90.36 10.95
N ASN G 98 -26.57 -90.56 10.55
CA ASN G 98 -27.69 -90.14 11.39
C ASN G 98 -27.76 -90.94 12.67
N GLU G 99 -27.45 -92.23 12.61
CA GLU G 99 -27.42 -93.05 13.82
C GLU G 99 -26.36 -92.55 14.78
N MET G 100 -25.17 -92.24 14.28
CA MET G 100 -24.12 -91.69 15.13
C MET G 100 -24.54 -90.35 15.71
N LEU G 101 -25.18 -89.51 14.90
CA LEU G 101 -25.59 -88.19 15.37
C LEU G 101 -26.65 -88.29 16.46
N ASP G 102 -27.62 -89.18 16.29
CA ASP G 102 -28.65 -89.32 17.31
C ASP G 102 -28.10 -89.96 18.58
N TYR G 103 -27.15 -90.89 18.44
CA TYR G 103 -26.48 -91.45 19.61
C TYR G 103 -25.72 -90.36 20.36
N GLN G 104 -25.01 -89.49 19.62
CA GLN G 104 -24.29 -88.40 20.26
C GLN G 104 -25.24 -87.44 20.97
N GLN G 105 -26.37 -87.11 20.33
CA GLN G 105 -27.34 -86.24 20.97
C GLN G 105 -27.94 -86.87 22.22
N LYS G 106 -28.25 -88.17 22.15
CA LYS G 106 -28.82 -88.86 23.30
C LYS G 106 -27.84 -88.91 24.46
N GLN G 107 -26.57 -89.20 24.20
CA GLN G 107 -25.61 -89.33 25.29
C GLN G 107 -25.16 -87.98 25.82
N PHE G 108 -24.96 -86.99 24.94
CA PHE G 108 -24.32 -85.73 25.31
C PHE G 108 -25.23 -84.52 25.10
N GLY G 109 -26.54 -84.72 25.03
CA GLY G 109 -27.45 -83.61 24.90
C GLY G 109 -27.47 -82.75 26.15
N ALA G 110 -28.00 -81.53 26.00
CA ALA G 110 -28.14 -80.64 27.14
C ALA G 110 -29.06 -81.23 28.20
N ASP G 111 -29.90 -82.19 27.82
CA ASP G 111 -30.70 -82.97 28.77
C ASP G 111 -30.69 -84.42 28.28
N GLY G 112 -29.90 -85.25 28.95
CA GLY G 112 -29.97 -86.69 28.73
C GLY G 112 -28.66 -87.45 28.77
N ASN G 113 -28.60 -88.40 29.70
CA ASN G 113 -27.61 -89.47 29.80
C ASN G 113 -26.21 -89.00 30.19
N LEU G 114 -25.94 -87.70 30.13
CA LEU G 114 -24.77 -87.15 30.80
C LEU G 114 -25.21 -86.02 31.72
N MET G 115 -26.01 -85.10 31.17
CA MET G 115 -26.55 -84.02 31.98
C MET G 115 -27.61 -84.54 32.94
N ARG G 116 -28.40 -85.52 32.50
CA ARG G 116 -29.35 -86.16 33.40
C ARG G 116 -28.64 -86.95 34.49
N GLN G 117 -27.57 -87.66 34.14
CA GLN G 117 -26.81 -88.40 35.15
C GLN G 117 -26.11 -87.45 36.12
N LYS G 118 -25.50 -86.38 35.61
CA LYS G 118 -24.87 -85.40 36.50
C LYS G 118 -25.91 -84.72 37.38
N ALA G 119 -27.08 -84.43 36.82
CA ALA G 119 -28.16 -83.85 37.61
C ALA G 119 -28.61 -84.79 38.71
N ALA G 120 -28.84 -86.06 38.37
CA ALA G 120 -29.23 -87.03 39.39
C ALA G 120 -28.13 -87.20 40.43
N LEU G 121 -26.88 -86.95 40.04
CA LEU G 121 -25.77 -87.05 40.99
C LEU G 121 -25.73 -85.88 41.96
N ALA G 122 -25.95 -84.65 41.47
CA ALA G 122 -25.64 -83.46 42.25
C ALA G 122 -26.83 -82.58 42.58
N LYS G 123 -28.04 -82.94 42.17
CA LYS G 123 -29.21 -82.09 42.36
C LYS G 123 -29.82 -82.19 43.75
N PRO G 124 -30.04 -83.40 44.30
CA PRO G 124 -30.59 -83.44 45.67
C PRO G 124 -29.71 -82.75 46.68
N ILE G 125 -28.39 -82.95 46.59
CA ILE G 125 -27.48 -82.29 47.53
C ILE G 125 -27.45 -80.79 47.29
N GLN G 126 -27.51 -80.37 46.02
CA GLN G 126 -27.55 -78.94 45.73
C GLN G 126 -28.79 -78.28 46.31
N ASP G 127 -29.95 -78.93 46.16
CA ASP G 127 -31.18 -78.39 46.73
C ASP G 127 -31.13 -78.38 48.25
N GLN G 128 -30.56 -79.41 48.86
CA GLN G 128 -30.42 -79.44 50.31
C GLN G 128 -29.50 -78.32 50.79
N VAL G 129 -28.40 -78.08 50.07
CA VAL G 129 -27.48 -77.00 50.42
C VAL G 129 -28.16 -75.65 50.27
N PHE G 130 -28.95 -75.48 49.20
CA PHE G 130 -29.69 -74.22 49.03
C PHE G 130 -30.67 -74.00 50.17
N THR G 131 -31.39 -75.04 50.57
CA THR G 131 -32.34 -74.91 51.68
C THR G 131 -31.61 -74.57 52.98
N ALA G 132 -30.49 -75.25 53.25
CA ALA G 132 -29.72 -74.97 54.46
C ALA G 132 -29.18 -73.55 54.44
N VAL G 133 -28.72 -73.09 53.28
CA VAL G 133 -28.19 -71.73 53.17
C VAL G 133 -29.30 -70.71 53.42
N GLN G 134 -30.49 -70.95 52.87
CA GLN G 134 -31.60 -70.04 53.12
C GLN G 134 -31.98 -70.02 54.60
N ASP G 135 -32.01 -71.19 55.24
CA ASP G 135 -32.32 -71.24 56.66
C ASP G 135 -31.29 -70.49 57.49
N ILE G 136 -30.00 -70.68 57.18
CA ILE G 136 -28.95 -69.99 57.90
C ILE G 136 -29.04 -68.49 57.68
N ALA G 137 -29.32 -68.07 56.44
CA ALA G 137 -29.44 -66.65 56.14
C ALA G 137 -30.60 -66.02 56.90
N GLU G 138 -31.75 -66.70 56.95
CA GLU G 138 -32.88 -66.16 57.68
C GLU G 138 -32.62 -66.12 59.18
N ALA G 139 -31.98 -67.16 59.72
CA ALA G 139 -31.75 -67.22 61.17
C ALA G 139 -30.72 -66.20 61.61
N LYS G 140 -29.60 -66.12 60.90
CA LYS G 140 -28.49 -65.25 61.25
C LYS G 140 -28.52 -63.91 60.54
N ASN G 141 -29.58 -63.63 59.78
CA ASN G 141 -29.78 -62.32 59.14
C ASN G 141 -28.63 -61.96 58.21
N TYR G 142 -28.20 -62.92 57.39
CA TYR G 142 -27.23 -62.64 56.36
C TYR G 142 -27.86 -61.82 55.24
N ASP G 143 -27.08 -60.92 54.65
CA ASP G 143 -27.52 -60.12 53.53
C ASP G 143 -27.13 -60.71 52.18
N PHE G 144 -25.91 -61.24 52.08
CA PHE G 144 -25.45 -61.90 50.86
C PHE G 144 -24.69 -63.15 51.22
N ILE G 145 -24.94 -64.22 50.49
CA ILE G 145 -24.15 -65.45 50.58
C ILE G 145 -23.64 -65.75 49.19
N PHE G 146 -22.32 -65.72 49.03
CA PHE G 146 -21.69 -65.91 47.72
C PHE G 146 -21.22 -67.36 47.58
N ASP G 147 -21.19 -67.81 46.33
CA ASP G 147 -20.70 -69.15 46.00
C ASP G 147 -19.30 -69.03 45.44
N LYS G 148 -18.31 -69.55 46.16
CA LYS G 148 -16.91 -69.46 45.79
C LYS G 148 -16.46 -70.60 44.87
N SER G 149 -17.35 -71.54 44.56
CA SER G 149 -16.95 -72.77 43.87
C SER G 149 -16.44 -72.52 42.46
N SER G 150 -16.76 -71.39 41.84
CA SER G 150 -16.30 -71.14 40.49
C SER G 150 -14.79 -70.93 40.43
N ASP G 151 -14.23 -70.30 41.47
CA ASP G 151 -12.80 -70.07 41.63
C ASP G 151 -12.26 -69.01 40.67
N LEU G 152 -13.10 -68.53 39.75
CA LEU G 152 -12.72 -67.45 38.84
C LEU G 152 -13.13 -66.09 39.35
N THR G 153 -14.42 -65.91 39.63
CA THR G 153 -14.84 -64.82 40.50
C THR G 153 -14.46 -65.15 41.94
N MET G 154 -14.46 -64.14 42.80
CA MET G 154 -14.17 -64.34 44.22
C MET G 154 -12.76 -64.88 44.41
N LEU G 155 -11.79 -64.10 43.95
CA LEU G 155 -10.40 -64.54 43.96
C LEU G 155 -9.87 -64.70 45.38
N PHE G 156 -10.25 -63.79 46.28
CA PHE G 156 -9.79 -63.84 47.67
C PHE G 156 -11.00 -63.74 48.59
N SER G 157 -11.02 -64.58 49.61
CA SER G 157 -12.08 -64.60 50.60
C SER G 157 -11.47 -64.71 51.99
N ASN G 158 -12.02 -63.96 52.94
CA ASN G 158 -11.41 -63.84 54.26
C ASN G 158 -11.40 -65.15 55.03
N LYS G 159 -12.25 -66.11 54.66
CA LYS G 159 -12.33 -67.43 55.30
C LYS G 159 -12.86 -67.33 56.72
N ARG G 160 -13.06 -66.11 57.21
CA ARG G 160 -13.79 -65.90 58.45
C ARG G 160 -15.28 -65.76 58.20
N PHE G 161 -15.67 -65.17 57.07
CA PHE G 161 -17.06 -65.16 56.63
C PHE G 161 -17.37 -66.41 55.82
N ASP G 162 -17.00 -67.57 56.35
CA ASP G 162 -17.20 -68.84 55.67
C ASP G 162 -18.18 -69.68 56.48
N ILE G 163 -19.32 -69.99 55.90
CA ILE G 163 -20.31 -70.86 56.53
C ILE G 163 -20.50 -72.05 55.60
N SER G 164 -19.66 -73.07 55.79
CA SER G 164 -19.79 -74.32 55.07
C SER G 164 -19.77 -75.45 56.07
N ASP G 165 -19.07 -75.24 57.18
CA ASP G 165 -19.14 -76.18 58.29
C ASP G 165 -20.55 -76.23 58.89
N GLN G 166 -21.20 -75.06 58.96
CA GLN G 166 -22.58 -75.03 59.41
C GLN G 166 -23.50 -75.73 58.40
N VAL G 167 -23.29 -75.49 57.12
CA VAL G 167 -24.08 -76.16 56.09
C VAL G 167 -23.83 -77.66 56.13
N ILE G 168 -22.57 -78.06 56.30
CA ILE G 168 -22.22 -79.48 56.36
C ILE G 168 -22.87 -80.14 57.58
N ARG G 169 -22.83 -79.47 58.72
CA ARG G 169 -23.44 -80.04 59.92
C ARG G 169 -24.96 -80.12 59.80
N ILE G 170 -25.59 -79.14 59.15
CA ILE G 170 -27.03 -79.20 58.93
C ILE G 170 -27.37 -80.36 58.00
N LEU G 171 -26.57 -80.56 56.95
CA LEU G 171 -26.80 -81.68 56.04
C LEU G 171 -26.60 -83.01 56.75
N ASN G 172 -25.57 -83.11 57.60
CA ASN G 172 -25.30 -84.35 58.31
C ASN G 172 -26.34 -84.63 59.39
N ARG G 173 -27.00 -83.58 59.89
CA ARG G 173 -28.07 -83.79 60.86
C ARG G 173 -29.21 -84.59 60.24
N THR G 174 -29.57 -84.29 58.99
CA THR G 174 -30.56 -85.08 58.28
C THR G 174 -29.93 -86.41 57.85
N ASP G 175 -30.67 -87.50 58.06
CA ASP G 175 -30.16 -88.83 57.74
C ASP G 175 -29.93 -89.01 56.25
N CYS H 21 -15.23 -19.48 34.75
CA CYS H 21 -16.55 -20.10 34.67
C CYS H 21 -16.48 -21.58 35.00
N SER H 22 -17.08 -21.96 36.13
CA SER H 22 -17.08 -23.34 36.58
C SER H 22 -18.46 -23.95 36.38
N THR H 23 -18.48 -25.27 36.20
CA THR H 23 -19.71 -26.02 35.99
C THR H 23 -20.28 -26.58 37.30
N LYS H 24 -19.65 -26.27 38.43
CA LYS H 24 -20.05 -26.86 39.71
C LYS H 24 -20.76 -25.88 40.64
N ASN H 25 -20.85 -24.60 40.28
CA ASN H 25 -21.56 -23.60 41.08
C ASN H 25 -22.78 -23.14 40.30
N ASN H 26 -23.95 -23.20 40.94
CA ASN H 26 -25.20 -22.84 40.30
C ASN H 26 -25.49 -21.34 40.41
N THR H 27 -24.52 -20.53 39.99
CA THR H 27 -24.73 -19.09 39.90
C THR H 27 -25.51 -18.76 38.63
N PHE H 28 -26.27 -17.67 38.68
CA PHE H 28 -27.01 -17.22 37.50
C PHE H 28 -26.06 -16.91 36.35
N VAL H 29 -25.00 -16.16 36.63
CA VAL H 29 -24.07 -15.77 35.57
C VAL H 29 -23.35 -16.99 35.02
N ASN H 30 -22.98 -17.93 35.88
CA ASN H 30 -22.25 -19.12 35.43
C ASN H 30 -23.13 -19.98 34.53
N ARG H 31 -24.35 -20.27 34.97
CA ARG H 31 -25.27 -21.09 34.19
C ARG H 31 -25.61 -20.42 32.87
N ASN H 32 -25.91 -19.12 32.89
CA ASN H 32 -26.25 -18.42 31.66
C ASN H 32 -25.06 -18.37 30.70
N SER H 33 -23.85 -18.15 31.23
CA SER H 33 -22.67 -18.14 30.37
C SER H 33 -22.42 -19.50 29.74
N HIS H 34 -22.60 -20.58 30.52
CA HIS H 34 -22.40 -21.91 29.96
C HIS H 34 -23.44 -22.23 28.90
N ALA H 35 -24.70 -21.84 29.13
CA ALA H 35 -25.72 -22.06 28.11
C ALA H 35 -25.43 -21.27 26.84
N LEU H 36 -24.99 -20.02 27.00
CA LEU H 36 -24.62 -19.21 25.84
C LEU H 36 -23.45 -19.83 25.09
N SER H 37 -22.46 -20.35 25.82
CA SER H 37 -21.27 -20.91 25.19
C SER H 37 -21.59 -22.22 24.47
N THR H 38 -22.49 -23.04 25.01
CA THR H 38 -22.84 -24.27 24.30
C THR H 38 -23.73 -23.97 23.09
N LYS H 39 -24.60 -22.96 23.21
CA LYS H 39 -25.40 -22.59 22.04
C LYS H 39 -24.56 -21.87 20.99
N TYR H 40 -23.71 -20.94 21.42
CA TYR H 40 -22.82 -20.20 20.53
C TYR H 40 -21.38 -20.50 20.91
N ASN H 41 -20.65 -21.16 20.01
CA ASN H 41 -21.12 -21.59 18.70
C ASN H 41 -20.87 -23.07 18.47
N ILE H 42 -20.79 -23.85 19.56
CA ILE H 42 -20.58 -25.29 19.43
C ILE H 42 -21.78 -25.94 18.76
N LEU H 43 -22.98 -25.69 19.27
CA LEU H 43 -24.16 -26.29 18.69
C LEU H 43 -24.50 -25.68 17.34
N TYR H 44 -24.17 -24.40 17.13
CA TYR H 44 -24.36 -23.79 15.82
C TYR H 44 -23.50 -24.48 14.77
N ASN H 45 -22.22 -24.71 15.09
CA ASN H 45 -21.34 -25.40 14.15
C ASN H 45 -21.77 -26.84 13.94
N GLY H 46 -22.23 -27.51 15.00
CA GLY H 46 -22.76 -28.85 14.85
C GLY H 46 -23.97 -28.91 13.95
N GLY H 47 -24.88 -27.94 14.10
CA GLY H 47 -26.03 -27.88 13.22
C GLY H 47 -25.66 -27.57 11.78
N LEU H 48 -24.64 -26.72 11.59
CA LEU H 48 -24.14 -26.47 10.23
C LEU H 48 -23.61 -27.75 9.61
N GLY H 49 -22.84 -28.53 10.38
CA GLY H 49 -22.36 -29.80 9.86
C GLY H 49 -23.48 -30.76 9.55
N LEU H 50 -24.48 -30.83 10.42
CA LEU H 50 -25.63 -31.70 10.20
C LEU H 50 -26.36 -31.33 8.91
N GLU H 51 -26.61 -30.03 8.72
CA GLU H 51 -27.33 -29.60 7.52
C GLU H 51 -26.50 -29.79 6.27
N LYS H 52 -25.19 -29.59 6.37
CA LYS H 52 -24.32 -29.83 5.21
C LYS H 52 -24.33 -31.31 4.82
N GLY H 53 -24.27 -32.20 5.81
CA GLY H 53 -24.36 -33.62 5.51
C GLY H 53 -25.71 -34.01 4.94
N LEU H 54 -26.79 -33.42 5.46
CA LEU H 54 -28.11 -33.69 4.93
C LEU H 54 -28.22 -33.24 3.47
N GLN H 55 -27.68 -32.07 3.15
CA GLN H 55 -27.70 -31.60 1.77
C GLN H 55 -26.85 -32.48 0.87
N ALA H 56 -25.72 -32.97 1.39
CA ALA H 56 -24.90 -33.90 0.62
C ALA H 56 -25.67 -35.18 0.31
N ILE H 57 -26.43 -35.68 1.28
CA ILE H 57 -27.27 -36.85 1.03
C ILE H 57 -28.34 -36.53 0.01
N LYS H 58 -28.99 -35.37 0.13
CA LYS H 58 -30.07 -35.02 -0.78
C LYS H 58 -29.57 -34.86 -2.20
N ALA H 59 -28.40 -34.25 -2.38
CA ALA H 59 -27.82 -34.04 -3.70
C ALA H 59 -27.05 -35.25 -4.21
N ASN H 60 -27.29 -36.43 -3.63
CA ASN H 60 -26.62 -37.63 -4.07
C ASN H 60 -27.14 -38.08 -5.43
N ASP H 61 -26.42 -39.01 -6.04
CA ASP H 61 -26.84 -39.67 -7.26
C ASP H 61 -26.89 -41.18 -7.05
N GLN H 62 -27.20 -41.59 -5.83
CA GLN H 62 -27.29 -43.00 -5.47
C GLN H 62 -28.70 -43.57 -5.61
N ASP H 63 -29.63 -42.78 -6.14
CA ASP H 63 -31.00 -43.25 -6.31
C ASP H 63 -31.06 -44.31 -7.40
N ASN H 64 -31.72 -45.43 -7.09
CA ASN H 64 -31.76 -46.55 -8.02
C ASN H 64 -32.74 -46.29 -9.16
N PHE H 65 -34.00 -46.05 -8.83
CA PHE H 65 -35.08 -45.78 -9.78
C PHE H 65 -35.49 -47.02 -10.54
N TRP H 66 -34.76 -48.12 -10.36
CA TRP H 66 -35.16 -49.42 -10.90
C TRP H 66 -36.03 -50.19 -9.93
N LYS H 67 -36.00 -49.84 -8.65
CA LYS H 67 -36.89 -50.36 -7.63
C LYS H 67 -37.58 -49.18 -6.98
N MET H 68 -38.34 -49.45 -5.92
CA MET H 68 -38.97 -48.38 -5.16
C MET H 68 -37.90 -47.56 -4.45
N LEU H 69 -38.07 -46.24 -4.48
CA LEU H 69 -37.15 -45.37 -3.77
C LEU H 69 -37.40 -45.48 -2.27
N PRO H 70 -36.34 -45.47 -1.45
CA PRO H 70 -36.54 -45.35 -0.01
C PRO H 70 -37.24 -44.04 0.33
N ILE H 71 -38.15 -44.10 1.30
CA ILE H 71 -38.89 -42.90 1.68
C ILE H 71 -37.95 -41.88 2.30
N GLU H 72 -37.04 -42.32 3.17
CA GLU H 72 -36.00 -41.46 3.71
C GLU H 72 -34.66 -41.88 3.10
N LYS H 73 -34.09 -41.01 2.28
CA LYS H 73 -32.78 -41.28 1.71
C LYS H 73 -31.71 -41.24 2.79
N MET H 74 -30.77 -42.17 2.71
CA MET H 74 -29.68 -42.29 3.68
C MET H 74 -28.35 -42.28 2.94
N GLN H 75 -27.27 -42.35 3.72
CA GLN H 75 -25.93 -42.36 3.13
C GLN H 75 -25.71 -43.57 2.25
N PHE H 76 -26.16 -44.74 2.71
CA PHE H 76 -26.02 -46.00 1.97
C PHE H 76 -27.39 -46.64 1.87
N ASP H 77 -28.01 -46.53 0.69
CA ASP H 77 -29.33 -47.10 0.46
C ASP H 77 -29.24 -48.59 0.16
N LYS H 85 -17.48 -46.86 5.11
CA LYS H 85 -17.40 -46.67 3.67
C LYS H 85 -16.97 -45.24 3.35
N THR H 86 -17.83 -44.49 2.65
CA THR H 86 -17.52 -43.10 2.36
C THR H 86 -17.44 -42.27 3.64
N LYS H 87 -18.39 -42.47 4.55
CA LYS H 87 -18.37 -41.90 5.90
C LYS H 87 -18.28 -40.36 5.84
N ASN H 88 -19.38 -39.77 5.38
CA ASN H 88 -19.55 -38.32 5.27
C ASN H 88 -19.01 -37.60 6.50
N PRO H 89 -17.97 -36.78 6.35
CA PRO H 89 -17.32 -36.18 7.52
C PRO H 89 -18.14 -35.08 8.20
N ASP H 90 -19.19 -34.58 7.55
CA ASP H 90 -20.00 -33.54 8.19
C ASP H 90 -20.77 -34.10 9.38
N PHE H 91 -21.25 -35.34 9.28
CA PHE H 91 -21.92 -35.97 10.41
C PHE H 91 -20.93 -36.24 11.55
N GLU H 92 -19.69 -36.60 11.23
CA GLU H 92 -18.68 -36.74 12.27
C GLU H 92 -18.38 -35.39 12.92
N LYS H 93 -18.37 -34.32 12.14
CA LYS H 93 -18.19 -32.99 12.72
C LYS H 93 -19.34 -32.64 13.65
N ALA H 94 -20.57 -32.94 13.24
CA ALA H 94 -21.73 -32.68 14.09
C ALA H 94 -21.66 -33.49 15.38
N GLU H 95 -21.25 -34.76 15.29
CA GLU H 95 -21.12 -35.59 16.48
C GLU H 95 -20.03 -35.07 17.40
N THR H 96 -18.90 -34.65 16.83
CA THR H 96 -17.82 -34.08 17.64
C THR H 96 -18.27 -32.81 18.34
N LYS H 97 -19.01 -31.95 17.64
CA LYS H 97 -19.51 -30.73 18.25
C LYS H 97 -20.50 -31.03 19.36
N ALA H 98 -21.40 -32.00 19.14
CA ALA H 98 -22.34 -32.37 20.18
C ALA H 98 -21.64 -32.93 21.40
N THR H 99 -20.61 -33.77 21.19
CA THR H 99 -19.83 -34.29 22.30
C THR H 99 -19.11 -33.17 23.05
N LYS H 100 -18.51 -32.24 22.32
CA LYS H 100 -17.83 -31.11 22.95
C LYS H 100 -18.81 -30.20 23.69
N ALA H 101 -20.06 -30.17 23.26
CA ALA H 101 -21.06 -29.40 24.00
C ALA H 101 -21.50 -30.13 25.27
N ILE H 102 -21.65 -31.45 25.20
CA ILE H 102 -22.15 -32.20 26.35
C ILE H 102 -21.15 -32.17 27.49
N GLN H 103 -19.88 -32.49 27.20
CA GLN H 103 -18.83 -32.39 28.19
C GLN H 103 -18.15 -31.04 28.08
N LYS H 104 -17.76 -30.47 29.21
CA LYS H 104 -17.22 -29.13 29.45
C LYS H 104 -18.31 -28.07 29.52
N HIS H 105 -19.57 -28.40 29.28
CA HIS H 105 -20.65 -27.43 29.44
C HIS H 105 -21.87 -27.99 30.16
N SER H 106 -21.87 -29.27 30.52
CA SER H 106 -22.95 -29.83 31.33
C SER H 106 -22.77 -29.41 32.78
N MET H 107 -23.84 -28.91 33.38
CA MET H 107 -23.83 -28.48 34.78
C MET H 107 -24.80 -29.36 35.55
N ASN H 108 -24.31 -30.51 36.00
CA ASN H 108 -25.09 -31.44 36.82
C ASN H 108 -24.66 -31.26 38.27
N ILE H 109 -25.18 -30.21 38.89
CA ILE H 109 -24.71 -29.79 40.21
C ILE H 109 -25.40 -30.56 41.32
N GLY H 110 -26.74 -30.61 41.31
CA GLY H 110 -27.47 -31.27 42.37
C GLY H 110 -28.34 -32.40 41.88
N GLY H 111 -27.84 -33.18 40.92
CA GLY H 111 -28.61 -34.23 40.30
C GLY H 111 -29.53 -33.78 39.20
N ARG H 112 -29.61 -32.49 38.93
CA ARG H 112 -30.41 -31.94 37.84
C ARG H 112 -29.54 -31.05 36.97
N GLU H 113 -29.73 -31.14 35.66
CA GLU H 113 -28.92 -30.38 34.72
C GLU H 113 -29.32 -28.91 34.77
N ARG H 114 -28.34 -28.04 35.03
CA ARG H 114 -28.61 -26.61 35.08
C ARG H 114 -28.58 -25.98 33.69
N ASN H 115 -27.70 -26.47 32.82
CA ASN H 115 -27.65 -25.99 31.44
C ASN H 115 -28.89 -26.47 30.69
N TYR H 116 -29.67 -25.52 30.18
CA TYR H 116 -30.92 -25.85 29.50
C TYR H 116 -30.73 -26.15 28.01
N GLN H 117 -29.50 -26.14 27.51
CA GLN H 117 -29.21 -26.43 26.12
C GLN H 117 -28.65 -27.83 25.91
N ILE H 118 -28.51 -28.62 26.98
CA ILE H 118 -27.83 -29.90 26.84
C ILE H 118 -28.70 -30.91 26.10
N ASP H 119 -30.02 -30.86 26.30
CA ASP H 119 -30.89 -31.77 25.57
C ASP H 119 -30.80 -31.55 24.07
N GLU H 120 -30.61 -30.30 23.64
CA GLU H 120 -30.37 -30.04 22.23
C GLU H 120 -29.08 -30.68 21.76
N ALA H 121 -28.04 -30.65 22.60
CA ALA H 121 -26.78 -31.30 22.26
C ALA H 121 -26.96 -32.80 22.12
N TYR H 122 -27.72 -33.41 23.02
CA TYR H 122 -27.98 -34.85 22.90
C TYR H 122 -28.82 -35.18 21.68
N LEU H 123 -29.77 -34.31 21.33
CA LEU H 123 -30.55 -34.52 20.11
C LEU H 123 -29.66 -34.45 18.88
N MET H 124 -28.74 -33.48 18.85
CA MET H 124 -27.80 -33.37 17.74
C MET H 124 -26.88 -34.58 17.68
N LEU H 125 -26.42 -35.06 18.83
CA LEU H 125 -25.59 -36.25 18.87
C LEU H 125 -26.33 -37.46 18.32
N GLY H 126 -27.58 -37.64 18.74
CA GLY H 126 -28.37 -38.74 18.22
C GLY H 126 -28.60 -38.64 16.73
N LYS H 127 -28.88 -37.44 16.24
CA LYS H 127 -29.11 -37.26 14.80
C LYS H 127 -27.84 -37.55 14.00
N ALA H 128 -26.70 -37.08 14.49
CA ALA H 128 -25.44 -37.33 13.80
C ALA H 128 -25.10 -38.81 13.78
N ARG H 129 -25.36 -39.51 14.89
CA ARG H 129 -25.13 -40.95 14.91
C ARG H 129 -26.10 -41.67 14.00
N TYR H 130 -27.35 -41.20 13.93
CA TYR H 130 -28.34 -41.82 13.06
C TYR H 130 -27.95 -41.70 11.59
N TYR H 131 -27.51 -40.50 11.19
CA TYR H 131 -27.12 -40.31 9.80
C TYR H 131 -25.76 -40.92 9.50
N ASP H 132 -24.98 -41.25 10.52
CA ASP H 132 -23.78 -42.06 10.36
C ASP H 132 -24.08 -43.56 10.34
N GLN H 133 -25.36 -43.93 10.45
CA GLN H 133 -25.82 -45.32 10.45
C GLN H 133 -25.29 -46.10 11.65
N ARG H 134 -25.09 -45.43 12.77
CA ARG H 134 -24.76 -46.06 14.04
C ARG H 134 -26.01 -45.94 14.90
N PHE H 135 -26.90 -46.93 14.78
CA PHE H 135 -28.25 -46.77 15.29
C PHE H 135 -28.37 -47.06 16.79
N ILE H 136 -27.56 -47.96 17.33
CA ILE H 136 -27.64 -48.24 18.76
C ILE H 136 -27.20 -47.02 19.59
N PRO H 137 -26.05 -46.39 19.30
CA PRO H 137 -25.72 -45.15 20.03
C PRO H 137 -26.70 -44.02 19.79
N ALA H 138 -27.27 -43.91 18.59
CA ALA H 138 -28.27 -42.87 18.33
C ALA H 138 -29.50 -43.10 19.21
N LEU H 139 -29.95 -44.35 19.29
CA LEU H 139 -31.07 -44.68 20.16
C LEU H 139 -30.71 -44.40 21.61
N GLU H 140 -29.47 -44.65 22.01
CA GLU H 140 -29.04 -44.35 23.37
C GLU H 140 -29.15 -42.86 23.66
N ALA H 141 -28.73 -42.02 22.71
CA ALA H 141 -28.82 -40.57 22.90
C ALA H 141 -30.28 -40.12 23.02
N PHE H 142 -31.15 -40.61 22.14
CA PHE H 142 -32.55 -40.23 22.20
C PHE H 142 -33.21 -40.70 23.50
N ASN H 143 -32.90 -41.93 23.92
CA ASN H 143 -33.42 -42.44 25.18
C ASN H 143 -32.90 -41.64 26.36
N TYR H 144 -31.66 -41.17 26.30
CA TYR H 144 -31.15 -40.33 27.38
C TYR H 144 -31.89 -39.00 27.43
N ILE H 145 -32.22 -38.43 26.26
CA ILE H 145 -33.06 -37.24 26.25
C ILE H 145 -34.37 -37.51 26.96
N LEU H 146 -35.02 -38.63 26.61
CA LEU H 146 -36.32 -38.95 27.19
C LEU H 146 -36.23 -39.32 28.66
N TYR H 147 -35.05 -39.72 29.14
CA TYR H 147 -34.87 -40.17 30.51
C TYR H 147 -34.47 -39.04 31.45
N LYS H 148 -33.58 -38.16 31.02
CA LYS H 148 -32.97 -37.19 31.93
C LYS H 148 -33.63 -35.82 31.92
N TYR H 149 -34.39 -35.49 30.88
CA TYR H 149 -34.95 -34.15 30.70
C TYR H 149 -36.45 -34.24 30.50
N PRO H 150 -37.22 -34.32 31.58
CA PRO H 150 -38.68 -34.36 31.45
C PRO H 150 -39.27 -33.00 31.12
N ASN H 151 -38.59 -31.93 31.53
CA ASN H 151 -39.05 -30.57 31.28
C ASN H 151 -38.57 -30.02 29.95
N SER H 152 -37.96 -30.85 29.11
CA SER H 152 -37.49 -30.40 27.81
C SER H 152 -38.66 -30.16 26.86
N SER H 153 -38.42 -29.31 25.88
CA SER H 153 -39.39 -29.04 24.82
C SER H 153 -39.15 -29.90 23.58
N ASN H 154 -38.18 -30.80 23.62
CA ASN H 154 -37.87 -31.67 22.49
C ASN H 154 -38.31 -33.11 22.74
N ILE H 155 -39.26 -33.32 23.65
CA ILE H 155 -39.67 -34.68 24.00
C ILE H 155 -40.29 -35.38 22.80
N TYR H 156 -41.14 -34.68 22.05
CA TYR H 156 -41.81 -35.31 20.91
C TYR H 156 -40.84 -35.56 19.76
N THR H 157 -39.92 -34.63 19.52
CA THR H 157 -38.89 -34.86 18.51
C THR H 157 -38.02 -36.04 18.90
N ALA H 158 -37.65 -36.13 20.18
CA ALA H 158 -36.87 -37.26 20.65
C ALA H 158 -37.64 -38.57 20.49
N LYS H 159 -38.95 -38.55 20.75
CA LYS H 159 -39.76 -39.75 20.59
C LYS H 159 -39.81 -40.19 19.14
N ILE H 160 -40.03 -39.26 18.22
CA ILE H 160 -40.09 -39.61 16.81
C ILE H 160 -38.74 -40.12 16.32
N TRP H 161 -37.66 -39.52 16.79
CA TRP H 161 -36.33 -39.95 16.37
C TRP H 161 -35.98 -41.32 16.94
N ARG H 162 -36.40 -41.57 18.19
CA ARG H 162 -36.25 -42.91 18.75
C ARG H 162 -37.02 -43.94 17.95
N GLU H 163 -38.22 -43.56 17.48
CA GLU H 163 -39.01 -44.50 16.70
C GLU H 163 -38.39 -44.79 15.34
N LYS H 164 -37.83 -43.77 14.67
CA LYS H 164 -37.21 -44.07 13.38
C LYS H 164 -35.89 -44.81 13.56
N THR H 165 -35.20 -44.60 14.68
CA THR H 165 -34.04 -45.43 14.98
C THR H 165 -34.45 -46.88 15.21
N ASN H 166 -35.56 -47.09 15.90
CA ASN H 166 -36.07 -48.45 16.08
C ASN H 166 -36.45 -49.07 14.74
N MET H 167 -37.04 -48.27 13.84
CA MET H 167 -37.36 -48.75 12.50
C MET H 167 -36.10 -49.17 11.77
N ARG H 168 -35.03 -48.39 11.88
CA ARG H 168 -33.75 -48.78 11.29
C ARG H 168 -33.17 -50.04 11.91
N LEU H 169 -33.55 -50.35 13.15
CA LEU H 169 -33.10 -51.55 13.82
C LEU H 169 -34.00 -52.76 13.57
N GLY H 170 -35.08 -52.58 12.82
CA GLY H 170 -35.93 -53.70 12.44
C GLY H 170 -37.05 -53.99 13.43
N ASN H 171 -37.64 -52.94 14.00
CA ASN H 171 -38.71 -53.10 14.98
C ASN H 171 -39.97 -52.40 14.49
N ASP H 172 -40.36 -52.66 13.24
CA ASP H 172 -41.41 -51.88 12.59
C ASP H 172 -42.73 -51.96 13.33
N ALA H 173 -43.06 -53.11 13.92
CA ALA H 173 -44.32 -53.22 14.66
C ALA H 173 -44.32 -52.31 15.88
N ILE H 174 -43.23 -52.30 16.63
CA ILE H 174 -43.11 -51.39 17.77
C ILE H 174 -43.18 -49.94 17.30
N VAL H 175 -42.56 -49.64 16.16
CA VAL H 175 -42.59 -48.29 15.63
C VAL H 175 -44.02 -47.87 15.31
N VAL H 176 -44.77 -48.76 14.66
CA VAL H 176 -46.16 -48.45 14.32
C VAL H 176 -46.97 -48.21 15.58
N LYS H 177 -46.82 -49.10 16.58
CA LYS H 177 -47.57 -48.95 17.82
C LYS H 177 -47.26 -47.62 18.50
N ASN H 178 -45.97 -47.31 18.67
CA ASN H 178 -45.59 -46.12 19.41
C ASN H 178 -45.96 -44.84 18.65
N ILE H 179 -45.78 -44.83 17.33
CA ILE H 179 -46.10 -43.63 16.57
C ILE H 179 -47.61 -43.41 16.54
N ASN H 180 -48.40 -44.49 16.44
CA ASN H 180 -49.85 -44.33 16.53
C ASN H 180 -50.26 -43.80 17.89
N GLN H 181 -49.64 -44.33 18.97
CA GLN H 181 -49.90 -43.81 20.30
C GLN H 181 -49.61 -42.32 20.39
N LEU H 182 -48.45 -41.91 19.87
CA LEU H 182 -48.07 -40.50 19.94
C LEU H 182 -49.01 -39.63 19.11
N LEU H 183 -49.35 -40.07 17.90
CA LEU H 183 -50.21 -39.28 17.03
C LEU H 183 -51.65 -39.23 17.52
N LYS H 184 -52.04 -40.14 18.41
CA LYS H 184 -53.41 -40.17 18.90
C LYS H 184 -53.82 -38.82 19.48
N LYS H 185 -53.15 -38.38 20.54
CA LYS H 185 -53.44 -37.07 21.15
C LYS H 185 -52.13 -36.32 21.34
N THR H 186 -51.69 -35.63 20.29
CA THR H 186 -50.56 -34.71 20.41
C THR H 186 -50.73 -33.40 19.66
N ASP H 187 -51.55 -33.34 18.60
CA ASP H 187 -51.77 -32.15 17.79
C ASP H 187 -50.48 -31.40 17.42
N LEU H 188 -49.41 -32.16 17.20
CA LEU H 188 -48.09 -31.57 17.00
C LEU H 188 -48.01 -30.82 15.67
N ASN H 189 -46.83 -30.26 15.42
CA ASN H 189 -46.60 -29.37 14.29
C ASN H 189 -46.78 -30.11 12.97
N LYS H 190 -47.10 -29.35 11.93
CA LYS H 190 -47.42 -29.92 10.62
C LYS H 190 -46.25 -30.69 10.04
N GLN H 191 -45.05 -30.11 10.10
CA GLN H 191 -43.88 -30.77 9.52
C GLN H 191 -43.52 -32.04 10.29
N THR H 192 -43.59 -32.00 11.62
CA THR H 192 -43.34 -33.21 12.40
C THR H 192 -44.45 -34.24 12.20
N PHE H 193 -45.68 -33.79 11.97
CA PHE H 193 -46.75 -34.71 11.64
C PHE H 193 -46.46 -35.44 10.33
N SER H 194 -46.00 -34.70 9.32
CA SER H 194 -45.63 -35.31 8.05
C SER H 194 -44.46 -36.27 8.22
N ASP H 195 -43.49 -35.90 9.05
CA ASP H 195 -42.35 -36.78 9.31
C ASP H 195 -42.78 -38.07 9.99
N ALA H 196 -43.69 -37.97 10.96
CA ALA H 196 -44.19 -39.15 11.65
C ALA H 196 -44.96 -40.04 10.68
N ASN H 197 -45.74 -39.45 9.78
CA ASN H 197 -46.47 -40.25 8.81
C ASN H 197 -45.54 -40.91 7.79
N ALA H 198 -44.46 -40.24 7.41
CA ALA H 198 -43.46 -40.87 6.54
C ALA H 198 -42.80 -42.04 7.25
N LEU H 199 -42.50 -41.88 8.54
CA LEU H 199 -41.95 -42.98 9.32
C LEU H 199 -42.94 -44.15 9.39
N LEU H 200 -44.22 -43.85 9.58
CA LEU H 200 -45.25 -44.90 9.58
C LEU H 200 -45.30 -45.60 8.24
N ALA H 201 -45.21 -44.85 7.15
CA ALA H 201 -45.24 -45.46 5.82
C ALA H 201 -44.05 -46.39 5.62
N GLU H 202 -42.86 -45.97 6.05
CA GLU H 202 -41.70 -46.83 5.92
C GLU H 202 -41.84 -48.10 6.77
N ALA H 203 -42.35 -47.94 8.00
CA ALA H 203 -42.55 -49.10 8.88
C ALA H 203 -43.56 -50.07 8.28
N PHE H 204 -44.64 -49.56 7.70
CA PHE H 204 -45.63 -50.43 7.06
C PHE H 204 -45.07 -51.09 5.81
N LEU H 205 -44.20 -50.39 5.08
CA LEU H 205 -43.52 -51.01 3.95
C LEU H 205 -42.66 -52.18 4.42
N ASN H 206 -41.95 -52.01 5.53
CA ASN H 206 -41.14 -53.12 6.05
C ASN H 206 -42.01 -54.27 6.53
N LEU H 207 -43.24 -53.99 6.98
CA LEU H 207 -44.18 -55.01 7.39
C LEU H 207 -44.94 -55.63 6.23
N GLU H 208 -44.69 -55.16 5.00
CA GLU H 208 -45.38 -55.63 3.81
C GLU H 208 -46.89 -55.40 3.90
N GLU H 209 -47.25 -54.14 4.14
CA GLU H 209 -48.63 -53.70 4.17
C GLU H 209 -48.74 -52.54 3.18
N ARG H 210 -49.03 -52.87 1.92
CA ARG H 210 -49.00 -51.86 0.86
C ARG H 210 -50.07 -50.79 1.06
N ASP H 211 -51.27 -51.20 1.50
CA ASP H 211 -52.36 -50.23 1.65
C ASP H 211 -52.07 -49.24 2.77
N SER H 212 -51.60 -49.73 3.92
CA SER H 212 -51.27 -48.86 5.03
C SER H 212 -50.14 -47.92 4.67
N ALA H 213 -49.12 -48.44 3.98
CA ALA H 213 -48.01 -47.60 3.55
C ALA H 213 -48.49 -46.52 2.59
N VAL H 214 -49.40 -46.88 1.68
CA VAL H 214 -49.92 -45.90 0.73
C VAL H 214 -50.69 -44.79 1.46
N ALA H 215 -51.53 -45.18 2.42
CA ALA H 215 -52.31 -44.18 3.16
C ALA H 215 -51.40 -43.26 3.96
N LYS H 216 -50.41 -43.83 4.66
CA LYS H 216 -49.51 -43.03 5.46
C LYS H 216 -48.66 -42.10 4.60
N LEU H 217 -48.18 -42.59 3.46
CA LEU H 217 -47.41 -41.73 2.56
C LEU H 217 -48.27 -40.65 1.95
N ARG H 218 -49.55 -40.94 1.69
CA ARG H 218 -50.47 -39.91 1.22
C ARG H 218 -50.60 -38.80 2.24
N ILE H 219 -50.77 -39.16 3.52
CA ILE H 219 -50.88 -38.14 4.56
C ILE H 219 -49.58 -37.36 4.68
N ALA H 220 -48.44 -38.06 4.62
CA ALA H 220 -47.14 -37.39 4.74
C ALA H 220 -46.91 -36.41 3.61
N GLU H 221 -47.29 -36.78 2.39
CA GLU H 221 -47.17 -35.86 1.26
C GLU H 221 -48.12 -34.69 1.39
N GLN H 222 -49.33 -34.94 1.90
CA GLN H 222 -50.30 -33.86 2.07
C GLN H 222 -49.80 -32.82 3.07
N PHE H 223 -49.20 -33.26 4.17
CA PHE H 223 -48.81 -32.36 5.24
C PHE H 223 -47.36 -31.89 5.16
N SER H 224 -46.63 -32.28 4.12
CA SER H 224 -45.23 -31.90 4.01
C SER H 224 -45.08 -30.45 3.58
N ARG H 225 -44.03 -29.80 4.06
CA ARG H 225 -43.71 -28.43 3.71
C ARG H 225 -42.48 -28.31 2.82
N ILE H 226 -41.69 -29.36 2.67
CA ILE H 226 -40.49 -29.33 1.85
C ILE H 226 -40.83 -29.84 0.46
N ASN H 227 -40.46 -29.07 -0.56
CA ASN H 227 -40.83 -29.41 -1.94
C ASN H 227 -40.12 -30.67 -2.42
N GLU H 228 -38.84 -30.82 -2.06
CA GLU H 228 -38.10 -32.02 -2.45
C GLU H 228 -38.72 -33.27 -1.85
N ASP H 229 -39.09 -33.20 -0.57
CA ASP H 229 -39.74 -34.32 0.08
C ASP H 229 -41.11 -34.61 -0.55
N ARG H 230 -41.84 -33.55 -0.89
CA ARG H 230 -43.15 -33.75 -1.52
C ARG H 230 -43.01 -34.44 -2.87
N ALA H 231 -42.04 -34.02 -3.68
CA ALA H 231 -41.82 -34.66 -4.97
C ALA H 231 -41.39 -36.11 -4.80
N ARG H 232 -40.50 -36.39 -3.84
CA ARG H 232 -40.08 -37.76 -3.59
C ARG H 232 -41.26 -38.62 -3.15
N TYR H 233 -42.11 -38.08 -2.28
CA TYR H 233 -43.26 -38.84 -1.79
C TYR H 233 -44.25 -39.12 -2.90
N LYS H 234 -44.51 -38.13 -3.77
CA LYS H 234 -45.40 -38.36 -4.88
C LYS H 234 -44.83 -39.38 -5.86
N PHE H 235 -43.52 -39.33 -6.09
CA PHE H 235 -42.89 -40.33 -6.95
C PHE H 235 -43.00 -41.72 -6.36
N ILE H 236 -42.80 -41.85 -5.05
CA ILE H 236 -42.91 -43.16 -4.42
C ILE H 236 -44.34 -43.67 -4.42
N LEU H 237 -45.32 -42.76 -4.26
CA LEU H 237 -46.71 -43.17 -4.36
C LEU H 237 -47.04 -43.66 -5.76
N GLY H 238 -46.56 -42.96 -6.79
CA GLY H 238 -46.74 -43.43 -8.15
C GLY H 238 -46.08 -44.78 -8.38
N GLN H 239 -44.89 -44.98 -7.81
CA GLN H 239 -44.21 -46.26 -7.91
C GLN H 239 -45.01 -47.37 -7.24
N MET H 240 -45.58 -47.09 -6.07
CA MET H 240 -46.40 -48.08 -5.37
C MET H 240 -47.60 -48.47 -6.20
N TYR H 241 -48.30 -47.47 -6.76
CA TYR H 241 -49.49 -47.77 -7.54
C TYR H 241 -49.15 -48.49 -8.85
N GLN H 242 -48.02 -48.15 -9.46
CA GLN H 242 -47.59 -48.87 -10.65
C GLN H 242 -47.22 -50.30 -10.32
N GLU H 243 -46.58 -50.53 -9.18
CA GLU H 243 -46.24 -51.89 -8.76
C GLU H 243 -47.50 -52.70 -8.52
N VAL H 244 -48.51 -52.10 -7.88
CA VAL H 244 -49.77 -52.81 -7.68
C VAL H 244 -50.47 -53.05 -9.02
N GLY H 245 -50.35 -52.12 -9.96
CA GLY H 245 -51.00 -52.22 -11.25
C GLY H 245 -52.06 -51.15 -11.49
N ASN H 246 -52.28 -50.24 -10.56
CA ASN H 246 -53.28 -49.18 -10.71
C ASN H 246 -52.66 -48.05 -11.51
N LYS H 247 -52.82 -48.11 -12.83
CA LYS H 247 -52.21 -47.10 -13.69
C LYS H 247 -52.91 -45.75 -13.59
N ASP H 248 -54.16 -45.71 -13.15
CA ASP H 248 -54.83 -44.42 -12.98
C ASP H 248 -54.19 -43.61 -11.86
N SER H 249 -54.03 -44.23 -10.69
CA SER H 249 -53.44 -43.52 -9.56
C SER H 249 -51.95 -43.29 -9.76
N ALA H 250 -51.27 -44.25 -10.39
CA ALA H 250 -49.86 -44.05 -10.72
C ALA H 250 -49.68 -42.88 -11.68
N THR H 251 -50.54 -42.78 -12.69
CA THR H 251 -50.50 -41.64 -13.60
C THR H 251 -50.80 -40.35 -12.86
N TYR H 252 -51.77 -40.39 -11.94
CA TYR H 252 -52.10 -39.22 -11.15
C TYR H 252 -50.88 -38.70 -10.39
N TYR H 253 -50.16 -39.60 -9.72
CA TYR H 253 -49.04 -39.15 -8.90
C TYR H 253 -47.82 -38.78 -9.73
N TYR H 254 -47.57 -39.49 -10.83
CA TYR H 254 -46.50 -39.09 -11.72
C TYR H 254 -46.78 -37.71 -12.33
N ASP H 255 -48.03 -37.46 -12.71
CA ASP H 255 -48.41 -36.14 -13.19
C ASP H 255 -48.29 -35.09 -12.10
N GLY H 256 -48.55 -35.46 -10.86
CA GLY H 256 -48.30 -34.55 -9.76
C GLY H 256 -46.83 -34.19 -9.62
N VAL H 257 -45.95 -35.16 -9.83
CA VAL H 257 -44.52 -34.88 -9.85
C VAL H 257 -44.18 -33.94 -11.01
N ILE H 258 -44.75 -34.19 -12.18
CA ILE H 258 -44.49 -33.35 -13.35
C ILE H 258 -44.96 -31.92 -13.09
N HIS H 259 -46.10 -31.76 -12.40
CA HIS H 259 -46.69 -30.47 -12.13
C HIS H 259 -45.89 -29.65 -11.13
N MET H 260 -44.87 -30.24 -10.51
CA MET H 260 -43.99 -29.57 -9.56
C MET H 260 -42.71 -29.11 -10.24
N ASN H 261 -42.86 -28.59 -11.47
CA ASN H 261 -41.83 -28.52 -12.50
C ASN H 261 -40.44 -28.20 -11.98
N ARG H 262 -40.23 -27.01 -11.41
CA ARG H 262 -38.90 -26.61 -11.01
C ARG H 262 -38.76 -26.46 -9.50
N LYS H 263 -39.74 -26.93 -8.74
CA LYS H 263 -39.67 -26.87 -7.29
C LYS H 263 -38.90 -28.05 -6.70
N ALA H 264 -38.42 -28.97 -7.52
CA ALA H 264 -37.70 -30.13 -7.02
C ALA H 264 -36.65 -30.54 -8.05
N ASP H 265 -35.88 -31.57 -7.71
CA ASP H 265 -34.85 -32.08 -8.60
C ASP H 265 -35.47 -32.60 -9.89
N ARG H 266 -34.80 -32.34 -11.01
CA ARG H 266 -35.30 -32.77 -12.31
C ARG H 266 -35.29 -34.28 -12.48
N LYS H 267 -34.56 -35.00 -11.63
CA LYS H 267 -34.53 -36.46 -11.74
C LYS H 267 -35.92 -37.04 -11.49
N TYR H 268 -36.65 -36.49 -10.53
CA TYR H 268 -37.99 -37.00 -10.25
C TYR H 268 -38.91 -36.81 -11.44
N MET H 269 -38.86 -35.63 -12.07
CA MET H 269 -39.74 -35.39 -13.23
C MET H 269 -39.35 -36.26 -14.41
N MET H 270 -38.05 -36.37 -14.69
CA MET H 270 -37.62 -37.16 -15.84
C MET H 270 -37.94 -38.63 -15.65
N HIS H 271 -37.72 -39.16 -14.45
CA HIS H 271 -38.05 -40.56 -14.21
C HIS H 271 -39.55 -40.76 -14.12
N ALA H 272 -40.31 -39.74 -13.71
CA ALA H 272 -41.77 -39.85 -13.77
C ALA H 272 -42.24 -39.96 -15.21
N TYR H 273 -41.62 -39.21 -16.12
CA TYR H 273 -41.91 -39.37 -17.54
C TYR H 273 -41.53 -40.75 -18.02
N ALA H 274 -40.39 -41.27 -17.57
CA ALA H 274 -39.98 -42.62 -17.96
C ALA H 274 -40.99 -43.67 -17.50
N LYS H 275 -41.45 -43.56 -16.26
CA LYS H 275 -42.41 -44.54 -15.74
C LYS H 275 -43.79 -44.37 -16.35
N LYS H 276 -44.14 -43.14 -16.74
CA LYS H 276 -45.36 -42.95 -17.52
C LYS H 276 -45.25 -43.63 -18.88
N ALA H 277 -44.07 -43.58 -19.49
CA ALA H 277 -43.84 -44.32 -20.71
C ALA H 277 -43.96 -45.82 -20.49
N GLN H 278 -43.50 -46.30 -19.32
CA GLN H 278 -43.59 -47.73 -19.02
C GLN H 278 -45.05 -48.20 -18.97
N MET H 279 -45.93 -47.38 -18.41
CA MET H 279 -47.34 -47.73 -18.28
C MET H 279 -48.16 -47.32 -19.49
N TYR H 280 -47.53 -47.19 -20.66
CA TYR H 280 -48.26 -46.83 -21.86
C TYR H 280 -49.20 -47.96 -22.27
N ASP H 281 -50.38 -47.58 -22.76
CA ASP H 281 -51.38 -48.54 -23.23
C ASP H 281 -51.12 -48.82 -24.70
N TYR H 282 -50.53 -49.98 -24.99
CA TYR H 282 -50.11 -50.30 -26.34
C TYR H 282 -51.25 -50.80 -27.22
N GLU H 283 -52.44 -50.99 -26.67
CA GLU H 283 -53.59 -51.44 -27.44
C GLU H 283 -54.50 -50.29 -27.87
N LYS H 284 -54.85 -49.41 -26.94
CA LYS H 284 -55.77 -48.31 -27.22
C LYS H 284 -55.11 -46.94 -27.18
N GLY H 285 -53.86 -46.84 -26.73
CA GLY H 285 -53.22 -45.55 -26.62
C GLY H 285 -52.91 -44.93 -27.96
N ASN H 286 -52.73 -43.61 -27.95
CA ASN H 286 -52.43 -42.84 -29.15
C ASN H 286 -50.92 -42.74 -29.31
N ASP H 287 -50.39 -43.32 -30.39
CA ASP H 287 -48.96 -43.28 -30.63
C ASP H 287 -48.47 -41.88 -30.97
N THR H 288 -49.28 -41.10 -31.68
CA THR H 288 -48.86 -39.77 -32.10
C THR H 288 -48.61 -38.86 -30.90
N ILE H 289 -49.52 -38.87 -29.93
CA ILE H 289 -49.36 -38.01 -28.75
C ILE H 289 -48.14 -38.41 -27.95
N PHE H 290 -47.95 -39.72 -27.73
CA PHE H 290 -46.78 -40.20 -27.00
C PHE H 290 -45.50 -39.79 -27.72
N LEU H 291 -45.45 -40.00 -29.03
CA LEU H 291 -44.25 -39.68 -29.78
C LEU H 291 -43.94 -38.19 -29.75
N LYS H 292 -44.97 -37.35 -29.91
CA LYS H 292 -44.74 -35.91 -29.88
C LYS H 292 -44.28 -35.46 -28.50
N THR H 293 -44.88 -36.02 -27.43
CA THR H 293 -44.49 -35.63 -26.08
C THR H 293 -43.04 -36.00 -25.81
N TYR H 294 -42.64 -37.22 -26.17
CA TYR H 294 -41.29 -37.64 -25.83
C TYR H 294 -40.24 -37.08 -26.78
N ASN H 295 -40.64 -36.73 -28.02
CA ASN H 295 -39.72 -36.00 -28.89
C ASN H 295 -39.50 -34.59 -28.38
N LYS H 296 -40.55 -33.94 -27.88
CA LYS H 296 -40.38 -32.63 -27.26
C LYS H 296 -39.51 -32.72 -26.01
N LEU H 297 -39.68 -33.79 -25.23
CA LEU H 297 -38.87 -33.99 -24.04
C LEU H 297 -37.40 -34.17 -24.39
N VAL H 298 -37.13 -35.00 -25.41
CA VAL H 298 -35.74 -35.37 -25.72
C VAL H 298 -35.04 -34.34 -26.58
N ALA H 299 -35.77 -33.35 -27.09
CA ALA H 299 -35.19 -32.23 -27.83
C ALA H 299 -35.11 -30.97 -26.97
N ASP H 300 -34.84 -31.15 -25.67
CA ASP H 300 -34.77 -30.06 -24.72
C ASP H 300 -33.38 -30.03 -24.09
N ARG H 301 -32.85 -28.83 -23.88
CA ARG H 301 -31.53 -28.69 -23.31
C ARG H 301 -31.50 -28.98 -21.82
N GLU H 302 -32.58 -28.69 -21.10
CA GLU H 302 -32.62 -28.92 -19.66
C GLU H 302 -32.70 -30.41 -19.31
N ASN H 303 -32.99 -31.27 -20.27
CA ASN H 303 -33.17 -32.69 -20.03
C ASN H 303 -31.95 -33.52 -20.39
N ARG H 304 -30.83 -32.89 -20.75
CA ARG H 304 -29.67 -33.63 -21.23
C ARG H 304 -29.17 -34.70 -20.26
N PRO H 305 -28.98 -34.42 -18.97
CA PRO H 305 -28.44 -35.46 -18.08
C PRO H 305 -29.32 -36.69 -17.98
N TYR H 306 -30.56 -36.63 -18.45
CA TYR H 306 -31.48 -37.75 -18.39
C TYR H 306 -31.87 -38.27 -19.76
N TYR H 307 -31.22 -37.76 -20.82
CA TYR H 307 -31.54 -38.19 -22.18
C TYR H 307 -31.54 -39.71 -22.30
N ASP H 308 -30.51 -40.34 -21.75
CA ASP H 308 -30.41 -41.81 -21.79
C ASP H 308 -31.69 -42.44 -21.27
N VAL H 309 -32.12 -42.02 -20.08
CA VAL H 309 -33.31 -42.60 -19.46
C VAL H 309 -34.51 -42.41 -20.37
N LEU H 310 -34.61 -41.25 -21.01
CA LEU H 310 -35.68 -41.03 -21.96
C LEU H 310 -35.47 -41.87 -23.22
N PHE H 311 -34.25 -41.85 -23.75
CA PHE H 311 -34.00 -42.51 -25.04
C PHE H 311 -34.30 -44.00 -24.94
N TYR H 312 -33.79 -44.65 -23.89
CA TYR H 312 -34.10 -46.05 -23.66
C TYR H 312 -35.60 -46.29 -23.68
N GLU H 313 -36.35 -45.46 -22.96
CA GLU H 313 -37.80 -45.65 -22.92
C GLU H 313 -38.38 -45.58 -24.32
N MET H 314 -37.96 -44.58 -25.11
CA MET H 314 -38.45 -44.48 -26.48
C MET H 314 -38.12 -45.75 -27.25
N GLY H 315 -36.90 -46.25 -27.10
CA GLY H 315 -36.55 -47.51 -27.75
C GLY H 315 -37.49 -48.61 -27.35
N VAL H 316 -37.76 -48.73 -26.05
CA VAL H 316 -38.67 -49.76 -25.56
C VAL H 316 -40.01 -49.62 -26.24
N PHE H 317 -40.50 -48.37 -26.37
CA PHE H 317 -41.76 -48.15 -27.05
C PHE H 317 -41.70 -48.70 -28.47
N TYR H 318 -40.66 -48.32 -29.23
CA TYR H 318 -40.54 -48.81 -30.58
C TYR H 318 -40.26 -50.31 -30.62
N ASP H 319 -39.74 -50.87 -29.52
CA ASP H 319 -39.58 -52.32 -29.45
C ASP H 319 -40.93 -53.02 -29.36
N LYS H 320 -41.88 -52.41 -28.66
CA LYS H 320 -43.19 -53.03 -28.46
C LYS H 320 -44.16 -52.72 -29.58
N LYS H 321 -43.82 -51.82 -30.49
CA LYS H 321 -44.61 -51.56 -31.68
C LYS H 321 -44.06 -52.28 -32.91
N LYS H 322 -43.09 -53.19 -32.71
CA LYS H 322 -42.51 -53.99 -33.78
C LYS H 322 -41.88 -53.11 -34.86
N ASP H 323 -41.21 -52.06 -34.44
CA ASP H 323 -40.46 -51.16 -35.32
C ASP H 323 -38.99 -51.31 -34.94
N LYS H 324 -38.31 -52.27 -35.57
CA LYS H 324 -36.95 -52.58 -35.16
C LYS H 324 -35.96 -51.48 -35.52
N GLU H 325 -36.18 -50.79 -36.63
CA GLU H 325 -35.26 -49.73 -37.02
C GLU H 325 -35.22 -48.60 -35.99
N ASN H 326 -36.40 -48.08 -35.64
CA ASN H 326 -36.45 -46.98 -34.68
C ASN H 326 -36.05 -47.45 -33.28
N ALA H 327 -36.43 -48.66 -32.90
CA ALA H 327 -36.03 -49.19 -31.60
C ALA H 327 -34.51 -49.29 -31.51
N LEU H 328 -33.87 -49.81 -32.55
CA LEU H 328 -32.42 -49.90 -32.57
C LEU H 328 -31.79 -48.52 -32.55
N LYS H 329 -32.37 -47.58 -33.30
CA LYS H 329 -31.83 -46.23 -33.34
C LYS H 329 -31.85 -45.58 -31.95
N PHE H 330 -32.97 -45.71 -31.25
CA PHE H 330 -33.07 -45.06 -29.94
C PHE H 330 -32.31 -45.81 -28.86
N TYR H 331 -32.20 -47.12 -28.96
CA TYR H 331 -31.31 -47.85 -28.06
C TYR H 331 -29.86 -47.41 -28.27
N ASN H 332 -29.45 -47.22 -29.52
CA ASN H 332 -28.11 -46.74 -29.80
C ASN H 332 -27.90 -45.33 -29.28
N LYS H 333 -28.92 -44.47 -29.38
CA LYS H 333 -28.81 -43.13 -28.81
C LYS H 333 -28.63 -43.20 -27.30
N SER H 334 -29.41 -44.05 -26.62
CA SER H 334 -29.27 -44.20 -25.18
C SER H 334 -27.89 -44.72 -24.81
N LEU H 335 -27.36 -45.67 -25.59
CA LEU H 335 -26.02 -46.19 -25.31
C LEU H 335 -24.95 -45.13 -25.54
N GLY H 336 -25.08 -44.35 -26.62
CA GLY H 336 -24.13 -43.29 -26.89
C GLY H 336 -24.20 -42.14 -25.91
N ARG H 337 -25.30 -42.05 -25.15
CA ARG H 337 -25.36 -41.06 -24.08
C ARG H 337 -24.44 -41.38 -22.91
N LYS H 338 -23.89 -42.60 -22.83
CA LYS H 338 -22.94 -42.98 -21.78
C LYS H 338 -23.56 -42.78 -20.39
N SER H 339 -24.56 -43.62 -20.13
CA SER H 339 -25.51 -43.38 -19.05
C SER H 339 -24.86 -43.14 -17.69
N LYS H 340 -23.72 -43.80 -17.44
CA LYS H 340 -23.02 -43.76 -16.16
C LYS H 340 -23.78 -44.54 -15.10
N ASP H 341 -24.99 -44.96 -15.42
CA ASP H 341 -25.69 -45.98 -14.66
C ASP H 341 -25.45 -47.31 -15.36
N PRO H 342 -24.72 -48.24 -14.75
CA PRO H 342 -24.37 -49.48 -15.47
C PRO H 342 -25.57 -50.28 -15.92
N TYR H 343 -26.65 -50.29 -15.14
CA TYR H 343 -27.79 -51.13 -15.49
C TYR H 343 -28.56 -50.58 -16.68
N LEU H 344 -28.55 -49.27 -16.90
CA LEU H 344 -29.21 -48.73 -18.09
C LEU H 344 -28.45 -49.12 -19.36
N MET H 345 -27.13 -49.02 -19.33
CA MET H 345 -26.31 -49.48 -20.45
C MET H 345 -26.52 -50.97 -20.69
N ALA H 346 -26.52 -51.76 -19.62
CA ALA H 346 -26.74 -53.19 -19.74
C ALA H 346 -28.11 -53.50 -20.30
N SER H 347 -29.14 -52.77 -19.86
CA SER H 347 -30.49 -52.99 -20.36
C SER H 347 -30.60 -52.66 -21.84
N ALA H 348 -29.98 -51.56 -22.28
CA ALA H 348 -30.01 -51.23 -23.70
C ALA H 348 -29.29 -52.29 -24.53
N TYR H 349 -28.11 -52.73 -24.07
CA TYR H 349 -27.39 -53.78 -24.78
C TYR H 349 -28.20 -55.07 -24.84
N ARG H 350 -28.81 -55.44 -23.71
CA ARG H 350 -29.60 -56.68 -23.65
C ARG H 350 -30.84 -56.59 -24.54
N ASN H 351 -31.46 -55.41 -24.61
CA ASN H 351 -32.63 -55.26 -25.45
C ASN H 351 -32.27 -55.34 -26.93
N ILE H 352 -31.13 -54.76 -27.32
CA ILE H 352 -30.68 -54.92 -28.70
C ILE H 352 -30.34 -56.39 -28.98
N GLY H 353 -29.70 -57.06 -28.02
CA GLY H 353 -29.41 -58.47 -28.19
C GLY H 353 -30.66 -59.31 -28.35
N ASN H 354 -31.69 -59.01 -27.57
CA ASN H 354 -32.95 -59.74 -27.69
C ASN H 354 -33.64 -59.44 -29.02
N MET H 355 -33.56 -58.20 -29.49
CA MET H 355 -34.12 -57.86 -30.79
C MET H 355 -33.44 -58.66 -31.90
N TYR H 356 -32.12 -58.81 -31.81
CA TYR H 356 -31.39 -59.58 -32.81
C TYR H 356 -31.66 -61.07 -32.67
N PHE H 357 -31.78 -61.56 -31.44
CA PHE H 357 -32.07 -62.97 -31.20
C PHE H 357 -33.43 -63.35 -31.76
N LYS H 358 -34.44 -62.52 -31.52
CA LYS H 358 -35.78 -62.80 -32.04
C LYS H 358 -35.85 -62.67 -33.56
N ASN H 359 -34.86 -62.07 -34.19
CA ASN H 359 -34.79 -61.93 -35.64
C ASN H 359 -33.95 -63.01 -36.27
N THR H 360 -33.61 -64.07 -35.53
CA THR H 360 -32.77 -65.17 -36.02
C THR H 360 -31.43 -64.66 -36.52
N ASP H 361 -30.86 -63.69 -35.80
CA ASP H 361 -29.53 -63.16 -36.07
C ASP H 361 -28.70 -63.38 -34.81
N TYR H 362 -28.10 -64.56 -34.70
CA TYR H 362 -27.49 -64.97 -33.44
C TYR H 362 -26.06 -64.48 -33.28
N THR H 363 -25.38 -64.12 -34.37
CA THR H 363 -24.04 -63.56 -34.22
C THR H 363 -24.09 -62.20 -33.55
N MET H 364 -24.95 -61.30 -34.04
CA MET H 364 -25.10 -60.00 -33.41
C MET H 364 -25.68 -60.14 -32.01
N ALA H 365 -26.58 -61.10 -31.80
CA ALA H 365 -27.12 -61.35 -30.47
C ALA H 365 -26.00 -61.74 -29.51
N ALA H 366 -25.09 -62.61 -29.94
CA ALA H 366 -23.96 -62.99 -29.10
C ALA H 366 -23.05 -61.81 -28.83
N LYS H 367 -22.80 -60.98 -29.85
CA LYS H 367 -21.97 -59.79 -29.65
C LYS H 367 -22.58 -58.86 -28.61
N TYR H 368 -23.90 -58.62 -28.70
CA TYR H 368 -24.53 -57.70 -27.76
C TYR H 368 -24.67 -58.32 -26.37
N TYR H 369 -24.79 -59.64 -26.27
CA TYR H 369 -24.76 -60.28 -24.97
C TYR H 369 -23.38 -60.16 -24.33
N ASP H 370 -22.33 -60.29 -25.13
CA ASP H 370 -20.99 -60.00 -24.64
C ASP H 370 -20.89 -58.56 -24.17
N SER H 371 -21.53 -57.64 -24.90
CA SER H 371 -21.53 -56.24 -24.50
C SER H 371 -22.19 -56.04 -23.14
N THR H 372 -23.38 -56.63 -22.94
CA THR H 372 -24.08 -56.39 -21.69
C THR H 372 -23.47 -57.15 -20.52
N LEU H 373 -22.72 -58.22 -20.77
CA LEU H 373 -22.09 -58.93 -19.68
C LEU H 373 -21.04 -58.07 -18.98
N THR H 374 -20.40 -57.16 -19.72
CA THR H 374 -19.43 -56.26 -19.10
C THR H 374 -20.11 -55.29 -18.14
N LYS H 375 -21.24 -54.72 -18.56
CA LYS H 375 -21.94 -53.75 -17.73
C LYS H 375 -22.72 -54.41 -16.60
N LEU H 376 -23.17 -55.64 -16.80
CA LEU H 376 -23.94 -56.33 -15.78
C LEU H 376 -23.06 -56.64 -14.57
N ASN H 377 -23.60 -56.42 -13.39
CA ASN H 377 -22.89 -56.75 -12.17
C ASN H 377 -22.91 -58.26 -11.95
N PRO H 378 -21.76 -58.89 -11.71
CA PRO H 378 -21.76 -60.33 -11.41
C PRO H 378 -22.54 -60.63 -10.14
N LYS H 379 -22.71 -61.93 -9.88
CA LYS H 379 -23.41 -62.50 -8.74
C LYS H 379 -24.92 -62.29 -8.87
N THR H 380 -25.35 -61.52 -9.87
CA THR H 380 -26.77 -61.29 -10.07
C THR H 380 -27.38 -62.44 -10.86
N ARG H 381 -28.68 -62.66 -10.67
CA ARG H 381 -29.38 -63.68 -11.43
C ARG H 381 -29.36 -63.35 -12.92
N GLU H 382 -29.56 -62.08 -13.27
CA GLU H 382 -29.57 -61.69 -14.68
C GLU H 382 -28.21 -61.91 -15.32
N PHE H 383 -27.12 -61.68 -14.57
CA PHE H 383 -25.80 -61.95 -15.10
C PHE H 383 -25.63 -63.42 -15.42
N ALA H 384 -26.08 -64.31 -14.53
CA ALA H 384 -26.00 -65.73 -14.80
C ALA H 384 -26.84 -66.12 -16.00
N PHE H 385 -28.04 -65.55 -16.11
CA PHE H 385 -28.92 -65.85 -17.23
C PHE H 385 -28.30 -65.44 -18.56
N ILE H 386 -27.76 -64.22 -18.62
CA ILE H 386 -27.16 -63.74 -19.85
C ILE H 386 -25.88 -64.51 -20.16
N GLU H 387 -25.13 -64.89 -19.13
CA GLU H 387 -23.93 -65.69 -19.34
C GLU H 387 -24.29 -67.05 -19.92
N LYS H 388 -25.34 -67.70 -19.41
CA LYS H 388 -25.78 -68.96 -19.97
C LYS H 388 -26.23 -68.80 -21.42
N ASN H 389 -26.98 -67.74 -21.70
CA ASN H 389 -27.44 -67.51 -23.07
C ASN H 389 -26.27 -67.27 -24.01
N ARG H 390 -25.26 -66.54 -23.56
CA ARG H 390 -24.08 -66.29 -24.39
C ARG H 390 -23.28 -67.57 -24.59
N LYS H 391 -23.15 -68.39 -23.56
CA LYS H 391 -22.40 -69.63 -23.67
C LYS H 391 -23.08 -70.59 -24.63
N ASN H 392 -24.37 -70.84 -24.44
CA ASN H 392 -25.12 -71.72 -25.34
C ASN H 392 -25.60 -70.97 -26.57
N LEU H 393 -24.70 -70.24 -27.22
CA LEU H 393 -25.03 -69.51 -28.44
C LEU H 393 -24.03 -69.83 -29.53
N ASP H 394 -22.81 -70.20 -29.14
CA ASP H 394 -21.84 -70.68 -30.11
C ASP H 394 -22.34 -71.95 -30.78
N ASN H 395 -22.89 -72.88 -29.99
CA ASN H 395 -23.48 -74.09 -30.57
C ASN H 395 -24.65 -73.74 -31.48
N VAL H 396 -25.47 -72.76 -31.07
CA VAL H 396 -26.62 -72.36 -31.89
C VAL H 396 -26.14 -71.83 -33.23
N ILE H 397 -25.13 -70.96 -33.22
CA ILE H 397 -24.62 -70.40 -34.46
C ILE H 397 -24.04 -71.49 -35.35
N LYS H 398 -23.23 -72.38 -34.75
CA LYS H 398 -22.59 -73.43 -35.52
C LYS H 398 -23.61 -74.35 -36.17
N TYR H 399 -24.56 -74.85 -35.37
CA TYR H 399 -25.55 -75.78 -35.89
C TYR H 399 -26.51 -75.11 -36.86
N GLU H 400 -26.85 -73.83 -36.63
CA GLU H 400 -27.69 -73.12 -37.59
C GLU H 400 -26.99 -72.96 -38.93
N GLY H 401 -25.71 -72.61 -38.91
CA GLY H 401 -24.97 -72.52 -40.16
C GLY H 401 -24.86 -73.86 -40.86
N ILE H 402 -24.59 -74.92 -40.10
CA ILE H 402 -24.48 -76.26 -40.68
C ILE H 402 -25.80 -76.66 -41.33
N ALA H 403 -26.90 -76.49 -40.59
CA ALA H 403 -28.21 -76.85 -41.10
C ALA H 403 -28.58 -76.02 -42.33
N LYS H 404 -28.28 -74.72 -42.30
CA LYS H 404 -28.63 -73.87 -43.42
C LYS H 404 -27.85 -74.26 -44.68
N ARG H 405 -26.55 -74.50 -44.54
CA ARG H 405 -25.76 -74.83 -45.72
C ARG H 405 -26.12 -76.22 -46.25
N ASN H 406 -26.38 -77.18 -45.36
CA ASN H 406 -26.77 -78.51 -45.82
C ASN H 406 -28.16 -78.49 -46.45
N ASP H 407 -29.06 -77.68 -45.91
CA ASP H 407 -30.38 -77.53 -46.53
C ASP H 407 -30.26 -76.91 -47.92
N SER H 408 -29.40 -75.90 -48.06
CA SER H 408 -29.18 -75.32 -49.38
C SER H 408 -28.64 -76.35 -50.35
N ILE H 409 -27.68 -77.17 -49.90
CA ILE H 409 -27.13 -78.21 -50.75
C ILE H 409 -28.21 -79.20 -51.16
N ILE H 410 -29.04 -79.62 -50.21
CA ILE H 410 -30.08 -80.60 -50.50
C ILE H 410 -31.09 -80.05 -51.50
N LYS H 411 -31.54 -78.81 -51.28
CA LYS H 411 -32.51 -78.21 -52.19
C LYS H 411 -31.94 -78.01 -53.59
N VAL H 412 -30.68 -77.58 -53.67
CA VAL H 412 -30.10 -77.36 -55.00
C VAL H 412 -29.83 -78.69 -55.70
N TYR H 413 -29.52 -79.74 -54.95
CA TYR H 413 -29.30 -81.06 -55.54
C TYR H 413 -30.59 -81.75 -55.92
N GLY H 414 -31.71 -81.41 -55.28
CA GLY H 414 -32.98 -82.02 -55.63
C GLY H 414 -33.33 -81.88 -57.09
N MET H 415 -32.91 -80.77 -57.71
CA MET H 415 -33.05 -80.59 -59.16
C MET H 415 -32.06 -79.52 -59.60
N PRO H 416 -30.80 -79.88 -59.87
CA PRO H 416 -29.82 -78.86 -60.29
C PRO H 416 -30.16 -78.31 -61.67
N ASP H 417 -30.65 -77.08 -61.71
CA ASP H 417 -31.20 -76.49 -62.92
C ASP H 417 -30.36 -75.31 -63.36
N SER H 418 -30.21 -75.15 -64.67
CA SER H 418 -29.43 -74.04 -65.20
C SER H 418 -30.10 -72.69 -64.95
N GLU H 419 -31.40 -72.68 -64.64
CA GLU H 419 -32.06 -71.42 -64.30
C GLU H 419 -31.48 -70.83 -63.03
N ARG H 420 -31.21 -71.67 -62.03
CA ARG H 420 -30.54 -71.20 -60.82
C ARG H 420 -29.14 -70.68 -61.14
N LYS H 421 -28.44 -71.35 -62.05
CA LYS H 421 -27.13 -70.86 -62.48
C LYS H 421 -27.23 -69.47 -63.10
N ILE H 422 -28.23 -69.26 -63.97
CA ILE H 422 -28.39 -67.96 -64.62
C ILE H 422 -28.74 -66.90 -63.59
N TYR H 423 -29.62 -67.21 -62.65
CA TYR H 423 -30.01 -66.24 -61.63
C TYR H 423 -28.82 -65.87 -60.74
N PHE H 424 -28.04 -66.87 -60.33
CA PHE H 424 -26.88 -66.59 -59.50
C PHE H 424 -25.83 -65.81 -60.27
N GLU H 425 -25.65 -66.11 -61.56
CA GLU H 425 -24.72 -65.34 -62.37
C GLU H 425 -25.17 -63.88 -62.49
N SER H 426 -26.48 -63.67 -62.66
CA SER H 426 -26.99 -62.30 -62.73
C SER H 426 -26.76 -61.56 -61.41
N TYR H 427 -27.00 -62.24 -60.28
CA TYR H 427 -26.76 -61.60 -58.98
C TYR H 427 -25.29 -61.30 -58.77
N ILE H 428 -24.40 -62.21 -59.19
CA ILE H 428 -22.97 -61.97 -59.06
C ILE H 428 -22.53 -60.82 -59.95
N ALA H 429 -23.11 -60.71 -61.15
CA ALA H 429 -22.81 -59.59 -62.03
C ALA H 429 -23.27 -58.28 -61.41
N GLU H 430 -24.46 -58.27 -60.80
CA GLU H 430 -24.93 -57.07 -60.12
C GLU H 430 -24.02 -56.70 -58.97
N LEU H 431 -23.54 -57.69 -58.21
CA LEU H 431 -22.61 -57.42 -57.12
C LEU H 431 -21.30 -56.87 -57.66
N LYS H 432 -20.82 -57.40 -58.78
CA LYS H 432 -19.61 -56.86 -59.41
C LYS H 432 -19.81 -55.40 -59.82
N LYS H 433 -20.96 -55.09 -60.42
CA LYS H 433 -21.24 -53.71 -60.80
C LYS H 433 -21.31 -52.80 -59.59
N LYS H 434 -21.93 -53.26 -58.50
CA LYS H 434 -21.99 -52.46 -57.28
C LYS H 434 -20.60 -52.22 -56.72
N ASP H 435 -19.75 -53.25 -56.72
CA ASP H 435 -18.38 -53.10 -56.23
C ASP H 435 -17.59 -52.13 -57.09
N GLU H 436 -17.76 -52.20 -58.41
CA GLU H 436 -17.09 -51.28 -59.31
C GLU H 436 -17.56 -49.84 -59.06
N ALA H 437 -18.87 -49.66 -58.85
CA ALA H 437 -19.39 -48.33 -58.56
C ALA H 437 -18.83 -47.81 -57.23
N LYS H 438 -18.73 -48.67 -56.22
CA LYS H 438 -18.14 -48.25 -54.96
C LYS H 438 -16.67 -47.87 -55.12
N ARG H 439 -15.93 -48.64 -55.91
CA ARG H 439 -14.53 -48.30 -56.18
C ARG H 439 -14.42 -46.96 -56.89
N ILE H 440 -15.31 -46.70 -57.84
CA ILE H 440 -15.33 -45.41 -58.51
C ILE H 440 -15.62 -44.29 -57.53
N LEU H 441 -16.60 -44.51 -56.64
CA LEU H 441 -16.95 -43.49 -55.65
C LEU H 441 -15.81 -43.22 -54.69
N GLU H 442 -15.01 -44.26 -54.39
CA GLU H 442 -13.88 -44.09 -53.48
C GLU H 442 -12.84 -43.12 -54.02
N GLU H 443 -12.75 -42.97 -55.34
CA GLU H 443 -11.79 -42.05 -55.94
C GLU H 443 -12.49 -40.84 -56.55
N VAL H 551 -15.46 -60.54 -65.57
CA VAL H 551 -16.91 -60.62 -65.70
C VAL H 551 -17.31 -61.98 -66.28
N VAL H 552 -17.10 -62.15 -67.59
CA VAL H 552 -17.47 -63.39 -68.25
C VAL H 552 -16.68 -64.56 -67.68
N ILE H 553 -15.37 -64.37 -67.50
CA ILE H 553 -14.53 -65.42 -66.93
C ILE H 553 -14.98 -65.74 -65.51
N GLU H 554 -15.25 -64.70 -64.71
CA GLU H 554 -15.73 -64.93 -63.35
C GLU H 554 -17.10 -65.58 -63.35
N LYS H 555 -17.97 -65.21 -64.29
CA LYS H 555 -19.27 -65.87 -64.40
C LYS H 555 -19.10 -67.36 -64.69
N TYR H 556 -18.20 -67.70 -65.61
CA TYR H 556 -17.97 -69.11 -65.95
C TYR H 556 -17.37 -69.85 -64.77
N THR H 557 -16.46 -69.21 -64.02
CA THR H 557 -15.90 -69.86 -62.84
C THR H 557 -16.97 -70.12 -61.79
N THR H 558 -17.89 -69.15 -61.59
CA THR H 558 -18.98 -69.36 -60.65
C THR H 558 -19.91 -70.48 -61.12
N ALA H 559 -20.17 -70.54 -62.42
CA ALA H 559 -21.00 -71.62 -62.96
C ALA H 559 -20.34 -72.98 -62.73
N PHE H 560 -19.02 -73.05 -62.93
CA PHE H 560 -18.29 -74.27 -62.62
C PHE H 560 -18.36 -74.60 -61.13
N TYR H 561 -18.30 -73.57 -60.28
CA TYR H 561 -18.42 -73.77 -58.85
C TYR H 561 -19.78 -74.33 -58.48
N GLU H 562 -20.83 -73.96 -59.22
CA GLU H 562 -22.12 -74.60 -59.01
C GLU H 562 -22.07 -76.09 -59.36
N LYS H 563 -21.24 -76.46 -60.33
CA LYS H 563 -21.05 -77.86 -60.69
C LYS H 563 -20.20 -78.62 -59.68
N GLN H 564 -19.87 -78.03 -58.53
CA GLN H 564 -19.10 -78.70 -57.50
C GLN H 564 -19.97 -79.41 -56.47
N LEU H 565 -21.17 -79.82 -56.87
CA LEU H 565 -22.01 -80.61 -56.00
C LEU H 565 -21.40 -82.00 -55.80
N PRO H 566 -21.70 -82.67 -54.68
CA PRO H 566 -21.15 -84.02 -54.48
C PRO H 566 -21.78 -85.02 -55.44
N LYS H 567 -21.01 -85.45 -56.44
CA LYS H 567 -21.54 -86.32 -57.48
C LYS H 567 -21.48 -87.78 -57.07
N THR H 568 -22.01 -88.10 -55.88
CA THR H 568 -22.11 -89.47 -55.42
C THR H 568 -23.47 -89.64 -54.74
N GLN H 569 -23.67 -90.79 -54.10
CA GLN H 569 -24.87 -91.04 -53.32
C GLN H 569 -24.60 -91.20 -51.83
N ILE H 570 -23.44 -91.75 -51.46
CA ILE H 570 -23.08 -91.80 -50.04
C ILE H 570 -22.77 -90.41 -49.52
N ALA H 571 -22.25 -89.53 -50.37
CA ALA H 571 -21.95 -88.16 -49.95
C ALA H 571 -23.22 -87.40 -49.61
N ILE H 572 -24.24 -87.51 -50.45
CA ILE H 572 -25.50 -86.82 -50.16
C ILE H 572 -26.19 -87.48 -48.96
N ASP H 573 -26.00 -88.79 -48.77
CA ASP H 573 -26.54 -89.43 -47.58
C ASP H 573 -25.89 -88.86 -46.32
N SER H 574 -24.56 -88.68 -46.35
CA SER H 574 -23.88 -88.07 -45.22
C SER H 574 -24.31 -86.62 -45.02
N ILE H 575 -24.55 -85.88 -46.10
CA ILE H 575 -25.01 -84.50 -45.99
C ILE H 575 -26.39 -84.44 -45.35
N GLY H 576 -27.30 -85.33 -45.77
CA GLY H 576 -28.60 -85.37 -45.14
C GLY H 576 -28.54 -85.79 -43.69
N LYS H 577 -27.63 -86.73 -43.36
CA LYS H 577 -27.43 -87.11 -41.97
C LYS H 577 -26.96 -85.92 -41.15
N GLU H 578 -26.02 -85.14 -41.69
CA GLU H 578 -25.54 -83.96 -40.99
C GLU H 578 -26.65 -82.93 -40.80
N ARG H 579 -27.48 -82.73 -41.83
CA ARG H 579 -28.59 -81.79 -41.72
C ARG H 579 -29.57 -82.22 -40.64
N ASN H 580 -29.93 -83.50 -40.63
CA ASN H 580 -30.87 -83.99 -39.62
C ASN H 580 -30.28 -83.91 -38.23
N PHE H 581 -28.99 -84.21 -38.07
CA PHE H 581 -28.34 -84.08 -36.78
C PHE H 581 -28.30 -82.63 -36.33
N ALA H 582 -28.06 -81.70 -37.26
CA ALA H 582 -28.07 -80.29 -36.91
C ALA H 582 -29.45 -79.85 -36.46
N TYR H 583 -30.50 -80.30 -37.15
CA TYR H 583 -31.86 -79.96 -36.74
C TYR H 583 -32.18 -80.51 -35.36
N TYR H 584 -31.78 -81.77 -35.10
CA TYR H 584 -32.03 -82.37 -33.80
C TYR H 584 -31.30 -81.63 -32.70
N GLN H 585 -30.03 -81.29 -32.93
CA GLN H 585 -29.26 -80.56 -31.94
C GLN H 585 -29.84 -79.17 -31.69
N LEU H 586 -30.27 -78.48 -32.75
CA LEU H 586 -30.87 -77.17 -32.60
C LEU H 586 -32.16 -77.25 -31.78
N GLY H 587 -33.01 -78.23 -32.08
CA GLY H 587 -34.23 -78.38 -31.30
C GLY H 587 -33.95 -78.68 -29.85
N LEU H 588 -32.99 -79.57 -29.58
CA LEU H 588 -32.64 -79.88 -28.19
C LEU H 588 -32.11 -78.66 -27.47
N ILE H 589 -31.24 -77.88 -28.12
CA ILE H 589 -30.66 -76.69 -27.48
C ILE H 589 -31.76 -75.68 -27.20
N TYR H 590 -32.63 -75.43 -28.17
CA TYR H 590 -33.71 -74.47 -27.98
C TYR H 590 -34.63 -74.89 -26.85
N LYS H 591 -34.97 -76.18 -26.77
CA LYS H 591 -35.86 -76.64 -25.72
C LYS H 591 -35.21 -76.57 -24.35
N GLU H 592 -33.94 -76.97 -24.25
CA GLU H 592 -33.32 -77.16 -22.94
C GLU H 592 -32.62 -75.91 -22.44
N LYS H 593 -31.66 -75.39 -23.21
CA LYS H 593 -30.81 -74.31 -22.75
C LYS H 593 -31.41 -72.92 -22.97
N PHE H 594 -32.52 -72.83 -23.69
CA PHE H 594 -33.17 -71.54 -23.92
C PHE H 594 -34.61 -71.48 -23.46
N LYS H 595 -35.26 -72.62 -23.22
CA LYS H 595 -36.66 -72.67 -22.81
C LYS H 595 -37.54 -71.91 -23.81
N GLU H 596 -37.27 -72.11 -25.10
CA GLU H 596 -38.06 -71.44 -26.12
C GLU H 596 -39.41 -72.12 -26.31
N TYR H 597 -39.40 -73.43 -26.55
CA TYR H 597 -40.57 -74.28 -26.77
C TYR H 597 -41.30 -73.95 -28.06
N THR H 598 -40.88 -72.93 -28.80
CA THR H 598 -41.46 -72.61 -30.09
C THR H 598 -40.51 -72.90 -31.25
N LEU H 599 -39.31 -72.34 -31.23
CA LEU H 599 -38.34 -72.64 -32.28
C LEU H 599 -37.97 -74.12 -32.25
N ALA H 600 -37.83 -74.69 -31.05
CA ALA H 600 -37.60 -76.13 -30.94
C ALA H 600 -38.73 -76.92 -31.58
N SER H 601 -39.96 -76.41 -31.51
CA SER H 601 -41.09 -77.11 -32.09
C SER H 601 -40.94 -77.24 -33.60
N ASP H 602 -40.67 -76.12 -34.30
CA ASP H 602 -40.47 -76.20 -35.74
C ASP H 602 -39.23 -77.01 -36.08
N LYS H 603 -38.16 -76.88 -35.28
CA LYS H 603 -36.94 -77.64 -35.55
C LYS H 603 -37.23 -79.14 -35.53
N LEU H 604 -37.87 -79.62 -34.46
CA LEU H 604 -38.12 -81.05 -34.33
C LEU H 604 -39.19 -81.52 -35.33
N GLU H 605 -40.20 -80.70 -35.60
CA GLU H 605 -41.20 -81.08 -36.59
C GLU H 605 -40.59 -81.22 -37.97
N GLN H 606 -39.73 -80.29 -38.37
CA GLN H 606 -39.08 -80.38 -39.66
C GLN H 606 -38.12 -81.56 -39.70
N LEU H 607 -37.45 -81.86 -38.58
CA LEU H 607 -36.59 -83.03 -38.53
C LEU H 607 -37.40 -84.30 -38.74
N LEU H 608 -38.55 -84.41 -38.09
CA LEU H 608 -39.40 -85.58 -38.26
C LEU H 608 -40.06 -85.62 -39.64
N ARG H 609 -40.15 -84.48 -40.32
CA ARG H 609 -40.86 -84.41 -41.59
C ARG H 609 -40.02 -84.79 -42.79
N ASN H 610 -38.69 -84.91 -42.65
CA ASN H 610 -37.82 -85.23 -43.79
C ASN H 610 -36.92 -86.42 -43.44
N ASN H 611 -37.47 -87.63 -43.57
CA ASN H 611 -36.76 -88.90 -43.49
C ASN H 611 -35.69 -88.91 -42.41
N PRO H 612 -36.05 -88.94 -41.13
CA PRO H 612 -35.05 -88.95 -40.07
C PRO H 612 -34.18 -90.20 -40.13
N GLU H 613 -33.13 -90.20 -39.31
CA GLU H 613 -32.10 -91.22 -39.35
C GLU H 613 -32.50 -92.50 -38.62
N GLU H 614 -33.74 -92.56 -38.10
CA GLU H 614 -34.35 -93.74 -37.48
C GLU H 614 -33.81 -93.97 -36.07
N LYS H 615 -32.81 -93.19 -35.66
CA LYS H 615 -32.38 -93.16 -34.28
C LYS H 615 -32.79 -91.88 -33.57
N LEU H 616 -32.91 -90.77 -34.30
CA LEU H 616 -33.37 -89.52 -33.73
C LEU H 616 -34.90 -89.41 -33.70
N ILE H 617 -35.61 -90.28 -34.41
CA ILE H 617 -37.05 -90.09 -34.60
C ILE H 617 -37.79 -90.20 -33.27
N LEU H 618 -37.49 -91.23 -32.50
CA LEU H 618 -38.24 -91.47 -31.27
C LEU H 618 -37.84 -90.51 -30.15
N PRO H 619 -36.55 -90.23 -29.93
CA PRO H 619 -36.21 -89.17 -28.96
C PRO H 619 -36.76 -87.81 -29.37
N SER H 620 -36.78 -87.49 -30.67
CA SER H 620 -37.38 -86.23 -31.09
C SER H 620 -38.88 -86.23 -30.83
N MET H 621 -39.54 -87.37 -31.03
CA MET H 621 -40.97 -87.46 -30.71
C MET H 621 -41.21 -87.25 -29.22
N TYR H 622 -40.36 -87.82 -28.37
CA TYR H 622 -40.52 -87.62 -26.93
C TYR H 622 -40.28 -86.17 -26.54
N ASN H 623 -39.27 -85.53 -27.13
CA ASN H 623 -39.02 -84.13 -26.84
C ASN H 623 -40.17 -83.26 -27.32
N LEU H 624 -40.74 -83.57 -28.48
CA LEU H 624 -41.93 -82.86 -28.94
C LEU H 624 -43.09 -83.09 -27.99
N TYR H 625 -43.21 -84.30 -27.44
CA TYR H 625 -44.25 -84.56 -26.46
C TYR H 625 -44.08 -83.66 -25.24
N LYS H 626 -42.86 -83.53 -24.74
CA LYS H 626 -42.63 -82.65 -23.59
C LYS H 626 -42.93 -81.19 -23.94
N ILE H 627 -42.47 -80.74 -25.10
CA ILE H 627 -42.67 -79.35 -25.50
C ILE H 627 -44.15 -79.04 -25.62
N TYR H 628 -44.90 -79.92 -26.29
CA TYR H 628 -46.34 -79.74 -26.42
C TYR H 628 -47.07 -79.94 -25.10
N GLN H 629 -46.48 -80.69 -24.17
CA GLN H 629 -47.06 -80.78 -22.84
C GLN H 629 -46.97 -79.45 -22.11
N ILE H 630 -45.85 -78.74 -22.30
CA ILE H 630 -45.71 -77.43 -21.66
C ILE H 630 -46.65 -76.41 -22.31
N THR H 631 -46.71 -76.39 -23.64
CA THR H 631 -47.62 -75.51 -24.37
C THR H 631 -48.41 -76.31 -25.40
N ASP H 632 -49.72 -76.07 -25.48
CA ASP H 632 -50.61 -76.74 -26.43
C ASP H 632 -50.66 -78.24 -26.18
N PRO H 633 -51.30 -78.69 -25.10
CA PRO H 633 -51.26 -80.13 -24.76
C PRO H 633 -52.05 -81.03 -25.70
N ALA H 634 -52.83 -80.49 -26.63
CA ALA H 634 -53.56 -81.35 -27.57
C ALA H 634 -52.61 -82.15 -28.44
N LYS H 635 -51.63 -81.47 -29.05
CA LYS H 635 -50.62 -82.18 -29.81
C LYS H 635 -49.77 -83.07 -28.93
N ALA H 636 -49.60 -82.70 -27.65
CA ALA H 636 -48.89 -83.58 -26.72
C ALA H 636 -49.62 -84.90 -26.56
N GLU H 637 -50.94 -84.85 -26.36
CA GLU H 637 -51.71 -86.08 -26.23
C GLU H 637 -51.70 -86.87 -27.54
N LYS H 638 -51.79 -86.18 -28.67
CA LYS H 638 -51.77 -86.87 -29.96
C LYS H 638 -50.45 -87.62 -30.16
N ILE H 639 -49.32 -86.95 -29.90
CA ILE H 639 -48.03 -87.59 -30.10
C ILE H 639 -47.79 -88.67 -29.05
N LYS H 640 -48.32 -88.51 -27.83
CA LYS H 640 -48.20 -89.55 -26.84
C LYS H 640 -48.95 -90.80 -27.25
N SER H 641 -50.17 -90.64 -27.78
CA SER H 641 -50.90 -91.79 -28.29
C SER H 641 -50.17 -92.41 -29.48
N ASP H 642 -49.59 -91.58 -30.34
CA ASP H 642 -48.83 -92.10 -31.48
C ASP H 642 -47.66 -92.97 -31.01
N ILE H 643 -46.91 -92.48 -30.02
CA ILE H 643 -45.79 -93.24 -29.48
C ILE H 643 -46.29 -94.53 -28.84
N THR H 644 -47.37 -94.43 -28.06
CA THR H 644 -47.86 -95.60 -27.33
C THR H 644 -48.33 -96.71 -28.26
N ASN H 645 -49.06 -96.35 -29.32
CA ASN H 645 -49.69 -97.37 -30.15
C ASN H 645 -48.90 -97.69 -31.42
N ASN H 646 -48.51 -96.68 -32.19
CA ASN H 646 -47.88 -96.94 -33.49
C ASN H 646 -46.46 -97.47 -33.30
N TYR H 647 -45.68 -96.83 -32.45
CA TYR H 647 -44.25 -97.11 -32.31
C TYR H 647 -43.93 -97.35 -30.85
N PRO H 648 -44.29 -98.52 -30.30
CA PRO H 648 -44.06 -98.75 -28.87
C PRO H 648 -42.58 -98.90 -28.56
N GLY H 649 -42.00 -97.88 -27.94
CA GLY H 649 -40.58 -97.87 -27.66
C GLY H 649 -40.20 -98.77 -26.52
N SER H 650 -38.89 -99.01 -26.41
CA SER H 650 -38.36 -99.82 -25.32
C SER H 650 -38.63 -99.18 -23.97
N ARG H 651 -38.43 -97.86 -23.87
CA ARG H 651 -38.64 -97.15 -22.62
C ARG H 651 -39.70 -96.07 -22.77
N TYR H 652 -39.77 -95.45 -23.96
CA TYR H 652 -40.66 -94.31 -24.16
C TYR H 652 -42.11 -94.70 -23.97
N ALA H 653 -42.53 -95.81 -24.58
CA ALA H 653 -43.94 -96.19 -24.54
C ALA H 653 -44.42 -96.46 -23.12
N GLN H 654 -43.60 -97.15 -22.32
CA GLN H 654 -44.01 -97.51 -20.97
C GLN H 654 -43.76 -96.41 -19.95
N ILE H 655 -43.15 -95.29 -20.34
CA ILE H 655 -42.96 -94.17 -19.43
C ILE H 655 -44.00 -93.11 -19.75
N LEU H 656 -44.41 -93.01 -21.01
CA LEU H 656 -45.46 -92.06 -21.36
C LEU H 656 -46.76 -92.37 -20.64
N ASN H 657 -47.14 -93.65 -20.57
CA ASN H 657 -48.28 -94.08 -19.78
C ASN H 657 -47.89 -94.54 -18.38
N ASN H 658 -46.60 -94.56 -18.06
CA ASN H 658 -46.10 -94.94 -16.74
C ASN H 658 -46.60 -96.34 -16.36
N THR H 659 -46.18 -97.33 -17.14
CA THR H 659 -46.63 -98.70 -16.89
C THR H 659 -45.87 -99.32 -15.73
N ASN H 660 -44.56 -99.52 -15.89
CA ASN H 660 -43.74 -100.19 -14.88
C ASN H 660 -42.28 -100.19 -15.29
N THR H 661 -41.41 -100.75 -14.44
CA THR H 661 -40.03 -101.05 -14.79
C THR H 661 -39.87 -102.49 -15.26
N ASP H 662 -40.91 -103.04 -15.88
CA ASP H 662 -40.88 -104.46 -16.28
C ASP H 662 -39.81 -104.71 -17.34
N ASP H 663 -39.64 -103.77 -18.27
CA ASP H 663 -38.61 -103.93 -19.29
C ASP H 663 -37.24 -104.06 -18.66
N ILE H 664 -36.47 -105.03 -19.12
CA ILE H 664 -35.20 -105.37 -18.48
C ILE H 664 -34.14 -104.36 -18.89
N PRO H 665 -33.50 -103.70 -17.94
CA PRO H 665 -32.44 -102.74 -18.26
C PRO H 665 -31.08 -103.40 -18.38
N SER H 666 -30.15 -102.68 -19.01
CA SER H 666 -28.79 -103.18 -19.13
C SER H 666 -28.09 -103.35 -17.79
N PRO H 667 -28.05 -102.36 -16.88
CA PRO H 667 -27.31 -102.58 -15.63
C PRO H 667 -27.97 -103.59 -14.73
N GLU H 668 -29.30 -103.62 -14.67
CA GLU H 668 -30.00 -104.56 -13.80
C GLU H 668 -29.76 -106.00 -14.25
N LYS H 669 -29.74 -106.23 -15.56
CA LYS H 669 -29.59 -107.58 -16.09
C LYS H 669 -28.11 -107.95 -16.21
N GLU H 670 -27.78 -109.14 -15.73
CA GLU H 670 -26.50 -109.82 -15.96
C GLU H 670 -25.29 -108.94 -15.64
N TYR H 671 -25.51 -107.86 -14.91
CA TYR H 671 -24.41 -107.07 -14.38
C TYR H 671 -24.54 -106.80 -12.89
N GLN H 672 -25.76 -106.57 -12.39
CA GLN H 672 -25.94 -106.39 -10.96
C GLN H 672 -25.82 -107.71 -10.21
N LYS H 673 -26.12 -108.82 -10.88
CA LYS H 673 -25.86 -110.14 -10.31
C LYS H 673 -24.51 -110.70 -10.75
N TRP H 674 -23.98 -110.25 -11.89
CA TRP H 674 -22.60 -110.59 -12.23
C TRP H 674 -21.63 -109.94 -11.26
N TYR H 675 -21.95 -108.72 -10.81
CA TYR H 675 -21.15 -108.07 -9.78
C TYR H 675 -21.19 -108.89 -8.49
N LYS H 676 -22.34 -109.51 -8.20
CA LYS H 676 -22.41 -110.41 -7.05
C LYS H 676 -21.48 -111.60 -7.21
N LEU H 677 -21.42 -112.17 -8.42
CA LEU H 677 -20.49 -113.27 -8.67
C LEU H 677 -19.05 -112.81 -8.51
N PHE H 678 -18.75 -111.60 -8.96
CA PHE H 678 -17.41 -111.05 -8.76
C PHE H 678 -17.08 -110.90 -7.28
N GLN H 679 -18.05 -110.43 -6.49
CA GLN H 679 -17.82 -110.25 -5.06
C GLN H 679 -17.62 -111.58 -4.35
N GLU H 680 -18.43 -112.60 -4.69
CA GLU H 680 -18.43 -113.83 -3.93
C GLU H 680 -17.28 -114.76 -4.30
N GLU H 681 -16.25 -114.26 -4.97
CA GLU H 681 -15.05 -115.02 -5.30
C GLU H 681 -15.40 -116.26 -6.13
N LYS H 682 -15.94 -115.99 -7.33
CA LYS H 682 -16.31 -117.05 -8.28
C LYS H 682 -15.86 -116.57 -9.66
N PHE H 683 -14.64 -116.95 -10.03
CA PHE H 683 -14.02 -116.45 -11.25
C PHE H 683 -13.88 -117.52 -12.33
N ASP H 684 -14.50 -118.68 -12.16
CA ASP H 684 -14.42 -119.73 -13.17
C ASP H 684 -15.52 -119.58 -14.21
N VAL H 685 -16.78 -119.57 -13.76
CA VAL H 685 -17.90 -119.41 -14.69
C VAL H 685 -17.92 -118.00 -15.27
N VAL H 686 -17.63 -117.00 -14.44
CA VAL H 686 -17.68 -115.61 -14.88
C VAL H 686 -16.68 -115.34 -15.98
N LEU H 687 -15.64 -116.17 -16.12
CA LEU H 687 -14.69 -116.00 -17.21
C LEU H 687 -15.39 -116.12 -18.56
N ASP H 688 -15.96 -117.29 -18.85
CA ASP H 688 -16.69 -117.46 -20.10
C ASP H 688 -17.94 -116.60 -20.16
N ASN H 689 -18.55 -116.32 -19.00
CA ASN H 689 -19.71 -115.45 -18.96
C ASN H 689 -19.38 -114.07 -19.51
N ILE H 690 -18.27 -113.48 -19.04
CA ILE H 690 -17.85 -112.19 -19.57
C ILE H 690 -17.35 -112.35 -21.00
N ASP H 691 -16.77 -113.51 -21.32
CA ASP H 691 -16.23 -113.73 -22.66
C ASP H 691 -17.32 -113.62 -23.72
N ASN H 692 -18.49 -114.21 -23.47
CA ASN H 692 -19.56 -114.09 -24.46
C ASN H 692 -20.48 -112.89 -24.20
N LEU H 693 -20.52 -112.36 -22.99
CA LEU H 693 -21.34 -111.18 -22.72
C LEU H 693 -20.69 -109.87 -23.11
N ILE H 694 -19.38 -109.86 -23.37
CA ILE H 694 -18.72 -108.65 -23.84
C ILE H 694 -19.21 -108.29 -25.23
N ASN H 695 -19.53 -109.30 -26.05
CA ASN H 695 -20.06 -109.07 -27.39
C ASN H 695 -21.56 -109.30 -27.49
N GLN H 696 -22.16 -110.06 -26.56
CA GLN H 696 -23.60 -110.27 -26.60
C GLN H 696 -24.36 -108.97 -26.35
N TYR H 697 -23.87 -108.14 -25.41
CA TYR H 697 -24.56 -106.92 -25.01
C TYR H 697 -23.87 -105.67 -25.55
N SER H 698 -23.35 -105.74 -26.77
CA SER H 698 -22.76 -104.57 -27.40
C SER H 698 -23.86 -103.62 -27.87
N GLY H 699 -23.64 -102.33 -27.69
CA GLY H 699 -24.59 -101.33 -28.12
C GLY H 699 -25.03 -100.38 -27.02
N ASP H 700 -24.28 -100.32 -25.93
CA ASP H 700 -24.62 -99.46 -24.82
C ASP H 700 -23.35 -99.19 -24.00
N GLU H 701 -23.46 -98.22 -23.09
CA GLU H 701 -22.34 -97.86 -22.22
C GLU H 701 -22.02 -98.96 -21.21
N ILE H 702 -22.89 -99.95 -21.05
CA ILE H 702 -22.66 -101.02 -20.09
C ILE H 702 -21.43 -101.83 -20.48
N VAL H 703 -21.17 -101.97 -21.78
CA VAL H 703 -20.07 -102.81 -22.24
C VAL H 703 -18.73 -102.32 -21.71
N SER H 704 -18.61 -101.02 -21.43
CA SER H 704 -17.39 -100.52 -20.81
C SER H 704 -17.21 -101.09 -19.41
N LYS H 705 -18.29 -101.14 -18.62
CA LYS H 705 -18.22 -101.75 -17.30
C LYS H 705 -17.98 -103.25 -17.40
N PHE H 706 -18.55 -103.89 -18.42
CA PHE H 706 -18.28 -105.30 -18.65
C PHE H 706 -16.80 -105.53 -18.96
N GLU H 707 -16.21 -104.69 -19.78
CA GLU H 707 -14.79 -104.82 -20.08
C GLU H 707 -13.95 -104.56 -18.84
N LEU H 708 -14.33 -103.59 -18.02
CA LEU H 708 -13.61 -103.33 -16.78
C LEU H 708 -13.68 -104.53 -15.84
N LEU H 709 -14.85 -105.15 -15.72
CA LEU H 709 -14.99 -106.34 -14.89
C LEU H 709 -14.17 -107.49 -15.44
N LYS H 710 -14.14 -107.66 -16.76
CA LYS H 710 -13.31 -108.69 -17.37
C LYS H 710 -11.84 -108.46 -17.06
N ALA H 711 -11.39 -107.20 -17.16
CA ALA H 711 -10.01 -106.88 -16.84
C ALA H 711 -9.69 -107.16 -15.38
N ASN H 712 -10.59 -106.78 -14.48
CA ASN H 712 -10.37 -107.04 -13.06
C ASN H 712 -10.28 -108.52 -12.76
N THR H 713 -11.17 -109.32 -13.35
CA THR H 713 -11.13 -110.76 -13.13
C THR H 713 -9.85 -111.35 -13.69
N LEU H 714 -9.44 -110.93 -14.90
CA LEU H 714 -8.21 -111.44 -15.49
C LEU H 714 -7.00 -111.11 -14.62
N GLY H 715 -6.95 -109.88 -14.10
CA GLY H 715 -5.87 -109.51 -13.20
C GLY H 715 -5.88 -110.32 -11.92
N LYS H 716 -7.06 -110.56 -11.36
CA LYS H 716 -7.15 -111.30 -10.11
C LYS H 716 -6.84 -112.79 -10.28
N VAL H 717 -7.00 -113.33 -11.50
CA VAL H 717 -6.76 -114.76 -11.70
C VAL H 717 -5.47 -115.05 -12.45
N ASN H 718 -4.86 -114.08 -13.12
CA ASN H 718 -3.64 -114.31 -13.88
C ASN H 718 -2.44 -113.59 -13.29
N GLY H 719 -2.52 -112.28 -13.13
CA GLY H 719 -1.40 -111.53 -12.59
C GLY H 719 -1.49 -110.06 -12.99
N LEU H 720 -0.39 -109.35 -12.70
CA LEU H 720 -0.34 -107.92 -12.93
C LEU H 720 -0.38 -107.58 -14.42
N GLU H 721 0.32 -108.36 -15.25
CA GLU H 721 0.40 -108.06 -16.67
C GLU H 721 -0.97 -108.14 -17.33
N ALA H 722 -1.78 -109.14 -16.96
CA ALA H 722 -3.13 -109.24 -17.50
C ALA H 722 -3.98 -108.05 -17.06
N TYR H 723 -3.84 -107.62 -15.81
CA TYR H 723 -4.57 -106.45 -15.33
C TYR H 723 -4.20 -105.21 -16.13
N LYS H 724 -2.90 -105.00 -16.36
CA LYS H 724 -2.46 -103.85 -17.14
C LYS H 724 -2.97 -103.91 -18.56
N LYS H 725 -2.91 -105.09 -19.18
CA LYS H 725 -3.40 -105.24 -20.55
C LYS H 725 -4.89 -104.93 -20.61
N GLY H 726 -5.65 -105.42 -19.65
CA GLY H 726 -7.08 -105.12 -19.63
C GLY H 726 -7.37 -103.64 -19.42
N LEU H 727 -6.63 -103.00 -18.53
CA LEU H 727 -6.85 -101.58 -18.27
C LEU H 727 -6.54 -100.74 -19.51
N GLU H 728 -5.42 -101.03 -20.17
CA GLU H 728 -5.07 -100.26 -21.36
C GLU H 728 -6.03 -100.55 -22.52
N ASN H 729 -6.52 -101.79 -22.63
CA ASN H 729 -7.51 -102.09 -23.65
C ASN H 729 -8.81 -101.34 -23.40
N VAL H 730 -9.24 -101.28 -22.14
CA VAL H 730 -10.46 -100.52 -21.80
C VAL H 730 -10.25 -99.05 -22.10
N ALA H 731 -9.08 -98.50 -21.77
CA ALA H 731 -8.80 -97.09 -22.05
C ALA H 731 -8.82 -96.83 -23.55
N ASP H 732 -8.26 -97.75 -24.34
CA ASP H 732 -8.24 -97.57 -25.80
C ASP H 732 -9.65 -97.63 -26.38
N ASN H 733 -10.45 -98.61 -25.97
CA ASN H 733 -11.75 -98.81 -26.59
C ASN H 733 -12.71 -97.66 -26.27
N TYR H 734 -12.75 -97.22 -25.02
CA TYR H 734 -13.70 -96.19 -24.58
C TYR H 734 -12.97 -95.09 -23.84
N PRO H 735 -12.21 -94.25 -24.55
CA PRO H 735 -11.58 -93.10 -23.89
C PRO H 735 -12.57 -92.11 -23.30
N ASN H 736 -13.72 -91.94 -23.93
CA ASN H 736 -14.71 -90.94 -23.50
C ASN H 736 -15.77 -91.60 -22.63
N SER H 737 -15.35 -91.98 -21.43
CA SER H 737 -16.25 -92.58 -20.45
C SER H 737 -15.62 -92.49 -19.07
N ASP H 738 -16.46 -92.68 -18.05
CA ASP H 738 -15.94 -92.74 -16.68
C ASP H 738 -15.02 -93.94 -16.51
N GLU H 739 -15.35 -95.06 -17.15
CA GLU H 739 -14.46 -96.22 -17.13
C GLU H 739 -13.13 -95.91 -17.80
N GLY H 740 -13.15 -95.08 -18.85
CA GLY H 740 -11.91 -94.68 -19.48
C GLY H 740 -11.02 -93.86 -18.55
N LYS H 741 -11.63 -92.91 -17.83
CA LYS H 741 -10.86 -92.14 -16.85
C LYS H 741 -10.35 -93.03 -15.73
N ASN H 742 -11.16 -93.98 -15.29
CA ASN H 742 -10.72 -94.97 -14.31
C ASN H 742 -9.50 -95.73 -14.80
N ALA H 743 -9.55 -96.20 -16.06
CA ALA H 743 -8.40 -96.91 -16.61
C ALA H 743 -7.17 -96.02 -16.64
N ARG H 744 -7.34 -94.76 -17.07
CA ARG H 744 -6.20 -93.86 -17.14
C ARG H 744 -5.57 -93.63 -15.77
N GLU H 745 -6.40 -93.40 -14.75
CA GLU H 745 -5.87 -93.12 -13.42
C GLU H 745 -5.18 -94.34 -12.83
N ILE H 746 -5.80 -95.51 -12.94
CA ILE H 746 -5.17 -96.68 -12.34
C ILE H 746 -4.03 -97.23 -13.21
N LEU H 747 -3.84 -96.76 -14.43
CA LEU H 747 -2.58 -97.04 -15.11
C LEU H 747 -1.39 -96.44 -14.36
N GLU H 748 -1.48 -95.15 -14.05
CA GLU H 748 -0.41 -94.51 -13.27
C GLU H 748 -0.48 -94.89 -11.80
N LYS H 749 -1.59 -95.47 -11.36
CA LYS H 749 -1.65 -96.04 -10.01
C LYS H 749 -1.05 -97.43 -9.94
N GLN H 750 -0.95 -98.14 -11.07
CA GLN H 750 -0.39 -99.49 -11.10
C GLN H 750 1.03 -99.55 -11.64
N VAL H 751 1.54 -98.48 -12.26
CA VAL H 751 2.96 -98.44 -12.59
C VAL H 751 3.85 -98.60 -11.36
N PRO H 752 3.54 -98.04 -10.15
CA PRO H 752 4.44 -98.28 -9.01
C PRO H 752 4.53 -99.74 -8.60
N THR H 753 3.39 -100.45 -8.53
CA THR H 753 3.45 -101.86 -8.20
C THR H 753 4.10 -102.68 -9.32
N LEU H 754 4.08 -102.17 -10.56
CA LEU H 754 4.92 -102.76 -11.60
C LEU H 754 6.40 -102.57 -11.28
N GLU H 755 6.76 -101.38 -10.79
CA GLU H 755 8.14 -101.15 -10.37
C GLU H 755 8.51 -102.04 -9.19
N ARG H 756 7.59 -102.20 -8.24
CA ARG H 756 7.85 -103.04 -7.07
C ARG H 756 7.95 -104.50 -7.47
N LEU H 757 9.01 -105.17 -7.01
CA LEU H 757 9.26 -106.56 -7.36
C LEU H 757 9.79 -107.29 -6.14
N ASN H 758 9.63 -108.62 -6.16
CA ASN H 758 10.10 -109.50 -5.09
C ASN H 758 9.54 -109.09 -3.73
C1 LMN I . 26.81 -15.72 24.77
O1 LMN I . 26.63 -14.44 24.91
C2 LMN I . 28.32 -16.08 24.94
O2 LMN I . 28.45 -17.01 26.01
C3 LMN I . 28.94 -16.67 23.71
O3 LMN I . 28.99 -15.64 22.67
C4 LMN I . 28.19 -17.82 23.18
O4 LMN I . 28.43 -18.99 24.07
C5 LMN I . 26.72 -17.59 23.10
O5 LMN I . 26.37 -16.18 23.35
C6 LMN I . 26.25 -17.98 21.70
O6 LMN I . 25.12 -18.81 21.81
CAA LMN I . 23.37 -2.56 20.97
CAB LMN I . 34.13 -4.66 25.88
OAI LMN I . 31.97 -20.11 20.70
OAJ LMN I . 34.22 -9.62 30.11
OAL LMN I . 31.48 -15.84 26.34
OAN LMN I . 29.76 -12.60 30.57
OAP LMN I . 27.86 -14.29 31.20
OAQ LMN I . 32.78 -22.23 24.24
OAR LMN I . 36.86 -12.05 29.37
OAS LMN I . 31.68 -21.30 26.60
OAT LMN I . 37.01 -14.38 30.96
OAU LMN I . 29.01 -20.13 26.18
OAV LMN I . 34.53 -15.91 30.84
CAW LMN I . 24.42 -3.57 21.45
CAX LMN I . 32.69 -4.15 25.95
CAY LMN I . 23.79 -4.57 22.43
CAZ LMN I . 31.70 -5.31 26.01
CBA LMN I . 24.84 -5.63 22.82
CBB LMN I . 32.12 -6.45 25.06
CBC LMN I . 24.28 -6.54 23.95
CBD LMN I . 32.22 -7.76 25.85
CBE LMN I . 25.13 -7.86 24.01
CBF LMN I . 31.73 -8.93 24.95
CBG LMN I . 24.87 -8.59 25.39
CBH LMN I . 31.36 -10.14 25.82
CBI LMN I . 24.55 -10.11 25.11
CBJ LMN I . 30.18 -10.89 25.17
CBK LMN I . 25.89 -10.97 25.18
CBL LMN I . 29.32 -11.56 26.26
CBM LMN I . 32.13 -19.85 22.08
CBN LMN I . 33.90 -10.91 30.58
CBP LMN I . 31.85 -15.03 27.40
CBQ LMN I . 26.07 -11.53 26.65
CBR LMN I . 28.24 -12.45 25.62
CBS LMN I . 26.34 -14.06 26.27
CBT LMN I . 27.74 -12.88 28.11
OBV LMN I . 27.39 -14.16 28.71
OBX LMN I . 29.52 -14.77 27.98
OBY LMN I . 29.95 -20.38 22.97
OBZ LMN I . 33.46 -13.00 29.44
OCB LMN I . 32.37 -14.83 30.36
CCC LMN I . 31.34 -20.84 22.87
CCD LMN I . 34.46 -11.93 29.64
CCF LMN I . 30.85 -15.15 28.49
CCH LMN I . 30.14 -14.01 30.63
CCJ LMN I . 28.46 -15.01 28.98
CCL LMN I . 28.92 -14.86 30.43
CCM LMN I . 27.10 -12.74 26.66
CCN LMN I . 32.00 -21.02 24.24
CCO LMN I . 35.77 -12.47 30.22
CCQ LMN I . 31.24 -14.24 29.67
CCR LMN I . 29.76 -19.36 24.02
CCS LMN I . 33.29 -13.84 30.64
CCT LMN I . 30.99 -21.10 25.32
CCU LMN I . 35.78 -13.95 30.30
CCV LMN I . 30.18 -19.86 25.41
CCW LMN I . 34.62 -14.50 31.05
C1 MAN J . -55.50 -43.63 -6.93
C2 MAN J . -56.63 -44.65 -6.69
C3 MAN J . -57.62 -44.63 -7.86
C4 MAN J . -58.07 -43.20 -8.18
C5 MAN J . -56.84 -42.35 -8.48
C6 MAN J . -57.18 -40.91 -8.77
O2 MAN J . -57.40 -44.32 -5.53
O3 MAN J . -58.75 -45.46 -7.61
O4 MAN J . -58.93 -43.21 -9.31
O5 MAN J . -55.97 -42.36 -7.33
O6 MAN J . -57.40 -40.25 -7.54
C1 MAN K . -52.81 -50.05 7.59
C2 MAN K . -53.19 -51.45 8.12
C3 MAN K . -54.07 -52.18 7.11
C4 MAN K . -55.21 -51.29 6.61
C5 MAN K . -54.63 -50.00 6.03
C6 MAN K . -55.67 -49.04 5.52
O2 MAN K . -53.96 -51.35 9.32
O3 MAN K . -54.59 -53.39 7.64
O4 MAN K . -55.96 -51.96 5.61
O5 MAN K . -53.89 -49.33 7.06
O6 MAN K . -55.51 -47.81 6.20
C1 MAN L . -20.54 -55.23 -27.16
C2 MAN L . -19.35 -54.31 -26.83
C3 MAN L . -19.67 -52.88 -27.21
C4 MAN L . -20.14 -52.81 -28.68
C5 MAN L . -21.33 -53.74 -28.89
C6 MAN L . -21.76 -53.81 -30.35
O2 MAN L . -18.19 -54.66 -27.60
O3 MAN L . -18.57 -52.01 -27.01
O4 MAN L . -20.53 -51.48 -29.01
O5 MAN L . -20.98 -55.08 -28.49
O6 MAN L . -21.50 -52.54 -30.94
C1 MAN M . -26.37 -73.37 -50.43
C2 MAN M . -27.21 -72.86 -51.62
C3 MAN M . -26.94 -73.71 -52.86
C4 MAN M . -25.44 -73.81 -53.13
C5 MAN M . -24.75 -74.41 -51.89
C6 MAN M . -23.24 -74.50 -52.06
O2 MAN M . -26.84 -71.52 -51.99
O3 MAN M . -27.62 -73.19 -54.00
O4 MAN M . -25.21 -74.64 -54.25
O5 MAN M . -25.01 -73.56 -50.76
O6 MAN M . -22.98 -74.96 -53.38
C1 MAN N . -19.02 -86.33 -46.43
C2 MAN N . -19.84 -85.12 -46.91
C3 MAN N . -19.57 -83.91 -46.04
C4 MAN N . -19.73 -84.26 -44.55
C5 MAN N . -18.78 -85.42 -44.22
C6 MAN N . -18.89 -85.88 -42.77
O2 MAN N . -21.24 -85.38 -46.79
O3 MAN N . -20.41 -82.81 -46.38
O4 MAN N . -19.40 -83.15 -43.75
O5 MAN N . -19.13 -86.55 -45.05
O6 MAN N . -17.77 -86.71 -42.49
C1 MAN O . -51.13 -40.61 -34.41
C2 MAN O . -50.65 -41.59 -35.49
C3 MAN O . -50.42 -40.85 -36.81
C4 MAN O . -51.63 -39.98 -37.18
C5 MAN O . -51.95 -39.03 -36.03
C6 MAN O . -53.18 -38.19 -36.29
O2 MAN O . -51.65 -42.57 -35.78
O3 MAN O . -50.12 -41.75 -37.87
O4 MAN O . -51.35 -39.24 -38.35
O5 MAN O . -52.20 -39.79 -34.84
O6 MAN O . -53.62 -37.65 -35.04
#